data_8BUA
#
_entry.id   8BUA
#
_cell.length_a   250.329
_cell.length_b   250.329
_cell.length_c   217.561
_cell.angle_alpha   90.000
_cell.angle_beta   90.000
_cell.angle_gamma   120.000
#
_symmetry.space_group_name_H-M   'P 31 2 1'
#
loop_
_entity.id
_entity.type
_entity.pdbx_description
1 polymer 'DNA damage-binding protein 1'
2 polymer 'Cyclin-dependent kinase 12'
3 polymer Cyclin-K
4 non-polymer 'CITRIC ACID'
5 non-polymer (2~{R})-~{N}-(1~{H}-benzimidazol-2-yl)-2-(3-oxidanylidene-1~{H}-isoindol-2-yl)propanamide
#
loop_
_entity_poly.entity_id
_entity_poly.type
_entity_poly.pdbx_seq_one_letter_code
_entity_poly.pdbx_strand_id
1 'polypeptide(L)'
;GGGRMSYNYVVTAQKPTAVNGCVTGHFTSAEDLNLLIAKNTRLEIYVVTAEGLRPVKEVGMYGKIAVMELFRPKGESKDL
LFILTAKYNACILEYKQSGESIDIITRAHGNVQDRIGRPSETGIIGIIDPECRMIGLRLYDGLFKVIPLDRDNKELKAFN
IRLEELHVIDVKFLYGCQAPTICFVYQDPQGRHVKTYEVSLREKEFNKGPWKQENVEAEASMVIAVPEPFGGAIIIGQES
ITYHNGDKYLAIAPPIIKQSTIVCHNRVDPNGSRYLLGDMEGRLFMLLLEKEEQMDGTVTLKDLRVELLGETSIAECLTY
LDNGVVFVGSRLGDSQLVKLNVDSNEQGSYVVAMETFTNLGPIVDMCVVDLERQGQGQLVTCSGAFKEGSLRIIRNGIGG
NGNSGEIQKLHIRTVPLYESPRKICYQEVSQCFGVLSSRIEVQDTSGGTTALRPSASTQALSSSVSSSKLFSSSTAPHET
SFGEEVEVHNLLIIDQHTFEVLHAHQFLQNEYALSLVSCKLGKDPNTYFIVGTAMVYPEEAEPKQGRIVVFQYSDGKLQT
VAEKEVKGAVYSMVEFNGKLLASINSTVRLYEWTTEKELRTECNHYNNIMALYLKTKGDFILVGDLMRSVLLLAYKPMEG
NFEEIARDFNPNWMSAVEILDDDNFLGAENAFNLFVCQKDSAATTDEERQHLQEVGLFHLGEFVNVFCHGSLVMQNLGET
STPTQGSVLFGTVNGMIGLVTSLSESWYNLLLDMQNRLNKVIKSVGKIEHSFWRSFHTERKTEPATGFIDGDLIESFLDI
SRPKMQEVVANLQYDDGSGMKREATADDLIKVVEELTRIH
;
A,D,G
2 'polypeptide(L)'
;GGGRRQTESDWGKRCVDKFDIIGIIGEGTYGQVYKAKDKDTGELVALKKVRLDNEKEGFPITAIREIKILRQLIHRSVVN
MKEIVTDKQDALDFKKDKGAFYLVFEYMDHDLMGLLESGLVHFSEDHIKSFMKQLMEGLEYCHKKNFLHRDIKCSNILLN
NSGQIKLADFGLARLYNSEESRPY(TPO)NKVITLWYRPPELLLGEERYTPAIDVWSCGCILGELFTKKPIFQANLELAQ
LELISRLCGSPCPAVWPDVIRLPYFNTMKPKKQYRRRLREEFSFIPSAALDLLDHMLTLDPSKRCTAEQTLQSDFLKDVE
LSKMAPPDLPHWQDCHELWSKKRRRQRQ
;
B,E,H
3 'polypeptide(L)'
;GGGRMKENKENSSPSVTSANLDHTKPCWYWDKKDLAHTPSQLEGLDPATEARYRREGARFIFDVGTRLGLHYDTLATGII
YFHRFYMFHSFKQFPRYVTGACCLFLAGKVEETPKKCKDIIKTARSLLNDVQFGQFGDDPKEEVMVLERILLQTIKFDLQ
VEHPYQFLLKYAKQLKGDKNKIQKLVQMAWTFVNDSLCTTLSLQWEPEIIAVAVMYLAGRLCKFEIQEWTSKPMYRRWWE
QFVQDVPVDVLEDICHQILDLYSQGKQQMPH
;
C,F,I
#
loop_
_chem_comp.id
_chem_comp.type
_chem_comp.name
_chem_comp.formula
CIT non-polymer 'CITRIC ACID' 'C6 H8 O7'
RVH non-polymer (2~{R})-~{N}-(1~{H}-benzimidazol-2-yl)-2-(3-oxidanylidene-1~{H}-isoindol-2-yl)propanamide 'C18 H16 N4 O2'
#
# COMPACT_ATOMS: atom_id res chain seq x y z
N MET A 5 17.21 24.71 53.24
CA MET A 5 17.14 26.13 52.78
C MET A 5 18.41 26.46 51.97
N SER A 6 18.36 27.50 51.15
CA SER A 6 19.49 27.93 50.34
C SER A 6 19.87 29.38 50.63
N TYR A 7 21.16 29.69 50.44
CA TYR A 7 21.71 30.99 50.78
C TYR A 7 22.49 31.54 49.59
N ASN A 8 22.08 32.71 49.10
CA ASN A 8 22.66 33.30 47.90
C ASN A 8 22.80 34.82 48.06
N TYR A 9 23.66 35.41 47.22
CA TYR A 9 24.08 36.81 47.30
C TYR A 9 23.97 37.41 45.90
N VAL A 10 23.37 38.60 45.80
CA VAL A 10 23.11 39.24 44.50
C VAL A 10 23.62 40.67 44.56
N VAL A 11 24.50 41.03 43.62
CA VAL A 11 25.05 42.37 43.53
C VAL A 11 24.93 42.91 42.12
N THR A 12 24.98 44.24 42.02
CA THR A 12 25.03 44.94 40.75
C THR A 12 26.48 45.12 40.30
N ALA A 13 26.78 44.66 39.08
CA ALA A 13 28.08 44.92 38.48
C ALA A 13 28.06 46.17 37.60
N GLN A 14 26.94 46.43 36.92
CA GLN A 14 26.77 47.64 36.13
C GLN A 14 25.38 48.18 36.43
N LYS A 15 25.30 49.45 36.83
CA LYS A 15 24.00 50.02 37.15
C LYS A 15 23.17 50.18 35.88
N PRO A 16 21.85 50.35 36.04
CA PRO A 16 21.01 50.60 34.87
C PRO A 16 21.52 51.79 34.07
N THR A 17 21.56 51.61 32.75
CA THR A 17 22.00 52.65 31.83
C THR A 17 20.88 53.20 30.96
N ALA A 18 19.75 52.52 30.88
CA ALA A 18 18.65 53.00 30.05
C ALA A 18 18.00 54.21 30.69
N VAL A 19 17.67 55.21 29.87
CA VAL A 19 16.99 56.39 30.36
C VAL A 19 15.50 56.10 30.30
N ASN A 20 14.85 56.08 31.47
CA ASN A 20 13.42 55.83 31.55
C ASN A 20 12.62 57.12 31.47
N GLY A 21 13.15 58.20 32.02
CA GLY A 21 12.50 59.49 31.97
C GLY A 21 13.45 60.62 32.29
N CYS A 22 13.11 61.80 31.78
CA CYS A 22 13.89 63.00 32.04
C CYS A 22 12.96 64.20 32.15
N VAL A 23 13.26 65.09 33.09
CA VAL A 23 12.51 66.33 33.29
C VAL A 23 13.53 67.43 33.55
N THR A 24 13.15 68.66 33.21
CA THR A 24 14.00 69.83 33.42
C THR A 24 13.28 70.85 34.27
N GLY A 25 14.02 71.48 35.18
CA GLY A 25 13.44 72.47 36.06
C GLY A 25 14.46 73.15 36.95
N HIS A 26 14.04 73.66 38.10
CA HIS A 26 14.88 74.41 39.03
C HIS A 26 14.80 73.74 40.39
N PHE A 27 15.47 72.60 40.53
CA PHE A 27 15.36 71.71 41.67
C PHE A 27 16.45 71.92 42.72
N THR A 28 17.70 72.05 42.30
CA THR A 28 18.78 72.20 43.27
C THR A 28 18.85 73.62 43.82
N SER A 29 18.50 74.61 43.00
CA SER A 29 18.47 76.00 43.41
C SER A 29 17.43 76.69 42.53
N ALA A 30 16.80 77.73 43.06
CA ALA A 30 15.85 78.48 42.25
C ALA A 30 16.53 79.12 41.05
N GLU A 31 17.86 79.14 41.04
CA GLU A 31 18.68 79.80 40.04
C GLU A 31 19.21 78.87 38.95
N ASP A 32 19.65 77.67 39.30
CA ASP A 32 20.20 76.73 38.33
C ASP A 32 19.13 76.00 37.53
N LEU A 33 19.45 75.67 36.28
CA LEU A 33 18.61 74.77 35.48
C LEU A 33 19.11 73.34 35.62
N ASN A 34 18.25 72.44 36.07
CA ASN A 34 18.65 71.07 36.35
C ASN A 34 17.98 70.14 35.35
N LEU A 35 18.65 69.03 35.09
CA LEU A 35 18.11 67.93 34.29
C LEU A 35 18.14 66.71 35.19
N LEU A 36 16.97 66.19 35.51
CA LEU A 36 16.85 64.98 36.30
C LEU A 36 16.60 63.81 35.35
N ILE A 37 17.56 62.89 35.30
CA ILE A 37 17.48 61.72 34.44
C ILE A 37 17.10 60.56 35.34
N ALA A 38 16.13 59.78 34.90
CA ALA A 38 15.67 58.62 35.65
C ALA A 38 16.14 57.36 34.92
N LYS A 39 16.93 56.55 35.60
CA LYS A 39 17.20 55.17 35.23
C LYS A 39 16.57 54.29 36.29
N ASN A 40 16.29 53.04 35.94
CA ASN A 40 15.52 52.20 36.85
C ASN A 40 16.12 52.30 38.25
N THR A 41 15.30 52.68 39.22
CA THR A 41 15.69 52.83 40.63
C THR A 41 16.77 53.89 40.89
N ARG A 42 17.25 54.57 39.84
CA ARG A 42 18.33 55.53 39.97
C ARG A 42 17.88 56.91 39.48
N LEU A 43 18.15 57.93 40.27
CA LEU A 43 17.93 59.32 39.89
C LEU A 43 19.26 60.07 39.80
N GLU A 44 19.53 60.63 38.63
CA GLU A 44 20.73 61.43 38.38
C GLU A 44 20.33 62.90 38.29
N ILE A 45 21.03 63.77 39.00
CA ILE A 45 20.76 65.19 39.00
C ILE A 45 21.94 65.90 38.35
N TYR A 46 21.66 66.69 37.32
CA TYR A 46 22.68 67.45 36.59
C TYR A 46 22.32 68.93 36.66
N VAL A 47 23.31 69.78 36.37
CA VAL A 47 23.12 71.22 36.23
C VAL A 47 23.57 71.60 34.83
N VAL A 48 22.73 72.36 34.12
CA VAL A 48 22.98 72.66 32.72
C VAL A 48 24.04 73.76 32.62
N THR A 49 25.05 73.54 31.78
CA THR A 49 26.13 74.48 31.51
C THR A 49 26.11 74.86 30.03
N ALA A 50 27.06 75.71 29.62
CA ALA A 50 27.19 76.05 28.21
C ALA A 50 27.92 75.00 27.39
N GLU A 51 28.60 74.03 28.01
CA GLU A 51 29.29 72.97 27.29
C GLU A 51 28.55 71.64 27.33
N GLY A 52 27.80 71.41 28.41
CA GLY A 52 27.12 70.14 28.61
C GLY A 52 26.42 70.13 29.96
N LEU A 53 26.56 69.05 30.72
CA LEU A 53 25.90 68.87 31.99
C LEU A 53 26.92 68.65 33.10
N ARG A 54 26.73 69.34 34.24
CA ARG A 54 27.63 69.16 35.36
C ARG A 54 26.93 68.25 36.36
N PRO A 55 27.40 67.02 36.58
CA PRO A 55 26.74 66.16 37.56
C PRO A 55 26.91 66.76 38.96
N VAL A 56 25.88 66.57 39.79
CA VAL A 56 25.91 67.12 41.14
C VAL A 56 25.54 66.07 42.19
N LYS A 57 24.59 65.20 41.85
CA LYS A 57 24.10 64.24 42.84
C LYS A 57 23.41 63.08 42.16
N GLU A 58 23.61 61.88 42.70
CA GLU A 58 22.88 60.69 42.29
C GLU A 58 22.43 59.94 43.53
N VAL A 59 21.16 59.52 43.55
CA VAL A 59 20.61 58.73 44.64
C VAL A 59 19.98 57.48 44.05
N GLY A 60 19.92 56.44 44.87
CA GLY A 60 19.10 55.29 44.57
C GLY A 60 17.81 55.36 45.38
N MET A 61 16.77 54.74 44.85
CA MET A 61 15.50 54.59 45.54
C MET A 61 15.14 53.12 45.61
N TYR A 62 14.41 52.74 46.66
CA TYR A 62 14.00 51.35 46.82
C TYR A 62 12.67 51.15 46.09
N GLY A 63 12.75 51.28 44.76
CA GLY A 63 11.59 51.23 43.90
C GLY A 63 11.89 51.60 42.46
N LYS A 64 11.08 51.11 41.53
CA LYS A 64 11.20 51.51 40.13
C LYS A 64 10.48 52.84 39.93
N ILE A 65 11.20 53.83 39.41
CA ILE A 65 10.63 55.17 39.25
C ILE A 65 9.62 55.15 38.11
N ALA A 66 8.34 55.36 38.43
CA ALA A 66 7.29 55.37 37.43
C ALA A 66 6.90 56.77 36.99
N VAL A 67 6.64 57.66 37.94
CA VAL A 67 6.29 59.05 37.65
C VAL A 67 7.38 59.92 38.26
N MET A 68 7.85 60.89 37.48
CA MET A 68 8.81 61.88 37.90
C MET A 68 8.38 63.22 37.32
N GLU A 69 8.08 64.18 38.20
CA GLU A 69 7.63 65.50 37.76
C GLU A 69 8.13 66.54 38.75
N LEU A 70 8.49 67.72 38.22
CA LEU A 70 8.98 68.83 39.03
C LEU A 70 7.90 69.90 39.13
N PHE A 71 7.61 70.34 40.35
CA PHE A 71 6.59 71.36 40.61
C PHE A 71 7.08 72.36 41.64
N ARG A 72 6.57 73.58 41.56
CA ARG A 72 6.90 74.63 42.52
C ARG A 72 5.63 75.26 43.07
N PRO A 73 5.18 74.84 44.25
CA PRO A 73 3.96 75.45 44.83
C PRO A 73 4.22 76.83 45.40
N LYS A 74 3.17 77.66 45.40
CA LYS A 74 3.27 78.99 45.97
C LYS A 74 3.83 78.94 47.39
N GLY A 75 4.85 79.75 47.64
CA GLY A 75 5.54 79.82 48.91
C GLY A 75 6.89 79.17 48.91
N GLU A 76 7.18 78.31 47.93
CA GLU A 76 8.48 77.67 47.80
C GLU A 76 9.38 78.53 46.90
N SER A 77 10.68 78.52 47.22
CA SER A 77 11.65 79.24 46.38
C SER A 77 12.03 78.49 45.13
N LYS A 78 12.00 77.15 45.18
CA LYS A 78 12.57 76.32 44.11
C LYS A 78 11.67 75.11 43.91
N ASP A 79 11.94 74.39 42.83
CA ASP A 79 11.08 73.27 42.46
C ASP A 79 11.23 72.12 43.44
N LEU A 80 10.13 71.42 43.67
CA LEU A 80 10.10 70.18 44.43
C LEU A 80 9.94 69.03 43.44
N LEU A 81 10.24 67.82 43.90
CA LEU A 81 10.24 66.64 43.04
C LEU A 81 9.21 65.64 43.56
N PHE A 82 8.36 65.18 42.66
CA PHE A 82 7.41 64.10 42.97
C PHE A 82 7.85 62.84 42.25
N ILE A 83 7.91 61.74 42.99
CA ILE A 83 8.25 60.43 42.43
C ILE A 83 7.24 59.42 42.98
N LEU A 84 6.74 58.57 42.09
CA LEU A 84 5.88 57.45 42.43
C LEU A 84 6.58 56.19 41.92
N THR A 85 6.71 55.19 42.78
CA THR A 85 7.35 53.97 42.32
C THR A 85 6.31 53.00 41.75
N ALA A 86 6.79 51.97 41.06
CA ALA A 86 5.89 51.01 40.45
C ALA A 86 5.13 50.17 41.47
N LYS A 87 5.60 50.10 42.72
CA LYS A 87 4.86 49.47 43.79
C LYS A 87 3.96 50.46 44.52
N TYR A 88 3.80 51.65 43.94
CA TYR A 88 2.87 52.69 44.40
C TYR A 88 3.38 53.40 45.64
N ASN A 89 4.70 53.50 45.81
CA ASN A 89 5.28 54.34 46.86
C ASN A 89 5.38 55.77 46.34
N ALA A 90 4.67 56.70 46.96
CA ALA A 90 4.70 58.11 46.58
C ALA A 90 5.49 58.93 47.59
N CYS A 91 6.10 60.01 47.11
CA CYS A 91 6.85 60.91 47.98
C CYS A 91 7.10 62.24 47.28
N ILE A 92 7.35 63.27 48.07
CA ILE A 92 7.79 64.57 47.60
C ILE A 92 9.17 64.85 48.18
N LEU A 93 10.12 65.19 47.30
CA LEU A 93 11.52 65.31 47.68
C LEU A 93 12.02 66.73 47.53
N GLU A 94 12.99 67.10 48.37
CA GLU A 94 13.62 68.41 48.29
C GLU A 94 15.14 68.28 48.33
N TYR A 95 15.80 69.06 47.48
CA TYR A 95 17.25 69.16 47.46
C TYR A 95 17.69 70.18 48.50
N LYS A 96 18.63 69.79 49.35
CA LYS A 96 19.18 70.67 50.38
C LYS A 96 20.70 70.48 50.43
N GLN A 97 21.43 71.59 50.41
CA GLN A 97 22.89 71.57 50.37
C GLN A 97 23.41 72.49 51.46
N SER A 98 24.34 71.96 52.26
CA SER A 98 24.97 72.72 53.34
C SER A 98 26.46 72.74 53.03
N GLY A 99 26.88 73.74 52.28
CA GLY A 99 28.28 73.75 51.88
C GLY A 99 28.57 72.55 51.00
N GLU A 100 29.45 71.69 51.50
CA GLU A 100 29.85 70.48 50.80
C GLU A 100 28.89 69.30 51.00
N SER A 101 27.97 69.39 51.95
CA SER A 101 27.07 68.29 52.29
C SER A 101 25.77 68.37 51.48
N ILE A 102 25.54 67.40 50.61
CA ILE A 102 24.33 67.34 49.79
C ILE A 102 23.46 66.19 50.29
N ASP A 103 22.19 66.48 50.59
CA ASP A 103 21.24 65.45 51.01
C ASP A 103 19.89 65.71 50.37
N ILE A 104 19.06 64.65 50.31
CA ILE A 104 17.73 64.71 49.74
C ILE A 104 16.68 64.54 50.83
N ILE A 105 15.78 65.52 50.92
CA ILE A 105 14.80 65.58 51.99
C ILE A 105 13.53 64.89 51.54
N THR A 106 12.97 64.04 52.39
CA THR A 106 11.65 63.45 52.14
C THR A 106 10.63 64.34 52.85
N ARG A 107 9.91 65.15 52.07
CA ARG A 107 8.97 66.10 52.66
C ARG A 107 7.61 65.45 52.97
N ALA A 108 7.16 64.54 52.12
CA ALA A 108 5.89 63.84 52.30
C ALA A 108 6.02 62.46 51.67
N HIS A 109 5.30 61.49 52.21
CA HIS A 109 5.40 60.15 51.65
C HIS A 109 4.22 59.27 52.07
N GLY A 110 3.97 58.26 51.25
CA GLY A 110 2.94 57.27 51.52
C GLY A 110 2.76 56.36 50.33
N ASN A 111 2.02 55.29 50.55
CA ASN A 111 1.72 54.30 49.51
C ASN A 111 0.27 54.44 49.11
N VAL A 112 0.02 54.60 47.81
CA VAL A 112 -1.29 54.97 47.31
C VAL A 112 -2.03 53.77 46.69
N GLN A 113 -1.58 52.55 46.98
CA GLN A 113 -2.20 51.38 46.39
C GLN A 113 -3.62 51.21 46.92
N ASP A 114 -4.53 50.84 46.03
CA ASP A 114 -5.91 50.55 46.39
C ASP A 114 -6.08 49.07 46.61
N ARG A 115 -6.90 48.71 47.59
CA ARG A 115 -7.18 47.31 47.85
C ARG A 115 -7.78 46.63 46.62
N ILE A 116 -8.64 47.35 45.89
CA ILE A 116 -9.33 46.82 44.73
C ILE A 116 -9.09 47.74 43.54
N GLY A 117 -8.66 47.17 42.42
CA GLY A 117 -8.46 47.94 41.21
C GLY A 117 -7.85 47.15 40.07
N ARG A 118 -8.17 47.52 38.82
CA ARG A 118 -7.61 46.84 37.67
C ARG A 118 -6.50 47.70 37.08
N PRO A 119 -5.24 47.25 37.11
CA PRO A 119 -4.15 48.04 36.52
C PRO A 119 -4.36 48.34 35.04
N SER A 120 -4.13 49.59 34.66
CA SER A 120 -4.45 50.06 33.32
C SER A 120 -3.46 49.55 32.28
N GLU A 121 -3.94 49.46 31.02
CA GLU A 121 -3.12 48.97 29.93
C GLU A 121 -1.94 49.92 29.64
N THR A 122 -2.23 51.21 29.52
CA THR A 122 -1.21 52.20 29.19
C THR A 122 -0.36 52.60 30.39
N GLY A 123 -0.49 51.88 31.50
CA GLY A 123 0.42 52.05 32.62
C GLY A 123 0.06 53.21 33.51
N ILE A 124 0.87 53.38 34.56
CA ILE A 124 0.69 54.48 35.50
C ILE A 124 0.94 55.80 34.77
N ILE A 125 0.03 56.76 34.94
CA ILE A 125 0.22 58.11 34.46
C ILE A 125 0.16 59.05 35.66
N GLY A 126 1.09 60.00 35.71
CA GLY A 126 1.07 61.02 36.75
C GLY A 126 1.22 62.40 36.15
N ILE A 127 0.35 63.33 36.56
CA ILE A 127 0.38 64.71 36.08
C ILE A 127 0.13 65.63 37.27
N ILE A 128 0.57 66.88 37.13
CA ILE A 128 0.37 67.87 38.18
C ILE A 128 -0.26 69.13 37.59
N ASP A 129 -1.17 69.71 38.36
CA ASP A 129 -1.91 70.90 37.96
C ASP A 129 -0.97 72.08 37.70
N PRO A 130 -1.28 72.93 36.72
CA PRO A 130 -0.43 74.12 36.52
C PRO A 130 -0.37 75.04 37.73
N GLU A 131 -1.42 75.10 38.54
CA GLU A 131 -1.39 75.86 39.78
C GLU A 131 -0.92 75.01 40.96
N CYS A 132 -0.35 73.85 40.69
CA CYS A 132 0.16 72.94 41.71
C CYS A 132 -0.83 72.82 42.87
N ARG A 133 -2.10 72.66 42.54
CA ARG A 133 -3.13 72.42 43.55
C ARG A 133 -3.29 70.95 43.85
N MET A 134 -2.97 70.07 42.91
CA MET A 134 -3.16 68.64 43.11
C MET A 134 -2.25 67.84 42.18
N ILE A 135 -2.04 66.59 42.56
CA ILE A 135 -1.37 65.59 41.73
C ILE A 135 -2.43 64.62 41.22
N GLY A 136 -2.49 64.42 39.91
CA GLY A 136 -3.39 63.45 39.30
C GLY A 136 -2.67 62.15 39.01
N LEU A 137 -3.30 61.04 39.40
CA LEU A 137 -2.76 59.71 39.14
C LEU A 137 -3.81 58.86 38.44
N ARG A 138 -3.41 58.19 37.37
CA ARG A 138 -4.23 57.19 36.69
C ARG A 138 -3.55 55.84 36.92
N LEU A 139 -4.00 55.13 37.96
CA LEU A 139 -3.45 53.83 38.31
C LEU A 139 -4.34 52.68 37.85
N TYR A 140 -5.65 52.84 37.90
CA TYR A 140 -6.59 51.76 37.63
C TYR A 140 -7.65 52.20 36.64
N ASP A 141 -8.14 51.23 35.87
CA ASP A 141 -9.23 51.49 34.94
C ASP A 141 -10.45 51.99 35.69
N GLY A 142 -11.06 53.04 35.18
CA GLY A 142 -12.28 53.55 35.75
C GLY A 142 -12.11 54.40 36.98
N LEU A 143 -10.88 54.70 37.37
CA LEU A 143 -10.63 55.52 38.55
C LEU A 143 -9.57 56.58 38.31
N PHE A 144 -9.82 57.77 38.84
CA PHE A 144 -8.86 58.88 38.82
C PHE A 144 -8.58 59.22 40.28
N LYS A 145 -7.32 59.12 40.69
CA LYS A 145 -6.92 59.38 42.07
C LYS A 145 -6.33 60.77 42.17
N VAL A 146 -6.73 61.49 43.21
CA VAL A 146 -6.30 62.87 43.44
C VAL A 146 -5.57 62.92 44.78
N ILE A 147 -4.32 63.36 44.76
CA ILE A 147 -3.62 63.78 45.97
C ILE A 147 -3.64 65.30 46.01
N PRO A 148 -4.43 65.92 46.89
CA PRO A 148 -4.41 67.39 46.95
C PRO A 148 -3.13 67.87 47.63
N LEU A 149 -2.52 68.89 47.03
CA LEU A 149 -1.23 69.39 47.53
C LEU A 149 -1.43 70.51 48.56
N ASP A 150 -2.05 70.17 49.68
CA ASP A 150 -2.13 71.09 50.80
C ASP A 150 -0.94 70.87 51.73
N ARG A 151 -0.57 71.93 52.46
CA ARG A 151 0.58 71.89 53.35
C ARG A 151 0.48 70.77 54.38
N ASP A 152 -0.74 70.39 54.77
CA ASP A 152 -0.91 69.43 55.84
C ASP A 152 -0.82 67.98 55.37
N ASN A 153 -0.87 67.73 54.07
CA ASN A 153 -0.93 66.37 53.55
C ASN A 153 0.47 65.76 53.48
N LYS A 154 1.07 65.59 54.66
CA LYS A 154 2.42 65.05 54.70
C LYS A 154 2.42 63.55 54.43
N GLU A 155 1.27 62.89 54.55
CA GLU A 155 1.14 61.47 54.27
C GLU A 155 0.63 61.18 52.86
N LEU A 156 0.40 62.22 52.05
CA LEU A 156 -0.11 62.08 50.69
C LEU A 156 -1.39 61.25 50.65
N LYS A 157 -2.33 61.58 51.54
CA LYS A 157 -3.64 60.95 51.51
C LYS A 157 -4.40 61.41 50.26
N ALA A 158 -5.23 60.51 49.74
CA ALA A 158 -5.88 60.77 48.47
C ALA A 158 -7.25 60.10 48.41
N PHE A 159 -8.03 60.51 47.42
CA PHE A 159 -9.36 59.98 47.16
C PHE A 159 -9.50 59.69 45.67
N ASN A 160 -10.45 58.82 45.34
CA ASN A 160 -10.70 58.40 43.96
C ASN A 160 -12.01 59.00 43.46
N ILE A 161 -12.00 59.47 42.22
CA ILE A 161 -13.19 59.94 41.53
C ILE A 161 -13.58 58.89 40.50
N ARG A 162 -14.84 58.47 40.53
CA ARG A 162 -15.30 57.52 39.52
C ARG A 162 -15.13 58.13 38.14
N LEU A 163 -14.56 57.35 37.23
CA LEU A 163 -14.36 57.77 35.85
C LEU A 163 -15.16 56.84 34.95
N GLU A 164 -16.13 57.41 34.23
CA GLU A 164 -16.99 56.61 33.38
C GLU A 164 -16.19 55.93 32.28
N GLU A 165 -15.21 56.64 31.71
CA GLU A 165 -14.42 56.14 30.60
C GLU A 165 -13.36 55.19 31.13
N LEU A 166 -13.55 53.89 30.89
CA LEU A 166 -12.69 52.89 31.51
C LEU A 166 -11.30 52.87 30.88
N HIS A 167 -11.22 52.90 29.56
CA HIS A 167 -9.97 52.72 28.84
C HIS A 167 -9.41 54.09 28.44
N VAL A 168 -8.46 54.60 29.22
CA VAL A 168 -7.87 55.92 28.98
C VAL A 168 -6.50 55.72 28.37
N ILE A 169 -6.20 56.46 27.31
CA ILE A 169 -4.90 56.39 26.65
C ILE A 169 -3.89 57.32 27.31
N ASP A 170 -4.24 58.60 27.45
CA ASP A 170 -3.34 59.58 28.03
C ASP A 170 -4.15 60.74 28.57
N VAL A 171 -3.60 61.42 29.59
CA VAL A 171 -4.26 62.55 30.23
C VAL A 171 -3.23 63.58 30.65
N LYS A 172 -3.63 64.85 30.58
CA LYS A 172 -2.83 65.97 31.01
C LYS A 172 -3.75 66.99 31.69
N PHE A 173 -3.20 67.79 32.60
CA PHE A 173 -3.88 68.98 33.05
C PHE A 173 -3.72 70.07 31.99
N LEU A 174 -4.76 70.88 31.81
CA LEU A 174 -4.75 71.94 30.81
C LEU A 174 -4.34 73.27 31.44
N TYR A 175 -3.86 74.17 30.59
CA TYR A 175 -3.55 75.53 30.98
C TYR A 175 -4.73 76.44 30.66
N GLY A 176 -4.84 77.54 31.39
CA GLY A 176 -5.79 78.56 31.05
C GLY A 176 -7.23 78.26 31.41
N CYS A 177 -7.46 77.51 32.47
CA CYS A 177 -8.81 77.14 32.86
C CYS A 177 -9.20 77.74 34.20
N GLN A 178 -10.50 78.04 34.33
CA GLN A 178 -11.01 78.65 35.55
C GLN A 178 -10.91 77.72 36.74
N ALA A 179 -10.97 76.41 36.51
CA ALA A 179 -10.80 75.39 37.52
C ALA A 179 -9.82 74.35 37.01
N PRO A 180 -9.20 73.56 37.91
CA PRO A 180 -8.34 72.46 37.45
C PRO A 180 -9.07 71.57 36.46
N THR A 181 -8.53 71.42 35.25
CA THR A 181 -9.22 70.73 34.16
C THR A 181 -8.30 69.68 33.57
N ILE A 182 -8.83 68.48 33.33
CA ILE A 182 -8.09 67.41 32.68
C ILE A 182 -8.62 67.22 31.27
N CYS A 183 -7.69 67.00 30.34
CA CYS A 183 -8.00 66.65 28.95
C CYS A 183 -7.39 65.29 28.69
N PHE A 184 -8.18 64.37 28.13
CA PHE A 184 -7.68 63.01 27.93
C PHE A 184 -8.29 62.37 26.70
N VAL A 185 -7.57 61.40 26.16
CA VAL A 185 -8.03 60.58 25.05
C VAL A 185 -8.39 59.21 25.62
N TYR A 186 -9.56 58.71 25.25
CA TYR A 186 -10.06 57.44 25.77
C TYR A 186 -10.54 56.59 24.60
N GLN A 187 -10.69 55.28 24.86
CA GLN A 187 -11.13 54.36 23.82
C GLN A 187 -12.33 53.55 24.30
N ASP A 188 -13.38 53.56 23.50
CA ASP A 188 -14.58 52.74 23.69
C ASP A 188 -14.85 52.05 22.36
N PRO A 189 -15.90 51.24 22.23
CA PRO A 189 -16.08 50.49 20.99
C PRO A 189 -16.22 51.37 19.75
N GLN A 190 -16.68 52.60 19.91
CA GLN A 190 -16.94 53.46 18.75
C GLN A 190 -15.67 54.07 18.18
N GLY A 191 -14.56 54.04 18.91
CA GLY A 191 -13.34 54.65 18.45
C GLY A 191 -12.64 55.32 19.61
N ARG A 192 -11.79 56.28 19.27
CA ARG A 192 -11.12 57.10 20.27
C ARG A 192 -11.66 58.52 20.27
N HIS A 193 -11.72 59.09 21.47
CA HIS A 193 -12.27 60.41 21.65
C HIS A 193 -11.39 61.20 22.58
N VAL A 194 -11.54 62.52 22.50
CA VAL A 194 -10.91 63.46 23.41
C VAL A 194 -12.03 64.09 24.21
N LYS A 195 -11.81 64.26 25.50
CA LYS A 195 -12.84 64.72 26.42
C LYS A 195 -12.17 65.50 27.54
N THR A 196 -12.95 66.38 28.17
CA THR A 196 -12.44 67.17 29.29
C THR A 196 -13.34 67.01 30.51
N TYR A 197 -12.73 67.14 31.68
CA TYR A 197 -13.46 67.28 32.94
C TYR A 197 -12.80 68.39 33.76
N GLU A 198 -13.56 68.93 34.71
CA GLU A 198 -13.04 69.80 35.75
C GLU A 198 -12.97 68.97 37.05
N VAL A 199 -11.96 69.25 37.86
CA VAL A 199 -11.70 68.51 39.10
C VAL A 199 -11.99 69.42 40.28
N SER A 200 -12.94 69.01 41.14
CA SER A 200 -13.32 69.81 42.31
C SER A 200 -12.81 69.17 43.59
N LEU A 201 -11.82 69.83 44.22
CA LEU A 201 -11.33 69.36 45.51
C LEU A 201 -12.39 69.50 46.60
N ARG A 202 -13.26 70.52 46.49
CA ARG A 202 -14.29 70.75 47.51
C ARG A 202 -15.36 69.67 47.44
N GLU A 203 -15.86 69.38 46.24
CA GLU A 203 -16.89 68.35 46.06
C GLU A 203 -16.32 66.95 45.89
N LYS A 204 -15.03 66.82 45.58
CA LYS A 204 -14.41 65.51 45.39
C LYS A 204 -15.15 64.75 44.29
N GLU A 205 -15.34 65.41 43.16
CA GLU A 205 -16.01 64.84 42.00
C GLU A 205 -15.63 65.63 40.76
N PHE A 206 -15.94 65.07 39.59
CA PHE A 206 -15.80 65.76 38.32
C PHE A 206 -17.03 66.61 38.05
N ASN A 207 -16.83 67.72 37.36
CA ASN A 207 -17.90 68.54 36.81
C ASN A 207 -17.75 68.59 35.30
N LYS A 208 -18.79 69.05 34.60
CA LYS A 208 -18.72 69.15 33.15
C LYS A 208 -17.50 69.98 32.74
N GLY A 209 -16.80 69.51 31.72
CA GLY A 209 -15.55 70.11 31.31
C GLY A 209 -15.73 71.28 30.37
N PRO A 210 -14.69 72.09 30.22
CA PRO A 210 -14.86 73.34 29.46
C PRO A 210 -15.22 73.14 28.01
N TRP A 211 -14.85 72.04 27.37
CA TRP A 211 -15.28 71.93 26.00
C TRP A 211 -15.63 70.52 25.56
N LYS A 212 -16.44 70.49 24.50
CA LYS A 212 -17.10 69.30 24.00
C LYS A 212 -16.11 68.27 23.50
N GLN A 213 -16.62 67.06 23.35
CA GLN A 213 -15.81 66.00 22.81
C GLN A 213 -15.65 66.17 21.30
N GLU A 214 -14.54 65.65 20.80
CA GLU A 214 -14.29 65.46 19.39
C GLU A 214 -13.90 64.00 19.21
N ASN A 215 -14.27 63.45 18.05
CA ASN A 215 -13.75 62.14 17.64
C ASN A 215 -12.35 62.31 17.06
N VAL A 216 -11.40 61.54 17.57
CA VAL A 216 -10.00 61.67 17.19
C VAL A 216 -9.55 60.40 16.49
N GLU A 217 -8.33 60.48 15.94
CA GLU A 217 -7.72 59.38 15.22
C GLU A 217 -7.76 58.10 16.04
N ALA A 218 -7.89 56.97 15.35
CA ALA A 218 -8.02 55.69 16.03
C ALA A 218 -6.79 55.32 16.83
N GLU A 219 -5.61 55.78 16.41
CA GLU A 219 -4.36 55.50 17.13
C GLU A 219 -3.81 56.72 17.83
N ALA A 220 -4.69 57.65 18.24
CA ALA A 220 -4.28 58.79 19.04
C ALA A 220 -3.52 58.33 20.28
N SER A 221 -2.26 58.76 20.39
CA SER A 221 -1.35 58.22 21.40
C SER A 221 -1.01 59.18 22.52
N MET A 222 -0.80 60.46 22.25
CA MET A 222 -0.29 61.39 23.26
C MET A 222 -1.10 62.67 23.30
N VAL A 223 -1.16 63.25 24.49
CA VAL A 223 -1.88 64.51 24.75
C VAL A 223 -0.83 65.56 25.12
N ILE A 224 -0.87 66.70 24.45
CA ILE A 224 0.03 67.82 24.73
C ILE A 224 -0.81 68.97 25.26
N ALA A 225 -0.51 69.40 26.49
CA ALA A 225 -1.13 70.59 27.08
C ALA A 225 -0.36 71.82 26.62
N VAL A 226 -1.03 72.74 25.94
CA VAL A 226 -0.41 73.94 25.39
C VAL A 226 -0.65 75.11 26.33
N PRO A 227 0.37 75.88 26.70
CA PRO A 227 0.17 77.01 27.60
C PRO A 227 -0.43 78.22 26.89
N GLU A 228 -0.91 79.17 27.72
CA GLU A 228 -1.29 80.47 27.18
C GLU A 228 -0.06 81.09 26.52
N PRO A 229 -0.22 81.84 25.42
CA PRO A 229 -1.47 82.40 24.90
C PRO A 229 -2.46 81.46 24.23
N PHE A 230 -2.05 80.25 23.86
CA PHE A 230 -2.93 79.38 23.10
C PHE A 230 -3.99 78.70 23.98
N GLY A 231 -3.55 78.03 25.04
CA GLY A 231 -4.45 77.15 25.78
C GLY A 231 -4.83 75.97 24.91
N GLY A 232 -5.69 75.12 25.46
CA GLY A 232 -6.14 73.96 24.71
C GLY A 232 -5.10 72.84 24.68
N ALA A 233 -5.23 71.95 23.69
CA ALA A 233 -4.39 70.76 23.64
C ALA A 233 -4.11 70.31 22.22
N ILE A 234 -2.99 69.60 22.06
CA ILE A 234 -2.60 68.95 20.80
C ILE A 234 -2.61 67.43 21.01
N ILE A 235 -3.13 66.71 20.01
CA ILE A 235 -3.28 65.26 20.06
C ILE A 235 -2.43 64.65 18.94
N ILE A 236 -1.44 63.84 19.31
CA ILE A 236 -0.52 63.24 18.36
C ILE A 236 -0.98 61.82 18.04
N GLY A 237 -1.03 61.48 16.75
CA GLY A 237 -1.38 60.14 16.33
C GLY A 237 -0.33 59.45 15.49
N GLN A 238 -0.76 58.48 14.68
CA GLN A 238 0.11 57.82 13.71
C GLN A 238 0.18 58.59 12.41
N GLU A 239 -0.94 59.17 11.98
CA GLU A 239 -1.01 59.92 10.73
C GLU A 239 -1.24 61.42 10.91
N SER A 240 -1.84 61.86 12.01
CA SER A 240 -2.25 63.25 12.09
C SER A 240 -1.96 63.87 13.45
N ILE A 241 -1.81 65.19 13.44
CA ILE A 241 -1.70 66.02 14.64
C ILE A 241 -2.84 67.02 14.61
N THR A 242 -3.61 67.08 15.70
CA THR A 242 -4.77 67.96 15.77
C THR A 242 -4.71 68.86 17.00
N TYR A 243 -5.23 70.08 16.86
CA TYR A 243 -5.33 71.03 17.96
C TYR A 243 -6.79 71.23 18.31
N HIS A 244 -7.11 71.16 19.60
CA HIS A 244 -8.47 71.31 20.10
C HIS A 244 -8.53 72.36 21.20
N ASN A 245 -9.50 73.27 21.09
CA ASN A 245 -9.76 74.21 22.18
C ASN A 245 -11.16 74.78 21.93
N GLY A 246 -12.15 74.21 22.62
CA GLY A 246 -13.52 74.69 22.47
C GLY A 246 -14.00 74.61 21.04
N ASP A 247 -14.25 75.78 20.44
CA ASP A 247 -14.71 75.85 19.06
C ASP A 247 -13.58 75.66 18.05
N LYS A 248 -12.34 75.99 18.41
CA LYS A 248 -11.23 75.91 17.46
C LYS A 248 -10.84 74.46 17.18
N TYR A 249 -10.61 74.15 15.90
CA TYR A 249 -10.14 72.83 15.54
C TYR A 249 -9.21 72.93 14.33
N LEU A 250 -8.01 72.35 14.45
CA LEU A 250 -7.05 72.28 13.37
C LEU A 250 -6.56 70.85 13.19
N ALA A 251 -6.18 70.49 11.97
CA ALA A 251 -5.62 69.17 11.70
C ALA A 251 -4.59 69.25 10.58
N ILE A 252 -3.38 68.79 10.86
CA ILE A 252 -2.31 68.65 9.87
C ILE A 252 -1.97 67.17 9.79
N ALA A 253 -1.84 66.64 8.58
CA ALA A 253 -1.58 65.22 8.35
C ALA A 253 -0.46 65.11 7.33
N PRO A 254 0.75 65.53 7.68
CA PRO A 254 1.86 65.49 6.73
C PRO A 254 2.31 64.07 6.50
N PRO A 255 2.59 63.68 5.26
CA PRO A 255 2.93 62.28 4.98
C PRO A 255 4.20 61.79 5.67
N ILE A 256 5.05 62.69 6.16
CA ILE A 256 6.35 62.27 6.66
C ILE A 256 6.17 61.48 7.95
N ILE A 257 5.21 61.86 8.78
CA ILE A 257 5.06 61.19 10.07
C ILE A 257 4.38 59.83 9.97
N LYS A 258 3.63 59.57 8.89
CA LYS A 258 2.97 58.28 8.75
C LYS A 258 3.98 57.14 8.72
N GLN A 259 5.21 57.43 8.31
CA GLN A 259 6.22 56.39 8.13
C GLN A 259 6.65 55.75 9.45
N SER A 260 6.73 56.51 10.54
CA SER A 260 7.21 55.96 11.80
C SER A 260 6.45 56.56 12.97
N THR A 261 6.10 55.69 13.91
CA THR A 261 5.30 56.10 15.07
C THR A 261 6.05 57.10 15.95
N ILE A 262 5.36 58.16 16.33
CA ILE A 262 5.92 59.19 17.20
C ILE A 262 5.69 58.79 18.65
N VAL A 263 6.76 58.82 19.46
CA VAL A 263 6.68 58.29 20.81
C VAL A 263 6.97 59.33 21.90
N CYS A 264 7.62 60.46 21.60
CA CYS A 264 7.95 61.41 22.65
C CYS A 264 7.70 62.83 22.17
N HIS A 265 7.50 63.74 23.13
CA HIS A 265 7.23 65.15 22.83
C HIS A 265 7.83 66.01 23.94
N ASN A 266 8.33 67.18 23.55
CA ASN A 266 8.88 68.16 24.48
C ASN A 266 8.52 69.56 23.99
N ARG A 267 8.48 70.52 24.91
CA ARG A 267 8.19 71.91 24.58
C ARG A 267 9.49 72.71 24.49
N VAL A 268 9.69 73.41 23.38
CA VAL A 268 10.91 74.21 23.22
C VAL A 268 10.69 75.62 23.75
N ASP A 269 9.65 76.32 23.28
CA ASP A 269 9.37 77.69 23.66
C ASP A 269 8.34 77.68 24.77
N PRO A 270 8.65 78.23 25.96
CA PRO A 270 7.68 78.19 27.07
C PRO A 270 6.28 78.64 26.70
N ASN A 271 6.14 79.51 25.70
CA ASN A 271 4.84 80.00 25.26
C ASN A 271 4.07 79.03 24.37
N GLY A 272 4.66 77.90 24.02
CA GLY A 272 3.99 76.90 23.23
C GLY A 272 4.15 77.03 21.73
N SER A 273 5.00 77.95 21.27
CA SER A 273 5.13 78.17 19.84
C SER A 273 5.80 76.98 19.16
N ARG A 274 6.75 76.33 19.81
CA ARG A 274 7.50 75.24 19.20
C ARG A 274 7.50 74.02 20.11
N TYR A 275 7.42 72.84 19.49
CA TYR A 275 7.47 71.56 20.19
C TYR A 275 8.36 70.59 19.41
N LEU A 276 9.00 69.69 20.15
CA LEU A 276 9.84 68.64 19.59
C LEU A 276 9.12 67.30 19.60
N LEU A 277 9.25 66.56 18.50
CA LEU A 277 8.64 65.25 18.34
C LEU A 277 9.69 64.25 17.88
N GLY A 278 9.64 63.04 18.42
CA GLY A 278 10.55 61.99 18.03
C GLY A 278 9.80 60.72 17.70
N ASP A 279 10.34 59.96 16.74
CA ASP A 279 9.68 58.75 16.26
C ASP A 279 10.64 57.57 16.35
N MET A 280 10.09 56.36 16.17
CA MET A 280 10.82 55.14 16.48
C MET A 280 11.96 54.86 15.51
N GLU A 281 12.03 55.54 14.38
CA GLU A 281 13.17 55.42 13.48
C GLU A 281 14.26 56.44 13.80
N GLY A 282 14.13 57.14 14.93
CA GLY A 282 15.12 58.08 15.37
C GLY A 282 14.96 59.50 14.83
N ARG A 283 13.97 59.74 13.98
CA ARG A 283 13.81 61.07 13.40
C ARG A 283 13.36 62.07 14.45
N LEU A 284 13.92 63.26 14.39
CA LEU A 284 13.56 64.35 15.29
C LEU A 284 12.86 65.43 14.46
N PHE A 285 11.64 65.79 14.88
CA PHE A 285 10.83 66.78 14.17
C PHE A 285 10.63 68.03 15.04
N MET A 286 10.33 69.14 14.37
CA MET A 286 9.89 70.37 15.03
C MET A 286 8.44 70.63 14.67
N LEU A 287 7.59 70.75 15.68
CA LEU A 287 6.18 71.10 15.49
C LEU A 287 6.01 72.58 15.80
N LEU A 288 5.51 73.34 14.83
CA LEU A 288 5.44 74.78 14.92
C LEU A 288 4.01 75.25 15.06
N LEU A 289 3.76 76.14 16.04
CA LEU A 289 2.46 76.76 16.22
C LEU A 289 2.50 78.16 15.63
N GLU A 290 1.87 78.32 14.48
CA GLU A 290 1.83 79.60 13.78
C GLU A 290 0.74 80.48 14.37
N LYS A 291 1.15 81.62 14.92
CA LYS A 291 0.26 82.52 15.63
C LYS A 291 -0.36 83.53 14.68
N GLU A 292 -1.54 84.01 15.04
CA GLU A 292 -2.11 85.18 14.40
C GLU A 292 -2.80 86.04 15.47
N GLU A 293 -2.39 87.30 15.59
CA GLU A 293 -3.04 88.24 16.50
C GLU A 293 -4.19 88.93 15.76
N GLN A 294 -5.37 88.92 16.38
CA GLN A 294 -6.55 89.51 15.79
C GLN A 294 -6.67 91.00 16.10
N MET A 295 -7.62 91.66 15.43
CA MET A 295 -7.88 93.07 15.69
C MET A 295 -8.23 93.31 17.15
N ASP A 296 -8.83 92.32 17.80
CA ASP A 296 -9.18 92.42 19.20
C ASP A 296 -7.93 92.28 20.07
N GLY A 297 -6.80 91.89 19.48
CA GLY A 297 -5.61 91.65 20.25
C GLY A 297 -5.50 90.23 20.76
N THR A 298 -6.48 89.39 20.51
CA THR A 298 -6.45 88.02 21.01
C THR A 298 -5.52 87.20 20.13
N VAL A 299 -4.71 86.36 20.79
CA VAL A 299 -3.72 85.54 20.11
C VAL A 299 -4.38 84.19 19.88
N THR A 300 -4.52 83.82 18.62
CA THR A 300 -5.13 82.57 18.24
C THR A 300 -4.11 81.71 17.51
N LEU A 301 -4.45 80.44 17.32
CA LEU A 301 -3.60 79.49 16.61
C LEU A 301 -4.05 79.46 15.15
N LYS A 302 -3.18 79.92 14.25
CA LYS A 302 -3.51 80.00 12.84
C LYS A 302 -3.35 78.65 12.15
N ASP A 303 -2.21 78.00 12.34
CA ASP A 303 -1.93 76.76 11.64
C ASP A 303 -0.83 76.00 12.39
N LEU A 304 -0.66 74.74 11.99
CA LEU A 304 0.39 73.87 12.49
C LEU A 304 1.27 73.45 11.32
N ARG A 305 2.56 73.28 11.58
CA ARG A 305 3.56 72.91 10.60
C ARG A 305 4.50 71.89 11.24
N VAL A 306 4.96 70.92 10.45
CA VAL A 306 5.91 69.93 10.92
C VAL A 306 7.13 69.96 10.01
N GLU A 307 8.31 70.11 10.61
CA GLU A 307 9.57 70.22 9.88
C GLU A 307 10.55 69.18 10.42
N LEU A 308 11.18 68.43 9.52
CA LEU A 308 12.16 67.42 9.91
C LEU A 308 13.51 68.07 10.20
N LEU A 309 14.06 67.80 11.39
CA LEU A 309 15.34 68.36 11.81
C LEU A 309 16.52 67.43 11.54
N GLY A 310 16.38 66.14 11.82
CA GLY A 310 17.48 65.21 11.64
C GLY A 310 17.24 63.90 12.33
N GLU A 311 18.33 63.23 12.68
CA GLU A 311 18.27 61.91 13.28
C GLU A 311 19.01 61.88 14.60
N THR A 312 18.37 61.32 15.61
CA THR A 312 18.94 61.05 16.93
C THR A 312 18.86 59.55 17.22
N SER A 313 19.17 59.17 18.46
CA SER A 313 18.87 57.82 18.90
C SER A 313 17.37 57.65 19.07
N ILE A 314 16.91 56.40 18.98
CA ILE A 314 15.51 56.13 19.26
C ILE A 314 15.25 56.57 20.70
N ALA A 315 14.44 57.61 20.88
CA ALA A 315 14.38 58.30 22.16
C ALA A 315 13.14 57.92 22.95
N GLU A 316 13.35 57.56 24.22
CA GLU A 316 12.24 57.41 25.16
C GLU A 316 11.75 58.77 25.65
N CYS A 317 12.65 59.67 26.00
CA CYS A 317 12.27 60.99 26.46
C CYS A 317 13.14 62.02 25.75
N LEU A 318 12.57 63.21 25.55
CA LEU A 318 13.29 64.37 24.99
C LEU A 318 13.21 65.52 25.98
N THR A 319 14.32 66.25 26.12
CA THR A 319 14.40 67.45 26.96
C THR A 319 15.21 68.51 26.20
N TYR A 320 14.65 69.71 26.09
CA TYR A 320 15.30 70.75 25.29
C TYR A 320 16.43 71.50 25.98
N LEU A 321 16.44 71.58 27.30
CA LEU A 321 17.55 72.26 28.00
C LEU A 321 17.66 73.70 27.51
N ASP A 322 18.85 74.15 27.06
CA ASP A 322 19.05 75.53 26.63
C ASP A 322 19.84 75.61 25.35
N ASN A 323 19.70 76.76 24.69
CA ASN A 323 20.43 77.10 23.47
C ASN A 323 19.99 76.08 22.42
N GLY A 324 20.90 75.43 21.71
CA GLY A 324 20.57 74.38 20.79
C GLY A 324 20.75 72.99 21.34
N VAL A 325 21.12 72.85 22.61
CA VAL A 325 21.40 71.54 23.18
C VAL A 325 20.07 70.87 23.54
N VAL A 326 19.94 69.60 23.15
CA VAL A 326 18.78 68.77 23.44
C VAL A 326 19.32 67.46 23.99
N PHE A 327 18.69 66.93 25.03
CA PHE A 327 19.11 65.65 25.58
C PHE A 327 18.19 64.56 25.03
N VAL A 328 18.79 63.59 24.32
CA VAL A 328 18.07 62.46 23.75
C VAL A 328 18.25 61.33 24.75
N GLY A 329 17.23 61.08 25.56
CA GLY A 329 17.26 59.97 26.50
C GLY A 329 16.71 58.71 25.87
N SER A 330 17.56 57.70 25.71
CA SER A 330 17.19 56.50 24.97
C SER A 330 17.20 55.28 25.89
N ARG A 331 16.22 54.39 25.68
CA ARG A 331 16.19 53.11 26.35
C ARG A 331 16.68 51.98 25.47
N LEU A 332 16.58 52.16 24.14
CA LEU A 332 16.98 51.15 23.17
C LEU A 332 18.37 51.41 22.61
N GLY A 333 18.93 52.59 22.84
CA GLY A 333 20.24 52.92 22.32
C GLY A 333 20.96 53.92 23.21
N ASP A 334 22.14 54.37 22.77
CA ASP A 334 22.90 55.32 23.56
C ASP A 334 22.14 56.64 23.67
N SER A 335 22.14 57.23 24.86
CA SER A 335 21.59 58.57 25.02
C SER A 335 22.57 59.59 24.45
N GLN A 336 22.06 60.81 24.24
CA GLN A 336 22.86 61.79 23.53
C GLN A 336 22.57 63.20 24.02
N LEU A 337 23.57 64.07 23.83
CA LEU A 337 23.40 65.51 23.75
C LEU A 337 23.66 65.92 22.31
N VAL A 338 22.71 66.63 21.71
CA VAL A 338 22.81 67.05 20.33
C VAL A 338 22.47 68.53 20.25
N LYS A 339 23.08 69.22 19.29
CA LYS A 339 22.81 70.63 19.09
C LYS A 339 21.97 70.85 17.83
N LEU A 340 20.91 71.65 17.98
CA LEU A 340 20.07 72.04 16.87
C LEU A 340 20.60 73.37 16.31
N ASN A 341 20.89 73.39 15.01
CA ASN A 341 21.44 74.56 14.37
C ASN A 341 20.35 75.25 13.56
N VAL A 342 20.50 76.57 13.38
CA VAL A 342 19.54 77.30 12.55
C VAL A 342 19.78 77.00 11.08
N ASP A 343 21.03 76.82 10.68
CA ASP A 343 21.39 76.48 9.32
C ASP A 343 21.65 74.98 9.21
N SER A 344 21.13 74.38 8.15
CA SER A 344 21.36 72.97 7.89
C SER A 344 22.79 72.74 7.40
N ASN A 345 23.29 71.52 7.60
CA ASN A 345 24.61 71.19 7.09
C ASN A 345 24.47 70.75 5.63
N GLU A 346 25.57 70.34 5.01
CA GLU A 346 25.53 70.03 3.58
C GLU A 346 24.70 68.81 3.25
N GLN A 347 24.35 67.99 4.24
CA GLN A 347 23.51 66.83 4.01
C GLN A 347 22.03 67.17 4.22
N GLY A 348 21.73 68.40 4.62
CA GLY A 348 20.38 68.83 4.90
C GLY A 348 19.95 68.74 6.35
N SER A 349 20.84 68.35 7.24
CA SER A 349 20.48 68.12 8.64
C SER A 349 20.76 69.35 9.49
N TYR A 350 19.88 69.58 10.47
CA TYR A 350 20.08 70.63 11.46
C TYR A 350 20.57 70.08 12.81
N VAL A 351 20.82 68.77 12.90
CA VAL A 351 21.15 68.11 14.15
C VAL A 351 22.58 67.60 14.05
N VAL A 352 23.40 67.94 15.05
CA VAL A 352 24.80 67.49 15.10
C VAL A 352 25.09 66.97 16.50
N ALA A 353 25.59 65.74 16.58
CA ALA A 353 25.81 65.09 17.86
C ALA A 353 26.95 65.74 18.63
N MET A 354 26.73 65.97 19.92
CA MET A 354 27.77 66.49 20.80
C MET A 354 28.46 65.39 21.60
N GLU A 355 27.72 64.73 22.49
CA GLU A 355 28.24 63.71 23.37
C GLU A 355 27.37 62.48 23.24
N THR A 356 27.96 61.33 23.58
CA THR A 356 27.25 60.06 23.53
C THR A 356 27.42 59.37 24.87
N PHE A 357 26.29 59.03 25.51
CA PHE A 357 26.26 58.40 26.81
C PHE A 357 25.99 56.91 26.61
N THR A 358 26.93 56.08 27.03
CA THR A 358 26.81 54.65 26.79
C THR A 358 25.59 54.08 27.50
N ASN A 359 24.79 53.33 26.74
CA ASN A 359 23.66 52.58 27.27
C ASN A 359 23.76 51.15 26.77
N LEU A 360 23.90 50.19 27.69
CA LEU A 360 23.88 48.81 27.27
C LEU A 360 22.52 48.39 26.74
N GLY A 361 21.49 49.23 26.88
CA GLY A 361 20.23 49.02 26.23
C GLY A 361 19.67 47.66 26.60
N PRO A 362 18.71 47.19 25.83
CA PRO A 362 18.26 45.80 26.00
C PRO A 362 19.42 44.84 25.81
N ILE A 363 19.67 44.01 26.81
CA ILE A 363 20.67 42.95 26.70
C ILE A 363 19.90 41.68 26.34
N VAL A 364 19.87 41.34 25.04
CA VAL A 364 19.06 40.20 24.61
C VAL A 364 19.77 38.88 24.92
N ASP A 365 21.09 38.85 24.84
CA ASP A 365 21.86 37.66 25.13
C ASP A 365 23.28 38.13 25.41
N MET A 366 24.10 37.22 25.93
CA MET A 366 25.49 37.55 26.17
C MET A 366 26.26 36.27 26.46
N CYS A 367 27.57 36.34 26.27
CA CYS A 367 28.45 35.23 26.58
C CYS A 367 29.76 35.78 27.15
N VAL A 368 30.43 34.97 27.97
CA VAL A 368 31.71 35.32 28.56
C VAL A 368 32.79 34.54 27.83
N VAL A 369 33.80 35.25 27.35
CA VAL A 369 34.87 34.65 26.57
C VAL A 369 36.18 35.33 26.94
N ASP A 370 37.24 34.53 27.09
CA ASP A 370 38.58 35.03 27.36
C ASP A 370 39.33 35.21 26.04
N LEU A 371 39.10 36.37 25.42
CA LEU A 371 39.65 36.63 24.11
C LEU A 371 41.18 36.68 24.11
N GLU A 372 41.75 37.35 25.12
CA GLU A 372 43.18 37.59 25.24
C GLU A 372 43.95 36.52 26.03
N ARG A 373 43.31 35.40 26.39
CA ARG A 373 43.96 34.32 27.12
C ARG A 373 44.43 34.76 28.52
N GLN A 374 43.69 35.68 29.13
CA GLN A 374 44.10 36.28 30.39
C GLN A 374 43.58 35.59 31.64
N GLY A 375 42.77 34.55 31.53
CA GLY A 375 42.16 34.00 32.72
C GLY A 375 41.07 34.88 33.29
N GLN A 376 40.93 36.10 32.78
CA GLN A 376 39.91 37.04 33.25
C GLN A 376 38.50 36.70 32.76
N GLY A 377 38.26 36.94 31.48
CA GLY A 377 36.97 36.79 30.87
C GLY A 377 36.36 38.16 30.60
N GLN A 378 35.85 38.36 29.39
CA GLN A 378 35.24 39.60 28.96
C GLN A 378 33.82 39.24 28.55
N LEU A 379 32.91 40.20 28.69
CA LEU A 379 31.50 39.98 28.40
C LEU A 379 31.14 40.62 27.06
N VAL A 380 30.70 39.80 26.11
CA VAL A 380 30.18 40.30 24.84
C VAL A 380 28.67 40.16 24.90
N THR A 381 27.96 41.29 24.79
CA THR A 381 26.52 41.31 24.96
C THR A 381 25.88 41.68 23.63
N CYS A 382 24.70 41.11 23.39
CA CYS A 382 23.82 41.56 22.32
C CYS A 382 22.97 42.69 22.88
N SER A 383 23.25 43.92 22.47
CA SER A 383 22.65 45.11 23.08
C SER A 383 21.98 45.97 22.03
N GLY A 384 20.90 46.62 22.45
CA GLY A 384 20.19 47.57 21.60
C GLY A 384 19.14 46.92 20.73
N ALA A 385 18.45 47.77 19.97
CA ALA A 385 17.43 47.33 19.04
C ALA A 385 17.41 48.23 17.80
N PHE A 386 16.95 47.66 16.69
CA PHE A 386 16.74 48.41 15.44
C PHE A 386 18.06 49.08 15.06
N LYS A 387 18.06 50.38 14.73
CA LYS A 387 19.26 51.03 14.25
C LYS A 387 20.30 51.16 15.36
N GLU A 388 19.89 50.95 16.62
CA GLU A 388 20.78 51.02 17.75
C GLU A 388 21.44 49.67 18.08
N GLY A 389 21.12 48.63 17.33
CA GLY A 389 21.68 47.32 17.65
C GLY A 389 23.19 47.35 17.60
N SER A 390 23.82 46.69 18.57
CA SER A 390 25.26 46.72 18.71
C SER A 390 25.69 45.53 19.55
N LEU A 391 26.94 45.13 19.37
CA LEU A 391 27.63 44.26 20.31
C LEU A 391 28.46 45.14 21.24
N ARG A 392 28.52 44.76 22.51
CA ARG A 392 29.30 45.50 23.49
C ARG A 392 30.30 44.55 24.14
N ILE A 393 31.56 44.95 24.18
CA ILE A 393 32.62 44.16 24.78
C ILE A 393 32.98 44.81 26.10
N ILE A 394 32.75 44.09 27.21
CA ILE A 394 32.91 44.64 28.56
C ILE A 394 33.98 43.86 29.31
N ARG A 395 35.00 44.58 29.80
CA ARG A 395 36.09 44.03 30.61
C ARG A 395 36.33 44.94 31.81
N ASN A 396 36.71 44.34 32.94
CA ASN A 396 37.07 45.11 34.13
C ASN A 396 38.48 45.68 34.07
N GLY A 397 38.63 46.91 34.58
CA GLY A 397 39.90 47.61 34.56
C GLY A 397 39.90 48.94 35.30
N GLN A 408 38.96 52.54 38.95
CA GLN A 408 37.98 51.47 39.04
C GLN A 408 36.75 51.79 38.19
N LYS A 409 36.70 51.20 37.00
CA LYS A 409 35.58 51.38 36.08
C LYS A 409 35.61 50.21 35.11
N LEU A 410 34.50 50.00 34.40
CA LEU A 410 34.42 48.96 33.39
C LEU A 410 34.74 49.59 32.02
N HIS A 411 35.53 48.88 31.21
CA HIS A 411 35.88 49.33 29.87
C HIS A 411 34.95 48.67 28.85
N ILE A 412 34.26 49.49 28.06
CA ILE A 412 33.25 49.01 27.13
C ILE A 412 33.59 49.47 25.72
N ARG A 413 33.68 48.52 24.79
CA ARG A 413 33.85 48.79 23.37
C ARG A 413 32.55 48.50 22.65
N THR A 414 32.13 49.42 21.77
CA THR A 414 30.86 49.32 21.08
C THR A 414 31.07 48.91 19.63
N VAL A 415 30.34 47.88 19.19
CA VAL A 415 30.40 47.41 17.81
C VAL A 415 29.02 47.66 17.20
N PRO A 416 28.85 48.73 16.41
CA PRO A 416 27.51 49.00 15.84
C PRO A 416 27.11 48.00 14.77
N LEU A 417 25.83 47.59 14.82
CA LEU A 417 25.25 46.68 13.86
C LEU A 417 24.11 47.30 13.05
N TYR A 418 23.42 48.29 13.59
CA TYR A 418 22.30 48.95 12.93
C TYR A 418 21.15 47.99 12.61
N GLU A 419 21.11 46.85 13.29
CA GLU A 419 20.01 45.90 13.21
C GLU A 419 19.95 45.19 14.55
N SER A 420 18.82 44.55 14.81
CA SER A 420 18.56 43.98 16.13
C SER A 420 19.37 42.70 16.32
N PRO A 421 20.25 42.63 17.33
CA PRO A 421 20.91 41.35 17.64
C PRO A 421 20.03 40.52 18.56
N ARG A 422 20.00 39.21 18.30
CA ARG A 422 19.10 38.31 19.00
C ARG A 422 19.83 37.28 19.85
N LYS A 423 20.88 36.64 19.32
CA LYS A 423 21.64 35.65 20.06
C LYS A 423 23.12 35.75 19.73
N ILE A 424 23.96 35.36 20.68
CA ILE A 424 25.41 35.31 20.44
C ILE A 424 26.00 34.06 21.09
N CYS A 425 27.00 33.50 20.44
CA CYS A 425 27.71 32.32 20.93
C CYS A 425 29.12 32.37 20.32
N TYR A 426 30.11 31.92 21.08
CA TYR A 426 31.50 31.98 20.65
C TYR A 426 31.97 30.63 20.15
N GLN A 427 32.73 30.65 19.05
CA GLN A 427 33.32 29.47 18.43
C GLN A 427 34.82 29.68 18.39
N GLU A 428 35.54 29.06 19.33
CA GLU A 428 36.98 29.33 19.42
C GLU A 428 37.72 28.79 18.20
N VAL A 429 37.37 27.59 17.75
CA VAL A 429 38.07 26.98 16.64
C VAL A 429 38.17 27.92 15.45
N SER A 430 37.19 28.82 15.30
CA SER A 430 37.12 29.72 14.15
C SER A 430 37.53 31.15 14.47
N GLN A 431 38.00 31.42 15.69
CA GLN A 431 38.38 32.78 16.10
C GLN A 431 37.32 33.81 15.74
N CYS A 432 36.05 33.44 15.90
CA CYS A 432 34.94 34.32 15.57
C CYS A 432 33.73 34.01 16.43
N PHE A 433 32.77 34.93 16.42
CA PHE A 433 31.48 34.78 17.08
C PHE A 433 30.39 34.51 16.03
N GLY A 434 29.38 33.74 16.41
CA GLY A 434 28.14 33.66 15.66
C GLY A 434 27.08 34.50 16.35
N VAL A 435 26.38 35.32 15.56
CA VAL A 435 25.35 36.22 16.09
C VAL A 435 24.12 36.15 15.20
N LEU A 436 22.96 35.94 15.83
CA LEU A 436 21.68 36.01 15.15
C LEU A 436 21.17 37.44 15.19
N SER A 437 20.64 37.91 14.06
CA SER A 437 20.17 39.28 13.97
C SER A 437 18.94 39.33 13.07
N SER A 438 18.14 40.37 13.26
CA SER A 438 16.98 40.62 12.42
C SER A 438 16.91 42.10 12.09
N ARG A 439 16.59 42.39 10.83
CA ARG A 439 16.49 43.76 10.32
C ARG A 439 15.12 43.98 9.71
N ILE A 440 14.66 45.22 9.75
CA ILE A 440 13.31 45.57 9.29
C ILE A 440 13.38 46.02 7.84
N GLU A 441 12.67 45.32 6.96
CA GLU A 441 12.41 45.79 5.60
C GLU A 441 10.90 46.04 5.45
N VAL A 442 10.53 46.79 4.42
CA VAL A 442 9.15 47.20 4.22
C VAL A 442 8.68 46.77 2.83
N GLN A 443 7.44 46.30 2.73
CA GLN A 443 6.90 45.86 1.45
C GLN A 443 6.92 47.04 0.49
N ASP A 444 7.59 46.87 -0.65
CA ASP A 444 7.76 47.97 -1.60
C ASP A 444 7.06 47.64 -2.92
N THR A 445 7.08 48.59 -3.84
CA THR A 445 6.30 48.48 -5.06
C THR A 445 6.78 47.39 -6.00
N SER A 446 7.95 46.80 -5.75
CA SER A 446 8.39 45.70 -6.60
C SER A 446 7.73 44.39 -6.23
N GLY A 447 6.97 44.35 -5.13
CA GLY A 447 6.49 43.12 -4.55
C GLY A 447 7.40 42.54 -3.52
N GLY A 448 8.68 42.87 -3.57
CA GLY A 448 9.64 42.47 -2.56
C GLY A 448 9.67 43.47 -1.42
N THR A 449 10.81 43.54 -0.74
CA THR A 449 10.97 44.45 0.37
C THR A 449 12.27 45.22 0.23
N THR A 450 12.34 46.35 0.96
CA THR A 450 13.48 47.24 0.92
C THR A 450 13.84 47.63 2.35
N ALA A 451 15.13 47.57 2.67
CA ALA A 451 15.60 47.93 3.99
C ALA A 451 15.72 49.45 4.15
N LEU A 452 15.37 49.93 5.34
CA LEU A 452 15.35 51.38 5.59
C LEU A 452 16.74 51.98 5.67
N ARG A 453 17.76 51.14 5.87
CA ARG A 453 19.15 51.56 6.01
C ARG A 453 20.04 50.33 5.86
N PRO A 454 21.29 50.48 5.43
CA PRO A 454 22.20 49.33 5.42
C PRO A 454 22.62 48.97 6.83
N SER A 455 22.88 47.67 7.04
CA SER A 455 23.23 47.17 8.36
C SER A 455 24.14 45.96 8.22
N ALA A 456 24.47 45.36 9.39
CA ALA A 456 25.49 44.32 9.44
C ALA A 456 25.23 43.19 8.45
N SER A 457 23.98 42.73 8.37
CA SER A 457 23.68 41.58 7.52
C SER A 457 23.80 41.92 6.05
N THR A 458 23.71 43.20 5.69
CA THR A 458 23.89 43.63 4.30
C THR A 458 25.31 44.08 4.00
N GLN A 459 26.12 44.37 5.02
CA GLN A 459 27.49 44.84 4.85
C GLN A 459 28.51 43.74 5.15
N ALA A 460 28.10 42.48 5.09
CA ALA A 460 29.01 41.36 5.30
C ALA A 460 29.96 41.24 4.12
N LEU A 461 31.17 40.73 4.41
CA LEU A 461 32.14 40.54 3.34
C LEU A 461 31.60 39.55 2.29
N SER A 462 31.29 38.34 2.72
CA SER A 462 30.63 37.33 1.89
C SER A 462 29.24 37.07 2.45
N SER A 463 28.35 36.58 1.59
CA SER A 463 26.96 36.38 2.02
C SER A 463 26.34 35.18 1.30
N SER A 464 25.27 34.66 1.92
CA SER A 464 24.56 33.50 1.41
C SER A 464 23.10 33.59 1.83
N VAL A 465 22.25 32.82 1.15
CA VAL A 465 20.82 32.77 1.43
C VAL A 465 20.35 31.33 1.43
N SER A 466 19.55 30.95 2.44
CA SER A 466 19.08 29.58 2.49
C SER A 466 18.25 29.29 1.25
N SER A 467 18.51 28.14 0.64
CA SER A 467 17.77 27.65 -0.52
C SER A 467 16.92 26.44 -0.17
N SER A 468 16.69 26.23 1.13
CA SER A 468 15.98 25.04 1.60
C SER A 468 14.64 24.91 0.91
N LYS A 469 14.29 23.68 0.57
CA LYS A 469 13.02 23.37 -0.06
C LYS A 469 12.02 22.79 0.92
N LEU A 470 12.33 22.81 2.22
CA LEU A 470 11.54 22.07 3.18
C LEU A 470 10.07 22.50 3.16
N PHE A 471 9.84 23.80 3.27
CA PHE A 471 8.49 24.37 3.33
C PHE A 471 8.01 24.85 1.98
N SER A 472 8.82 24.70 0.92
CA SER A 472 8.43 25.09 -0.41
C SER A 472 7.18 24.39 -0.93
N SER A 473 6.42 23.76 -0.04
CA SER A 473 5.16 23.16 -0.44
C SER A 473 4.08 24.18 -0.62
N SER A 474 4.23 25.36 -0.01
CA SER A 474 3.31 26.46 -0.14
C SER A 474 1.85 26.06 0.01
N THR A 475 1.04 26.25 -1.03
CA THR A 475 -0.40 26.00 -0.94
C THR A 475 -0.98 26.74 0.29
N ALA A 476 -0.41 27.93 0.58
CA ALA A 476 -0.71 28.76 1.74
C ALA A 476 -0.78 30.24 1.37
N PRO A 477 -1.89 30.92 1.65
CA PRO A 477 -2.05 32.34 1.26
C PRO A 477 -1.43 33.27 2.31
N HIS A 478 -0.50 34.15 1.85
CA HIS A 478 0.15 35.11 2.75
C HIS A 478 0.20 36.45 2.01
N GLU A 479 -0.92 37.18 2.09
CA GLU A 479 -1.10 38.43 1.35
C GLU A 479 -0.24 39.55 1.92
N THR A 480 0.32 40.34 1.02
CA THR A 480 1.24 41.42 1.36
C THR A 480 0.67 42.77 0.90
N SER A 481 0.65 43.74 1.81
CA SER A 481 0.26 45.11 1.47
C SER A 481 1.50 46.00 1.49
N PHE A 482 1.58 46.93 0.56
CA PHE A 482 2.70 47.85 0.51
C PHE A 482 2.79 48.63 1.82
N GLY A 483 4.01 48.76 2.33
CA GLY A 483 4.25 49.52 3.55
C GLY A 483 4.30 48.72 4.83
N GLU A 484 3.86 47.46 4.82
CA GLU A 484 3.92 46.63 6.00
C GLU A 484 5.36 46.24 6.30
N GLU A 485 5.68 46.13 7.58
CA GLU A 485 7.02 45.73 7.99
C GLU A 485 7.16 44.21 8.01
N VAL A 486 8.39 43.74 7.79
CA VAL A 486 8.74 42.34 7.92
C VAL A 486 10.10 42.26 8.61
N GLU A 487 10.34 41.17 9.34
CA GLU A 487 11.66 40.90 9.86
C GLU A 487 12.42 40.01 8.89
N VAL A 488 13.71 40.28 8.72
CA VAL A 488 14.61 39.42 7.96
C VAL A 488 15.70 38.99 8.91
N HIS A 489 15.86 37.68 9.10
CA HIS A 489 16.76 37.13 10.10
C HIS A 489 18.04 36.60 9.47
N ASN A 490 19.16 36.79 10.17
CA ASN A 490 20.46 36.45 9.64
C ASN A 490 21.32 35.80 10.70
N LEU A 491 22.24 34.95 10.25
CA LEU A 491 23.35 34.49 11.07
C LEU A 491 24.59 35.25 10.62
N LEU A 492 25.24 35.93 11.55
CA LEU A 492 26.42 36.75 11.28
C LEU A 492 27.64 36.05 11.85
N ILE A 493 28.69 35.93 11.03
CA ILE A 493 29.98 35.46 11.48
C ILE A 493 30.86 36.69 11.66
N ILE A 494 31.34 36.91 12.90
CA ILE A 494 32.02 38.15 13.28
C ILE A 494 33.37 37.79 13.89
N ASP A 495 34.44 38.41 13.37
CA ASP A 495 35.79 38.12 13.83
C ASP A 495 36.02 38.61 15.26
N GLN A 496 36.75 37.83 16.05
CA GLN A 496 36.90 38.11 17.47
C GLN A 496 37.93 39.19 17.80
N HIS A 497 38.70 39.65 16.82
CA HIS A 497 39.70 40.69 17.05
C HIS A 497 39.28 42.02 16.43
N THR A 498 38.83 41.99 15.19
CA THR A 498 38.38 43.20 14.51
C THR A 498 36.88 43.43 14.65
N PHE A 499 36.11 42.36 14.87
CA PHE A 499 34.65 42.41 14.91
C PHE A 499 34.09 42.87 13.58
N GLU A 500 34.79 42.52 12.50
CA GLU A 500 34.31 42.72 11.14
C GLU A 500 33.30 41.63 10.81
N VAL A 501 32.24 42.00 10.11
CA VAL A 501 31.25 40.99 9.71
C VAL A 501 31.83 40.23 8.53
N LEU A 502 32.32 39.03 8.81
CA LEU A 502 32.94 38.22 7.77
C LEU A 502 31.91 37.59 6.85
N HIS A 503 30.77 37.17 7.40
CA HIS A 503 29.78 36.47 6.60
C HIS A 503 28.41 36.75 7.17
N ALA A 504 27.42 36.79 6.29
CA ALA A 504 26.03 36.91 6.70
C ALA A 504 25.21 35.90 5.91
N HIS A 505 24.44 35.09 6.63
CA HIS A 505 23.56 34.10 6.02
C HIS A 505 22.13 34.52 6.33
N GLN A 506 21.33 34.70 5.28
CA GLN A 506 19.95 35.11 5.42
C GLN A 506 19.05 33.88 5.43
N PHE A 507 18.15 33.83 6.40
CA PHE A 507 17.24 32.70 6.50
C PHE A 507 16.05 32.91 5.57
N LEU A 508 15.16 31.93 5.54
CA LEU A 508 14.06 31.94 4.60
C LEU A 508 13.11 33.10 4.88
N GLN A 509 12.28 33.42 3.88
CA GLN A 509 11.27 34.44 4.07
C GLN A 509 10.32 33.99 5.17
N ASN A 510 10.11 34.84 6.16
CA ASN A 510 9.26 34.56 7.32
C ASN A 510 9.86 33.53 8.26
N GLU A 511 11.16 33.25 8.16
CA GLU A 511 11.84 32.35 9.08
C GLU A 511 12.51 33.23 10.13
N TYR A 512 12.18 32.99 11.39
CA TYR A 512 12.76 33.73 12.51
C TYR A 512 13.80 32.82 13.16
N ALA A 513 15.01 33.32 13.34
CA ALA A 513 16.06 32.57 14.02
C ALA A 513 15.88 32.78 15.52
N LEU A 514 15.80 31.70 16.27
CA LEU A 514 15.51 31.78 17.69
C LEU A 514 16.64 31.26 18.58
N SER A 515 17.39 30.26 18.16
CA SER A 515 18.40 29.66 19.03
C SER A 515 19.68 29.38 18.26
N LEU A 516 20.80 29.41 18.99
CA LEU A 516 22.11 29.27 18.37
C LEU A 516 23.10 28.61 19.31
N VAL A 517 23.81 27.59 18.82
CA VAL A 517 24.88 26.94 19.56
C VAL A 517 26.09 26.74 18.65
N SER A 518 27.26 26.66 19.26
CA SER A 518 28.51 26.28 18.59
C SER A 518 29.07 25.07 19.33
N CYS A 519 29.23 23.96 18.63
CA CYS A 519 29.66 22.74 19.30
C CYS A 519 30.05 21.67 18.29
N LYS A 520 30.73 20.64 18.80
CA LYS A 520 30.94 19.39 18.08
C LYS A 520 29.88 18.39 18.54
N LEU A 521 29.49 17.49 17.63
CA LEU A 521 28.54 16.44 17.97
C LEU A 521 29.10 15.07 17.63
N GLY A 522 28.74 14.09 18.45
CA GLY A 522 29.08 12.71 18.17
C GLY A 522 30.56 12.50 17.96
N LYS A 523 30.87 11.70 16.93
CA LYS A 523 32.23 11.42 16.52
C LYS A 523 32.69 12.35 15.39
N ASP A 524 31.94 13.43 15.15
CA ASP A 524 32.26 14.36 14.07
C ASP A 524 33.28 15.37 14.57
N PRO A 525 34.50 15.41 14.03
CA PRO A 525 35.51 16.33 14.54
C PRO A 525 35.25 17.78 14.20
N ASN A 526 34.33 18.06 13.27
CA ASN A 526 34.06 19.42 12.84
C ASN A 526 33.28 20.18 13.91
N THR A 527 33.60 21.46 14.06
CA THR A 527 32.86 22.35 14.97
C THR A 527 31.84 23.13 14.14
N TYR A 528 30.56 23.02 14.50
CA TYR A 528 29.48 23.60 13.70
C TYR A 528 28.79 24.74 14.44
N PHE A 529 28.19 25.64 13.64
CA PHE A 529 27.18 26.58 14.11
C PHE A 529 25.82 25.96 13.84
N ILE A 530 24.98 25.84 14.86
CA ILE A 530 23.66 25.24 14.71
C ILE A 530 22.61 26.25 15.13
N VAL A 531 21.61 26.45 14.27
CA VAL A 531 20.59 27.47 14.47
C VAL A 531 19.23 26.81 14.45
N GLY A 532 18.39 27.17 15.42
CA GLY A 532 17.00 26.74 15.47
C GLY A 532 16.09 27.88 15.11
N THR A 533 15.12 27.61 14.23
CA THR A 533 14.26 28.63 13.65
C THR A 533 12.79 28.28 13.83
N ALA A 534 11.93 29.20 13.43
CA ALA A 534 10.49 28.99 13.44
C ALA A 534 9.87 29.77 12.28
N MET A 535 8.98 29.12 11.52
CA MET A 535 8.27 29.80 10.45
C MET A 535 7.10 30.57 11.04
N VAL A 536 7.14 31.89 10.94
CA VAL A 536 6.17 32.77 11.58
C VAL A 536 5.32 33.41 10.51
N TYR A 537 4.03 33.12 10.53
CA TYR A 537 3.06 33.79 9.67
C TYR A 537 2.03 34.49 10.55
N PRO A 538 1.67 35.74 10.22
CA PRO A 538 0.78 36.51 11.12
C PRO A 538 -0.49 35.78 11.49
N GLU A 539 -1.00 34.94 10.58
CA GLU A 539 -2.24 34.23 10.85
C GLU A 539 -2.09 33.22 11.98
N GLU A 540 -0.89 32.64 12.12
CA GLU A 540 -0.66 31.58 13.08
C GLU A 540 -0.52 32.15 14.47
N ALA A 541 -1.38 31.70 15.39
CA ALA A 541 -1.23 32.06 16.78
C ALA A 541 0.07 31.52 17.37
N GLU A 542 0.38 30.26 17.11
CA GLU A 542 1.61 29.62 17.53
C GLU A 542 2.27 28.94 16.33
N PRO A 543 3.58 29.10 16.12
CA PRO A 543 4.21 28.52 14.93
C PRO A 543 4.04 27.00 14.89
N LYS A 544 3.91 26.49 13.66
CA LYS A 544 3.75 25.05 13.45
C LYS A 544 4.79 24.44 12.52
N GLN A 545 5.81 25.20 12.12
CA GLN A 545 6.88 24.71 11.26
C GLN A 545 8.21 25.26 11.75
N GLY A 546 9.29 24.54 11.48
CA GLY A 546 10.59 25.01 11.92
C GLY A 546 11.73 24.16 11.41
N ARG A 547 12.93 24.68 11.60
CA ARG A 547 14.14 24.01 11.17
C ARG A 547 15.20 24.06 12.27
N ILE A 548 15.99 22.99 12.33
CA ILE A 548 17.32 22.99 12.95
C ILE A 548 18.30 22.91 11.78
N VAL A 549 19.24 23.85 11.73
CA VAL A 549 20.17 23.93 10.62
C VAL A 549 21.59 23.80 11.17
N VAL A 550 22.38 22.94 10.54
CA VAL A 550 23.78 22.76 10.89
C VAL A 550 24.61 23.43 9.81
N PHE A 551 25.41 24.42 10.23
CA PHE A 551 26.31 25.14 9.35
C PHE A 551 27.74 24.78 9.72
N GLN A 552 28.65 24.95 8.78
CA GLN A 552 30.07 24.92 9.10
C GLN A 552 30.71 26.17 8.54
N TYR A 553 31.39 26.92 9.40
CA TYR A 553 32.14 28.08 8.98
C TYR A 553 33.55 27.62 8.69
N SER A 554 33.92 27.62 7.42
CA SER A 554 35.23 27.15 6.97
C SER A 554 35.69 28.05 5.84
N ASP A 555 36.91 28.57 5.96
CA ASP A 555 37.54 29.33 4.89
C ASP A 555 36.64 30.47 4.42
N GLY A 556 36.16 31.26 5.37
CA GLY A 556 35.42 32.46 5.04
C GLY A 556 34.05 32.23 4.46
N LYS A 557 33.63 30.98 4.32
CA LYS A 557 32.32 30.67 3.79
C LYS A 557 31.57 29.78 4.76
N LEU A 558 30.28 30.02 4.89
CA LEU A 558 29.40 29.21 5.71
C LEU A 558 28.77 28.16 4.80
N GLN A 559 28.88 26.90 5.20
CA GLN A 559 28.40 25.78 4.39
C GLN A 559 27.21 25.16 5.12
N THR A 560 26.12 24.93 4.41
CA THR A 560 24.98 24.25 5.03
C THR A 560 25.28 22.76 5.08
N VAL A 561 25.37 22.19 6.27
CA VAL A 561 25.79 20.80 6.43
C VAL A 561 24.60 19.86 6.47
N ALA A 562 23.56 20.23 7.20
CA ALA A 562 22.39 19.37 7.35
C ALA A 562 21.25 20.21 7.88
N GLU A 563 20.03 19.80 7.56
CA GLU A 563 18.85 20.47 8.08
C GLU A 563 17.84 19.41 8.54
N LYS A 564 17.16 19.68 9.64
CA LYS A 564 16.14 18.81 10.19
C LYS A 564 14.86 19.63 10.31
N GLU A 565 13.78 19.12 9.72
CA GLU A 565 12.49 19.78 9.81
C GLU A 565 11.82 19.43 11.12
N VAL A 566 11.25 20.43 11.79
CA VAL A 566 10.52 20.21 13.03
C VAL A 566 9.15 20.85 12.89
N LYS A 567 8.20 20.36 13.68
CA LYS A 567 6.80 20.78 13.59
C LYS A 567 6.47 21.81 14.68
N GLY A 568 7.28 22.87 14.74
CA GLY A 568 7.10 23.87 15.77
C GLY A 568 8.27 24.84 15.76
N ALA A 569 8.33 25.66 16.80
CA ALA A 569 9.38 26.66 16.97
C ALA A 569 10.49 26.11 17.85
N VAL A 570 11.73 26.30 17.43
CA VAL A 570 12.89 25.80 18.20
C VAL A 570 13.33 26.96 19.10
N TYR A 571 12.66 27.07 20.25
CA TYR A 571 12.95 28.20 21.14
C TYR A 571 14.34 28.11 21.76
N SER A 572 14.79 26.92 22.14
CA SER A 572 16.07 26.78 22.82
C SER A 572 16.77 25.49 22.42
N MET A 573 18.10 25.55 22.37
CA MET A 573 18.95 24.40 22.10
C MET A 573 20.18 24.45 23.01
N VAL A 574 20.77 23.29 23.25
CA VAL A 574 21.99 23.22 24.05
C VAL A 574 22.70 21.90 23.74
N GLU A 575 24.04 21.96 23.72
CA GLU A 575 24.86 20.77 23.56
C GLU A 575 24.75 19.90 24.81
N PHE A 576 24.60 18.59 24.60
CA PHE A 576 24.33 17.67 25.71
C PHE A 576 25.13 16.38 25.49
N ASN A 577 26.37 16.37 25.99
CA ASN A 577 27.18 15.16 25.95
C ASN A 577 27.25 14.60 24.54
N GLY A 578 27.67 15.45 23.61
CA GLY A 578 27.80 15.07 22.22
C GLY A 578 26.51 14.96 21.46
N LYS A 579 25.36 15.15 22.11
CA LYS A 579 24.06 15.11 21.51
C LYS A 579 23.46 16.52 21.51
N LEU A 580 22.46 16.74 20.67
CA LEU A 580 21.83 18.05 20.56
C LEU A 580 20.47 18.03 21.25
N LEU A 581 20.33 18.84 22.30
CA LEU A 581 19.09 18.98 23.05
C LEU A 581 18.35 20.21 22.55
N ALA A 582 17.09 20.02 22.15
CA ALA A 582 16.32 21.09 21.53
C ALA A 582 14.89 21.06 22.03
N SER A 583 14.30 22.25 22.17
CA SER A 583 12.92 22.41 22.61
C SER A 583 12.09 22.87 21.42
N ILE A 584 11.12 22.07 21.02
CA ILE A 584 10.23 22.39 19.90
C ILE A 584 8.82 22.56 20.48
N ASN A 585 8.36 23.81 20.59
CA ASN A 585 7.06 24.13 21.19
C ASN A 585 6.91 23.47 22.55
N SER A 586 5.90 22.61 22.69
CA SER A 586 5.72 21.88 23.95
C SER A 586 6.81 20.83 24.14
N THR A 587 7.30 20.23 23.06
CA THR A 587 8.20 19.09 23.15
C THR A 587 9.61 19.51 23.54
N VAL A 588 10.28 18.64 24.30
CA VAL A 588 11.72 18.75 24.58
C VAL A 588 12.36 17.51 23.98
N ARG A 589 13.27 17.69 23.02
CA ARG A 589 13.80 16.58 22.23
C ARG A 589 15.31 16.47 22.35
N LEU A 590 15.80 15.23 22.26
CA LEU A 590 17.23 14.94 22.20
C LEU A 590 17.54 14.30 20.85
N TYR A 591 18.51 14.88 20.14
CA TYR A 591 18.93 14.42 18.82
C TYR A 591 20.34 13.86 18.90
N GLU A 592 20.61 12.82 18.11
CA GLU A 592 21.95 12.28 17.93
C GLU A 592 22.48 12.65 16.55
N TRP A 593 23.81 12.73 16.43
CA TRP A 593 24.48 13.10 15.18
C TRP A 593 25.09 11.83 14.58
N THR A 594 24.51 11.37 13.47
CA THR A 594 24.93 10.09 12.93
C THR A 594 26.23 10.23 12.13
N THR A 595 26.81 9.08 11.79
CA THR A 595 27.98 9.10 10.91
C THR A 595 27.65 9.59 9.51
N GLU A 596 26.36 9.69 9.16
CA GLU A 596 25.95 10.28 7.90
C GLU A 596 25.69 11.78 8.02
N LYS A 597 26.13 12.41 9.12
CA LYS A 597 26.01 13.85 9.29
C LYS A 597 24.56 14.29 9.12
N GLU A 598 23.68 13.61 9.85
CA GLU A 598 22.27 13.96 9.94
C GLU A 598 21.83 13.79 11.39
N LEU A 599 20.81 14.56 11.80
CA LEU A 599 20.30 14.49 13.16
C LEU A 599 19.26 13.39 13.23
N ARG A 600 19.31 12.57 14.28
CA ARG A 600 18.38 11.47 14.46
C ARG A 600 17.85 11.53 15.87
N THR A 601 16.52 11.46 15.99
CA THR A 601 15.90 11.60 17.29
C THR A 601 16.17 10.39 18.16
N GLU A 602 16.55 10.64 19.42
CA GLU A 602 16.66 9.58 20.41
C GLU A 602 15.44 9.51 21.32
N CYS A 603 15.07 10.63 21.95
CA CYS A 603 13.99 10.58 22.95
C CYS A 603 13.34 11.94 23.09
N ASN A 604 12.10 11.92 23.62
CA ASN A 604 11.28 13.11 23.74
C ASN A 604 10.60 13.22 25.11
N HIS A 605 10.26 14.46 25.45
CA HIS A 605 9.46 14.79 26.63
C HIS A 605 8.36 15.75 26.21
N TYR A 606 7.11 15.47 26.60
CA TYR A 606 5.98 16.25 26.10
C TYR A 606 5.18 17.02 27.14
N ASN A 607 5.51 16.90 28.43
CA ASN A 607 4.75 17.57 29.49
C ASN A 607 5.23 19.00 29.68
N ASN A 608 4.95 19.84 28.68
CA ASN A 608 5.24 21.26 28.77
C ASN A 608 4.19 22.06 28.00
N ILE A 609 3.99 23.31 28.45
CA ILE A 609 3.16 24.25 27.71
C ILE A 609 3.97 24.91 26.60
N MET A 610 5.07 25.54 26.98
CA MET A 610 6.05 26.08 26.03
C MET A 610 7.42 25.97 26.69
N ALA A 611 8.32 25.18 26.08
CA ALA A 611 9.64 24.92 26.65
C ALA A 611 10.59 26.02 26.18
N LEU A 612 10.46 27.18 26.81
CA LEU A 612 11.17 28.37 26.36
C LEU A 612 12.67 28.30 26.65
N TYR A 613 13.07 27.80 27.83
CA TYR A 613 14.46 27.87 28.22
C TYR A 613 15.01 26.52 28.67
N LEU A 614 16.25 26.24 28.25
CA LEU A 614 16.94 24.99 28.57
C LEU A 614 18.33 25.29 29.13
N LYS A 615 18.71 24.54 30.16
CA LYS A 615 20.05 24.52 30.73
C LYS A 615 20.36 23.08 31.14
N THR A 616 21.65 22.72 31.12
CA THR A 616 22.06 21.36 31.44
C THR A 616 23.23 21.34 32.41
N LYS A 617 23.39 20.19 33.10
CA LYS A 617 24.56 19.93 33.92
C LYS A 617 24.67 18.41 34.05
N GLY A 618 25.73 17.83 33.52
CA GLY A 618 25.82 16.38 33.53
C GLY A 618 24.73 15.80 32.68
N ASP A 619 24.00 14.82 33.24
CA ASP A 619 22.84 14.26 32.58
C ASP A 619 21.53 14.90 33.00
N PHE A 620 21.57 15.99 33.77
CA PHE A 620 20.37 16.65 34.29
C PHE A 620 20.06 17.91 33.46
N ILE A 621 18.77 18.12 33.19
CA ILE A 621 18.32 19.24 32.36
C ILE A 621 17.26 20.04 33.11
N LEU A 622 17.39 21.36 33.08
CA LEU A 622 16.43 22.29 33.67
C LEU A 622 15.62 22.99 32.58
N VAL A 623 14.30 22.84 32.63
CA VAL A 623 13.38 23.41 31.65
C VAL A 623 12.63 24.59 32.26
N GLY A 624 12.52 25.67 31.50
CA GLY A 624 11.73 26.84 31.87
C GLY A 624 10.54 26.98 30.94
N ASP A 625 9.36 27.19 31.52
CA ASP A 625 8.10 27.13 30.80
C ASP A 625 7.42 28.50 30.83
N LEU A 626 6.51 28.71 29.88
CA LEU A 626 5.86 30.02 29.76
C LEU A 626 5.09 30.36 31.03
N MET A 627 4.43 29.38 31.63
CA MET A 627 3.63 29.59 32.83
C MET A 627 3.86 28.57 33.93
N ARG A 628 4.47 27.43 33.64
CA ARG A 628 4.59 26.34 34.61
C ARG A 628 5.92 26.36 35.38
N SER A 629 6.64 27.48 35.36
CA SER A 629 7.86 27.64 36.15
C SER A 629 8.95 26.70 35.66
N VAL A 630 9.57 25.92 36.55
CA VAL A 630 10.76 25.14 36.20
C VAL A 630 10.58 23.67 36.54
N LEU A 631 11.16 22.81 35.71
CA LEU A 631 11.13 21.35 35.83
C LEU A 631 12.56 20.83 35.71
N LEU A 632 12.92 19.86 36.55
CA LEU A 632 14.19 19.15 36.45
C LEU A 632 13.98 17.83 35.72
N LEU A 633 14.62 17.68 34.55
CA LEU A 633 14.52 16.49 33.71
C LEU A 633 15.88 15.81 33.66
N ALA A 634 15.90 14.49 33.74
CA ALA A 634 17.14 13.73 33.67
C ALA A 634 17.15 12.78 32.49
N TYR A 635 18.31 12.71 31.82
CA TYR A 635 18.55 11.73 30.77
C TYR A 635 19.04 10.45 31.42
N LYS A 636 18.37 9.33 31.12
CA LYS A 636 18.79 8.06 31.71
C LYS A 636 19.50 7.21 30.67
N PRO A 637 20.84 7.15 30.70
CA PRO A 637 21.55 6.50 29.59
C PRO A 637 21.32 5.00 29.51
N MET A 638 21.02 4.33 30.63
CA MET A 638 20.74 2.90 30.57
C MET A 638 19.50 2.61 29.74
N GLU A 639 18.54 3.54 29.71
CA GLU A 639 17.28 3.33 29.01
C GLU A 639 17.11 4.10 27.71
N GLY A 640 17.85 5.20 27.51
CA GLY A 640 17.71 6.01 26.31
C GLY A 640 16.46 6.86 26.27
N ASN A 641 16.17 7.61 27.33
CA ASN A 641 14.96 8.42 27.41
C ASN A 641 15.07 9.37 28.60
N PHE A 642 14.09 10.27 28.71
CA PHE A 642 14.02 11.21 29.84
C PHE A 642 13.17 10.68 30.99
N GLU A 643 13.36 11.27 32.17
CA GLU A 643 12.56 11.00 33.36
C GLU A 643 12.39 12.31 34.14
N GLU A 644 11.18 12.57 34.65
CA GLU A 644 10.92 13.81 35.37
C GLU A 644 11.38 13.68 36.83
N ILE A 645 12.44 14.41 37.19
CA ILE A 645 12.92 14.35 38.58
C ILE A 645 11.99 15.14 39.50
N ALA A 646 11.73 16.41 39.17
CA ALA A 646 10.99 17.26 40.09
C ALA A 646 10.53 18.53 39.38
N ARG A 647 9.35 19.01 39.78
CA ARG A 647 8.74 20.19 39.17
C ARG A 647 8.34 21.22 40.23
N ASP A 648 8.52 22.49 39.88
CA ASP A 648 8.03 23.59 40.69
C ASP A 648 6.56 23.82 40.34
N PHE A 649 5.68 23.68 41.32
CA PHE A 649 4.25 23.79 41.06
C PHE A 649 3.69 25.18 41.33
N ASN A 650 4.52 26.15 41.70
CA ASN A 650 4.05 27.52 41.83
C ASN A 650 4.05 28.18 40.46
N PRO A 651 2.96 28.82 40.04
CA PRO A 651 2.92 29.35 38.68
C PRO A 651 3.81 30.57 38.55
N ASN A 652 4.80 30.49 37.65
CA ASN A 652 5.66 31.62 37.36
C ASN A 652 5.86 31.74 35.86
N TRP A 653 5.85 32.97 35.37
CA TRP A 653 6.14 33.31 33.98
C TRP A 653 7.64 33.62 33.86
N MET A 654 8.37 32.76 33.15
CA MET A 654 9.82 32.82 33.18
C MET A 654 10.40 33.77 32.13
N SER A 655 11.50 34.42 32.49
CA SER A 655 12.30 35.21 31.56
C SER A 655 13.67 34.60 31.31
N ALA A 656 14.18 33.79 32.22
CA ALA A 656 15.49 33.16 32.12
C ALA A 656 15.69 32.23 33.30
N VAL A 657 16.45 31.16 33.08
CA VAL A 657 16.77 30.22 34.14
C VAL A 657 18.27 29.95 34.13
N GLU A 658 18.74 29.34 35.22
CA GLU A 658 20.15 28.94 35.33
C GLU A 658 20.26 27.90 36.44
N ILE A 659 21.22 27.00 36.27
CA ILE A 659 21.53 25.96 37.24
C ILE A 659 22.67 26.48 38.10
N LEU A 660 22.47 26.50 39.41
CA LEU A 660 23.51 26.94 40.33
C LEU A 660 24.42 25.79 40.77
N ASP A 661 23.83 24.66 41.14
CA ASP A 661 24.57 23.46 41.48
C ASP A 661 23.62 22.28 41.32
N ASP A 662 24.07 21.09 41.67
CA ASP A 662 23.29 19.90 41.39
C ASP A 662 21.92 19.94 42.05
N ASP A 663 21.73 20.78 43.07
CA ASP A 663 20.49 20.83 43.82
C ASP A 663 19.74 22.16 43.77
N ASN A 664 20.41 23.28 43.49
CA ASN A 664 19.77 24.58 43.49
C ASN A 664 19.60 25.12 42.07
N PHE A 665 18.43 25.69 41.80
CA PHE A 665 18.10 26.19 40.47
C PHE A 665 17.55 27.61 40.56
N LEU A 666 18.08 28.49 39.72
CA LEU A 666 17.78 29.92 39.76
C LEU A 666 16.89 30.30 38.59
N GLY A 667 15.85 31.09 38.87
CA GLY A 667 14.93 31.52 37.84
C GLY A 667 14.57 32.99 38.00
N ALA A 668 14.17 33.59 36.88
CA ALA A 668 13.75 34.98 36.83
C ALA A 668 12.33 35.06 36.29
N GLU A 669 11.53 35.95 36.88
CA GLU A 669 10.11 36.06 36.56
C GLU A 669 9.85 37.33 35.79
N ASN A 670 8.78 37.32 35.01
CA ASN A 670 8.43 38.50 34.21
C ASN A 670 7.97 39.68 35.04
N ALA A 671 7.80 39.48 36.35
CA ALA A 671 7.43 40.53 37.28
C ALA A 671 8.62 41.16 37.96
N PHE A 672 9.82 40.98 37.40
CA PHE A 672 11.07 41.51 37.94
C PHE A 672 11.43 40.85 39.27
N ASN A 673 11.17 39.54 39.39
CA ASN A 673 11.47 38.77 40.58
C ASN A 673 12.43 37.62 40.28
N LEU A 674 13.24 37.27 41.29
CA LEU A 674 14.15 36.15 41.24
C LEU A 674 13.74 35.09 42.26
N PHE A 675 13.94 33.82 41.93
CA PHE A 675 13.66 32.74 42.88
C PHE A 675 14.59 31.55 42.66
N VAL A 676 14.79 30.78 43.72
CA VAL A 676 15.68 29.63 43.72
C VAL A 676 14.89 28.42 44.22
N CYS A 677 14.86 27.37 43.42
CA CYS A 677 14.22 26.11 43.76
C CYS A 677 15.28 25.06 44.08
N GLN A 678 14.96 24.15 44.98
CA GLN A 678 15.86 23.06 45.33
C GLN A 678 15.10 21.74 45.40
N LYS A 679 15.83 20.65 45.12
CA LYS A 679 15.30 19.31 45.36
C LYS A 679 15.08 19.14 46.86
N ASP A 680 14.03 18.41 47.22
CA ASP A 680 13.76 18.30 48.65
C ASP A 680 14.89 17.58 49.36
N SER A 681 15.63 16.75 48.63
CA SER A 681 16.79 16.02 49.13
C SER A 681 16.49 15.16 50.36
N ALA A 682 15.22 14.96 50.70
CA ALA A 682 14.80 14.12 51.83
C ALA A 682 13.66 13.25 51.30
N ALA A 683 14.01 12.24 50.49
CA ALA A 683 12.99 11.45 49.80
C ALA A 683 12.47 10.33 50.70
N THR A 684 11.62 10.71 51.65
CA THR A 684 10.87 9.73 52.40
C THR A 684 9.82 9.07 51.50
N THR A 685 9.11 9.90 50.74
CA THR A 685 8.12 9.50 49.76
C THR A 685 8.55 9.99 48.37
N ASP A 686 8.02 9.32 47.33
CA ASP A 686 8.32 9.77 45.97
C ASP A 686 7.83 11.19 45.74
N GLU A 687 6.67 11.53 46.33
CA GLU A 687 6.05 12.83 46.10
C GLU A 687 6.93 13.97 46.58
N GLU A 688 7.63 13.77 47.70
CA GLU A 688 8.48 14.80 48.24
C GLU A 688 9.66 15.10 47.33
N ARG A 689 10.29 14.05 46.79
CA ARG A 689 11.38 14.24 45.85
C ARG A 689 10.89 14.93 44.58
N GLN A 690 9.73 14.53 44.08
CA GLN A 690 9.19 15.07 42.84
C GLN A 690 8.77 16.53 43.00
N HIS A 691 8.73 17.06 44.21
CA HIS A 691 8.41 18.45 44.46
C HIS A 691 9.69 19.28 44.58
N LEU A 692 9.72 20.41 43.88
CA LEU A 692 10.80 21.39 43.99
C LEU A 692 10.30 22.54 44.84
N GLN A 693 10.95 22.78 45.99
CA GLN A 693 10.50 23.83 46.91
C GLN A 693 11.23 25.13 46.59
N GLU A 694 10.49 26.22 46.45
CA GLU A 694 11.09 27.54 46.26
C GLU A 694 11.66 27.98 47.61
N VAL A 695 12.98 28.05 47.72
CA VAL A 695 13.64 28.41 48.97
C VAL A 695 14.18 29.82 48.98
N GLY A 696 14.29 30.46 47.84
CA GLY A 696 14.71 31.85 47.78
C GLY A 696 13.74 32.70 47.01
N LEU A 697 13.47 33.89 47.54
CA LEU A 697 12.61 34.86 46.86
C LEU A 697 13.25 36.24 46.95
N PHE A 698 13.27 36.97 45.83
CA PHE A 698 13.95 38.26 45.80
C PHE A 698 13.37 39.09 44.66
N HIS A 699 13.01 40.35 44.97
CA HIS A 699 12.55 41.29 43.95
C HIS A 699 13.77 42.05 43.42
N LEU A 700 14.20 41.71 42.21
CA LEU A 700 15.37 42.37 41.65
C LEU A 700 15.02 43.79 41.23
N GLY A 701 13.88 43.97 40.58
CA GLY A 701 13.51 45.24 39.99
C GLY A 701 13.85 45.35 38.52
N GLU A 702 14.56 44.36 37.99
CA GLU A 702 14.98 44.29 36.60
C GLU A 702 14.46 43.03 35.92
N PHE A 703 14.38 43.08 34.60
CA PHE A 703 13.91 41.98 33.77
C PHE A 703 15.15 41.25 33.25
N VAL A 704 15.35 40.01 33.68
CA VAL A 704 16.56 39.27 33.35
C VAL A 704 16.34 38.49 32.05
N ASN A 705 17.10 38.83 31.01
CA ASN A 705 16.99 38.10 29.75
C ASN A 705 17.93 36.88 29.70
N VAL A 706 19.13 37.01 30.27
CA VAL A 706 20.16 35.99 30.09
C VAL A 706 20.90 35.79 31.40
N PHE A 707 21.02 34.53 31.81
CA PHE A 707 21.92 34.11 32.88
C PHE A 707 23.13 33.44 32.22
N CYS A 708 24.32 33.76 32.71
CA CYS A 708 25.55 33.26 32.10
C CYS A 708 26.59 33.01 33.19
N HIS A 709 27.12 31.78 33.22
CA HIS A 709 28.18 31.46 34.16
C HIS A 709 29.47 32.18 33.75
N GLY A 710 30.15 32.77 34.71
CA GLY A 710 31.43 33.41 34.45
C GLY A 710 31.66 34.58 35.38
N SER A 711 32.87 35.13 35.29
CA SER A 711 33.22 36.32 36.05
C SER A 711 34.15 37.22 35.26
N LEU A 712 33.93 38.53 35.41
CA LEU A 712 34.75 39.56 34.78
C LEU A 712 36.02 39.87 35.58
N VAL A 713 36.13 39.37 36.81
CA VAL A 713 37.26 39.74 37.66
C VAL A 713 38.53 39.10 37.14
N MET A 714 39.62 39.86 37.12
CA MET A 714 40.92 39.39 36.63
C MET A 714 41.61 38.52 37.68
N GLN A 715 41.36 37.21 37.65
CA GLN A 715 42.07 36.28 38.51
C GLN A 715 42.76 35.21 37.68
N ASN A 716 44.09 35.20 37.68
CA ASN A 716 44.87 34.13 37.07
C ASN A 716 45.73 33.51 38.15
N LEU A 717 45.67 32.18 38.26
CA LEU A 717 46.46 31.43 39.25
C LEU A 717 46.41 32.04 40.64
N GLY A 718 45.30 32.71 40.98
CA GLY A 718 45.16 33.24 42.32
C GLY A 718 43.77 33.05 42.90
N GLU A 719 43.70 32.56 44.14
CA GLU A 719 42.43 32.28 44.81
C GLU A 719 42.54 32.90 46.19
N THR A 720 41.63 33.82 46.51
CA THR A 720 41.59 34.45 47.83
C THR A 720 40.52 33.81 48.72
N SER A 721 39.90 32.73 48.23
CA SER A 721 38.81 32.04 48.91
C SER A 721 37.81 33.06 49.46
N THR A 722 37.22 33.83 48.53
CA THR A 722 36.17 34.77 48.90
C THR A 722 35.06 33.96 49.57
N PRO A 723 34.34 34.55 50.53
CA PRO A 723 33.24 33.79 51.14
C PRO A 723 32.22 33.28 50.14
N THR A 724 32.00 34.04 49.07
CA THR A 724 31.04 33.68 48.04
C THR A 724 31.59 32.55 47.18
N GLN A 725 30.73 31.62 46.80
CA GLN A 725 31.14 30.52 45.93
C GLN A 725 30.22 30.42 44.72
N GLY A 726 30.84 30.34 43.53
CA GLY A 726 30.13 30.34 42.27
C GLY A 726 30.01 31.73 41.67
N SER A 727 29.65 31.78 40.39
CA SER A 727 29.53 33.06 39.72
C SER A 727 28.58 32.95 38.53
N VAL A 728 27.42 33.62 38.64
CA VAL A 728 26.46 33.74 37.55
C VAL A 728 26.26 35.22 37.27
N LEU A 729 26.51 35.62 36.03
CA LEU A 729 26.22 36.97 35.56
C LEU A 729 24.86 36.99 34.86
N PHE A 730 24.21 38.15 34.88
CA PHE A 730 22.94 38.25 34.16
C PHE A 730 22.75 39.64 33.57
N GLY A 731 22.10 39.67 32.40
CA GLY A 731 21.75 40.90 31.73
C GLY A 731 20.27 41.23 31.91
N THR A 732 19.95 42.52 31.78
CA THR A 732 18.61 43.01 32.02
C THR A 732 18.17 43.90 30.86
N VAL A 733 16.86 44.21 30.84
CA VAL A 733 16.34 45.05 29.77
C VAL A 733 16.85 46.47 29.92
N ASN A 734 17.03 46.94 31.15
CA ASN A 734 17.47 48.31 31.38
C ASN A 734 18.99 48.45 31.30
N GLY A 735 19.71 47.38 30.96
CA GLY A 735 21.16 47.41 30.86
C GLY A 735 21.92 47.05 32.12
N MET A 736 21.25 46.92 33.25
CA MET A 736 21.90 46.48 34.48
C MET A 736 22.51 45.11 34.28
N ILE A 737 23.76 44.95 34.71
CA ILE A 737 24.44 43.66 34.74
C ILE A 737 24.65 43.30 36.21
N GLY A 738 24.14 42.13 36.61
CA GLY A 738 24.21 41.69 37.98
C GLY A 738 24.93 40.36 38.11
N LEU A 739 25.11 39.94 39.36
CA LEU A 739 25.86 38.74 39.66
C LEU A 739 25.22 38.04 40.85
N VAL A 740 25.02 36.73 40.72
CA VAL A 740 24.45 35.88 41.78
C VAL A 740 25.53 34.90 42.20
N THR A 741 25.69 34.74 43.51
CA THR A 741 26.67 33.79 44.06
C THR A 741 26.12 33.20 45.36
N SER A 742 26.69 32.06 45.75
CA SER A 742 26.22 31.32 46.92
C SER A 742 27.04 31.60 48.17
N LEU A 743 26.41 31.37 49.31
CA LEU A 743 27.00 31.57 50.62
C LEU A 743 26.88 30.31 51.46
N SER A 744 27.71 30.21 52.50
CA SER A 744 27.50 29.22 53.54
C SER A 744 26.44 29.73 54.53
N GLU A 745 25.81 28.80 55.24
CA GLU A 745 24.79 29.20 56.20
C GLU A 745 25.33 30.25 57.16
N SER A 746 26.56 30.05 57.64
CA SER A 746 27.18 30.99 58.55
C SER A 746 27.29 32.38 57.95
N TRP A 747 27.73 32.46 56.69
CA TRP A 747 27.98 33.76 56.09
C TRP A 747 26.69 34.49 55.80
N TYR A 748 25.67 33.76 55.35
CA TYR A 748 24.35 34.36 55.16
C TYR A 748 23.84 34.99 56.46
N ASN A 749 23.82 34.22 57.54
CA ASN A 749 23.24 34.73 58.78
C ASN A 749 23.95 36.00 59.20
N LEU A 750 25.27 36.03 59.10
CA LEU A 750 26.00 37.25 59.40
C LEU A 750 25.54 38.40 58.52
N LEU A 751 25.51 38.20 57.21
CA LEU A 751 25.17 39.29 56.31
C LEU A 751 23.70 39.68 56.45
N LEU A 752 22.82 38.69 56.69
CA LEU A 752 21.40 39.00 56.88
C LEU A 752 21.19 39.82 58.16
N ASP A 753 21.77 39.38 59.27
CA ASP A 753 21.66 40.12 60.52
C ASP A 753 22.18 41.54 60.33
N MET A 754 23.24 41.69 59.53
CA MET A 754 23.78 43.02 59.27
C MET A 754 22.83 43.87 58.43
N GLN A 755 22.14 43.26 57.46
CA GLN A 755 21.17 44.04 56.68
C GLN A 755 20.13 44.66 57.61
N ASN A 756 19.55 43.85 58.50
CA ASN A 756 18.52 44.36 59.40
C ASN A 756 19.05 45.52 60.22
N ARG A 757 20.34 45.47 60.55
CA ARG A 757 20.97 46.56 61.29
C ARG A 757 21.20 47.76 60.39
N LEU A 758 21.63 47.52 59.15
CA LEU A 758 21.84 48.62 58.22
C LEU A 758 20.52 49.33 57.88
N ASN A 759 19.43 48.57 57.74
CA ASN A 759 18.17 49.20 57.35
C ASN A 759 17.64 50.13 58.43
N LYS A 760 17.92 49.84 59.69
CA LYS A 760 17.54 50.76 60.76
C LYS A 760 18.39 52.01 60.74
N VAL A 761 19.61 51.92 60.20
CA VAL A 761 20.56 53.03 60.22
C VAL A 761 20.47 53.88 58.97
N ILE A 762 20.31 53.27 57.80
CA ILE A 762 20.44 54.00 56.54
C ILE A 762 19.10 54.67 56.20
N LYS A 763 19.17 55.94 55.81
CA LYS A 763 17.99 56.73 55.51
C LYS A 763 17.63 56.55 54.04
N SER A 764 16.40 56.14 53.79
CA SER A 764 15.94 55.87 52.42
C SER A 764 15.31 57.11 51.81
N VAL A 765 15.55 57.30 50.51
CA VAL A 765 14.89 58.38 49.78
C VAL A 765 13.41 58.04 49.69
N GLY A 766 12.57 59.01 50.04
CA GLY A 766 11.15 58.74 50.07
C GLY A 766 10.70 57.93 51.25
N LYS A 767 11.61 57.57 52.16
CA LYS A 767 11.29 56.77 53.33
C LYS A 767 10.62 55.46 52.93
N ILE A 768 11.22 54.78 51.95
CA ILE A 768 10.74 53.49 51.48
C ILE A 768 11.44 52.39 52.27
N GLU A 769 10.66 51.52 52.92
CA GLU A 769 11.23 50.40 53.66
C GLU A 769 11.95 49.44 52.71
N HIS A 770 13.21 49.13 53.06
CA HIS A 770 14.00 48.21 52.24
C HIS A 770 13.33 46.84 52.18
N SER A 771 12.83 46.36 53.32
CA SER A 771 12.17 45.06 53.35
C SER A 771 10.98 45.01 52.39
N PHE A 772 10.22 46.11 52.29
CA PHE A 772 9.11 46.17 51.34
C PHE A 772 9.62 46.08 49.90
N TRP A 773 10.66 46.85 49.58
CA TRP A 773 11.19 46.91 48.23
C TRP A 773 11.57 45.54 47.71
N ARG A 774 12.30 44.75 48.50
CA ARG A 774 12.78 43.46 48.02
C ARG A 774 11.78 42.32 48.18
N SER A 775 10.59 42.57 48.71
CA SER A 775 9.61 41.50 48.82
C SER A 775 9.14 41.06 47.44
N PHE A 776 9.08 39.75 47.24
CA PHE A 776 8.60 39.15 46.00
C PHE A 776 7.22 39.69 45.67
N HIS A 777 7.03 40.26 44.48
CA HIS A 777 5.76 40.94 44.23
C HIS A 777 5.23 40.66 42.84
N THR A 778 4.04 40.07 42.80
CA THR A 778 3.17 39.95 41.65
C THR A 778 1.87 40.60 42.08
N GLU A 779 1.01 40.97 41.12
CA GLU A 779 -0.28 41.53 41.51
C GLU A 779 -0.98 40.67 42.55
N ARG A 780 -0.91 39.35 42.37
CA ARG A 780 -1.64 38.39 43.21
C ARG A 780 -0.89 38.02 44.48
N LYS A 781 0.43 37.96 44.47
CA LYS A 781 1.20 37.51 45.63
C LYS A 781 2.24 38.54 46.02
N THR A 782 2.36 38.83 47.32
CA THR A 782 3.45 39.63 47.87
C THR A 782 4.02 38.86 49.05
N GLU A 783 5.30 38.48 48.94
CA GLU A 783 5.97 37.69 49.95
C GLU A 783 7.24 38.36 50.43
N PRO A 784 7.61 38.16 51.68
CA PRO A 784 8.90 38.69 52.15
C PRO A 784 10.04 37.94 51.49
N ALA A 785 11.11 38.67 51.19
CA ALA A 785 12.27 38.07 50.57
C ALA A 785 12.88 37.01 51.48
N THR A 786 13.50 36.00 50.87
CA THR A 786 14.12 34.93 51.63
C THR A 786 15.27 34.33 50.84
N GLY A 787 16.34 33.98 51.55
CA GLY A 787 17.46 33.28 50.96
C GLY A 787 18.41 34.13 50.16
N PHE A 788 18.24 35.45 50.16
CA PHE A 788 19.02 36.34 49.31
C PHE A 788 19.55 37.51 50.13
N ILE A 789 20.82 37.84 49.93
CA ILE A 789 21.44 38.99 50.56
C ILE A 789 21.56 40.09 49.52
N ASP A 790 20.92 41.23 49.78
CA ASP A 790 21.01 42.37 48.87
C ASP A 790 22.43 42.94 48.96
N GLY A 791 23.33 42.43 48.12
CA GLY A 791 24.71 42.86 48.21
C GLY A 791 24.88 44.34 48.03
N ASP A 792 23.97 44.98 47.28
CA ASP A 792 24.05 46.42 47.11
C ASP A 792 23.78 47.14 48.43
N LEU A 793 23.01 46.52 49.32
CA LEU A 793 22.85 47.07 50.66
C LEU A 793 24.09 46.81 51.51
N ILE A 794 24.63 45.59 51.44
CA ILE A 794 25.83 45.26 52.20
C ILE A 794 27.00 46.16 51.78
N GLU A 795 27.16 46.39 50.47
CA GLU A 795 28.28 47.20 50.01
C GLU A 795 28.13 48.68 50.37
N SER A 796 26.95 49.11 50.83
CA SER A 796 26.77 50.50 51.25
C SER A 796 27.28 50.75 52.66
N PHE A 797 27.56 49.69 53.43
CA PHE A 797 28.19 49.87 54.74
C PHE A 797 29.46 50.69 54.63
N LEU A 798 30.23 50.50 53.56
CA LEU A 798 31.48 51.22 53.39
C LEU A 798 31.29 52.71 53.14
N ASP A 799 30.07 53.16 52.82
CA ASP A 799 29.83 54.55 52.51
C ASP A 799 29.12 55.32 53.62
N ILE A 800 28.68 54.64 54.68
CA ILE A 800 28.00 55.32 55.77
C ILE A 800 29.02 55.90 56.74
N SER A 801 28.64 56.97 57.42
CA SER A 801 29.59 57.67 58.28
C SER A 801 30.00 56.79 59.47
N ARG A 802 31.16 57.11 60.03
CA ARG A 802 31.70 56.31 61.13
C ARG A 802 30.73 56.15 62.30
N PRO A 803 30.06 57.20 62.78
CA PRO A 803 29.08 56.98 63.86
C PRO A 803 28.07 55.92 63.51
N LYS A 804 27.64 55.91 62.25
CA LYS A 804 26.66 54.94 61.80
C LYS A 804 27.27 53.54 61.71
N MET A 805 28.53 53.45 61.31
CA MET A 805 29.20 52.15 61.23
C MET A 805 29.24 51.48 62.59
N GLN A 806 29.64 52.24 63.61
CA GLN A 806 29.75 51.68 64.94
C GLN A 806 28.38 51.34 65.51
N GLU A 807 27.37 52.17 65.19
CA GLU A 807 26.01 51.87 65.60
C GLU A 807 25.54 50.55 65.02
N VAL A 808 25.96 50.25 63.80
CA VAL A 808 25.53 49.01 63.14
C VAL A 808 26.12 47.79 63.83
N VAL A 809 27.38 47.88 64.25
CA VAL A 809 28.08 46.70 64.75
C VAL A 809 27.82 46.43 66.23
N ALA A 810 27.10 47.32 66.91
CA ALA A 810 26.77 47.12 68.31
C ALA A 810 26.04 45.80 68.51
N ASN A 811 26.54 44.98 69.43
CA ASN A 811 25.88 43.74 69.82
C ASN A 811 25.78 42.73 68.68
N LEU A 812 26.72 42.77 67.72
CA LEU A 812 26.69 41.86 66.58
C LEU A 812 27.64 40.70 66.85
N GLN A 813 27.12 39.49 66.72
CA GLN A 813 27.86 38.26 67.00
C GLN A 813 27.95 37.35 65.77
N TYR A 814 29.09 36.69 65.62
CA TYR A 814 29.35 35.74 64.55
C TYR A 814 28.94 34.34 65.03
N ASP A 815 28.89 33.39 64.12
CA ASP A 815 28.53 32.02 64.49
C ASP A 815 29.24 31.01 63.60
N ASP A 816 29.15 29.74 64.02
CA ASP A 816 29.78 28.60 63.35
C ASP A 816 31.16 28.92 62.80
N GLY A 817 31.96 29.63 63.57
CA GLY A 817 33.29 30.03 63.16
C GLY A 817 34.35 29.36 64.01
N SER A 818 35.59 29.82 63.85
CA SER A 818 36.64 29.37 64.75
C SER A 818 36.22 29.64 66.20
N GLY A 819 35.63 30.80 66.44
CA GLY A 819 35.01 31.14 67.69
C GLY A 819 33.50 31.10 67.47
N MET A 820 32.79 30.36 68.33
CA MET A 820 31.36 30.19 68.11
C MET A 820 30.66 31.54 68.18
N LYS A 821 30.82 32.27 69.28
CA LYS A 821 30.34 33.65 69.37
C LYS A 821 31.52 34.61 69.37
N ARG A 822 31.49 35.58 68.45
CA ARG A 822 32.56 36.55 68.30
C ARG A 822 31.96 37.91 67.98
N GLU A 823 32.28 38.91 68.79
CA GLU A 823 31.78 40.25 68.57
C GLU A 823 32.45 40.91 67.37
N ALA A 824 31.69 41.75 66.68
CA ALA A 824 32.18 42.50 65.52
C ALA A 824 32.49 43.95 65.86
N THR A 825 33.57 44.47 65.29
CA THR A 825 33.91 45.89 65.35
C THR A 825 33.68 46.52 63.98
N ALA A 826 33.63 47.85 63.93
CA ALA A 826 33.48 48.53 62.65
C ALA A 826 34.64 48.23 61.69
N ASP A 827 35.84 48.09 62.23
CA ASP A 827 36.99 47.83 61.37
C ASP A 827 36.99 46.40 60.83
N ASP A 828 36.39 45.46 61.55
CA ASP A 828 36.34 44.09 61.06
C ASP A 828 35.43 44.00 59.83
N LEU A 829 34.26 44.67 59.90
CA LEU A 829 33.31 44.59 58.80
C LEU A 829 33.82 45.33 57.57
N ILE A 830 34.59 46.41 57.74
CA ILE A 830 35.09 47.14 56.59
C ILE A 830 35.97 46.25 55.72
N LYS A 831 36.80 45.42 56.35
CA LYS A 831 37.65 44.50 55.58
C LYS A 831 36.81 43.41 54.90
N VAL A 832 35.77 42.91 55.58
CA VAL A 832 34.95 41.87 54.98
C VAL A 832 34.22 42.43 53.76
N VAL A 833 33.59 43.60 53.91
CA VAL A 833 32.82 44.15 52.80
C VAL A 833 33.75 44.43 51.62
N GLU A 834 34.96 44.93 51.91
CA GLU A 834 35.90 45.18 50.82
C GLU A 834 36.23 43.91 50.06
N GLU A 835 36.35 42.78 50.76
CA GLU A 835 36.53 41.51 50.07
C GLU A 835 35.31 41.19 49.23
N LEU A 836 34.11 41.51 49.73
CA LEU A 836 32.90 41.22 48.98
C LEU A 836 32.77 42.11 47.76
N THR A 837 33.37 43.31 47.78
CA THR A 837 33.36 44.18 46.61
C THR A 837 34.36 43.73 45.54
N ARG A 838 35.14 42.69 45.81
CA ARG A 838 36.16 42.20 44.90
C ARG A 838 35.66 41.08 44.01
N ILE A 839 34.39 40.70 44.12
CA ILE A 839 33.85 39.68 43.23
C ILE A 839 33.37 40.29 41.93
N HIS A 840 33.38 41.62 41.82
CA HIS A 840 33.02 42.31 40.58
C HIS A 840 33.85 43.59 40.42
N THR B 7 -17.22 -5.42 30.72
CA THR B 7 -17.88 -4.25 30.13
C THR B 7 -17.20 -2.96 30.58
N GLU B 8 -17.71 -1.82 30.11
CA GLU B 8 -17.17 -0.53 30.51
C GLU B 8 -17.44 -0.24 31.99
N SER B 9 -18.38 -0.96 32.61
CA SER B 9 -18.78 -0.72 33.99
C SER B 9 -17.89 -1.43 35.01
N ASP B 10 -17.05 -2.38 34.57
CA ASP B 10 -16.18 -3.14 35.47
C ASP B 10 -14.91 -2.34 35.77
N TRP B 11 -15.05 -1.39 36.68
CA TRP B 11 -13.92 -0.58 37.13
C TRP B 11 -13.05 -1.37 38.11
N GLY B 12 -11.82 -0.90 38.27
CA GLY B 12 -10.90 -1.48 39.23
C GLY B 12 -10.13 -2.70 38.78
N LYS B 13 -10.31 -3.16 37.56
CA LYS B 13 -9.60 -4.33 37.04
C LYS B 13 -8.62 -4.01 35.91
N ARG B 14 -8.94 -3.05 35.05
CA ARG B 14 -8.00 -2.69 34.00
C ARG B 14 -6.71 -2.18 34.62
N CYS B 15 -5.59 -2.39 33.93
CA CYS B 15 -4.31 -2.01 34.48
C CYS B 15 -3.90 -0.65 33.97
N VAL B 16 -2.99 -0.01 34.72
CA VAL B 16 -2.45 1.28 34.29
C VAL B 16 -1.44 1.11 33.18
N ASP B 17 -1.14 -0.14 32.80
CA ASP B 17 -0.28 -0.37 31.65
C ASP B 17 -0.88 0.22 30.39
N LYS B 18 -2.19 0.45 30.40
CA LYS B 18 -2.91 0.94 29.24
C LYS B 18 -2.69 2.42 28.99
N PHE B 19 -1.94 3.11 29.86
CA PHE B 19 -1.66 4.52 29.72
C PHE B 19 -0.16 4.77 29.68
N ASP B 20 0.30 5.49 28.66
CA ASP B 20 1.67 6.02 28.65
C ASP B 20 1.69 7.26 29.51
N ILE B 21 2.51 7.25 30.56
CA ILE B 21 2.58 8.39 31.47
C ILE B 21 3.43 9.48 30.85
N ILE B 22 2.89 10.70 30.80
CA ILE B 22 3.58 11.83 30.17
C ILE B 22 4.29 12.71 31.18
N GLY B 23 3.64 13.08 32.27
CA GLY B 23 4.25 14.01 33.20
C GLY B 23 3.47 14.09 34.49
N ILE B 24 4.01 14.86 35.43
CA ILE B 24 3.41 15.08 36.73
C ILE B 24 2.66 16.41 36.66
N ILE B 25 1.34 16.35 36.45
CA ILE B 25 0.57 17.60 36.29
C ILE B 25 0.36 18.28 37.65
N GLY B 26 0.16 17.52 38.72
CA GLY B 26 -0.08 18.17 39.99
C GLY B 26 0.09 17.28 41.20
N GLU B 27 0.08 17.93 42.38
CA GLU B 27 0.08 17.24 43.66
C GLU B 27 -1.33 17.23 44.25
N GLY B 28 -1.76 16.07 44.74
CA GLY B 28 -3.08 15.90 45.30
C GLY B 28 -2.99 15.47 46.76
N THR B 29 -4.15 15.39 47.39
CA THR B 29 -4.18 15.02 48.81
C THR B 29 -3.86 13.54 49.00
N TYR B 30 -4.44 12.67 48.16
CA TYR B 30 -4.21 11.25 48.35
C TYR B 30 -3.04 10.70 47.53
N GLY B 31 -2.53 11.49 46.59
CA GLY B 31 -1.38 11.09 45.81
C GLY B 31 -1.08 12.18 44.80
N GLN B 32 -0.11 11.93 43.94
CA GLN B 32 0.20 12.91 42.92
C GLN B 32 -0.58 12.62 41.65
N VAL B 33 -0.89 13.68 40.90
CA VAL B 33 -1.66 13.62 39.67
C VAL B 33 -0.72 13.62 38.48
N TYR B 34 -1.00 12.75 37.52
CA TYR B 34 -0.17 12.57 36.33
C TYR B 34 -1.00 12.76 35.07
N LYS B 35 -0.36 13.30 34.02
CA LYS B 35 -0.97 13.34 32.69
C LYS B 35 -0.52 12.09 31.95
N ALA B 36 -1.44 11.42 31.28
CA ALA B 36 -1.11 10.20 30.54
C ALA B 36 -1.91 10.20 29.24
N LYS B 37 -1.52 9.30 28.33
CA LYS B 37 -2.18 9.12 27.04
C LYS B 37 -2.65 7.68 26.99
N ASP B 38 -3.91 7.47 26.63
CA ASP B 38 -4.45 6.12 26.49
C ASP B 38 -3.79 5.43 25.31
N LYS B 39 -3.18 4.27 25.53
CA LYS B 39 -2.48 3.61 24.44
C LYS B 39 -3.44 3.19 23.32
N ASP B 40 -4.67 2.81 23.68
CA ASP B 40 -5.59 2.26 22.67
C ASP B 40 -6.28 3.35 21.85
N THR B 41 -6.68 4.45 22.49
CA THR B 41 -7.45 5.51 21.84
C THR B 41 -6.66 6.78 21.55
N GLY B 42 -5.57 7.04 22.27
CA GLY B 42 -4.81 8.24 22.08
C GLY B 42 -5.31 9.44 22.84
N GLU B 43 -6.51 9.37 23.40
CA GLU B 43 -7.06 10.49 24.17
C GLU B 43 -6.23 10.73 25.43
N LEU B 44 -6.01 12.00 25.75
CA LEU B 44 -5.23 12.38 26.91
C LEU B 44 -6.12 12.38 28.14
N VAL B 45 -5.63 11.80 29.24
CA VAL B 45 -6.38 11.68 30.47
C VAL B 45 -5.53 12.25 31.61
N ALA B 46 -6.14 12.35 32.78
CA ALA B 46 -5.46 12.77 34.00
C ALA B 46 -5.65 11.66 35.02
N LEU B 47 -4.56 11.25 35.67
CA LEU B 47 -4.56 10.09 36.56
C LEU B 47 -4.20 10.54 37.97
N LYS B 48 -5.13 10.34 38.90
CA LYS B 48 -4.92 10.60 40.32
C LYS B 48 -4.54 9.28 41.01
N LYS B 49 -3.38 9.26 41.67
CA LYS B 49 -2.87 8.04 42.28
C LYS B 49 -3.45 7.99 43.69
N VAL B 50 -4.27 6.99 43.97
CA VAL B 50 -4.80 6.75 45.31
C VAL B 50 -3.92 5.70 45.96
N ARG B 51 -3.28 6.06 47.05
CA ARG B 51 -2.40 5.15 47.76
C ARG B 51 -3.12 4.68 49.02
N LEU B 52 -3.38 3.38 49.07
CA LEU B 52 -3.91 2.74 50.27
C LEU B 52 -2.80 2.05 51.05
N ASP B 53 -1.54 2.22 50.65
CA ASP B 53 -0.46 1.53 51.35
C ASP B 53 -0.27 2.10 52.76
N ASN B 54 -0.43 3.42 52.96
CA ASN B 54 -0.29 3.95 54.32
C ASN B 54 -1.23 3.20 55.25
N GLU B 55 -2.45 2.93 54.79
CA GLU B 55 -3.37 2.06 55.51
C GLU B 55 -3.60 2.52 56.95
N LYS B 56 -3.43 3.82 57.20
CA LYS B 56 -3.84 4.36 58.48
C LYS B 56 -5.34 4.15 58.68
N GLU B 57 -6.12 4.49 57.66
CA GLU B 57 -7.57 4.23 57.64
C GLU B 57 -8.00 3.64 56.29
N GLY B 58 -7.12 2.93 55.60
CA GLY B 58 -7.52 2.25 54.38
C GLY B 58 -7.63 3.20 53.21
N PHE B 59 -8.58 2.89 52.32
CA PHE B 59 -8.83 3.73 51.16
C PHE B 59 -9.21 5.14 51.65
N PRO B 60 -8.60 6.20 51.10
CA PRO B 60 -8.92 7.55 51.60
C PRO B 60 -10.39 7.89 51.39
N ILE B 61 -10.98 8.54 52.40
CA ILE B 61 -12.37 8.96 52.27
C ILE B 61 -12.52 10.04 51.20
N THR B 62 -11.53 10.94 51.10
CA THR B 62 -11.60 11.99 50.08
C THR B 62 -11.73 11.40 48.68
N ALA B 63 -11.03 10.30 48.41
CA ALA B 63 -11.19 9.64 47.13
C ALA B 63 -12.56 8.98 47.03
N ILE B 64 -13.05 8.42 48.13
CA ILE B 64 -14.37 7.80 48.11
C ILE B 64 -15.45 8.82 47.77
N ARG B 65 -15.33 10.02 48.35
CA ARG B 65 -16.29 11.07 48.04
C ARG B 65 -16.26 11.40 46.55
N GLU B 66 -15.04 11.52 46.00
CA GLU B 66 -14.89 11.88 44.60
C GLU B 66 -15.37 10.76 43.68
N ILE B 67 -15.22 9.50 44.10
CA ILE B 67 -15.70 8.39 43.29
C ILE B 67 -17.21 8.25 43.37
N LYS B 68 -17.77 8.47 44.56
CA LYS B 68 -19.22 8.32 44.74
C LYS B 68 -19.99 9.45 44.06
N ILE B 69 -19.50 10.68 44.18
CA ILE B 69 -20.22 11.84 43.70
C ILE B 69 -20.05 12.01 42.19
N LEU B 70 -18.81 11.89 41.70
CA LEU B 70 -18.57 12.13 40.27
C LEU B 70 -19.15 11.04 39.36
N ARG B 71 -19.36 9.82 39.85
CA ARG B 71 -20.07 8.83 39.04
C ARG B 71 -21.58 9.06 39.02
N GLN B 72 -22.09 9.85 39.98
CA GLN B 72 -23.50 10.20 40.01
C GLN B 72 -23.80 11.48 39.23
N LEU B 73 -22.83 12.37 39.14
CA LEU B 73 -23.03 13.70 38.57
C LEU B 73 -22.40 13.72 37.17
N ILE B 74 -23.22 13.99 36.16
CA ILE B 74 -22.79 14.08 34.78
C ILE B 74 -23.28 15.42 34.25
N HIS B 75 -22.36 16.37 34.06
CA HIS B 75 -22.70 17.68 33.53
C HIS B 75 -21.54 18.20 32.70
N ARG B 76 -21.86 19.03 31.71
CA ARG B 76 -20.82 19.55 30.83
C ARG B 76 -19.77 20.33 31.59
N SER B 77 -20.13 20.86 32.75
CA SER B 77 -19.28 21.73 33.54
C SER B 77 -18.76 21.07 34.80
N VAL B 78 -18.85 19.74 34.89
CA VAL B 78 -18.27 18.97 35.99
C VAL B 78 -17.38 17.88 35.39
N VAL B 79 -16.17 17.73 35.93
CA VAL B 79 -15.20 16.82 35.33
C VAL B 79 -15.74 15.40 35.29
N ASN B 80 -15.41 14.67 34.22
CA ASN B 80 -15.87 13.31 34.01
C ASN B 80 -14.79 12.36 34.51
N MET B 81 -15.13 11.53 35.49
CA MET B 81 -14.27 10.41 35.89
C MET B 81 -14.52 9.26 34.92
N LYS B 82 -13.52 8.90 34.12
CA LYS B 82 -13.77 7.90 33.10
C LYS B 82 -13.73 6.49 33.67
N GLU B 83 -12.74 6.18 34.49
CA GLU B 83 -12.62 4.83 35.06
C GLU B 83 -11.61 4.84 36.20
N ILE B 84 -11.43 3.67 36.80
CA ILE B 84 -10.43 3.42 37.84
C ILE B 84 -9.60 2.23 37.41
N VAL B 85 -8.27 2.36 37.49
CA VAL B 85 -7.34 1.31 37.07
C VAL B 85 -6.39 0.98 38.22
N THR B 86 -5.85 -0.24 38.17
CA THR B 86 -4.99 -0.73 39.24
C THR B 86 -3.54 -0.77 38.76
N ASP B 87 -2.62 -0.71 39.71
CA ASP B 87 -1.21 -0.64 39.38
C ASP B 87 -0.71 -1.91 38.72
N LYS B 88 -1.05 -3.08 39.27
CA LYS B 88 -0.57 -4.34 38.74
C LYS B 88 -1.11 -5.50 39.58
N GLN B 89 -1.59 -6.54 38.91
CA GLN B 89 -2.15 -7.71 39.57
C GLN B 89 -1.11 -8.79 39.84
N ASP B 90 0.18 -8.46 39.75
CA ASP B 90 1.26 -9.45 39.84
C ASP B 90 1.36 -10.09 41.22
N ALA B 91 1.11 -9.32 42.30
CA ALA B 91 1.34 -9.85 43.65
C ALA B 91 0.71 -11.23 43.84
N LEU B 92 -0.53 -11.41 43.40
CA LEU B 92 -1.25 -12.67 43.40
C LEU B 92 -1.82 -13.02 44.80
N ASP B 93 -1.37 -12.36 45.88
CA ASP B 93 -1.91 -12.49 47.22
C ASP B 93 -2.46 -11.15 47.69
N PHE B 94 -3.62 -11.17 48.36
CA PHE B 94 -4.25 -9.89 48.70
C PHE B 94 -3.42 -9.06 49.70
N LYS B 95 -2.85 -9.70 50.72
CA LYS B 95 -2.07 -8.93 51.70
C LYS B 95 -0.79 -8.39 51.07
N LYS B 96 -0.15 -9.19 50.21
CA LYS B 96 1.09 -8.77 49.55
C LYS B 96 0.85 -7.61 48.61
N ASP B 97 -0.32 -7.55 47.98
CA ASP B 97 -0.62 -6.49 47.03
C ASP B 97 -0.73 -5.17 47.79
N LYS B 98 0.07 -4.18 47.37
CA LYS B 98 -0.02 -2.82 47.88
C LYS B 98 -0.29 -1.86 46.75
N GLY B 99 -0.54 -2.38 45.55
CA GLY B 99 -0.65 -1.57 44.37
C GLY B 99 -1.65 -0.47 44.55
N ALA B 100 -1.34 0.68 43.98
CA ALA B 100 -2.25 1.81 44.12
C ALA B 100 -3.34 1.72 43.06
N PHE B 101 -4.36 2.54 43.23
CA PHE B 101 -5.45 2.68 42.28
C PHE B 101 -5.32 4.06 41.65
N TYR B 102 -5.78 4.20 40.42
CA TYR B 102 -5.71 5.46 39.72
C TYR B 102 -7.12 5.85 39.28
N LEU B 103 -7.49 7.10 39.55
CA LEU B 103 -8.77 7.65 39.11
C LEU B 103 -8.55 8.39 37.79
N VAL B 104 -9.19 7.93 36.73
CA VAL B 104 -9.02 8.49 35.39
C VAL B 104 -9.99 9.62 35.18
N PHE B 105 -9.49 10.76 34.69
CA PHE B 105 -10.31 11.90 34.34
C PHE B 105 -9.92 12.41 32.97
N GLU B 106 -10.84 13.13 32.34
CA GLU B 106 -10.52 13.84 31.11
C GLU B 106 -9.53 14.95 31.40
N TYR B 107 -8.44 15.01 30.62
CA TYR B 107 -7.41 16.00 30.88
C TYR B 107 -7.89 17.40 30.49
N MET B 108 -7.53 18.40 31.28
CA MET B 108 -7.86 19.80 31.01
C MET B 108 -6.57 20.58 30.83
N ASP B 109 -6.55 21.44 29.81
CA ASP B 109 -5.29 22.07 29.42
C ASP B 109 -4.79 23.05 30.48
N HIS B 110 -5.68 23.85 31.06
CA HIS B 110 -5.28 24.90 31.99
C HIS B 110 -6.21 24.98 33.19
N ASP B 111 -5.71 25.64 34.24
CA ASP B 111 -6.49 25.95 35.44
C ASP B 111 -6.56 27.46 35.62
N LEU B 112 -7.68 27.92 36.20
CA LEU B 112 -7.94 29.36 36.25
C LEU B 112 -6.83 30.11 36.96
N MET B 113 -6.34 29.57 38.07
CA MET B 113 -5.28 30.24 38.82
C MET B 113 -4.04 30.38 37.96
N GLY B 114 -3.64 29.30 37.28
CA GLY B 114 -2.44 29.36 36.46
C GLY B 114 -2.48 30.44 35.41
N LEU B 115 -3.63 30.59 34.75
CA LEU B 115 -3.76 31.60 33.70
C LEU B 115 -3.63 33.01 34.27
N LEU B 116 -4.28 33.26 35.40
CA LEU B 116 -4.25 34.59 36.01
C LEU B 116 -2.88 34.88 36.61
N GLU B 117 -2.28 33.89 37.27
CA GLU B 117 -1.03 34.11 37.99
C GLU B 117 0.07 34.55 37.03
N SER B 118 0.15 33.90 35.87
CA SER B 118 1.09 34.33 34.84
C SER B 118 0.70 35.69 34.27
N GLY B 119 -0.57 36.04 34.32
CA GLY B 119 -1.04 37.33 33.82
C GLY B 119 -1.04 37.48 32.33
N LEU B 120 -0.70 36.43 31.59
CA LEU B 120 -0.69 36.50 30.15
C LEU B 120 -2.09 36.74 29.58
N VAL B 121 -3.11 36.26 30.26
CA VAL B 121 -4.46 36.28 29.76
C VAL B 121 -5.25 37.44 30.34
N HIS B 122 -5.85 38.22 29.46
CA HIS B 122 -6.76 39.31 29.80
C HIS B 122 -8.15 38.89 29.32
N PHE B 123 -9.09 38.80 30.25
CA PHE B 123 -10.42 38.29 29.96
C PHE B 123 -11.40 39.43 29.73
N SER B 124 -12.07 39.41 28.58
CA SER B 124 -13.09 40.37 28.25
C SER B 124 -14.38 40.05 29.00
N GLU B 125 -15.30 41.01 29.02
CA GLU B 125 -16.60 40.76 29.62
C GLU B 125 -17.27 39.53 29.00
N ASP B 126 -17.25 39.45 27.66
CA ASP B 126 -17.88 38.32 26.99
C ASP B 126 -17.25 37.00 27.41
N HIS B 127 -15.93 36.97 27.59
CA HIS B 127 -15.31 35.76 28.11
C HIS B 127 -15.85 35.47 29.51
N ILE B 128 -15.91 36.50 30.36
CA ILE B 128 -16.35 36.30 31.74
C ILE B 128 -17.79 35.80 31.76
N LYS B 129 -18.64 36.32 30.87
CA LYS B 129 -20.00 35.81 30.79
C LYS B 129 -19.99 34.32 30.48
N SER B 130 -19.22 33.92 29.46
CA SER B 130 -19.16 32.51 29.07
C SER B 130 -18.62 31.67 30.22
N PHE B 131 -17.62 32.19 30.93
CA PHE B 131 -16.99 31.45 32.01
C PHE B 131 -17.94 31.28 33.19
N MET B 132 -18.56 32.38 33.63
CA MET B 132 -19.38 32.32 34.83
C MET B 132 -20.67 31.55 34.59
N LYS B 133 -21.25 31.65 33.38
CA LYS B 133 -22.46 30.90 33.12
C LYS B 133 -22.20 29.41 33.22
N GLN B 134 -21.04 28.96 32.74
CA GLN B 134 -20.70 27.54 32.81
C GLN B 134 -20.54 27.09 34.25
N LEU B 135 -19.81 27.86 35.06
CA LEU B 135 -19.59 27.48 36.44
C LEU B 135 -20.90 27.41 37.21
N MET B 136 -21.75 28.43 37.06
CA MET B 136 -23.01 28.44 37.80
C MET B 136 -23.96 27.37 37.28
N GLU B 137 -23.96 27.12 35.97
CA GLU B 137 -24.77 26.01 35.47
C GLU B 137 -24.32 24.67 36.06
N GLY B 138 -23.01 24.49 36.21
CA GLY B 138 -22.53 23.27 36.85
C GLY B 138 -22.89 23.21 38.32
N LEU B 139 -22.70 24.32 39.03
CA LEU B 139 -23.03 24.35 40.45
C LEU B 139 -24.52 24.15 40.66
N GLU B 140 -25.35 24.69 39.76
CA GLU B 140 -26.78 24.45 39.79
C GLU B 140 -27.09 22.97 39.70
N TYR B 141 -26.40 22.25 38.80
CA TYR B 141 -26.62 20.82 38.67
C TYR B 141 -26.28 20.11 39.98
N CYS B 142 -25.16 20.48 40.59
CA CYS B 142 -24.76 19.86 41.84
C CYS B 142 -25.69 20.29 42.98
N HIS B 143 -25.97 21.59 43.07
CA HIS B 143 -26.83 22.07 44.14
C HIS B 143 -28.25 21.50 44.01
N LYS B 144 -28.71 21.26 42.79
CA LYS B 144 -30.05 20.66 42.62
C LYS B 144 -30.06 19.21 43.07
N LYS B 145 -28.98 18.48 42.81
CA LYS B 145 -28.76 17.11 43.27
C LYS B 145 -28.33 17.05 44.75
N ASN B 146 -28.38 18.19 45.45
CA ASN B 146 -28.13 18.29 46.91
C ASN B 146 -26.72 17.88 47.33
N PHE B 147 -25.72 18.36 46.60
CA PHE B 147 -24.31 18.20 46.96
C PHE B 147 -23.68 19.58 47.13
N LEU B 148 -22.72 19.70 48.05
CA LEU B 148 -22.01 20.96 48.28
C LEU B 148 -20.53 20.78 47.96
N HIS B 149 -19.96 21.68 47.15
CA HIS B 149 -18.55 21.53 46.79
C HIS B 149 -17.66 21.71 48.02
N ARG B 150 -17.78 22.84 48.71
CA ARG B 150 -17.09 23.13 49.97
C ARG B 150 -15.61 23.44 49.77
N ASP B 151 -15.11 23.43 48.54
CA ASP B 151 -13.73 23.85 48.30
C ASP B 151 -13.61 24.47 46.90
N ILE B 152 -14.28 25.60 46.68
CA ILE B 152 -14.28 26.27 45.38
C ILE B 152 -13.21 27.34 45.43
N LYS B 153 -12.11 27.10 44.70
CA LYS B 153 -11.03 28.05 44.52
C LYS B 153 -10.68 28.09 43.04
N CYS B 154 -9.86 29.05 42.65
CA CYS B 154 -9.45 29.16 41.25
C CYS B 154 -8.68 27.93 40.80
N SER B 155 -7.85 27.38 41.69
CA SER B 155 -7.09 26.18 41.35
C SER B 155 -7.99 24.99 41.00
N ASN B 156 -9.24 24.98 41.45
CA ASN B 156 -10.14 23.87 41.16
C ASN B 156 -11.09 24.15 40.01
N ILE B 157 -10.89 25.23 39.26
CA ILE B 157 -11.68 25.52 38.07
C ILE B 157 -10.82 25.26 36.84
N LEU B 158 -11.09 24.15 36.15
CA LEU B 158 -10.31 23.77 34.98
C LEU B 158 -10.95 24.29 33.70
N LEU B 159 -10.10 24.70 32.76
CA LEU B 159 -10.50 25.29 31.49
C LEU B 159 -9.63 24.68 30.39
N ASN B 160 -10.25 24.19 29.33
CA ASN B 160 -9.49 23.70 28.18
C ASN B 160 -9.40 24.83 27.15
N ASN B 161 -8.47 24.68 26.19
CA ASN B 161 -8.24 25.78 25.27
C ASN B 161 -9.48 26.08 24.44
N SER B 162 -10.39 25.11 24.35
CA SER B 162 -11.66 25.31 23.64
C SER B 162 -12.49 26.41 24.29
N GLY B 163 -12.44 26.52 25.61
CA GLY B 163 -13.28 27.45 26.36
C GLY B 163 -14.28 26.80 27.29
N GLN B 164 -14.29 25.48 27.42
CA GLN B 164 -15.16 24.79 28.35
C GLN B 164 -14.54 24.79 29.74
N ILE B 165 -15.37 25.06 30.74
CA ILE B 165 -14.96 25.10 32.14
C ILE B 165 -15.57 23.90 32.85
N LYS B 166 -14.78 23.23 33.68
CA LYS B 166 -15.28 22.12 34.48
C LYS B 166 -14.77 22.26 35.91
N LEU B 167 -15.65 21.96 36.88
CA LEU B 167 -15.28 21.90 38.29
C LEU B 167 -14.77 20.50 38.63
N ALA B 168 -13.75 20.41 39.54
CA ALA B 168 -13.04 19.12 39.63
C ALA B 168 -12.83 18.57 41.04
N ASP B 169 -12.35 19.38 41.99
CA ASP B 169 -11.94 18.79 43.28
C ASP B 169 -13.17 18.62 44.18
N PHE B 170 -13.70 17.40 44.25
CA PHE B 170 -14.83 17.08 45.11
C PHE B 170 -14.39 16.36 46.38
N GLY B 171 -13.12 16.53 46.78
CA GLY B 171 -12.62 15.82 47.95
C GLY B 171 -13.38 16.13 49.23
N LEU B 172 -13.87 17.36 49.37
CA LEU B 172 -14.64 17.75 50.54
C LEU B 172 -16.15 17.79 50.29
N ALA B 173 -16.62 17.31 49.15
CA ALA B 173 -18.03 17.44 48.82
C ALA B 173 -18.90 16.48 49.64
N ARG B 174 -20.02 17.00 50.14
CA ARG B 174 -20.95 16.21 50.95
C ARG B 174 -22.39 16.62 50.65
N LEU B 175 -23.31 15.67 50.83
CA LEU B 175 -24.73 15.91 50.64
C LEU B 175 -25.30 16.81 51.75
N TYR B 176 -26.22 17.70 51.36
CA TYR B 176 -26.85 18.67 52.26
C TYR B 176 -28.34 18.41 52.36
N ASN B 177 -28.85 18.35 53.59
CA ASN B 177 -30.29 18.25 53.82
C ASN B 177 -30.77 19.47 54.59
N SER B 178 -31.71 20.20 54.00
CA SER B 178 -32.33 21.33 54.68
C SER B 178 -33.25 20.87 55.81
N GLU B 179 -34.01 19.79 55.57
CA GLU B 179 -34.96 19.32 56.57
C GLU B 179 -34.28 18.85 57.84
N GLU B 180 -33.17 18.12 57.71
CA GLU B 180 -32.42 17.60 58.85
C GLU B 180 -31.16 18.43 59.06
N SER B 181 -31.07 19.11 60.20
CA SER B 181 -29.87 19.87 60.53
C SER B 181 -28.77 18.90 60.93
N ARG B 182 -27.61 19.02 60.28
CA ARG B 182 -26.56 18.05 60.58
C ARG B 182 -25.28 18.76 61.01
N PRO B 183 -24.50 18.17 61.91
CA PRO B 183 -23.21 18.78 62.26
C PRO B 183 -22.24 18.69 61.09
N TYR B 184 -21.51 19.77 60.85
CA TYR B 184 -20.51 19.82 59.80
C TYR B 184 -19.12 20.32 60.23
N TPO B 185 -18.16 20.32 59.30
CA TPO B 185 -16.78 20.75 59.53
CB TPO B 185 -15.88 20.35 58.35
CG2 TPO B 185 -14.39 20.61 58.71
OG1 TPO B 185 -16.06 19.06 57.77
P TPO B 185 -16.06 17.77 58.73
O1P TPO B 185 -17.58 17.35 59.05
O2P TPO B 185 -15.42 16.66 57.97
O3P TPO B 185 -15.24 18.01 60.10
C TPO B 185 -16.76 22.27 59.77
O TPO B 185 -17.59 22.97 59.20
H TPO B 185 -18.29 20.05 58.49
HA TPO B 185 -16.41 20.29 60.33
HB TPO B 185 -16.20 21.02 57.54
HG21 TPO B 185 -13.75 20.25 57.90
HG22 TPO B 185 -14.14 20.09 59.64
HG23 TPO B 185 -14.23 21.68 58.86
N ASN B 186 -15.83 22.80 60.57
CA ASN B 186 -15.96 24.21 60.96
C ASN B 186 -15.35 25.14 59.90
N LYS B 187 -14.29 24.67 59.24
CA LYS B 187 -13.62 25.40 58.17
C LYS B 187 -13.41 24.46 57.00
N VAL B 188 -14.05 24.72 55.86
CA VAL B 188 -13.92 23.86 54.69
C VAL B 188 -13.23 24.59 53.52
N ILE B 189 -13.68 25.82 53.21
CA ILE B 189 -13.19 26.52 52.02
C ILE B 189 -11.86 27.22 52.34
N THR B 190 -11.01 27.39 51.31
CA THR B 190 -9.72 28.06 51.50
C THR B 190 -9.95 29.50 51.92
N LEU B 191 -9.10 29.99 52.83
CA LEU B 191 -9.40 31.23 53.52
C LEU B 191 -9.79 32.35 52.55
N TRP B 192 -9.07 32.45 51.44
CA TRP B 192 -9.35 33.54 50.49
C TRP B 192 -10.77 33.47 49.96
N TYR B 193 -11.29 32.26 49.74
CA TYR B 193 -12.63 32.06 49.22
C TYR B 193 -13.64 31.58 50.26
N ARG B 194 -13.32 31.69 51.57
CA ARG B 194 -14.24 31.20 52.59
C ARG B 194 -15.33 32.23 52.86
N PRO B 195 -16.58 31.78 52.99
CA PRO B 195 -17.68 32.73 53.29
C PRO B 195 -17.63 33.20 54.73
N PRO B 196 -18.28 34.32 55.03
CA PRO B 196 -18.20 34.87 56.40
C PRO B 196 -18.81 33.98 57.47
N GLU B 197 -19.91 33.27 57.17
CA GLU B 197 -20.53 32.45 58.20
C GLU B 197 -19.58 31.37 58.70
N LEU B 198 -18.82 30.76 57.78
CA LEU B 198 -17.88 29.71 58.14
C LEU B 198 -16.68 30.26 58.91
N LEU B 199 -16.34 31.53 58.69
CA LEU B 199 -15.35 32.18 59.53
C LEU B 199 -15.88 32.34 60.94
N LEU B 200 -17.16 32.67 61.06
CA LEU B 200 -17.79 32.73 62.36
C LEU B 200 -18.24 31.35 62.84
N GLY B 201 -17.97 30.29 62.06
CA GLY B 201 -18.16 28.95 62.56
C GLY B 201 -19.61 28.51 62.55
N GLU B 202 -20.31 28.66 61.42
CA GLU B 202 -21.73 28.29 61.40
C GLU B 202 -21.92 26.82 61.75
N GLU B 203 -21.20 25.92 61.07
CA GLU B 203 -21.26 24.48 61.34
C GLU B 203 -22.47 23.86 60.63
N ARG B 204 -23.58 24.60 60.50
CA ARG B 204 -24.70 24.16 59.69
C ARG B 204 -24.80 24.94 58.38
N TYR B 205 -23.82 24.82 57.51
CA TYR B 205 -23.80 25.75 56.40
C TYR B 205 -24.73 25.32 55.28
N THR B 206 -25.26 26.33 54.58
CA THR B 206 -26.16 26.15 53.44
C THR B 206 -25.32 26.07 52.18
N PRO B 207 -25.93 25.66 51.06
CA PRO B 207 -25.19 25.69 49.78
C PRO B 207 -24.71 27.08 49.37
N ALA B 208 -25.20 28.14 50.00
CA ALA B 208 -24.75 29.48 49.65
C ALA B 208 -23.28 29.71 49.96
N ILE B 209 -22.60 28.75 50.59
CA ILE B 209 -21.16 28.87 50.79
C ILE B 209 -20.43 28.86 49.46
N ASP B 210 -20.85 27.99 48.54
CA ASP B 210 -20.20 27.92 47.24
C ASP B 210 -20.50 29.16 46.41
N VAL B 211 -21.67 29.75 46.61
CA VAL B 211 -22.00 30.99 45.88
C VAL B 211 -21.02 32.09 46.26
N TRP B 212 -20.71 32.22 47.55
CA TRP B 212 -19.76 33.26 47.97
C TRP B 212 -18.41 33.08 47.28
N SER B 213 -17.92 31.84 47.23
CA SER B 213 -16.66 31.58 46.53
C SER B 213 -16.75 32.01 45.07
N CYS B 214 -17.81 31.59 44.38
CA CYS B 214 -17.95 31.94 42.97
C CYS B 214 -18.04 33.45 42.80
N GLY B 215 -18.58 34.16 43.79
CA GLY B 215 -18.59 35.61 43.72
C GLY B 215 -17.19 36.19 43.86
N CYS B 216 -16.40 35.61 44.78
CA CYS B 216 -15.01 36.01 44.91
C CYS B 216 -14.28 35.80 43.59
N ILE B 217 -14.63 34.76 42.85
CA ILE B 217 -14.02 34.56 41.54
C ILE B 217 -14.51 35.62 40.57
N LEU B 218 -15.81 35.94 40.61
CA LEU B 218 -16.35 36.91 39.68
C LEU B 218 -15.62 38.24 39.81
N GLY B 219 -15.45 38.72 41.04
CA GLY B 219 -14.64 39.91 41.24
C GLY B 219 -13.22 39.74 40.73
N GLU B 220 -12.62 38.60 41.05
CA GLU B 220 -11.22 38.36 40.68
C GLU B 220 -11.02 38.41 39.17
N LEU B 221 -12.00 37.90 38.40
CA LEU B 221 -11.85 37.92 36.96
C LEU B 221 -11.87 39.34 36.40
N PHE B 222 -12.43 40.29 37.13
CA PHE B 222 -12.46 41.68 36.68
C PHE B 222 -11.24 42.46 37.13
N THR B 223 -10.60 42.04 38.22
CA THR B 223 -9.38 42.70 38.69
C THR B 223 -8.10 41.95 38.35
N LYS B 224 -8.18 40.62 38.16
CA LYS B 224 -7.05 39.73 37.95
C LYS B 224 -6.31 39.48 39.27
N LYS B 225 -6.83 39.96 40.40
CA LYS B 225 -6.28 39.77 41.74
C LYS B 225 -7.37 39.34 42.70
N PRO B 226 -7.10 38.35 43.54
CA PRO B 226 -8.11 37.94 44.52
C PRO B 226 -8.56 39.10 45.40
N ILE B 227 -9.84 39.06 45.78
CA ILE B 227 -10.44 40.17 46.51
C ILE B 227 -10.03 40.18 47.98
N PHE B 228 -10.16 39.05 48.66
CA PHE B 228 -9.92 38.97 50.09
C PHE B 228 -8.71 38.08 50.29
N GLN B 229 -7.55 38.69 50.46
CA GLN B 229 -6.30 37.96 50.65
C GLN B 229 -5.84 38.25 52.06
N ALA B 230 -5.81 37.19 52.87
CA ALA B 230 -5.41 37.30 54.26
C ALA B 230 -4.72 36.00 54.63
N ASN B 231 -4.12 36.00 55.81
CA ASN B 231 -3.42 34.84 56.33
C ASN B 231 -4.14 34.22 57.50
N LEU B 232 -4.95 35.00 58.21
CA LEU B 232 -5.61 34.56 59.43
C LEU B 232 -7.10 34.86 59.34
N GLU B 233 -7.88 34.02 60.01
CA GLU B 233 -9.33 34.10 59.89
C GLU B 233 -9.88 35.46 60.32
N LEU B 234 -9.25 36.12 61.31
CA LEU B 234 -9.72 37.44 61.71
C LEU B 234 -9.40 38.50 60.66
N ALA B 235 -8.18 38.50 60.14
CA ALA B 235 -7.82 39.47 59.12
C ALA B 235 -8.73 39.37 57.90
N GLN B 236 -9.15 38.14 57.58
CA GLN B 236 -10.07 37.91 56.46
C GLN B 236 -11.42 38.55 56.75
N LEU B 237 -11.97 38.32 57.94
CA LEU B 237 -13.25 38.92 58.30
C LEU B 237 -13.16 40.45 58.26
N GLU B 238 -11.96 40.99 58.55
CA GLU B 238 -11.77 42.44 58.48
C GLU B 238 -11.81 42.93 57.04
N LEU B 239 -11.15 42.20 56.14
CA LEU B 239 -11.14 42.60 54.73
C LEU B 239 -12.55 42.52 54.14
N ILE B 240 -13.25 41.41 54.39
CA ILE B 240 -14.63 41.29 53.95
C ILE B 240 -15.46 42.44 54.52
N SER B 241 -15.25 42.76 55.80
CA SER B 241 -16.02 43.82 56.44
C SER B 241 -15.73 45.18 55.81
N ARG B 242 -14.46 45.42 55.43
CA ARG B 242 -14.15 46.71 54.81
C ARG B 242 -14.92 46.89 53.50
N LEU B 243 -15.24 45.79 52.82
CA LEU B 243 -15.92 45.86 51.54
C LEU B 243 -17.43 45.65 51.66
N CYS B 244 -17.84 44.59 52.35
CA CYS B 244 -19.25 44.21 52.41
C CYS B 244 -19.98 44.80 53.60
N GLY B 245 -19.28 45.37 54.55
CA GLY B 245 -19.90 45.80 55.79
C GLY B 245 -19.71 44.77 56.90
N SER B 246 -19.71 45.25 58.14
CA SER B 246 -19.49 44.35 59.24
C SER B 246 -20.74 43.52 59.50
N PRO B 247 -20.58 42.24 59.81
CA PRO B 247 -21.74 41.46 60.27
C PRO B 247 -22.39 42.11 61.48
N CYS B 248 -23.70 42.31 61.40
CA CYS B 248 -24.48 42.86 62.49
C CYS B 248 -25.92 42.45 62.28
N PRO B 249 -26.72 42.39 63.35
CA PRO B 249 -28.12 41.97 63.18
C PRO B 249 -28.89 42.85 62.19
N ALA B 250 -28.44 44.08 61.95
CA ALA B 250 -29.15 44.96 61.03
C ALA B 250 -29.28 44.34 59.65
N VAL B 251 -28.28 43.57 59.23
CA VAL B 251 -28.25 42.97 57.90
C VAL B 251 -28.26 41.46 57.91
N TRP B 252 -28.09 40.84 59.08
CA TRP B 252 -27.91 39.40 59.19
C TRP B 252 -28.51 39.00 60.54
N PRO B 253 -29.84 38.99 60.63
CA PRO B 253 -30.48 38.89 61.95
C PRO B 253 -29.91 37.77 62.80
N ASP B 254 -29.50 36.67 62.19
CA ASP B 254 -29.04 35.49 62.91
C ASP B 254 -27.53 35.48 63.14
N VAL B 255 -26.85 36.61 62.94
CA VAL B 255 -25.41 36.64 63.20
C VAL B 255 -25.14 36.42 64.68
N ILE B 256 -26.11 36.78 65.54
CA ILE B 256 -25.95 36.63 66.97
C ILE B 256 -25.85 35.17 67.42
N ARG B 257 -26.40 34.24 66.62
CA ARG B 257 -26.38 32.83 66.96
C ARG B 257 -25.06 32.14 66.64
N LEU B 258 -24.07 32.86 66.12
CA LEU B 258 -22.83 32.25 65.65
C LEU B 258 -21.77 32.28 66.76
N PRO B 259 -21.01 31.18 66.91
CA PRO B 259 -20.06 31.10 68.04
C PRO B 259 -19.11 32.28 68.17
N TYR B 260 -18.57 32.81 67.08
CA TYR B 260 -17.53 33.82 67.17
C TYR B 260 -18.01 35.24 66.87
N PHE B 261 -19.33 35.48 66.82
CA PHE B 261 -19.83 36.81 66.48
C PHE B 261 -19.31 37.86 67.46
N ASN B 262 -19.47 37.60 68.75
CA ASN B 262 -18.95 38.50 69.78
C ASN B 262 -17.43 38.43 69.84
N THR B 263 -16.84 37.28 69.54
CA THR B 263 -15.39 37.14 69.58
C THR B 263 -14.71 37.90 68.44
N MET B 264 -15.11 37.63 67.20
CA MET B 264 -14.40 38.16 66.03
C MET B 264 -15.03 39.46 65.54
N LYS B 265 -14.91 40.51 66.35
CA LYS B 265 -15.41 41.80 65.89
C LYS B 265 -14.38 42.49 64.98
N PRO B 266 -14.82 43.07 63.86
CA PRO B 266 -13.91 43.88 63.04
C PRO B 266 -13.61 45.22 63.71
N LYS B 267 -12.55 45.87 63.21
CA LYS B 267 -12.08 47.12 63.81
C LYS B 267 -13.22 48.11 64.01
N LYS B 268 -14.09 48.23 63.03
CA LYS B 268 -15.22 49.14 63.07
C LYS B 268 -16.48 48.37 62.71
N GLN B 269 -17.61 49.05 62.74
CA GLN B 269 -18.83 48.58 62.10
C GLN B 269 -18.86 49.31 60.76
N TYR B 270 -18.23 48.70 59.75
CA TYR B 270 -18.04 49.33 58.47
C TYR B 270 -19.34 49.36 57.67
N ARG B 271 -19.50 50.41 56.87
CA ARG B 271 -20.57 50.46 55.88
C ARG B 271 -20.14 49.70 54.62
N ARG B 272 -21.13 49.19 53.90
CA ARG B 272 -20.86 48.49 52.65
C ARG B 272 -20.44 49.48 51.58
N ARG B 273 -19.32 49.17 50.91
CA ARG B 273 -18.78 49.98 49.83
C ARG B 273 -18.63 49.20 48.53
N LEU B 274 -19.15 47.97 48.48
CA LEU B 274 -18.86 47.07 47.37
C LEU B 274 -19.09 47.78 46.03
N ARG B 275 -20.20 48.50 45.90
CA ARG B 275 -20.50 49.18 44.65
C ARG B 275 -19.54 50.33 44.38
N GLU B 276 -18.98 50.94 45.42
CA GLU B 276 -18.02 52.03 45.19
C GLU B 276 -16.67 51.49 44.73
N GLU B 277 -16.12 50.52 45.46
CA GLU B 277 -14.79 50.01 45.14
C GLU B 277 -14.81 49.19 43.84
N PHE B 278 -15.97 48.73 43.38
CA PHE B 278 -16.07 48.04 42.09
C PHE B 278 -16.84 48.86 41.05
N SER B 279 -16.78 50.19 41.12
CA SER B 279 -17.58 51.00 40.19
C SER B 279 -17.15 50.83 38.74
N PHE B 280 -15.92 50.34 38.49
CA PHE B 280 -15.45 50.15 37.13
C PHE B 280 -16.00 48.89 36.45
N ILE B 281 -16.90 48.15 37.12
CA ILE B 281 -17.48 46.92 36.56
C ILE B 281 -18.78 47.23 35.85
N PRO B 282 -19.09 46.54 34.74
CA PRO B 282 -20.40 46.74 34.09
C PRO B 282 -21.55 46.57 35.06
N SER B 283 -22.62 47.34 34.82
CA SER B 283 -23.75 47.34 35.75
C SER B 283 -24.33 45.95 35.92
N ALA B 284 -24.59 45.26 34.81
CA ALA B 284 -25.16 43.92 34.89
C ALA B 284 -24.28 43.00 35.75
N ALA B 285 -22.96 43.13 35.61
CA ALA B 285 -22.08 42.29 36.40
C ALA B 285 -22.02 42.74 37.85
N LEU B 286 -21.91 44.05 38.08
CA LEU B 286 -21.79 44.55 39.45
C LEU B 286 -22.96 44.10 40.33
N ASP B 287 -24.17 44.13 39.79
CA ASP B 287 -25.32 43.65 40.55
C ASP B 287 -25.18 42.18 40.93
N LEU B 288 -24.65 41.36 40.02
CA LEU B 288 -24.43 39.96 40.34
C LEU B 288 -23.43 39.81 41.47
N LEU B 289 -22.33 40.57 41.43
CA LEU B 289 -21.35 40.53 42.51
C LEU B 289 -21.98 40.91 43.84
N ASP B 290 -22.74 42.02 43.85
CA ASP B 290 -23.38 42.48 45.07
C ASP B 290 -24.27 41.41 45.67
N HIS B 291 -25.05 40.72 44.84
CA HIS B 291 -25.92 39.69 45.35
C HIS B 291 -25.14 38.47 45.83
N MET B 292 -24.15 38.03 45.06
CA MET B 292 -23.39 36.86 45.50
C MET B 292 -22.62 37.14 46.78
N LEU B 293 -22.10 38.35 46.95
CA LEU B 293 -21.28 38.70 48.11
C LEU B 293 -22.11 39.34 49.21
N THR B 294 -23.25 38.73 49.49
CA THR B 294 -24.13 39.12 50.57
C THR B 294 -23.77 38.40 51.87
N LEU B 295 -23.73 39.15 52.97
CA LEU B 295 -23.25 38.59 54.23
C LEU B 295 -24.16 37.47 54.73
N ASP B 296 -25.47 37.70 54.75
CA ASP B 296 -26.40 36.74 55.33
C ASP B 296 -26.67 35.61 54.34
N PRO B 297 -26.23 34.38 54.62
CA PRO B 297 -26.40 33.31 53.61
C PRO B 297 -27.85 33.06 53.22
N SER B 298 -28.81 33.43 54.07
CA SER B 298 -30.21 33.27 53.71
C SER B 298 -30.72 34.38 52.82
N LYS B 299 -29.96 35.47 52.67
CA LYS B 299 -30.25 36.53 51.72
C LYS B 299 -29.34 36.47 50.50
N ARG B 300 -28.31 35.63 50.54
CA ARG B 300 -27.41 35.44 49.41
C ARG B 300 -28.10 34.64 48.31
N CYS B 301 -27.95 35.11 47.07
CA CYS B 301 -28.60 34.49 45.93
C CYS B 301 -28.19 33.03 45.74
N THR B 302 -29.04 32.30 45.02
CA THR B 302 -28.80 30.89 44.73
C THR B 302 -28.13 30.76 43.37
N ALA B 303 -27.67 29.54 43.06
CA ALA B 303 -27.04 29.33 41.76
C ALA B 303 -28.03 29.59 40.63
N GLU B 304 -29.27 29.12 40.77
CA GLU B 304 -30.27 29.36 39.74
C GLU B 304 -30.50 30.85 39.55
N GLN B 305 -30.58 31.59 40.66
CA GLN B 305 -30.88 33.02 40.58
C GLN B 305 -29.80 33.75 39.79
N THR B 306 -28.54 33.30 39.92
CA THR B 306 -27.47 33.91 39.13
C THR B 306 -27.67 33.67 37.65
N LEU B 307 -28.10 32.46 37.27
CA LEU B 307 -28.35 32.18 35.86
C LEU B 307 -29.50 33.02 35.31
N GLN B 308 -30.49 33.34 36.14
CA GLN B 308 -31.60 34.20 35.77
C GLN B 308 -31.30 35.67 36.08
N SER B 309 -30.10 36.12 35.71
CA SER B 309 -29.69 37.51 35.89
C SER B 309 -29.46 38.17 34.54
N ASP B 310 -29.53 39.50 34.55
CA ASP B 310 -29.26 40.26 33.34
C ASP B 310 -27.88 39.96 32.78
N PHE B 311 -26.93 39.59 33.66
CA PHE B 311 -25.57 39.38 33.21
C PHE B 311 -25.40 38.04 32.50
N LEU B 312 -26.03 36.98 33.01
CA LEU B 312 -25.80 35.63 32.50
C LEU B 312 -26.99 35.01 31.78
N LYS B 313 -28.18 35.61 31.89
CA LYS B 313 -29.38 34.97 31.36
C LYS B 313 -29.30 34.80 29.85
N ASP B 314 -28.97 35.87 29.15
CA ASP B 314 -29.01 35.92 27.70
C ASP B 314 -27.70 35.48 27.07
N VAL B 315 -26.76 35.01 27.88
CA VAL B 315 -25.48 34.52 27.36
C VAL B 315 -25.75 33.23 26.60
N GLU B 316 -25.54 33.25 25.29
CA GLU B 316 -25.69 32.04 24.49
C GLU B 316 -24.37 31.28 24.50
N LEU B 317 -24.40 30.06 25.04
CA LEU B 317 -23.21 29.22 25.08
C LEU B 317 -23.00 28.43 23.79
N SER B 318 -23.93 28.48 22.84
CA SER B 318 -23.71 27.76 21.59
C SER B 318 -22.45 28.25 20.90
N LYS B 319 -22.34 29.56 20.71
CA LYS B 319 -21.13 30.23 20.22
C LYS B 319 -20.42 30.91 21.39
N MET B 320 -19.49 30.21 22.02
CA MET B 320 -18.70 30.73 23.14
C MET B 320 -17.35 31.25 22.67
N ALA B 321 -16.94 32.38 23.24
CA ALA B 321 -15.64 32.95 22.89
C ALA B 321 -14.53 32.11 23.51
N PRO B 322 -13.54 31.66 22.73
CA PRO B 322 -12.49 30.82 23.30
C PRO B 322 -11.54 31.68 24.15
N PRO B 323 -10.90 31.08 25.15
CA PRO B 323 -9.91 31.85 25.94
C PRO B 323 -8.73 32.34 25.11
N ASP B 324 -8.37 33.61 25.30
CA ASP B 324 -7.23 34.20 24.61
C ASP B 324 -6.00 33.88 25.46
N LEU B 325 -5.54 32.64 25.35
CA LEU B 325 -4.36 32.19 26.08
C LEU B 325 -3.19 32.40 25.13
N PRO B 326 -2.51 33.55 25.20
CA PRO B 326 -1.59 33.93 24.12
C PRO B 326 -0.43 32.93 24.01
N HIS B 327 0.17 32.90 22.82
CA HIS B 327 1.24 31.94 22.59
C HIS B 327 2.32 32.40 21.61
N TRP B 328 2.30 33.65 21.15
CA TRP B 328 3.45 34.22 20.46
C TRP B 328 3.61 35.68 20.87
N GLN B 329 4.86 36.16 20.75
CA GLN B 329 5.32 37.47 21.24
C GLN B 329 5.54 37.45 22.75
N ASP B 330 4.99 36.43 23.43
CA ASP B 330 5.36 36.20 24.83
C ASP B 330 6.82 35.75 24.94
N CYS B 331 7.28 34.96 23.97
CA CYS B 331 8.66 34.51 23.91
C CYS B 331 9.62 35.69 23.86
N THR C 24 -21.44 2.09 31.37
CA THR C 24 -22.05 3.23 32.05
C THR C 24 -22.21 2.88 33.53
N LYS C 25 -23.22 2.10 33.88
CA LYS C 25 -23.42 1.61 35.24
C LYS C 25 -23.53 0.09 35.24
N PRO C 26 -23.00 -0.58 36.27
CA PRO C 26 -23.03 -2.04 36.31
C PRO C 26 -24.41 -2.56 36.66
N CYS C 27 -24.67 -3.81 36.24
CA CYS C 27 -25.97 -4.45 36.50
C CYS C 27 -25.90 -5.27 37.77
N TRP C 28 -26.74 -4.96 38.75
CA TRP C 28 -26.66 -5.59 40.06
C TRP C 28 -27.85 -6.47 40.42
N TYR C 29 -28.55 -7.03 39.45
CA TYR C 29 -29.70 -7.87 39.77
C TYR C 29 -29.68 -9.18 39.00
N TRP C 30 -29.97 -10.26 39.72
CA TRP C 30 -30.00 -11.61 39.20
C TRP C 30 -31.41 -12.18 39.33
N ASP C 31 -31.67 -13.27 38.60
CA ASP C 31 -32.90 -14.02 38.74
C ASP C 31 -32.76 -15.02 39.88
N LYS C 32 -33.88 -15.29 40.57
CA LYS C 32 -33.86 -16.29 41.64
C LYS C 32 -33.18 -17.56 41.17
N LYS C 33 -33.53 -18.01 39.96
CA LYS C 33 -32.96 -19.24 39.42
C LYS C 33 -31.45 -19.18 39.39
N ASP C 34 -30.88 -17.98 39.24
CA ASP C 34 -29.44 -17.85 39.13
C ASP C 34 -28.73 -18.09 40.45
N LEU C 35 -29.42 -17.96 41.60
CA LEU C 35 -28.76 -18.16 42.88
C LEU C 35 -28.37 -19.61 43.10
N ALA C 36 -28.85 -20.52 42.27
CA ALA C 36 -28.42 -21.92 42.31
C ALA C 36 -27.00 -22.11 41.84
N HIS C 37 -26.35 -21.04 41.37
CA HIS C 37 -25.03 -21.12 40.76
C HIS C 37 -24.09 -20.06 41.32
N THR C 38 -24.25 -19.71 42.59
CA THR C 38 -23.26 -18.88 43.24
C THR C 38 -22.01 -19.71 43.49
N PRO C 39 -20.84 -19.08 43.57
CA PRO C 39 -19.62 -19.84 43.91
C PRO C 39 -19.81 -20.74 45.12
N SER C 40 -20.54 -20.26 46.13
CA SER C 40 -20.76 -21.05 47.33
C SER C 40 -21.48 -22.35 46.98
N GLN C 41 -22.53 -22.25 46.16
CA GLN C 41 -23.29 -23.44 45.78
C GLN C 41 -22.41 -24.45 45.05
N LEU C 42 -21.60 -23.98 44.11
CA LEU C 42 -20.81 -24.88 43.27
C LEU C 42 -19.63 -25.49 43.99
N GLU C 43 -19.26 -24.96 45.16
CA GLU C 43 -18.26 -25.59 46.01
C GLU C 43 -18.87 -26.54 47.02
N GLY C 44 -20.13 -26.95 46.82
CA GLY C 44 -20.74 -27.98 47.62
C GLY C 44 -21.60 -27.50 48.77
N LEU C 45 -21.72 -26.21 48.95
CA LEU C 45 -22.63 -25.65 49.95
C LEU C 45 -24.06 -25.79 49.43
N ASP C 46 -24.98 -26.24 50.26
CA ASP C 46 -26.37 -26.42 49.83
C ASP C 46 -27.11 -25.11 49.95
N PRO C 47 -28.29 -25.01 49.31
CA PRO C 47 -29.00 -23.73 49.33
C PRO C 47 -29.35 -23.26 50.73
N ALA C 48 -29.77 -24.17 51.61
CA ALA C 48 -30.15 -23.76 52.96
C ALA C 48 -28.96 -23.16 53.69
N THR C 49 -27.78 -23.76 53.55
CA THR C 49 -26.61 -23.27 54.27
C THR C 49 -26.20 -21.89 53.77
N GLU C 50 -26.19 -21.65 52.45
CA GLU C 50 -25.84 -20.31 51.98
C GLU C 50 -26.85 -19.28 52.48
N ALA C 51 -28.14 -19.64 52.52
CA ALA C 51 -29.12 -18.73 53.08
C ALA C 51 -28.83 -18.43 54.53
N ARG C 52 -28.50 -19.46 55.31
CA ARG C 52 -28.15 -19.25 56.71
C ARG C 52 -26.93 -18.34 56.82
N TYR C 53 -25.90 -18.63 56.03
CA TYR C 53 -24.69 -17.81 56.06
C TYR C 53 -25.00 -16.36 55.70
N ARG C 54 -25.96 -16.13 54.80
CA ARG C 54 -26.32 -14.77 54.43
C ARG C 54 -27.08 -14.07 55.57
N ARG C 55 -28.06 -14.75 56.15
CA ARG C 55 -28.79 -14.16 57.26
C ARG C 55 -27.85 -13.81 58.40
N GLU C 56 -26.97 -14.75 58.74
CA GLU C 56 -26.04 -14.54 59.84
C GLU C 56 -25.10 -13.38 59.55
N GLY C 57 -24.61 -13.29 58.31
CA GLY C 57 -23.69 -12.22 57.95
C GLY C 57 -24.37 -10.87 57.89
N ALA C 58 -25.59 -10.84 57.35
CA ALA C 58 -26.34 -9.58 57.34
C ALA C 58 -26.69 -9.15 58.76
N ARG C 59 -27.18 -10.07 59.58
CA ARG C 59 -27.55 -9.72 60.95
C ARG C 59 -26.33 -9.31 61.77
N PHE C 60 -25.18 -9.93 61.51
CA PHE C 60 -23.94 -9.49 62.15
C PHE C 60 -23.62 -8.04 61.78
N ILE C 61 -23.71 -7.70 60.49
CA ILE C 61 -23.48 -6.32 60.09
C ILE C 61 -24.48 -5.40 60.79
N PHE C 62 -25.75 -5.79 60.82
CA PHE C 62 -26.78 -4.99 61.46
C PHE C 62 -26.49 -4.81 62.94
N ASP C 63 -26.21 -5.91 63.64
CA ASP C 63 -26.03 -5.84 65.08
C ASP C 63 -24.79 -5.03 65.45
N VAL C 64 -23.69 -5.25 64.75
CA VAL C 64 -22.46 -4.52 65.04
C VAL C 64 -22.70 -3.02 64.86
N GLY C 65 -23.25 -2.63 63.71
CA GLY C 65 -23.43 -1.22 63.42
C GLY C 65 -24.45 -0.56 64.34
N THR C 66 -25.47 -1.31 64.75
CA THR C 66 -26.44 -0.76 65.69
C THR C 66 -25.77 -0.47 67.03
N ARG C 67 -24.91 -1.39 67.49
CA ARG C 67 -24.18 -1.14 68.74
C ARG C 67 -23.32 0.11 68.63
N LEU C 68 -22.76 0.36 67.44
CA LEU C 68 -21.93 1.53 67.21
C LEU C 68 -22.74 2.79 66.92
N GLY C 69 -24.06 2.69 66.87
CA GLY C 69 -24.90 3.86 66.65
C GLY C 69 -25.01 4.32 65.22
N LEU C 70 -24.90 3.40 64.25
CA LEU C 70 -24.87 3.80 62.85
C LEU C 70 -26.27 3.96 62.27
N HIS C 71 -26.39 4.95 61.38
CA HIS C 71 -27.60 5.23 60.63
C HIS C 71 -28.07 4.00 59.87
N TYR C 72 -29.39 3.92 59.66
CA TYR C 72 -29.94 2.72 59.02
C TYR C 72 -29.41 2.56 57.60
N ASP C 73 -29.18 3.67 56.89
CA ASP C 73 -28.61 3.58 55.56
C ASP C 73 -27.22 2.94 55.61
N THR C 74 -26.41 3.31 56.61
CA THR C 74 -25.07 2.75 56.70
C THR C 74 -25.13 1.24 56.91
N LEU C 75 -26.05 0.77 57.75
CA LEU C 75 -26.19 -0.67 57.95
C LEU C 75 -26.59 -1.35 56.64
N ALA C 76 -27.55 -0.76 55.93
CA ALA C 76 -28.02 -1.38 54.69
C ALA C 76 -26.94 -1.38 53.62
N THR C 77 -26.19 -0.29 53.48
CA THR C 77 -25.14 -0.26 52.47
C THR C 77 -24.12 -1.38 52.72
N GLY C 78 -23.71 -1.56 53.96
CA GLY C 78 -22.83 -2.68 54.28
C GLY C 78 -23.44 -4.00 53.89
N ILE C 79 -24.73 -4.18 54.18
CA ILE C 79 -25.40 -5.44 53.89
C ILE C 79 -25.50 -5.66 52.39
N ILE C 80 -25.73 -4.59 51.61
CA ILE C 80 -25.84 -4.76 50.17
C ILE C 80 -24.48 -5.10 49.58
N TYR C 81 -23.42 -4.42 50.04
CA TYR C 81 -22.07 -4.82 49.67
C TYR C 81 -21.86 -6.29 49.98
N PHE C 82 -22.25 -6.70 51.19
CA PHE C 82 -22.09 -8.10 51.60
C PHE C 82 -22.82 -9.04 50.64
N HIS C 83 -24.10 -8.76 50.38
CA HIS C 83 -24.87 -9.65 49.52
C HIS C 83 -24.27 -9.72 48.13
N ARG C 84 -23.84 -8.58 47.59
CA ARG C 84 -23.22 -8.58 46.27
C ARG C 84 -21.92 -9.36 46.27
N PHE C 85 -21.10 -9.18 47.31
CA PHE C 85 -19.80 -9.86 47.39
C PHE C 85 -19.92 -11.37 47.18
N TYR C 86 -20.90 -12.01 47.81
CA TYR C 86 -21.01 -13.46 47.75
C TYR C 86 -21.77 -13.94 46.52
N MET C 87 -22.02 -13.03 45.57
CA MET C 87 -22.33 -13.42 44.20
C MET C 87 -21.06 -13.63 43.38
N PHE C 88 -19.90 -13.16 43.88
CA PHE C 88 -18.64 -13.32 43.16
C PHE C 88 -17.62 -14.20 43.87
N HIS C 89 -17.88 -14.59 45.12
CA HIS C 89 -16.91 -15.37 45.89
C HIS C 89 -17.67 -16.42 46.70
N SER C 90 -16.93 -17.41 47.21
CA SER C 90 -17.53 -18.50 47.96
C SER C 90 -17.40 -18.27 49.46
N PHE C 91 -18.43 -18.65 50.20
CA PHE C 91 -18.38 -18.59 51.66
C PHE C 91 -17.28 -19.47 52.24
N LYS C 92 -16.87 -20.52 51.53
CA LYS C 92 -15.83 -21.40 52.07
C LYS C 92 -14.46 -20.73 52.02
N GLN C 93 -14.23 -19.84 51.06
CA GLN C 93 -12.93 -19.21 50.90
C GLN C 93 -12.83 -17.83 51.54
N PHE C 94 -13.93 -17.12 51.70
CA PHE C 94 -13.93 -15.83 52.39
C PHE C 94 -14.84 -15.92 53.61
N PRO C 95 -14.31 -15.84 54.83
CA PRO C 95 -15.18 -15.97 56.01
C PRO C 95 -16.17 -14.83 56.09
N ARG C 96 -17.42 -15.18 56.44
CA ARG C 96 -18.50 -14.20 56.35
C ARG C 96 -18.31 -13.07 57.35
N TYR C 97 -17.96 -13.40 58.59
CA TYR C 97 -17.90 -12.38 59.62
C TYR C 97 -16.79 -11.36 59.34
N VAL C 98 -15.69 -11.80 58.72
CA VAL C 98 -14.67 -10.83 58.30
C VAL C 98 -15.21 -9.94 57.20
N THR C 99 -15.80 -10.56 56.18
CA THR C 99 -16.40 -9.80 55.08
C THR C 99 -17.42 -8.79 55.59
N GLY C 100 -18.33 -9.24 56.46
CA GLY C 100 -19.31 -8.33 57.01
C GLY C 100 -18.68 -7.13 57.68
N ALA C 101 -17.66 -7.37 58.51
CA ALA C 101 -16.99 -6.26 59.18
C ALA C 101 -16.36 -5.32 58.17
N CYS C 102 -15.73 -5.88 57.14
CA CYS C 102 -15.13 -5.06 56.09
C CYS C 102 -16.20 -4.24 55.37
N CYS C 103 -17.31 -4.87 55.00
CA CYS C 103 -18.38 -4.14 54.33
C CYS C 103 -18.84 -2.97 55.18
N LEU C 104 -19.11 -3.23 56.46
CA LEU C 104 -19.58 -2.16 57.35
C LEU C 104 -18.54 -1.06 57.45
N PHE C 105 -17.25 -1.43 57.54
CA PHE C 105 -16.20 -0.44 57.57
C PHE C 105 -16.24 0.45 56.34
N LEU C 106 -16.33 -0.16 55.15
CA LEU C 106 -16.38 0.66 53.93
C LEU C 106 -17.67 1.46 53.86
N ALA C 107 -18.80 0.82 54.19
CA ALA C 107 -20.08 1.52 54.15
C ALA C 107 -20.01 2.80 54.97
N GLY C 108 -19.37 2.73 56.13
CA GLY C 108 -19.23 3.93 56.96
C GLY C 108 -18.64 5.10 56.20
N LYS C 109 -17.57 4.85 55.45
CA LYS C 109 -16.96 5.92 54.66
C LYS C 109 -17.84 6.36 53.50
N VAL C 110 -18.52 5.43 52.84
CA VAL C 110 -19.33 5.81 51.69
C VAL C 110 -20.48 6.71 52.11
N GLU C 111 -21.16 6.35 53.21
CA GLU C 111 -22.36 7.06 53.68
C GLU C 111 -22.04 8.16 54.69
N GLU C 112 -20.76 8.49 54.88
CA GLU C 112 -20.30 9.58 55.75
C GLU C 112 -20.64 9.36 57.23
N THR C 113 -20.70 8.10 57.66
CA THR C 113 -20.83 7.75 59.07
C THR C 113 -19.63 6.90 59.46
N PRO C 114 -18.42 7.47 59.40
CA PRO C 114 -17.22 6.65 59.49
C PRO C 114 -16.94 6.12 60.89
N LYS C 115 -16.29 4.96 60.93
CA LYS C 115 -15.84 4.36 62.17
C LYS C 115 -14.43 3.84 61.99
N LYS C 116 -13.66 3.82 63.08
CA LYS C 116 -12.32 3.26 63.03
C LYS C 116 -12.40 1.75 63.00
N CYS C 117 -11.54 1.12 62.21
CA CYS C 117 -11.59 -0.33 62.08
C CYS C 117 -11.44 -1.01 63.44
N LYS C 118 -10.54 -0.50 64.29
CA LYS C 118 -10.36 -1.11 65.60
C LYS C 118 -11.67 -1.15 66.38
N ASP C 119 -12.51 -0.12 66.22
CA ASP C 119 -13.77 -0.07 66.96
C ASP C 119 -14.75 -1.12 66.44
N ILE C 120 -14.77 -1.36 65.13
CA ILE C 120 -15.62 -2.42 64.60
C ILE C 120 -15.16 -3.78 65.13
N ILE C 121 -13.85 -4.00 65.18
CA ILE C 121 -13.33 -5.26 65.71
C ILE C 121 -13.76 -5.43 67.17
N LYS C 122 -13.56 -4.38 67.97
CA LYS C 122 -13.96 -4.42 69.38
C LYS C 122 -15.40 -4.87 69.52
N THR C 123 -16.30 -4.27 68.75
CA THR C 123 -17.71 -4.63 68.82
C THR C 123 -17.92 -6.05 68.29
N ALA C 124 -17.24 -6.41 67.20
CA ALA C 124 -17.38 -7.74 66.65
C ALA C 124 -16.93 -8.79 67.66
N ARG C 125 -15.90 -8.49 68.45
CA ARG C 125 -15.46 -9.42 69.48
C ARG C 125 -16.48 -9.52 70.61
N SER C 126 -17.09 -8.39 70.98
CA SER C 126 -18.09 -8.40 72.03
C SER C 126 -19.26 -9.30 71.65
N LEU C 127 -19.66 -9.29 70.38
CA LEU C 127 -20.87 -9.99 69.98
C LEU C 127 -20.62 -11.42 69.52
N LEU C 128 -19.41 -11.73 69.06
CA LEU C 128 -19.09 -13.07 68.56
C LEU C 128 -18.41 -13.92 69.63
N ASN C 129 -18.70 -15.21 69.60
CA ASN C 129 -18.04 -16.15 70.49
C ASN C 129 -16.61 -16.37 69.97
N ASP C 130 -15.87 -17.26 70.63
CA ASP C 130 -14.46 -17.41 70.28
C ASP C 130 -14.29 -18.20 68.98
N VAL C 131 -15.12 -19.24 68.75
CA VAL C 131 -15.04 -19.96 67.48
C VAL C 131 -15.30 -19.01 66.32
N GLN C 132 -16.37 -18.22 66.43
CA GLN C 132 -16.70 -17.27 65.37
C GLN C 132 -15.56 -16.28 65.17
N PHE C 133 -15.06 -15.71 66.27
CA PHE C 133 -13.99 -14.73 66.16
C PHE C 133 -12.68 -15.34 65.68
N GLY C 134 -12.60 -16.67 65.56
CA GLY C 134 -11.41 -17.27 65.00
C GLY C 134 -11.21 -16.97 63.53
N GLN C 135 -12.29 -16.63 62.82
CA GLN C 135 -12.19 -16.27 61.40
C GLN C 135 -11.30 -15.06 61.20
N PHE C 136 -11.32 -14.11 62.13
CA PHE C 136 -10.47 -12.93 62.04
C PHE C 136 -9.01 -13.27 62.24
N GLY C 137 -8.70 -14.52 62.62
CA GLY C 137 -7.33 -14.97 62.70
C GLY C 137 -6.56 -14.27 63.82
N ASP C 138 -5.23 -14.31 63.67
CA ASP C 138 -4.37 -13.82 64.73
C ASP C 138 -4.38 -12.30 64.81
N ASP C 139 -4.67 -11.63 63.70
CA ASP C 139 -4.70 -10.17 63.64
C ASP C 139 -6.02 -9.75 63.01
N PRO C 140 -7.06 -9.55 63.83
CA PRO C 140 -8.37 -9.19 63.27
C PRO C 140 -8.35 -7.94 62.39
N LYS C 141 -7.78 -6.83 62.87
CA LYS C 141 -7.80 -5.61 62.08
C LYS C 141 -7.19 -5.82 60.70
N GLU C 142 -6.08 -6.58 60.64
CA GLU C 142 -5.39 -6.76 59.37
C GLU C 142 -6.22 -7.57 58.39
N GLU C 143 -6.86 -8.65 58.84
CA GLU C 143 -7.66 -9.46 57.93
C GLU C 143 -8.74 -8.61 57.28
N VAL C 144 -9.34 -7.68 58.05
CA VAL C 144 -10.40 -6.82 57.54
C VAL C 144 -9.85 -5.80 56.55
N MET C 145 -8.82 -5.03 56.94
CA MET C 145 -8.35 -3.96 56.07
C MET C 145 -7.82 -4.50 54.75
N VAL C 146 -7.24 -5.70 54.77
CA VAL C 146 -6.72 -6.28 53.54
C VAL C 146 -7.83 -6.58 52.55
N LEU C 147 -9.01 -6.94 53.05
CA LEU C 147 -10.11 -7.32 52.16
C LEU C 147 -10.71 -6.11 51.45
N GLU C 148 -10.39 -4.89 51.90
CA GLU C 148 -10.99 -3.70 51.28
C GLU C 148 -10.66 -3.64 49.80
N ARG C 149 -9.43 -4.01 49.42
CA ARG C 149 -9.08 -4.01 48.00
C ARG C 149 -9.99 -4.97 47.24
N ILE C 150 -10.14 -6.18 47.75
CA ILE C 150 -10.98 -7.17 47.08
C ILE C 150 -12.44 -6.70 47.07
N LEU C 151 -12.90 -6.08 48.17
CA LEU C 151 -14.27 -5.60 48.21
C LEU C 151 -14.54 -4.55 47.14
N LEU C 152 -13.68 -3.52 47.09
CA LEU C 152 -13.88 -2.44 46.13
C LEU C 152 -13.86 -2.95 44.70
N GLN C 153 -12.87 -3.79 44.37
CA GLN C 153 -12.83 -4.39 43.04
C GLN C 153 -14.06 -5.24 42.78
N THR C 154 -14.52 -5.97 43.80
CA THR C 154 -15.68 -6.84 43.60
C THR C 154 -16.94 -6.03 43.31
N ILE C 155 -17.18 -4.97 44.08
CA ILE C 155 -18.37 -4.14 43.87
C ILE C 155 -18.11 -3.19 42.70
N LYS C 156 -17.01 -3.39 41.98
CA LYS C 156 -16.73 -2.66 40.76
C LYS C 156 -16.77 -1.15 41.00
N PHE C 157 -16.41 -0.74 42.21
CA PHE C 157 -16.32 0.66 42.62
C PHE C 157 -17.62 1.44 42.48
N ASP C 158 -18.76 0.77 42.43
CA ASP C 158 -20.07 1.42 42.44
C ASP C 158 -20.54 1.57 43.90
N LEU C 159 -20.15 2.67 44.53
CA LEU C 159 -20.38 2.86 45.95
C LEU C 159 -21.76 3.39 46.30
N GLN C 160 -22.38 4.14 45.39
CA GLN C 160 -23.68 4.74 45.68
C GLN C 160 -24.75 3.65 45.67
N VAL C 161 -25.53 3.58 46.75
CA VAL C 161 -26.60 2.60 46.83
C VAL C 161 -27.86 3.29 47.35
N GLU C 162 -28.99 2.95 46.77
CA GLU C 162 -30.31 3.41 47.18
C GLU C 162 -31.00 2.27 47.90
N HIS C 163 -31.84 2.59 48.88
CA HIS C 163 -32.45 1.60 49.75
C HIS C 163 -33.96 1.78 49.80
N PRO C 164 -34.69 0.70 50.12
CA PRO C 164 -36.16 0.83 50.16
C PRO C 164 -36.67 1.93 51.08
N TYR C 165 -35.89 2.31 52.10
CA TYR C 165 -36.40 3.25 53.09
C TYR C 165 -36.81 4.56 52.45
N GLN C 166 -35.94 5.15 51.62
CA GLN C 166 -36.24 6.47 51.09
C GLN C 166 -37.51 6.44 50.26
N PHE C 167 -37.78 5.31 49.59
CA PHE C 167 -38.97 5.20 48.78
C PHE C 167 -40.20 4.94 49.63
N LEU C 168 -40.05 4.16 50.69
CA LEU C 168 -41.15 3.99 51.63
C LEU C 168 -41.65 5.33 52.14
N LEU C 169 -40.73 6.26 52.42
CA LEU C 169 -41.12 7.58 52.90
C LEU C 169 -41.59 8.49 51.76
N LYS C 170 -40.88 8.50 50.63
CA LYS C 170 -41.31 9.33 49.53
C LYS C 170 -42.74 9.01 49.12
N TYR C 171 -43.08 7.72 49.08
CA TYR C 171 -44.42 7.30 48.65
C TYR C 171 -45.45 7.53 49.76
N ALA C 172 -45.07 7.25 51.01
CA ALA C 172 -46.00 7.46 52.11
C ALA C 172 -46.39 8.94 52.26
N LYS C 173 -45.47 9.86 51.93
CA LYS C 173 -45.78 11.28 52.05
C LYS C 173 -46.91 11.68 51.14
N GLN C 174 -47.10 10.97 50.02
CA GLN C 174 -48.15 11.26 49.06
C GLN C 174 -49.48 10.62 49.42
N LEU C 175 -49.53 9.85 50.50
CA LEU C 175 -50.76 9.29 51.01
C LEU C 175 -51.39 10.31 51.95
N LYS C 176 -52.69 10.52 51.81
CA LYS C 176 -53.43 11.44 52.68
C LYS C 176 -54.67 10.72 53.19
N GLY C 177 -54.85 10.76 54.51
CA GLY C 177 -55.94 10.07 55.16
C GLY C 177 -55.64 9.97 56.65
N ASP C 178 -56.22 8.95 57.28
CA ASP C 178 -56.05 8.73 58.71
C ASP C 178 -54.58 8.71 59.09
N LYS C 179 -54.17 9.70 59.89
CA LYS C 179 -52.76 9.80 60.27
C LYS C 179 -52.26 8.50 60.89
N ASN C 180 -53.10 7.87 61.72
CA ASN C 180 -52.69 6.70 62.49
C ASN C 180 -52.67 5.42 61.68
N LYS C 181 -53.58 5.25 60.73
CA LYS C 181 -53.55 4.06 59.88
C LYS C 181 -52.35 4.07 58.95
N ILE C 182 -52.00 5.23 58.41
CA ILE C 182 -50.81 5.35 57.55
C ILE C 182 -49.54 5.12 58.35
N GLN C 183 -49.44 5.73 59.54
CA GLN C 183 -48.22 5.53 60.33
C GLN C 183 -48.07 4.06 60.71
N LYS C 184 -49.17 3.37 60.99
CA LYS C 184 -49.09 1.92 61.20
C LYS C 184 -48.58 1.22 59.95
N LEU C 185 -49.06 1.63 58.78
CA LEU C 185 -48.57 1.04 57.54
C LEU C 185 -47.08 1.26 57.39
N VAL C 186 -46.61 2.48 57.64
CA VAL C 186 -45.20 2.77 57.47
C VAL C 186 -44.34 1.95 58.43
N GLN C 187 -44.72 1.91 59.71
CA GLN C 187 -43.86 1.19 60.65
C GLN C 187 -43.84 -0.30 60.36
N MET C 188 -44.98 -0.89 60.03
CA MET C 188 -44.96 -2.30 59.67
C MET C 188 -44.12 -2.53 58.42
N ALA C 189 -44.27 -1.68 57.41
CA ALA C 189 -43.47 -1.82 56.20
C ALA C 189 -41.98 -1.64 56.49
N TRP C 190 -41.63 -0.64 57.32
CA TRP C 190 -40.24 -0.43 57.69
C TRP C 190 -39.64 -1.67 58.30
N THR C 191 -40.41 -2.34 59.17
CA THR C 191 -39.93 -3.60 59.74
C THR C 191 -39.69 -4.63 58.65
N PHE C 192 -40.57 -4.69 57.65
CA PHE C 192 -40.37 -5.65 56.56
C PHE C 192 -39.09 -5.34 55.78
N VAL C 193 -38.77 -4.05 55.59
CA VAL C 193 -37.54 -3.71 54.89
C VAL C 193 -36.34 -4.22 55.66
N ASN C 194 -36.32 -3.99 56.97
CA ASN C 194 -35.23 -4.48 57.81
C ASN C 194 -35.05 -5.99 57.67
N ASP C 195 -36.16 -6.72 57.60
CA ASP C 195 -36.07 -8.17 57.46
C ASP C 195 -35.57 -8.57 56.08
N SER C 196 -35.98 -7.81 55.05
CA SER C 196 -35.61 -8.15 53.69
C SER C 196 -34.10 -8.04 53.47
N LEU C 197 -33.39 -7.37 54.38
CA LEU C 197 -31.94 -7.25 54.24
C LEU C 197 -31.24 -8.57 54.53
N CYS C 198 -31.92 -9.48 55.23
CA CYS C 198 -31.38 -10.81 55.50
C CYS C 198 -31.52 -11.75 54.31
N THR C 199 -32.13 -11.28 53.24
CA THR C 199 -32.46 -12.10 52.08
C THR C 199 -31.74 -11.58 50.84
N THR C 200 -31.87 -12.36 49.77
CA THR C 200 -31.34 -12.01 48.47
C THR C 200 -32.29 -11.12 47.68
N LEU C 201 -33.38 -10.64 48.28
CA LEU C 201 -34.24 -9.71 47.58
C LEU C 201 -33.46 -8.48 47.15
N SER C 202 -32.52 -8.04 48.00
CA SER C 202 -31.63 -6.94 47.64
C SER C 202 -30.98 -7.18 46.30
N LEU C 203 -30.81 -8.45 45.92
CA LEU C 203 -30.17 -8.83 44.67
C LEU C 203 -31.15 -9.12 43.55
N GLN C 204 -32.45 -9.17 43.84
CA GLN C 204 -33.44 -9.53 42.84
C GLN C 204 -34.24 -8.35 42.31
N TRP C 205 -34.55 -7.36 43.15
CA TRP C 205 -35.43 -6.28 42.77
C TRP C 205 -34.86 -4.93 43.21
N GLU C 206 -35.11 -3.93 42.40
CA GLU C 206 -34.67 -2.58 42.73
C GLU C 206 -35.34 -2.14 44.02
N PRO C 207 -34.72 -1.22 44.76
CA PRO C 207 -35.30 -0.80 46.06
C PRO C 207 -36.69 -0.21 45.92
N GLU C 208 -36.97 0.51 44.82
CA GLU C 208 -38.30 1.06 44.64
C GLU C 208 -39.38 -0.03 44.69
N ILE C 209 -39.10 -1.18 44.06
CA ILE C 209 -40.05 -2.28 44.09
C ILE C 209 -40.17 -2.85 45.49
N ILE C 210 -39.07 -2.88 46.23
CA ILE C 210 -39.12 -3.41 47.60
C ILE C 210 -40.01 -2.52 48.47
N ALA C 211 -39.85 -1.21 48.33
CA ALA C 211 -40.68 -0.30 49.12
C ALA C 211 -42.16 -0.50 48.82
N VAL C 212 -42.49 -0.66 47.54
CA VAL C 212 -43.89 -0.90 47.19
C VAL C 212 -44.35 -2.24 47.75
N ALA C 213 -43.53 -3.28 47.57
CA ALA C 213 -43.94 -4.61 48.03
C ALA C 213 -44.24 -4.59 49.52
N VAL C 214 -43.41 -3.90 50.31
CA VAL C 214 -43.64 -3.89 51.75
C VAL C 214 -44.88 -3.06 52.09
N MET C 215 -45.13 -1.97 51.35
CA MET C 215 -46.40 -1.27 51.51
C MET C 215 -47.58 -2.16 51.15
N TYR C 216 -47.47 -2.89 50.04
CA TYR C 216 -48.49 -3.86 49.65
C TYR C 216 -48.70 -4.92 50.71
N LEU C 217 -47.61 -5.47 51.25
CA LEU C 217 -47.73 -6.49 52.27
C LEU C 217 -48.43 -5.96 53.51
N ALA C 218 -47.95 -4.83 54.03
CA ALA C 218 -48.58 -4.26 55.22
C ALA C 218 -50.05 -3.97 55.00
N GLY C 219 -50.40 -3.49 53.80
CA GLY C 219 -51.79 -3.21 53.50
C GLY C 219 -52.68 -4.43 53.64
N ARG C 220 -52.27 -5.54 53.03
CA ARG C 220 -53.03 -6.77 53.16
C ARG C 220 -53.15 -7.18 54.63
N LEU C 221 -52.04 -7.09 55.37
CA LEU C 221 -52.06 -7.50 56.77
C LEU C 221 -52.95 -6.60 57.62
N CYS C 222 -52.92 -5.28 57.41
CA CYS C 222 -53.76 -4.37 58.17
C CYS C 222 -55.16 -4.21 57.59
N LYS C 223 -55.45 -4.89 56.48
CA LYS C 223 -56.77 -4.78 55.83
C LYS C 223 -57.12 -3.33 55.49
N PHE C 224 -56.12 -2.56 55.05
CA PHE C 224 -56.28 -1.21 54.56
C PHE C 224 -56.31 -1.23 53.04
N GLU C 225 -57.08 -0.34 52.44
CA GLU C 225 -57.17 -0.21 50.98
C GLU C 225 -56.47 1.06 50.51
N ILE C 226 -55.17 0.91 50.22
CA ILE C 226 -54.29 2.06 50.05
C ILE C 226 -54.75 2.99 48.94
N GLN C 227 -55.40 2.46 47.89
CA GLN C 227 -55.79 3.34 46.78
C GLN C 227 -56.60 4.52 47.28
N GLU C 228 -57.36 4.35 48.36
CA GLU C 228 -58.18 5.44 48.87
C GLU C 228 -57.33 6.62 49.31
N TRP C 229 -56.10 6.38 49.77
CA TRP C 229 -55.23 7.44 50.24
C TRP C 229 -54.46 8.13 49.12
N THR C 230 -54.56 7.65 47.88
CA THR C 230 -53.82 8.21 46.77
C THR C 230 -54.61 9.33 46.09
N SER C 231 -53.93 10.05 45.18
CA SER C 231 -54.61 11.07 44.38
C SER C 231 -55.54 10.46 43.34
N LYS C 232 -55.53 9.13 43.17
CA LYS C 232 -56.33 8.45 42.17
C LYS C 232 -57.11 7.33 42.87
N PRO C 233 -58.11 7.70 43.69
CA PRO C 233 -58.71 6.73 44.60
C PRO C 233 -59.50 5.60 43.95
N MET C 234 -59.73 5.66 42.64
CA MET C 234 -60.46 4.61 41.93
C MET C 234 -59.52 3.79 41.04
N TYR C 235 -58.22 3.99 41.22
CA TYR C 235 -57.16 3.26 40.53
C TYR C 235 -56.71 2.14 41.48
N ARG C 236 -57.27 0.94 41.28
CA ARG C 236 -57.09 -0.12 42.26
C ARG C 236 -55.65 -0.60 42.36
N ARG C 237 -54.89 -0.51 41.27
CA ARG C 237 -53.46 -0.82 41.28
C ARG C 237 -52.72 0.44 41.70
N TRP C 238 -52.78 0.71 43.00
CA TRP C 238 -52.31 2.00 43.52
C TRP C 238 -50.82 2.22 43.26
N TRP C 239 -50.01 1.15 43.27
CA TRP C 239 -48.57 1.31 43.18
C TRP C 239 -48.10 1.81 41.82
N GLU C 240 -48.91 1.64 40.77
CA GLU C 240 -48.46 1.97 39.43
C GLU C 240 -48.06 3.43 39.28
N GLN C 241 -48.62 4.32 40.11
CA GLN C 241 -48.24 5.73 40.07
C GLN C 241 -46.91 6.00 40.75
N PHE C 242 -46.44 5.09 41.61
CA PHE C 242 -45.12 5.21 42.23
C PHE C 242 -44.04 4.50 41.43
N VAL C 243 -44.33 3.28 40.99
CA VAL C 243 -43.40 2.42 40.27
C VAL C 243 -44.11 1.89 39.04
N GLN C 244 -43.63 2.29 37.87
CA GLN C 244 -44.28 1.87 36.64
C GLN C 244 -43.84 0.45 36.29
N ASP C 245 -44.74 -0.29 35.63
CA ASP C 245 -44.42 -1.59 35.06
C ASP C 245 -44.14 -2.68 36.11
N VAL C 246 -44.84 -2.65 37.23
CA VAL C 246 -44.63 -3.71 38.22
C VAL C 246 -45.88 -4.58 38.28
N PRO C 247 -45.79 -5.85 37.91
CA PRO C 247 -46.94 -6.75 38.03
C PRO C 247 -47.13 -7.19 39.48
N VAL C 248 -48.38 -7.54 39.80
CA VAL C 248 -48.64 -8.11 41.12
C VAL C 248 -47.79 -9.36 41.32
N ASP C 249 -47.53 -10.09 40.23
CA ASP C 249 -46.68 -11.28 40.32
C ASP C 249 -45.45 -10.99 41.14
N VAL C 250 -44.79 -9.87 40.85
CA VAL C 250 -43.56 -9.52 41.55
C VAL C 250 -43.83 -9.20 43.01
N LEU C 251 -44.81 -8.33 43.26
CA LEU C 251 -45.11 -7.95 44.64
C LEU C 251 -45.49 -9.18 45.46
N GLU C 252 -46.20 -10.13 44.86
CA GLU C 252 -46.53 -11.35 45.58
C GLU C 252 -45.28 -12.19 45.83
N ASP C 253 -44.42 -12.35 44.81
CA ASP C 253 -43.20 -13.10 45.00
C ASP C 253 -42.38 -12.53 46.16
N ILE C 254 -42.27 -11.21 46.22
CA ILE C 254 -41.54 -10.57 47.30
C ILE C 254 -42.23 -10.81 48.63
N CYS C 255 -43.55 -10.63 48.67
CA CYS C 255 -44.27 -10.86 49.92
C CYS C 255 -44.07 -12.30 50.41
N HIS C 256 -44.18 -13.26 49.49
CA HIS C 256 -44.02 -14.66 49.86
C HIS C 256 -42.66 -14.89 50.52
N GLN C 257 -41.61 -14.31 49.96
CA GLN C 257 -40.28 -14.49 50.52
C GLN C 257 -40.19 -13.90 51.92
N ILE C 258 -40.69 -12.68 52.12
CA ILE C 258 -40.63 -12.09 53.47
C ILE C 258 -41.45 -12.92 54.45
N LEU C 259 -42.67 -13.29 54.05
CA LEU C 259 -43.50 -14.06 54.97
C LEU C 259 -42.89 -15.44 55.26
N ASP C 260 -42.19 -16.03 54.28
CA ASP C 260 -41.54 -17.32 54.54
C ASP C 260 -40.52 -17.22 55.67
N LEU C 261 -39.86 -16.07 55.81
CA LEU C 261 -38.94 -15.89 56.92
C LEU C 261 -39.70 -15.95 58.24
N TYR C 262 -40.87 -15.31 58.31
CA TYR C 262 -41.69 -15.33 59.50
C TYR C 262 -42.35 -16.70 59.74
N SER C 263 -42.54 -17.50 58.70
CA SER C 263 -43.13 -18.81 58.89
C SER C 263 -42.09 -19.85 59.27
N GLN C 264 -40.82 -19.56 58.97
CA GLN C 264 -39.72 -20.41 59.38
C GLN C 264 -39.29 -20.11 60.80
N GLY C 265 -39.19 -18.83 61.14
CA GLY C 265 -38.94 -18.45 62.51
C GLY C 265 -40.18 -18.45 63.36
N LYS C 266 -39.96 -18.46 64.66
CA LYS C 266 -41.08 -18.46 65.60
C LYS C 266 -41.90 -17.19 65.49
N GLN C 267 -41.23 -16.06 65.25
CA GLN C 267 -41.94 -14.78 65.27
C GLN C 267 -43.02 -14.71 64.20
N GLN C 268 -44.19 -14.25 64.61
CA GLN C 268 -45.35 -14.07 63.72
C GLN C 268 -45.23 -12.72 63.02
N MET C 269 -46.15 -12.45 62.08
CA MET C 269 -46.16 -11.15 61.43
C MET C 269 -46.33 -10.07 62.49
N PRO C 270 -45.69 -8.91 62.32
CA PRO C 270 -45.67 -7.93 63.43
C PRO C 270 -47.04 -7.43 63.86
N HIS C 271 -47.91 -7.13 62.90
CA HIS C 271 -49.22 -6.55 63.15
C HIS C 271 -49.33 -5.76 64.45
N MET D 5 3.94 -63.79 6.47
CA MET D 5 3.00 -63.69 7.62
C MET D 5 3.78 -63.38 8.90
N SER D 6 3.06 -62.85 9.91
CA SER D 6 3.64 -62.47 11.18
C SER D 6 3.03 -63.32 12.28
N TYR D 7 3.81 -63.59 13.32
CA TYR D 7 3.44 -64.53 14.37
C TYR D 7 3.59 -63.85 15.72
N ASN D 8 2.51 -63.78 16.49
CA ASN D 8 2.50 -63.05 17.73
C ASN D 8 1.68 -63.79 18.79
N TYR D 9 1.95 -63.42 20.05
CA TYR D 9 1.45 -64.06 21.26
C TYR D 9 0.92 -62.97 22.16
N VAL D 10 -0.29 -63.16 22.70
CA VAL D 10 -0.97 -62.13 23.48
C VAL D 10 -1.41 -62.73 24.81
N VAL D 11 -0.97 -62.12 25.92
CA VAL D 11 -1.31 -62.59 27.25
C VAL D 11 -1.85 -61.45 28.10
N THR D 12 -2.63 -61.83 29.12
CA THR D 12 -3.12 -60.90 30.11
C THR D 12 -2.11 -60.81 31.26
N ALA D 13 -1.66 -59.60 31.56
CA ALA D 13 -0.81 -59.38 32.73
C ALA D 13 -1.62 -58.98 33.95
N GLN D 14 -2.70 -58.22 33.75
CA GLN D 14 -3.63 -57.85 34.81
C GLN D 14 -5.02 -58.04 34.24
N LYS D 15 -5.85 -58.80 34.94
CA LYS D 15 -7.21 -59.05 34.46
C LYS D 15 -8.02 -57.77 34.51
N PRO D 16 -9.15 -57.73 33.81
CA PRO D 16 -10.03 -56.56 33.91
C PRO D 16 -10.41 -56.27 35.36
N THR D 17 -10.36 -54.99 35.72
CA THR D 17 -10.67 -54.57 37.08
C THR D 17 -11.96 -53.76 37.20
N ALA D 18 -12.45 -53.21 36.10
CA ALA D 18 -13.64 -52.37 36.12
C ALA D 18 -14.89 -53.21 36.29
N VAL D 19 -15.82 -52.73 37.10
CA VAL D 19 -17.07 -53.43 37.35
C VAL D 19 -18.07 -53.02 36.28
N ASN D 20 -18.50 -53.99 35.48
CA ASN D 20 -19.48 -53.75 34.43
C ASN D 20 -20.90 -54.01 34.91
N GLY D 21 -21.09 -54.97 35.79
CA GLY D 21 -22.40 -55.23 36.37
C GLY D 21 -22.27 -56.11 37.60
N CYS D 22 -23.24 -55.98 38.51
CA CYS D 22 -23.27 -56.82 39.70
C CYS D 22 -24.72 -57.14 40.04
N VAL D 23 -24.95 -58.35 40.55
CA VAL D 23 -26.28 -58.81 40.95
C VAL D 23 -26.22 -59.57 42.28
N THR D 24 -27.37 -59.65 42.94
CA THR D 24 -27.52 -60.37 44.20
C THR D 24 -28.56 -61.47 44.04
N GLY D 25 -28.34 -62.61 44.69
CA GLY D 25 -29.31 -63.68 44.66
C GLY D 25 -28.90 -64.88 45.48
N HIS D 26 -29.46 -66.03 45.11
CA HIS D 26 -29.22 -67.30 45.79
C HIS D 26 -28.78 -68.32 44.73
N PHE D 27 -27.54 -68.20 44.27
CA PHE D 27 -27.01 -68.96 43.15
C PHE D 27 -26.25 -70.21 43.58
N THR D 28 -25.39 -70.10 44.59
CA THR D 28 -24.60 -71.26 45.01
C THR D 28 -25.41 -72.20 45.89
N SER D 29 -26.29 -71.65 46.72
CA SER D 29 -27.17 -72.43 47.57
C SER D 29 -28.40 -71.60 47.86
N ALA D 30 -29.53 -72.27 48.09
CA ALA D 30 -30.74 -71.54 48.45
C ALA D 30 -30.58 -70.79 49.75
N GLU D 31 -29.54 -71.10 50.53
CA GLU D 31 -29.28 -70.49 51.82
C GLU D 31 -28.32 -69.32 51.70
N ASP D 32 -27.31 -69.46 50.84
CA ASP D 32 -26.28 -68.44 50.73
C ASP D 32 -26.81 -67.21 50.02
N LEU D 33 -26.39 -66.03 50.49
CA LEU D 33 -26.62 -64.79 49.77
C LEU D 33 -25.38 -64.51 48.92
N ASN D 34 -25.59 -64.38 47.61
CA ASN D 34 -24.49 -64.26 46.67
C ASN D 34 -24.46 -62.87 46.05
N LEU D 35 -23.25 -62.44 45.71
CA LEU D 35 -23.00 -61.23 44.95
C LEU D 35 -22.15 -61.66 43.75
N LEU D 36 -22.71 -61.56 42.56
CA LEU D 36 -21.98 -61.88 41.33
C LEU D 36 -21.57 -60.58 40.67
N ILE D 37 -20.26 -60.37 40.53
CA ILE D 37 -19.69 -59.18 39.92
C ILE D 37 -19.18 -59.56 38.54
N ALA D 38 -19.48 -58.72 37.56
CA ALA D 38 -19.05 -58.94 36.18
C ALA D 38 -17.93 -57.97 35.80
N LYS D 39 -16.80 -58.52 35.42
CA LYS D 39 -15.71 -57.83 34.72
C LYS D 39 -15.73 -58.33 33.29
N ASN D 40 -15.17 -57.53 32.38
CA ASN D 40 -15.47 -57.68 30.97
C ASN D 40 -15.64 -59.13 30.53
N THR D 41 -14.64 -59.97 30.80
CA THR D 41 -14.68 -61.38 30.48
C THR D 41 -14.72 -62.28 31.71
N ARG D 42 -14.82 -61.70 32.91
CA ARG D 42 -14.69 -62.44 34.16
C ARG D 42 -15.96 -62.35 35.00
N LEU D 43 -16.40 -63.50 35.53
CA LEU D 43 -17.51 -63.56 36.47
C LEU D 43 -16.95 -63.98 37.82
N GLU D 44 -17.16 -63.14 38.84
CA GLU D 44 -16.70 -63.40 40.20
C GLU D 44 -17.92 -63.71 41.07
N ILE D 45 -17.83 -64.79 41.85
CA ILE D 45 -18.93 -65.22 42.72
C ILE D 45 -18.47 -65.08 44.16
N TYR D 46 -19.25 -64.36 44.96
CA TYR D 46 -18.97 -64.11 46.38
C TYR D 46 -20.14 -64.56 47.24
N VAL D 47 -19.89 -64.72 48.55
CA VAL D 47 -20.95 -64.98 49.53
C VAL D 47 -20.91 -63.89 50.60
N VAL D 48 -22.08 -63.34 50.92
CA VAL D 48 -22.19 -62.23 51.84
C VAL D 48 -22.06 -62.71 53.28
N THR D 49 -21.20 -62.04 54.05
CA THR D 49 -21.01 -62.26 55.48
C THR D 49 -21.29 -60.95 56.21
N ALA D 50 -21.17 -60.96 57.54
CA ALA D 50 -21.24 -59.72 58.31
C ALA D 50 -19.93 -58.94 58.24
N GLU D 51 -18.89 -59.54 57.66
CA GLU D 51 -17.54 -58.99 57.60
C GLU D 51 -17.23 -58.35 56.26
N GLY D 52 -17.72 -58.94 55.18
CA GLY D 52 -17.42 -58.50 53.84
C GLY D 52 -17.93 -59.52 52.84
N LEU D 53 -17.09 -59.86 51.87
CA LEU D 53 -17.45 -60.80 50.82
C LEU D 53 -16.49 -61.98 50.90
N ARG D 54 -17.03 -63.19 50.86
CA ARG D 54 -16.19 -64.38 50.85
C ARG D 54 -16.14 -64.95 49.45
N PRO D 55 -14.98 -64.92 48.78
CA PRO D 55 -14.91 -65.46 47.42
C PRO D 55 -15.14 -66.97 47.43
N VAL D 56 -15.75 -67.47 46.35
CA VAL D 56 -16.03 -68.90 46.27
C VAL D 56 -15.51 -69.46 44.94
N LYS D 57 -15.67 -68.70 43.86
CA LYS D 57 -15.29 -69.20 42.54
C LYS D 57 -15.17 -68.04 41.58
N GLU D 58 -14.19 -68.13 40.68
CA GLU D 58 -14.06 -67.20 39.58
C GLU D 58 -13.86 -67.98 38.30
N VAL D 59 -14.58 -67.61 37.25
CA VAL D 59 -14.45 -68.23 35.94
C VAL D 59 -14.27 -67.15 34.89
N GLY D 60 -13.61 -67.53 33.80
CA GLY D 60 -13.59 -66.74 32.58
C GLY D 60 -14.56 -67.30 31.57
N MET D 61 -15.03 -66.41 30.68
CA MET D 61 -15.88 -66.79 29.55
C MET D 61 -15.24 -66.32 28.26
N TYR D 62 -15.54 -67.04 27.18
CA TYR D 62 -15.06 -66.67 25.85
C TYR D 62 -16.05 -65.68 25.22
N GLY D 63 -16.17 -64.52 25.86
CA GLY D 63 -17.14 -63.52 25.47
C GLY D 63 -17.25 -62.38 26.46
N LYS D 64 -17.68 -61.22 25.99
CA LYS D 64 -17.92 -60.05 26.82
C LYS D 64 -19.33 -60.11 27.41
N ILE D 65 -19.43 -60.05 28.74
CA ILE D 65 -20.73 -60.21 29.38
C ILE D 65 -21.56 -58.94 29.18
N ALA D 66 -22.68 -59.06 28.48
CA ALA D 66 -23.60 -57.94 28.27
C ALA D 66 -24.76 -57.95 29.25
N VAL D 67 -25.43 -59.08 29.40
CA VAL D 67 -26.57 -59.23 30.30
C VAL D 67 -26.22 -60.29 31.33
N MET D 68 -26.48 -60.00 32.61
CA MET D 68 -26.30 -60.96 33.69
C MET D 68 -27.43 -60.78 34.69
N GLU D 69 -28.29 -61.78 34.83
CA GLU D 69 -29.44 -61.72 35.72
C GLU D 69 -29.70 -63.11 36.30
N LEU D 70 -30.17 -63.12 37.54
CA LEU D 70 -30.45 -64.35 38.26
C LEU D 70 -31.96 -64.59 38.27
N PHE D 71 -32.37 -65.78 37.85
CA PHE D 71 -33.78 -66.15 37.82
C PHE D 71 -33.90 -67.53 38.45
N ARG D 72 -35.07 -67.78 39.05
CA ARG D 72 -35.35 -69.06 39.70
C ARG D 72 -36.68 -69.57 39.16
N PRO D 73 -36.65 -70.42 38.15
CA PRO D 73 -37.91 -70.87 37.54
C PRO D 73 -38.65 -71.85 38.45
N LYS D 74 -39.95 -71.91 38.25
CA LYS D 74 -40.79 -72.82 39.02
C LYS D 74 -40.19 -74.21 38.99
N GLY D 75 -39.98 -74.79 40.18
CA GLY D 75 -39.42 -76.12 40.29
C GLY D 75 -37.96 -76.20 40.72
N GLU D 76 -37.22 -75.09 40.69
CA GLU D 76 -35.81 -75.14 41.04
C GLU D 76 -35.53 -74.97 42.52
N SER D 77 -34.42 -75.57 42.95
CA SER D 77 -33.99 -75.48 44.34
C SER D 77 -33.39 -74.12 44.66
N LYS D 78 -32.72 -73.51 43.69
CA LYS D 78 -31.94 -72.30 43.90
C LYS D 78 -31.89 -71.54 42.58
N ASP D 79 -31.34 -70.33 42.64
CA ASP D 79 -31.33 -69.47 41.47
C ASP D 79 -30.39 -69.98 40.39
N LEU D 80 -30.78 -69.74 39.14
CA LEU D 80 -29.95 -69.96 37.96
C LEU D 80 -29.50 -68.61 37.40
N LEU D 81 -28.50 -68.66 36.52
CA LEU D 81 -27.88 -67.45 35.98
C LEU D 81 -28.03 -67.41 34.46
N PHE D 82 -28.46 -66.26 33.94
CA PHE D 82 -28.49 -66.02 32.50
C PHE D 82 -27.42 -65.00 32.13
N ILE D 83 -26.61 -65.32 31.12
CA ILE D 83 -25.57 -64.42 30.63
C ILE D 83 -25.67 -64.37 29.11
N LEU D 84 -25.61 -63.15 28.56
CA LEU D 84 -25.57 -62.91 27.13
C LEU D 84 -24.32 -62.10 26.82
N THR D 85 -23.54 -62.55 25.86
CA THR D 85 -22.31 -61.85 25.48
C THR D 85 -22.55 -60.86 24.34
N ALA D 86 -21.56 -60.00 24.13
CA ALA D 86 -21.65 -58.98 23.09
C ALA D 86 -21.62 -59.59 21.69
N LYS D 87 -21.16 -60.83 21.54
CA LYS D 87 -21.29 -61.54 20.27
C LYS D 87 -22.57 -62.36 20.21
N TYR D 88 -23.48 -62.15 21.15
CA TYR D 88 -24.81 -62.75 21.18
C TYR D 88 -24.77 -64.23 21.56
N ASN D 89 -23.80 -64.61 22.39
CA ASN D 89 -23.78 -65.94 22.99
C ASN D 89 -24.62 -65.92 24.26
N ALA D 90 -25.70 -66.70 24.26
CA ALA D 90 -26.60 -66.80 25.40
C ALA D 90 -26.39 -68.13 26.11
N CYS D 91 -26.61 -68.15 27.42
CA CYS D 91 -26.51 -69.39 28.17
C CYS D 91 -27.20 -69.22 29.51
N ILE D 92 -27.58 -70.37 30.08
CA ILE D 92 -28.09 -70.45 31.45
C ILE D 92 -27.14 -71.33 32.24
N LEU D 93 -26.69 -70.84 33.38
CA LEU D 93 -25.64 -71.49 34.16
C LEU D 93 -26.17 -71.93 35.52
N GLU D 94 -25.58 -73.02 36.02
CA GLU D 94 -25.89 -73.56 37.33
C GLU D 94 -24.61 -73.78 38.12
N TYR D 95 -24.63 -73.40 39.39
CA TYR D 95 -23.55 -73.69 40.32
C TYR D 95 -23.76 -75.09 40.88
N LYS D 96 -22.74 -75.94 40.77
CA LYS D 96 -22.81 -77.29 41.30
C LYS D 96 -21.50 -77.60 41.99
N GLN D 97 -21.59 -78.02 43.26
CA GLN D 97 -20.39 -78.29 44.05
C GLN D 97 -20.55 -79.60 44.81
N SER D 98 -19.56 -80.46 44.68
CA SER D 98 -19.52 -81.76 45.36
C SER D 98 -18.22 -81.80 46.16
N GLY D 99 -18.31 -81.51 47.46
CA GLY D 99 -17.11 -81.41 48.27
C GLY D 99 -16.32 -80.22 47.82
N GLU D 100 -15.06 -80.44 47.46
CA GLU D 100 -14.20 -79.37 46.99
C GLU D 100 -14.28 -79.13 45.49
N SER D 101 -14.95 -80.01 44.74
CA SER D 101 -14.98 -79.89 43.28
C SER D 101 -16.09 -78.91 42.91
N ILE D 102 -15.70 -77.77 42.36
CA ILE D 102 -16.63 -76.74 41.92
C ILE D 102 -16.65 -76.71 40.41
N ASP D 103 -17.84 -76.76 39.83
CA ASP D 103 -18.02 -76.66 38.40
C ASP D 103 -19.22 -75.75 38.15
N ILE D 104 -19.21 -75.09 36.99
CA ILE D 104 -20.32 -74.25 36.54
C ILE D 104 -20.92 -74.95 35.34
N ILE D 105 -22.18 -75.34 35.46
CA ILE D 105 -22.82 -76.19 34.46
C ILE D 105 -23.61 -75.36 33.48
N THR D 106 -23.47 -75.70 32.19
CA THR D 106 -24.21 -75.06 31.11
C THR D 106 -25.53 -75.80 30.93
N ARG D 107 -26.62 -75.20 31.40
CA ARG D 107 -27.92 -75.85 31.31
C ARG D 107 -28.56 -75.60 29.94
N ALA D 108 -28.32 -74.44 29.34
CA ALA D 108 -28.86 -74.09 28.04
C ALA D 108 -27.87 -73.15 27.36
N HIS D 109 -27.79 -73.23 26.04
CA HIS D 109 -26.88 -72.34 25.32
C HIS D 109 -27.21 -72.26 23.85
N GLY D 110 -26.83 -71.13 23.26
CA GLY D 110 -27.03 -70.87 21.85
C GLY D 110 -26.70 -69.43 21.54
N ASN D 111 -26.66 -69.13 20.24
CA ASN D 111 -26.37 -67.78 19.76
C ASN D 111 -27.66 -67.15 19.24
N VAL D 112 -27.98 -65.98 19.74
CA VAL D 112 -29.29 -65.36 19.54
C VAL D 112 -29.24 -64.26 18.49
N GLN D 113 -28.18 -64.19 17.69
CA GLN D 113 -28.06 -63.15 16.69
C GLN D 113 -29.05 -63.35 15.55
N ASP D 114 -29.62 -62.25 15.07
CA ASP D 114 -30.53 -62.25 13.94
C ASP D 114 -29.75 -61.94 12.67
N ARG D 115 -30.16 -62.57 11.56
CA ARG D 115 -29.47 -62.30 10.31
C ARG D 115 -29.56 -60.82 9.94
N ILE D 116 -30.72 -60.21 10.16
CA ILE D 116 -30.99 -58.84 9.78
C ILE D 116 -31.51 -58.08 10.98
N GLY D 117 -30.88 -56.94 11.26
CA GLY D 117 -31.30 -56.10 12.36
C GLY D 117 -30.35 -54.94 12.57
N ARG D 118 -30.86 -53.83 13.10
CA ARG D 118 -30.02 -52.68 13.39
C ARG D 118 -29.73 -52.65 14.88
N PRO D 119 -28.47 -52.82 15.30
CA PRO D 119 -28.16 -52.79 16.73
C PRO D 119 -28.61 -51.48 17.37
N SER D 120 -29.25 -51.59 18.53
CA SER D 120 -29.89 -50.42 19.14
C SER D 120 -28.87 -49.42 19.65
N GLU D 121 -29.28 -48.16 19.72
CA GLU D 121 -28.38 -47.10 20.14
C GLU D 121 -27.96 -47.28 21.59
N THR D 122 -28.92 -47.53 22.49
CA THR D 122 -28.61 -47.66 23.92
C THR D 122 -28.14 -49.07 24.30
N GLY D 123 -27.82 -49.92 23.32
CA GLY D 123 -27.17 -51.19 23.60
C GLY D 123 -28.11 -52.31 23.99
N ILE D 124 -27.51 -53.50 24.21
CA ILE D 124 -28.31 -54.67 24.57
C ILE D 124 -28.97 -54.46 25.91
N ILE D 125 -30.24 -54.82 26.00
CA ILE D 125 -30.98 -54.89 27.25
C ILE D 125 -31.51 -56.32 27.41
N GLY D 126 -31.39 -56.86 28.64
CA GLY D 126 -31.95 -58.15 28.96
C GLY D 126 -32.79 -58.12 30.23
N ILE D 127 -33.99 -58.69 30.16
CA ILE D 127 -34.92 -58.71 31.28
C ILE D 127 -35.60 -60.07 31.37
N ILE D 128 -36.06 -60.43 32.57
CA ILE D 128 -36.73 -61.70 32.79
C ILE D 128 -38.05 -61.48 33.52
N ASP D 129 -39.06 -62.25 33.14
CA ASP D 129 -40.39 -62.15 33.71
C ASP D 129 -40.34 -62.40 35.22
N PRO D 130 -41.16 -61.71 36.02
CA PRO D 130 -41.15 -62.00 37.46
C PRO D 130 -41.50 -63.44 37.76
N GLU D 131 -42.33 -64.05 36.91
CA GLU D 131 -42.69 -65.46 37.03
C GLU D 131 -41.75 -66.36 36.24
N CYS D 132 -40.60 -65.84 35.82
CA CYS D 132 -39.59 -66.60 35.11
C CYS D 132 -40.21 -67.43 34.00
N ARG D 133 -41.10 -66.80 33.24
CA ARG D 133 -41.70 -67.47 32.10
C ARG D 133 -40.92 -67.29 30.81
N MET D 134 -40.17 -66.20 30.66
CA MET D 134 -39.48 -65.94 29.42
C MET D 134 -38.32 -64.98 29.69
N ILE D 135 -37.39 -64.93 28.77
CA ILE D 135 -36.31 -63.95 28.77
C ILE D 135 -36.60 -62.97 27.65
N GLY D 136 -36.65 -61.68 27.99
CA GLY D 136 -36.84 -60.63 27.00
C GLY D 136 -35.50 -60.02 26.63
N LEU D 137 -35.26 -59.89 25.33
CA LEU D 137 -34.02 -59.32 24.82
C LEU D 137 -34.34 -58.18 23.85
N ARG D 138 -33.67 -57.05 24.03
CA ARG D 138 -33.75 -55.92 23.10
C ARG D 138 -32.38 -55.83 22.43
N LEU D 139 -32.24 -56.46 21.28
CA LEU D 139 -30.99 -56.49 20.54
C LEU D 139 -30.97 -55.49 19.39
N TYR D 140 -32.10 -55.30 18.71
CA TYR D 140 -32.15 -54.48 17.52
C TYR D 140 -33.33 -53.50 17.61
N ASP D 141 -33.17 -52.35 16.95
CA ASP D 141 -34.25 -51.40 16.85
C ASP D 141 -35.44 -52.07 16.20
N GLY D 142 -36.62 -51.92 16.80
CA GLY D 142 -37.83 -52.41 16.19
C GLY D 142 -38.09 -53.90 16.29
N LEU D 143 -37.27 -54.64 17.01
CA LEU D 143 -37.46 -56.08 17.18
C LEU D 143 -37.28 -56.38 18.67
N PHE D 144 -38.20 -57.17 19.22
CA PHE D 144 -38.15 -57.66 20.60
C PHE D 144 -38.08 -59.18 20.53
N LYS D 145 -37.01 -59.75 21.08
CA LYS D 145 -36.77 -61.19 21.02
C LYS D 145 -37.20 -61.84 22.33
N VAL D 146 -37.90 -62.97 22.23
CA VAL D 146 -38.39 -63.69 23.40
C VAL D 146 -37.81 -65.10 23.41
N ILE D 147 -37.10 -65.43 24.49
CA ILE D 147 -36.69 -66.79 24.78
C ILE D 147 -37.66 -67.34 25.85
N PRO D 148 -38.54 -68.28 25.52
CA PRO D 148 -39.41 -68.82 26.56
C PRO D 148 -38.65 -69.72 27.54
N LEU D 149 -38.95 -69.58 28.83
CA LEU D 149 -38.27 -70.35 29.87
C LEU D 149 -38.99 -71.69 30.04
N ASP D 150 -38.88 -72.49 28.98
CA ASP D 150 -39.36 -73.86 28.95
C ASP D 150 -38.31 -74.81 29.52
N ARG D 151 -38.77 -75.92 30.09
CA ARG D 151 -37.83 -76.90 30.63
C ARG D 151 -36.97 -77.48 29.51
N ASP D 152 -37.56 -77.68 28.32
CA ASP D 152 -36.89 -78.33 27.20
C ASP D 152 -36.14 -77.37 26.28
N ASN D 153 -36.26 -76.06 26.48
CA ASN D 153 -35.66 -75.10 25.55
C ASN D 153 -34.16 -75.01 25.81
N LYS D 154 -33.48 -76.14 25.56
CA LYS D 154 -32.06 -76.25 25.83
C LYS D 154 -31.20 -75.54 24.80
N GLU D 155 -31.75 -75.20 23.63
CA GLU D 155 -31.04 -74.41 22.63
C GLU D 155 -31.36 -72.92 22.71
N LEU D 156 -32.17 -72.50 23.68
CA LEU D 156 -32.56 -71.09 23.83
C LEU D 156 -33.12 -70.56 22.51
N LYS D 157 -34.04 -71.31 21.94
CA LYS D 157 -34.75 -70.88 20.74
C LYS D 157 -35.63 -69.68 21.07
N ALA D 158 -35.77 -68.78 20.09
CA ALA D 158 -36.48 -67.53 20.34
C ALA D 158 -37.19 -67.06 19.08
N PHE D 159 -38.11 -66.12 19.27
CA PHE D 159 -38.87 -65.48 18.20
C PHE D 159 -38.88 -63.98 18.45
N ASN D 160 -39.07 -63.20 17.39
CA ASN D 160 -39.06 -61.75 17.48
C ASN D 160 -40.46 -61.19 17.28
N ILE D 161 -40.84 -60.24 18.12
CA ILE D 161 -42.13 -59.55 18.04
C ILE D 161 -41.85 -58.15 17.50
N ARG D 162 -42.56 -57.76 16.43
CA ARG D 162 -42.33 -56.43 15.88
C ARG D 162 -42.62 -55.37 16.93
N LEU D 163 -41.73 -54.38 17.01
CA LEU D 163 -41.87 -53.27 17.95
C LEU D 163 -42.00 -51.98 17.16
N GLU D 164 -43.14 -51.31 17.31
CA GLU D 164 -43.38 -50.10 16.51
C GLU D 164 -42.40 -48.99 16.86
N GLU D 165 -42.13 -48.79 18.15
CA GLU D 165 -41.28 -47.68 18.61
C GLU D 165 -39.83 -48.12 18.40
N LEU D 166 -39.15 -47.53 17.41
CA LEU D 166 -37.85 -48.05 17.03
C LEU D 166 -36.81 -47.74 18.09
N HIS D 167 -36.78 -46.52 18.60
CA HIS D 167 -35.73 -46.06 19.51
C HIS D 167 -36.22 -46.16 20.95
N VAL D 168 -35.81 -47.22 21.64
CA VAL D 168 -36.22 -47.47 23.01
C VAL D 168 -35.08 -47.06 23.94
N ILE D 169 -35.41 -46.36 25.02
CA ILE D 169 -34.37 -45.96 25.97
C ILE D 169 -34.13 -47.08 26.97
N ASP D 170 -35.19 -47.60 27.58
CA ASP D 170 -35.09 -48.66 28.59
C ASP D 170 -36.40 -49.44 28.66
N VAL D 171 -36.30 -50.70 29.07
CA VAL D 171 -37.47 -51.57 29.20
C VAL D 171 -37.26 -52.49 30.40
N LYS D 172 -38.35 -52.78 31.10
CA LYS D 172 -38.37 -53.71 32.22
C LYS D 172 -39.67 -54.50 32.17
N PHE D 173 -39.65 -55.72 32.68
CA PHE D 173 -40.89 -56.45 32.96
C PHE D 173 -41.51 -55.90 34.25
N LEU D 174 -42.83 -55.82 34.28
CA LEU D 174 -43.53 -55.26 35.42
C LEU D 174 -44.03 -56.34 36.40
N TYR D 175 -44.19 -55.92 37.65
CA TYR D 175 -44.73 -56.74 38.72
C TYR D 175 -46.23 -56.48 38.86
N GLY D 176 -46.93 -57.48 39.38
CA GLY D 176 -48.32 -57.29 39.73
C GLY D 176 -49.26 -57.27 38.55
N CYS D 177 -48.91 -57.93 37.47
CA CYS D 177 -49.73 -57.99 36.26
C CYS D 177 -50.13 -59.43 36.02
N GLN D 178 -51.38 -59.65 35.57
CA GLN D 178 -51.79 -61.03 35.33
C GLN D 178 -51.12 -61.62 34.09
N ALA D 179 -50.81 -60.79 33.11
CA ALA D 179 -50.13 -61.25 31.93
C ALA D 179 -48.74 -60.61 31.89
N PRO D 180 -47.75 -61.24 31.26
CA PRO D 180 -46.43 -60.62 31.16
C PRO D 180 -46.54 -59.25 30.51
N THR D 181 -46.08 -58.23 31.23
CA THR D 181 -46.22 -56.85 30.80
C THR D 181 -44.85 -56.22 30.76
N ILE D 182 -44.56 -55.53 29.66
CA ILE D 182 -43.33 -54.76 29.53
C ILE D 182 -43.70 -53.29 29.61
N CYS D 183 -42.88 -52.52 30.31
CA CYS D 183 -42.99 -51.07 30.37
C CYS D 183 -41.70 -50.50 29.80
N PHE D 184 -41.81 -49.58 28.86
CA PHE D 184 -40.62 -49.06 28.20
C PHE D 184 -40.76 -47.59 27.90
N VAL D 185 -39.61 -46.91 27.89
CA VAL D 185 -39.50 -45.51 27.52
C VAL D 185 -38.86 -45.42 26.15
N TYR D 186 -39.45 -44.64 25.27
CA TYR D 186 -39.00 -44.51 23.89
C TYR D 186 -38.92 -43.05 23.51
N GLN D 187 -38.21 -42.78 22.42
CA GLN D 187 -38.04 -41.43 21.90
C GLN D 187 -38.47 -41.44 20.45
N ASP D 188 -39.47 -40.61 20.15
CA ASP D 188 -39.99 -40.41 18.81
C ASP D 188 -39.86 -38.90 18.61
N PRO D 189 -40.22 -38.36 17.46
CA PRO D 189 -40.06 -36.91 17.25
C PRO D 189 -40.84 -36.07 18.24
N GLN D 190 -41.90 -36.61 18.84
CA GLN D 190 -42.77 -35.85 19.72
C GLN D 190 -42.20 -35.67 21.13
N GLY D 191 -41.18 -36.43 21.49
CA GLY D 191 -40.59 -36.37 22.81
C GLY D 191 -40.27 -37.75 23.30
N ARG D 192 -40.15 -37.89 24.62
CA ARG D 192 -40.01 -39.18 25.26
C ARG D 192 -41.30 -39.53 25.98
N HIS D 193 -41.69 -40.79 25.89
CA HIS D 193 -42.96 -41.26 26.41
C HIS D 193 -42.69 -42.60 27.07
N VAL D 194 -43.59 -43.01 27.95
CA VAL D 194 -43.58 -44.33 28.55
C VAL D 194 -44.80 -45.07 28.02
N LYS D 195 -44.64 -46.34 27.71
CA LYS D 195 -45.70 -47.13 27.10
C LYS D 195 -45.56 -48.54 27.65
N THR D 196 -46.66 -49.27 27.65
CA THR D 196 -46.67 -50.64 28.11
C THR D 196 -47.23 -51.53 27.01
N TYR D 197 -46.75 -52.76 26.97
CA TYR D 197 -47.28 -53.82 26.14
C TYR D 197 -47.39 -55.07 26.99
N GLU D 198 -48.28 -55.96 26.59
CA GLU D 198 -48.33 -57.32 27.13
C GLU D 198 -47.76 -58.30 26.12
N VAL D 199 -47.09 -59.32 26.63
CA VAL D 199 -46.41 -60.33 25.83
C VAL D 199 -47.15 -61.64 25.98
N SER D 200 -47.64 -62.20 24.88
CA SER D 200 -48.32 -63.49 24.88
C SER D 200 -47.39 -64.52 24.25
N LEU D 201 -46.89 -65.45 25.07
CA LEU D 201 -46.04 -66.51 24.53
C LEU D 201 -46.82 -67.44 23.59
N ARG D 202 -48.12 -67.61 23.85
CA ARG D 202 -48.91 -68.53 23.03
C ARG D 202 -49.12 -67.97 21.63
N GLU D 203 -49.47 -66.69 21.52
CA GLU D 203 -49.69 -66.08 20.23
C GLU D 203 -48.40 -65.58 19.58
N LYS D 204 -47.32 -65.43 20.35
CA LYS D 204 -46.07 -64.89 19.85
C LYS D 204 -46.29 -63.47 19.29
N GLU D 205 -46.91 -62.61 20.10
CA GLU D 205 -47.17 -61.25 19.67
C GLU D 205 -47.39 -60.36 20.89
N PHE D 206 -47.37 -59.04 20.65
CA PHE D 206 -47.74 -58.06 21.68
C PHE D 206 -49.26 -57.87 21.68
N ASN D 207 -49.81 -57.63 22.87
CA ASN D 207 -51.20 -57.23 23.05
C ASN D 207 -51.28 -55.90 23.82
N LYS D 208 -52.48 -55.33 23.82
CA LYS D 208 -52.74 -54.05 24.47
C LYS D 208 -52.22 -54.06 25.91
N GLY D 209 -51.57 -52.97 26.30
CA GLY D 209 -50.95 -52.88 27.60
C GLY D 209 -51.87 -52.36 28.69
N PRO D 210 -51.50 -52.60 29.96
CA PRO D 210 -52.40 -52.22 31.05
C PRO D 210 -52.65 -50.73 31.18
N TRP D 211 -51.72 -49.85 30.80
CA TRP D 211 -52.03 -48.44 30.93
C TRP D 211 -51.41 -47.61 29.80
N LYS D 212 -52.07 -46.49 29.53
CA LYS D 212 -51.76 -45.69 28.37
C LYS D 212 -50.37 -45.06 28.48
N GLN D 213 -49.92 -44.49 27.38
CA GLN D 213 -48.67 -43.75 27.34
C GLN D 213 -48.84 -42.46 28.13
N GLU D 214 -47.74 -41.94 28.64
CA GLU D 214 -47.73 -40.59 29.18
C GLU D 214 -46.59 -39.85 28.49
N ASN D 215 -46.76 -38.55 28.29
CA ASN D 215 -45.64 -37.74 27.83
C ASN D 215 -44.74 -37.50 29.05
N VAL D 216 -43.50 -37.99 28.98
CA VAL D 216 -42.61 -37.99 30.13
C VAL D 216 -41.42 -37.08 29.83
N GLU D 217 -40.59 -36.90 30.87
CA GLU D 217 -39.43 -36.03 30.77
C GLU D 217 -38.58 -36.34 29.53
N ALA D 218 -38.02 -35.28 28.95
CA ALA D 218 -37.22 -35.41 27.73
C ALA D 218 -35.96 -36.21 27.96
N GLU D 219 -35.46 -36.22 29.20
CA GLU D 219 -34.23 -36.95 29.54
C GLU D 219 -34.53 -38.19 30.38
N ALA D 220 -35.73 -38.76 30.23
CA ALA D 220 -36.04 -40.01 30.92
C ALA D 220 -34.99 -41.06 30.60
N SER D 221 -34.32 -41.55 31.64
CA SER D 221 -33.17 -42.43 31.46
C SER D 221 -33.43 -43.87 31.86
N MET D 222 -34.12 -44.13 32.98
CA MET D 222 -34.23 -45.47 33.53
C MET D 222 -35.66 -45.78 33.97
N VAL D 223 -36.00 -47.06 33.84
CA VAL D 223 -37.30 -47.58 34.24
C VAL D 223 -37.06 -48.55 35.40
N ILE D 224 -37.76 -48.34 36.51
CA ILE D 224 -37.66 -49.22 37.66
C ILE D 224 -39.02 -49.89 37.83
N ALA D 225 -39.03 -51.22 37.80
CA ALA D 225 -40.25 -52.00 38.05
C ALA D 225 -40.44 -52.11 39.56
N VAL D 226 -41.57 -51.65 40.07
CA VAL D 226 -41.83 -51.61 41.50
C VAL D 226 -42.62 -52.86 41.86
N PRO D 227 -42.20 -53.64 42.85
CA PRO D 227 -42.94 -54.85 43.21
C PRO D 227 -44.19 -54.52 44.02
N GLU D 228 -45.06 -55.52 44.15
CA GLU D 228 -46.20 -55.42 45.03
C GLU D 228 -45.71 -55.13 46.45
N PRO D 229 -46.45 -54.34 47.23
CA PRO D 229 -47.83 -53.85 47.06
C PRO D 229 -48.05 -52.76 46.03
N PHE D 230 -46.97 -52.12 45.57
CA PHE D 230 -47.13 -50.96 44.70
C PHE D 230 -47.47 -51.36 43.26
N GLY D 231 -46.64 -52.18 42.63
CA GLY D 231 -46.75 -52.40 41.21
C GLY D 231 -46.39 -51.13 40.45
N GLY D 232 -46.55 -51.19 39.14
CA GLY D 232 -46.27 -50.03 38.31
C GLY D 232 -44.78 -49.83 38.10
N ALA D 233 -44.42 -48.58 37.78
CA ALA D 233 -43.03 -48.27 37.43
C ALA D 233 -42.66 -46.86 37.86
N ILE D 234 -41.36 -46.66 38.09
CA ILE D 234 -40.78 -45.36 38.38
C ILE D 234 -39.87 -45.00 37.21
N ILE D 235 -39.88 -43.74 36.80
CA ILE D 235 -39.08 -43.27 35.67
C ILE D 235 -38.10 -42.22 36.19
N ILE D 236 -36.80 -42.51 36.05
CA ILE D 236 -35.76 -41.61 36.53
C ILE D 236 -35.33 -40.72 35.38
N GLY D 237 -35.27 -39.42 35.63
CA GLY D 237 -34.84 -38.49 34.61
C GLY D 237 -33.63 -37.66 34.97
N GLN D 238 -33.50 -36.52 34.31
CA GLN D 238 -32.45 -35.57 34.62
C GLN D 238 -32.90 -34.60 35.71
N GLU D 239 -34.17 -34.17 35.65
CA GLU D 239 -34.73 -33.24 36.61
C GLU D 239 -35.79 -33.84 37.52
N SER D 240 -36.47 -34.92 37.10
CA SER D 240 -37.62 -35.42 37.84
C SER D 240 -37.65 -36.94 37.91
N ILE D 241 -38.34 -37.43 38.94
CA ILE D 241 -38.64 -38.85 39.13
C ILE D 241 -40.16 -39.00 39.14
N THR D 242 -40.68 -39.89 38.30
CA THR D 242 -42.12 -40.06 38.17
C THR D 242 -42.53 -41.51 38.44
N TYR D 243 -43.71 -41.68 39.04
CA TYR D 243 -44.29 -43.01 39.26
C TYR D 243 -45.55 -43.12 38.41
N HIS D 244 -45.67 -44.24 37.70
CA HIS D 244 -46.83 -44.50 36.85
C HIS D 244 -47.41 -45.87 37.19
N ASN D 245 -48.74 -45.93 37.37
CA ASN D 245 -49.42 -47.21 37.50
C ASN D 245 -50.90 -46.96 37.19
N GLY D 246 -51.30 -47.23 35.95
CA GLY D 246 -52.68 -47.06 35.59
C GLY D 246 -53.18 -45.64 35.82
N ASP D 247 -54.13 -45.52 36.74
CA ASP D 247 -54.70 -44.22 37.07
C ASP D 247 -53.76 -43.39 37.94
N LYS D 248 -52.90 -44.02 38.74
CA LYS D 248 -52.04 -43.27 39.65
C LYS D 248 -50.88 -42.61 38.93
N TYR D 249 -50.61 -41.36 39.29
CA TYR D 249 -49.47 -40.61 38.76
C TYR D 249 -48.90 -39.72 39.84
N LEU D 250 -47.59 -39.83 40.06
CA LEU D 250 -46.86 -38.97 40.99
C LEU D 250 -45.62 -38.45 40.30
N ALA D 251 -45.20 -37.24 40.67
CA ALA D 251 -43.98 -36.66 40.13
C ALA D 251 -43.32 -35.80 41.20
N ILE D 252 -42.06 -36.09 41.50
CA ILE D 252 -41.25 -35.30 42.41
C ILE D 252 -40.06 -34.77 41.62
N ALA D 253 -39.76 -33.49 41.78
CA ALA D 253 -38.70 -32.82 41.03
C ALA D 253 -37.86 -32.01 42.00
N PRO D 254 -37.13 -32.69 42.89
CA PRO D 254 -36.31 -31.97 43.88
C PRO D 254 -35.13 -31.31 43.21
N PRO D 255 -34.77 -30.09 43.60
CA PRO D 255 -33.69 -29.37 42.91
C PRO D 255 -32.34 -30.09 43.02
N ILE D 256 -32.20 -31.06 43.92
CA ILE D 256 -30.89 -31.62 44.23
C ILE D 256 -30.37 -32.50 43.10
N ILE D 257 -31.25 -33.27 42.45
CA ILE D 257 -30.79 -34.22 41.45
C ILE D 257 -30.43 -33.58 40.11
N LYS D 258 -30.93 -32.39 39.83
CA LYS D 258 -30.60 -31.71 38.58
C LYS D 258 -29.11 -31.38 38.49
N GLN D 259 -28.41 -31.30 39.63
CA GLN D 259 -27.01 -30.91 39.60
C GLN D 259 -26.15 -31.93 38.88
N SER D 260 -26.47 -33.23 38.98
CA SER D 260 -25.67 -34.25 38.31
C SER D 260 -26.55 -35.41 37.90
N THR D 261 -26.30 -35.95 36.70
CA THR D 261 -27.14 -37.01 36.15
C THR D 261 -27.10 -38.26 37.02
N ILE D 262 -28.29 -38.83 37.25
CA ILE D 262 -28.42 -40.09 37.98
C ILE D 262 -28.30 -41.22 36.96
N VAL D 263 -27.43 -42.17 37.26
CA VAL D 263 -27.07 -43.20 36.29
C VAL D 263 -27.39 -44.62 36.74
N CYS D 264 -27.58 -44.88 38.03
CA CYS D 264 -27.83 -46.25 38.48
C CYS D 264 -28.88 -46.27 39.59
N HIS D 265 -29.49 -47.45 39.78
CA HIS D 265 -30.51 -47.66 40.80
C HIS D 265 -30.48 -49.09 41.32
N ASN D 266 -30.83 -49.24 42.61
CA ASN D 266 -30.96 -50.55 43.23
C ASN D 266 -32.16 -50.51 44.19
N ARG D 267 -32.73 -51.68 44.45
CA ARG D 267 -33.84 -51.85 45.38
C ARG D 267 -33.32 -52.30 46.74
N VAL D 268 -33.66 -51.56 47.79
CA VAL D 268 -33.22 -51.89 49.13
C VAL D 268 -34.19 -52.86 49.81
N ASP D 269 -35.48 -52.49 49.83
CA ASP D 269 -36.52 -53.23 50.52
C ASP D 269 -37.27 -54.11 49.52
N PRO D 270 -37.35 -55.43 49.72
CA PRO D 270 -38.06 -56.26 48.74
C PRO D 270 -39.46 -55.77 48.37
N ASN D 271 -40.17 -55.07 49.26
CA ASN D 271 -41.50 -54.58 48.91
C ASN D 271 -41.49 -53.26 48.13
N GLY D 272 -40.32 -52.67 47.89
CA GLY D 272 -40.25 -51.45 47.11
C GLY D 272 -40.33 -50.16 47.89
N SER D 273 -40.28 -50.21 49.21
CA SER D 273 -40.40 -48.98 50.01
C SER D 273 -39.19 -48.07 49.81
N ARG D 274 -38.00 -48.62 49.59
CA ARG D 274 -36.77 -47.84 49.45
C ARG D 274 -35.99 -48.26 48.20
N TYR D 275 -35.33 -47.27 47.61
CA TYR D 275 -34.47 -47.48 46.45
C TYR D 275 -33.18 -46.67 46.63
N LEU D 276 -32.09 -47.17 46.05
CA LEU D 276 -30.80 -46.49 46.03
C LEU D 276 -30.56 -45.84 44.66
N LEU D 277 -30.04 -44.62 44.66
CA LEU D 277 -29.75 -43.90 43.43
C LEU D 277 -28.35 -43.31 43.46
N GLY D 278 -27.65 -43.38 42.34
CA GLY D 278 -26.32 -42.82 42.23
C GLY D 278 -26.19 -41.96 40.99
N ASP D 279 -25.36 -40.90 41.11
CA ASP D 279 -25.17 -39.94 40.04
C ASP D 279 -23.69 -39.74 39.73
N MET D 280 -23.43 -39.02 38.64
CA MET D 280 -22.09 -38.95 38.05
C MET D 280 -21.09 -38.19 38.91
N GLU D 281 -21.53 -37.46 39.93
CA GLU D 281 -20.58 -36.85 40.86
C GLU D 281 -20.31 -37.75 42.06
N GLY D 282 -20.81 -39.00 42.02
CA GLY D 282 -20.60 -39.94 43.09
C GLY D 282 -21.60 -39.88 44.22
N ARG D 283 -22.59 -38.99 44.13
CA ARG D 283 -23.55 -38.84 45.22
C ARG D 283 -24.47 -40.05 45.30
N LEU D 284 -24.75 -40.47 46.52
CA LEU D 284 -25.64 -41.58 46.80
C LEU D 284 -26.93 -41.10 47.45
N PHE D 285 -28.07 -41.46 46.85
CA PHE D 285 -29.37 -41.04 47.35
C PHE D 285 -30.22 -42.23 47.80
N MET D 286 -31.20 -41.94 48.65
CA MET D 286 -32.24 -42.88 49.02
C MET D 286 -33.57 -42.37 48.47
N LEU D 287 -34.24 -43.19 47.67
CA LEU D 287 -35.58 -42.90 47.15
C LEU D 287 -36.60 -43.62 48.00
N LEU D 288 -37.53 -42.87 48.58
CA LEU D 288 -38.49 -43.39 49.55
C LEU D 288 -39.88 -43.39 48.94
N LEU D 289 -40.56 -44.53 49.00
CA LEU D 289 -41.94 -44.64 48.57
C LEU D 289 -42.84 -44.64 49.81
N GLU D 290 -43.52 -43.53 50.04
CA GLU D 290 -44.38 -43.41 51.21
C GLU D 290 -45.74 -44.06 50.92
N LYS D 291 -46.06 -45.09 51.69
CA LYS D 291 -47.25 -45.90 51.48
C LYS D 291 -48.45 -45.29 52.19
N GLU D 292 -49.63 -45.48 51.59
CA GLU D 292 -50.90 -45.20 52.25
C GLU D 292 -51.80 -46.42 52.19
N GLU D 293 -52.26 -46.90 53.35
CA GLU D 293 -53.22 -47.99 53.38
C GLU D 293 -54.62 -47.42 53.20
N GLN D 294 -55.40 -48.02 52.31
CA GLN D 294 -56.78 -47.62 52.10
C GLN D 294 -57.69 -48.32 53.10
N MET D 295 -58.90 -47.76 53.28
CA MET D 295 -59.90 -48.43 54.10
C MET D 295 -60.16 -49.85 53.59
N ASP D 296 -59.77 -50.13 52.34
CA ASP D 296 -59.97 -51.45 51.76
C ASP D 296 -58.99 -52.49 52.29
N GLY D 297 -57.93 -52.07 52.98
CA GLY D 297 -56.84 -52.96 53.31
C GLY D 297 -55.78 -53.03 52.22
N THR D 298 -56.04 -52.36 51.09
CA THR D 298 -55.11 -52.28 49.96
C THR D 298 -54.20 -51.07 50.09
N VAL D 299 -52.96 -51.22 49.65
CA VAL D 299 -51.92 -50.21 49.77
C VAL D 299 -51.67 -49.49 48.45
N THR D 300 -51.73 -48.15 48.48
CA THR D 300 -51.40 -47.29 47.35
C THR D 300 -50.19 -46.43 47.71
N LEU D 301 -49.64 -45.74 46.71
CA LEU D 301 -48.47 -44.88 46.88
C LEU D 301 -48.89 -43.43 47.07
N LYS D 302 -48.58 -42.88 48.26
CA LYS D 302 -48.97 -41.51 48.59
C LYS D 302 -47.99 -40.48 48.04
N ASP D 303 -46.69 -40.71 48.23
CA ASP D 303 -45.70 -39.70 47.84
C ASP D 303 -44.32 -40.32 47.66
N LEU D 304 -43.42 -39.52 47.06
CA LEU D 304 -42.03 -39.87 46.84
C LEU D 304 -41.14 -38.87 47.57
N ARG D 305 -40.01 -39.36 48.05
CA ARG D 305 -39.04 -38.55 48.79
C ARG D 305 -37.63 -38.96 48.38
N VAL D 306 -36.73 -38.00 48.34
CA VAL D 306 -35.31 -38.25 48.04
C VAL D 306 -34.46 -37.65 49.15
N GLU D 307 -33.56 -38.47 49.72
CA GLU D 307 -32.69 -38.05 50.80
C GLU D 307 -31.24 -38.31 50.41
N LEU D 308 -30.38 -37.32 50.61
CA LEU D 308 -28.97 -37.46 50.31
C LEU D 308 -28.29 -38.26 51.42
N LEU D 309 -27.62 -39.34 51.04
CA LEU D 309 -26.93 -40.19 52.03
C LEU D 309 -25.46 -39.81 52.17
N GLY D 310 -24.76 -39.61 51.05
CA GLY D 310 -23.34 -39.31 51.13
C GLY D 310 -22.67 -39.48 49.79
N GLU D 311 -21.38 -39.78 49.85
CA GLU D 311 -20.54 -39.87 48.65
C GLU D 311 -19.90 -41.25 48.56
N THR D 312 -20.00 -41.86 47.39
CA THR D 312 -19.30 -43.09 47.07
C THR D 312 -18.39 -42.84 45.86
N SER D 313 -17.80 -43.91 45.35
CA SER D 313 -17.15 -43.83 44.05
C SER D 313 -18.22 -43.69 42.97
N ILE D 314 -17.82 -43.10 41.84
CA ILE D 314 -18.76 -43.03 40.71
C ILE D 314 -19.20 -44.43 40.36
N ALA D 315 -20.49 -44.70 40.50
CA ALA D 315 -20.98 -46.06 40.49
C ALA D 315 -21.49 -46.39 39.10
N GLU D 316 -21.03 -47.52 38.56
CA GLU D 316 -21.70 -48.04 37.38
C GLU D 316 -23.00 -48.70 37.81
N CYS D 317 -22.93 -49.51 38.86
CA CYS D 317 -24.08 -50.18 39.45
C CYS D 317 -23.94 -50.21 40.96
N LEU D 318 -25.09 -50.22 41.63
CA LEU D 318 -25.16 -50.34 43.08
C LEU D 318 -25.92 -51.61 43.43
N THR D 319 -25.47 -52.31 44.46
CA THR D 319 -26.26 -53.42 44.97
C THR D 319 -26.23 -53.44 46.49
N TYR D 320 -27.41 -53.45 47.10
CA TYR D 320 -27.53 -53.51 48.55
C TYR D 320 -27.35 -54.98 48.92
N LEU D 321 -26.50 -55.26 49.89
CA LEU D 321 -26.30 -56.63 50.34
C LEU D 321 -27.18 -56.92 51.55
N ASP D 322 -26.78 -56.43 52.72
CA ASP D 322 -27.60 -56.63 53.91
C ASP D 322 -26.99 -55.92 55.12
N ASN D 323 -27.83 -55.57 56.09
CA ASN D 323 -27.36 -54.98 57.34
C ASN D 323 -26.65 -53.65 57.09
N GLY D 324 -27.15 -52.90 56.11
CA GLY D 324 -26.64 -51.58 55.80
C GLY D 324 -25.42 -51.55 54.90
N VAL D 325 -24.94 -52.71 54.45
CA VAL D 325 -23.79 -52.79 53.55
C VAL D 325 -24.26 -52.72 52.11
N VAL D 326 -23.53 -51.95 51.29
CA VAL D 326 -23.82 -51.77 49.88
C VAL D 326 -22.52 -51.95 49.09
N PHE D 327 -22.61 -52.64 47.95
CA PHE D 327 -21.48 -52.79 47.06
C PHE D 327 -21.58 -51.76 45.94
N VAL D 328 -20.57 -50.90 45.85
CA VAL D 328 -20.48 -49.84 44.85
C VAL D 328 -19.58 -50.36 43.73
N GLY D 329 -20.19 -50.77 42.62
CA GLY D 329 -19.42 -51.22 41.47
C GLY D 329 -19.07 -50.09 40.54
N SER D 330 -17.77 -49.82 40.37
CA SER D 330 -17.32 -48.66 39.62
C SER D 330 -16.51 -49.07 38.39
N ARG D 331 -16.73 -48.33 37.30
CA ARG D 331 -15.95 -48.45 36.08
C ARG D 331 -14.91 -47.35 35.93
N LEU D 332 -15.14 -46.21 36.57
CA LEU D 332 -14.23 -45.07 36.48
C LEU D 332 -13.32 -44.95 37.69
N GLY D 333 -13.60 -45.68 38.77
CA GLY D 333 -12.79 -45.58 39.96
C GLY D 333 -12.79 -46.85 40.79
N ASP D 334 -12.20 -46.80 41.97
CA ASP D 334 -12.15 -47.96 42.83
C ASP D 334 -13.56 -48.37 43.24
N SER D 335 -13.84 -49.67 43.20
CA SER D 335 -15.09 -50.21 43.73
C SER D 335 -15.04 -50.23 45.25
N GLN D 336 -16.19 -50.43 45.88
CA GLN D 336 -16.26 -50.23 47.32
C GLN D 336 -17.25 -51.17 47.99
N LEU D 337 -17.02 -51.40 49.29
CA LEU D 337 -18.05 -51.79 50.24
C LEU D 337 -18.27 -50.63 51.20
N VAL D 338 -19.52 -50.20 51.38
CA VAL D 338 -19.81 -49.07 52.24
C VAL D 338 -20.93 -49.43 53.21
N LYS D 339 -20.89 -48.79 54.39
CA LYS D 339 -21.88 -48.97 55.43
C LYS D 339 -22.80 -47.76 55.47
N LEU D 340 -24.10 -48.03 55.42
CA LEU D 340 -25.14 -47.00 55.58
C LEU D 340 -25.58 -46.98 57.04
N ASN D 341 -25.48 -45.82 57.67
CA ASN D 341 -25.82 -45.66 59.08
C ASN D 341 -27.14 -44.93 59.24
N VAL D 342 -27.84 -45.20 60.35
CA VAL D 342 -29.09 -44.52 60.63
C VAL D 342 -28.85 -43.09 61.08
N ASP D 343 -27.80 -42.87 61.87
CA ASP D 343 -27.42 -41.54 62.31
C ASP D 343 -26.29 -41.03 61.45
N SER D 344 -26.35 -39.76 61.07
CA SER D 344 -25.28 -39.14 60.31
C SER D 344 -24.07 -38.90 61.20
N ASN D 345 -22.91 -38.80 60.57
CA ASN D 345 -21.67 -38.49 61.28
C ASN D 345 -21.55 -36.97 61.42
N GLU D 346 -20.38 -36.51 61.89
CA GLU D 346 -20.21 -35.09 62.17
C GLU D 346 -20.24 -34.23 60.91
N GLN D 347 -20.06 -34.83 59.74
CA GLN D 347 -20.04 -34.11 58.49
C GLN D 347 -21.39 -34.05 57.81
N GLY D 348 -22.39 -34.72 58.39
CA GLY D 348 -23.69 -34.83 57.77
C GLY D 348 -23.84 -36.07 56.93
N SER D 349 -22.83 -36.93 56.88
CA SER D 349 -22.86 -38.08 56.01
C SER D 349 -23.36 -39.31 56.74
N TYR D 350 -24.15 -40.12 56.04
CA TYR D 350 -24.64 -41.39 56.53
C TYR D 350 -23.86 -42.56 55.93
N VAL D 351 -22.81 -42.28 55.16
CA VAL D 351 -22.08 -43.30 54.41
C VAL D 351 -20.64 -43.38 54.95
N VAL D 352 -20.19 -44.59 55.25
CA VAL D 352 -18.83 -44.84 55.71
C VAL D 352 -18.25 -45.99 54.90
N ALA D 353 -17.09 -45.76 54.31
CA ALA D 353 -16.45 -46.79 53.51
C ALA D 353 -15.94 -47.91 54.42
N MET D 354 -16.18 -49.15 54.01
CA MET D 354 -15.63 -50.31 54.68
C MET D 354 -14.35 -50.79 53.98
N GLU D 355 -14.46 -51.16 52.70
CA GLU D 355 -13.34 -51.68 51.94
C GLU D 355 -13.23 -50.96 50.59
N THR D 356 -12.04 -51.03 50.01
CA THR D 356 -11.77 -50.44 48.70
C THR D 356 -11.15 -51.49 47.78
N PHE D 357 -11.76 -51.68 46.62
CA PHE D 357 -11.31 -52.66 45.63
C PHE D 357 -10.58 -51.94 44.50
N THR D 358 -9.32 -52.32 44.28
CA THR D 358 -8.50 -51.64 43.28
C THR D 358 -9.14 -51.77 41.91
N ASN D 359 -9.31 -50.63 41.24
CA ASN D 359 -9.74 -50.57 39.85
C ASN D 359 -8.77 -49.68 39.11
N LEU D 360 -8.01 -50.27 38.18
CA LEU D 360 -7.16 -49.46 37.31
C LEU D 360 -7.96 -48.58 36.38
N GLY D 361 -9.29 -48.78 36.31
CA GLY D 361 -10.19 -47.88 35.63
C GLY D 361 -9.79 -47.68 34.20
N PRO D 362 -10.35 -46.65 33.56
CA PRO D 362 -9.84 -46.26 32.24
C PRO D 362 -8.36 -45.93 32.34
N ILE D 363 -7.55 -46.61 31.54
CA ILE D 363 -6.12 -46.30 31.44
C ILE D 363 -5.99 -45.41 30.21
N VAL D 364 -5.92 -44.10 30.44
CA VAL D 364 -5.89 -43.18 29.31
C VAL D 364 -4.50 -43.16 28.67
N ASP D 365 -3.46 -43.34 29.48
CA ASP D 365 -2.08 -43.36 29.00
C ASP D 365 -1.25 -44.04 30.06
N MET D 366 0.00 -44.36 29.70
CA MET D 366 0.94 -44.96 30.64
C MET D 366 2.34 -44.92 30.07
N CYS D 367 3.33 -45.03 30.95
CA CYS D 367 4.73 -45.11 30.57
C CYS D 367 5.42 -46.10 31.51
N VAL D 368 6.48 -46.73 31.00
CA VAL D 368 7.28 -47.68 31.78
C VAL D 368 8.59 -47.01 32.16
N VAL D 369 8.92 -47.04 33.44
CA VAL D 369 10.12 -46.39 33.97
C VAL D 369 10.75 -47.31 35.01
N ASP D 370 12.08 -47.40 34.98
CA ASP D 370 12.80 -48.17 36.00
C ASP D 370 13.13 -47.21 37.14
N LEU D 371 12.15 -47.01 38.02
CA LEU D 371 12.32 -46.06 39.10
C LEU D 371 13.49 -46.46 40.00
N GLU D 372 13.67 -47.77 40.19
CA GLU D 372 14.74 -48.26 41.04
C GLU D 372 16.07 -48.32 40.30
N ARG D 373 16.11 -47.93 39.02
CA ARG D 373 17.30 -48.00 38.17
C ARG D 373 17.84 -49.41 38.02
N GLN D 374 16.98 -50.41 38.21
CA GLN D 374 17.26 -51.82 38.09
C GLN D 374 16.56 -52.37 36.86
N GLY D 375 16.85 -53.64 36.54
CA GLY D 375 16.26 -54.21 35.34
C GLY D 375 14.74 -54.28 35.43
N GLN D 376 14.20 -54.43 36.63
CA GLN D 376 12.76 -54.48 36.82
C GLN D 376 12.15 -53.10 36.61
N GLY D 377 11.09 -53.07 35.80
CA GLY D 377 10.44 -51.83 35.39
C GLY D 377 9.06 -51.73 36.00
N GLN D 378 8.65 -50.51 36.30
CA GLN D 378 7.35 -50.22 36.89
C GLN D 378 6.52 -49.47 35.85
N LEU D 379 5.21 -49.71 35.89
CA LEU D 379 4.26 -49.10 34.97
C LEU D 379 3.49 -48.01 35.69
N VAL D 380 3.60 -46.78 35.22
CA VAL D 380 2.87 -45.64 35.76
C VAL D 380 1.76 -45.24 34.78
N THR D 381 0.51 -45.30 35.25
CA THR D 381 -0.65 -45.09 34.40
C THR D 381 -1.45 -43.86 34.80
N CYS D 382 -2.07 -43.22 33.80
CA CYS D 382 -3.14 -42.25 34.01
C CYS D 382 -4.44 -43.03 34.04
N SER D 383 -5.05 -43.13 35.23
CA SER D 383 -6.21 -43.99 35.42
C SER D 383 -7.38 -43.21 35.99
N GLY D 384 -8.59 -43.61 35.58
CA GLY D 384 -9.82 -43.05 36.12
C GLY D 384 -10.30 -41.80 35.40
N ALA D 385 -11.41 -41.26 35.90
CA ALA D 385 -11.97 -40.03 35.40
C ALA D 385 -12.61 -39.25 36.55
N PHE D 386 -12.69 -37.94 36.37
CA PHE D 386 -13.35 -37.01 37.31
C PHE D 386 -12.72 -37.18 38.68
N LYS D 387 -13.50 -37.25 39.76
CA LYS D 387 -12.92 -37.26 41.11
C LYS D 387 -12.14 -38.53 41.38
N GLU D 388 -12.28 -39.53 40.51
CA GLU D 388 -11.56 -40.79 40.63
C GLU D 388 -10.20 -40.75 39.94
N GLY D 389 -9.84 -39.63 39.33
CA GLY D 389 -8.58 -39.57 38.59
C GLY D 389 -7.39 -39.83 39.50
N SER D 390 -6.44 -40.60 38.97
CA SER D 390 -5.30 -41.04 39.76
C SER D 390 -4.16 -41.45 38.84
N LEU D 391 -2.97 -41.47 39.40
CA LEU D 391 -1.85 -42.20 38.85
C LEU D 391 -1.76 -43.55 39.54
N ARG D 392 -1.34 -44.57 38.80
CA ARG D 392 -1.11 -45.89 39.38
C ARG D 392 0.29 -46.34 39.07
N ILE D 393 1.03 -46.75 40.10
CA ILE D 393 2.36 -47.31 39.93
C ILE D 393 2.20 -48.80 40.14
N ILE D 394 2.43 -49.56 39.07
CA ILE D 394 2.26 -51.00 39.05
C ILE D 394 3.64 -51.60 38.85
N ARG D 395 4.05 -52.45 39.78
CA ARG D 395 5.35 -53.09 39.73
C ARG D 395 5.12 -54.58 39.90
N ASN D 396 5.90 -55.39 39.20
CA ASN D 396 5.81 -56.82 39.44
C ASN D 396 6.49 -57.14 40.77
N GLY D 397 5.84 -57.98 41.57
CA GLY D 397 6.32 -58.25 42.90
C GLY D 397 7.19 -59.47 42.97
N ILE D 398 7.81 -59.66 44.13
CA ILE D 398 8.67 -60.82 44.37
C ILE D 398 8.36 -61.41 45.75
N GLN D 408 1.84 -64.77 44.00
CA GLN D 408 2.24 -63.90 42.89
C GLN D 408 1.13 -62.87 42.61
N LYS D 409 1.50 -61.59 42.69
CA LYS D 409 0.57 -60.49 42.50
C LYS D 409 1.36 -59.28 42.05
N LEU D 410 0.63 -58.28 41.52
CA LEU D 410 1.20 -56.98 41.21
C LEU D 410 0.98 -56.07 42.40
N HIS D 411 2.01 -55.32 42.78
CA HIS D 411 1.91 -54.39 43.89
C HIS D 411 1.55 -53.05 43.27
N ILE D 412 0.43 -52.47 43.68
CA ILE D 412 -0.11 -51.28 43.04
C ILE D 412 -0.15 -50.18 44.06
N ARG D 413 0.50 -49.06 43.74
CA ARG D 413 0.48 -47.87 44.56
C ARG D 413 -0.40 -46.85 43.87
N THR D 414 -1.32 -46.25 44.62
CA THR D 414 -2.33 -45.36 44.07
C THR D 414 -2.06 -43.91 44.47
N VAL D 415 -2.04 -43.03 43.48
CA VAL D 415 -1.84 -41.60 43.67
C VAL D 415 -3.09 -40.86 43.22
N PRO D 416 -3.96 -40.45 44.14
CA PRO D 416 -5.18 -39.73 43.73
C PRO D 416 -4.91 -38.30 43.27
N LEU D 417 -5.62 -37.90 42.21
CA LEU D 417 -5.56 -36.55 41.66
C LEU D 417 -6.87 -35.78 41.78
N TYR D 418 -8.01 -36.48 41.91
CA TYR D 418 -9.34 -35.87 42.04
C TYR D 418 -9.73 -35.03 40.83
N GLU D 419 -9.07 -35.24 39.70
CA GLU D 419 -9.36 -34.61 38.43
C GLU D 419 -8.94 -35.61 37.36
N SER D 420 -9.41 -35.44 36.15
CA SER D 420 -9.18 -36.44 35.11
C SER D 420 -7.76 -36.36 34.58
N PRO D 421 -6.97 -37.44 34.67
CA PRO D 421 -5.63 -37.44 34.07
C PRO D 421 -5.75 -37.88 32.62
N ARG D 422 -4.99 -37.24 31.73
CA ARG D 422 -5.12 -37.58 30.31
C ARG D 422 -3.87 -38.16 29.69
N LYS D 423 -2.70 -37.58 29.91
CA LYS D 423 -1.46 -38.12 29.34
C LYS D 423 -0.34 -37.99 30.37
N ILE D 424 0.63 -38.88 30.28
CA ILE D 424 1.77 -38.89 31.19
C ILE D 424 3.06 -39.06 30.40
N CYS D 425 4.11 -38.45 30.91
CA CYS D 425 5.42 -38.47 30.28
C CYS D 425 6.45 -38.39 31.39
N TYR D 426 7.51 -39.19 31.26
CA TYR D 426 8.56 -39.24 32.27
C TYR D 426 9.75 -38.44 31.78
N GLN D 427 10.31 -37.63 32.66
CA GLN D 427 11.46 -36.78 32.38
C GLN D 427 12.51 -37.17 33.40
N GLU D 428 13.50 -37.97 33.00
CA GLU D 428 14.50 -38.43 33.96
C GLU D 428 15.32 -37.26 34.49
N VAL D 429 15.71 -36.35 33.62
CA VAL D 429 16.60 -35.27 34.03
C VAL D 429 16.07 -34.55 35.27
N SER D 430 14.75 -34.46 35.41
CA SER D 430 14.12 -33.75 36.51
C SER D 430 13.54 -34.70 37.55
N GLN D 431 13.81 -35.99 37.44
CA GLN D 431 13.29 -37.00 38.37
C GLN D 431 11.80 -36.79 38.61
N CYS D 432 11.07 -36.48 37.55
CA CYS D 432 9.64 -36.19 37.68
C CYS D 432 8.89 -36.62 36.43
N PHE D 433 7.56 -36.69 36.58
CA PHE D 433 6.64 -36.96 35.49
C PHE D 433 5.89 -35.68 35.14
N GLY D 434 5.57 -35.53 33.86
CA GLY D 434 4.60 -34.54 33.41
C GLY D 434 3.28 -35.23 33.17
N VAL D 435 2.20 -34.63 33.66
CA VAL D 435 0.86 -35.19 33.52
C VAL D 435 -0.09 -34.09 33.07
N LEU D 436 -0.84 -34.39 32.00
CA LEU D 436 -1.91 -33.53 31.52
C LEU D 436 -3.20 -33.93 32.21
N SER D 437 -3.98 -32.94 32.64
CA SER D 437 -5.20 -33.22 33.39
C SER D 437 -6.28 -32.22 33.03
N SER D 438 -7.52 -32.60 33.30
CA SER D 438 -8.66 -31.72 33.10
C SER D 438 -9.55 -31.76 34.33
N ARG D 439 -10.05 -30.60 34.74
CA ARG D 439 -10.95 -30.48 35.87
C ARG D 439 -12.23 -29.81 35.36
N ILE D 440 -13.37 -30.21 35.91
CA ILE D 440 -14.65 -29.69 35.48
C ILE D 440 -14.98 -28.51 36.40
N GLU D 441 -15.08 -27.32 35.81
CA GLU D 441 -15.61 -26.15 36.49
C GLU D 441 -16.97 -25.82 35.89
N VAL D 442 -17.75 -25.03 36.61
CA VAL D 442 -19.12 -24.73 36.22
C VAL D 442 -19.33 -23.23 36.19
N GLN D 443 -20.08 -22.77 35.19
CA GLN D 443 -20.38 -21.34 35.05
C GLN D 443 -21.15 -20.84 36.25
N ASP D 444 -20.65 -19.79 36.88
CA ASP D 444 -21.23 -19.24 38.09
C ASP D 444 -21.67 -17.79 37.89
N THR D 445 -22.27 -17.23 38.95
CA THR D 445 -22.87 -15.91 38.90
C THR D 445 -21.85 -14.79 38.81
N SER D 446 -20.56 -15.08 39.00
CA SER D 446 -19.53 -14.06 38.85
C SER D 446 -19.18 -13.80 37.39
N GLY D 447 -19.70 -14.60 36.48
CA GLY D 447 -19.27 -14.61 35.10
C GLY D 447 -18.16 -15.59 34.81
N GLY D 448 -17.39 -15.95 35.82
CA GLY D 448 -16.37 -16.98 35.69
C GLY D 448 -16.91 -18.37 35.95
N THR D 449 -16.01 -19.26 36.37
CA THR D 449 -16.40 -20.63 36.70
C THR D 449 -15.81 -21.01 38.06
N THR D 450 -16.37 -22.07 38.63
CA THR D 450 -16.01 -22.54 39.96
C THR D 450 -15.81 -24.04 39.93
N ALA D 451 -14.75 -24.49 40.58
CA ALA D 451 -14.44 -25.91 40.64
C ALA D 451 -15.35 -26.61 41.63
N LEU D 452 -15.82 -27.81 41.26
CA LEU D 452 -16.76 -28.51 42.11
C LEU D 452 -16.10 -29.07 43.36
N ARG D 453 -14.78 -29.20 43.36
CA ARG D 453 -14.03 -29.75 44.47
C ARG D 453 -12.56 -29.39 44.26
N PRO D 454 -11.77 -29.36 45.32
CA PRO D 454 -10.33 -29.21 45.15
C PRO D 454 -9.69 -30.46 44.59
N SER D 455 -8.66 -30.27 43.77
CA SER D 455 -7.98 -31.37 43.11
C SER D 455 -6.54 -30.97 42.85
N ALA D 456 -5.80 -31.87 42.18
CA ALA D 456 -4.35 -31.69 42.07
C ALA D 456 -3.99 -30.29 41.58
N SER D 457 -4.70 -29.80 40.57
CA SER D 457 -4.32 -28.52 39.98
C SER D 457 -4.67 -27.33 40.86
N THR D 458 -5.67 -27.46 41.73
CA THR D 458 -6.02 -26.33 42.59
C THR D 458 -5.21 -26.33 43.86
N GLN D 459 -4.61 -27.46 44.21
CA GLN D 459 -3.86 -27.61 45.44
C GLN D 459 -2.36 -27.71 45.20
N ALA D 460 -1.90 -27.32 44.02
CA ALA D 460 -0.47 -27.43 43.72
C ALA D 460 0.32 -26.40 44.51
N LEU D 461 1.55 -26.80 44.85
CA LEU D 461 2.46 -25.94 45.61
C LEU D 461 2.79 -24.66 44.85
N SER D 462 3.31 -24.80 43.64
CA SER D 462 3.55 -23.69 42.74
C SER D 462 2.54 -23.79 41.62
N SER D 463 2.15 -22.64 41.07
CA SER D 463 1.11 -22.63 40.06
C SER D 463 1.33 -21.48 39.10
N SER D 464 0.76 -21.62 37.91
CA SER D 464 0.87 -20.62 36.86
C SER D 464 -0.33 -20.69 35.92
N VAL D 465 -0.54 -19.62 35.17
CA VAL D 465 -1.61 -19.53 34.18
C VAL D 465 -1.02 -18.95 32.90
N SER D 466 -1.29 -19.60 31.78
CA SER D 466 -0.72 -19.13 30.52
C SER D 466 -1.22 -17.72 30.22
N SER D 467 -0.30 -16.89 29.75
CA SER D 467 -0.63 -15.52 29.35
C SER D 467 -0.61 -15.34 27.84
N SER D 468 -0.61 -16.44 27.11
CA SER D 468 -0.46 -16.37 25.67
C SER D 468 -1.56 -15.49 25.06
N LYS D 469 -1.16 -14.59 24.17
CA LYS D 469 -2.09 -13.76 23.43
C LYS D 469 -2.20 -14.21 21.98
N LEU D 470 -1.68 -15.39 21.65
CA LEU D 470 -1.65 -15.84 20.26
C LEU D 470 -3.04 -15.80 19.64
N PHE D 471 -4.04 -16.30 20.35
CA PHE D 471 -5.40 -16.27 19.81
C PHE D 471 -6.13 -15.01 20.18
N SER D 472 -5.63 -14.28 21.16
CA SER D 472 -6.09 -12.92 21.47
C SER D 472 -7.60 -12.86 21.51
N SER D 473 -8.12 -11.67 21.28
CA SER D 473 -9.54 -11.42 21.08
C SER D 473 -10.00 -11.69 19.64
N SER D 474 -9.12 -12.16 18.76
CA SER D 474 -9.51 -12.40 17.38
C SER D 474 -10.73 -13.30 17.28
N THR D 475 -10.80 -14.35 18.10
CA THR D 475 -11.94 -15.25 18.10
C THR D 475 -13.08 -14.59 18.87
N ALA D 476 -14.28 -14.56 18.27
CA ALA D 476 -15.41 -13.94 18.93
C ALA D 476 -15.79 -14.75 20.18
N PRO D 477 -16.19 -14.10 21.26
CA PRO D 477 -16.57 -14.87 22.46
C PRO D 477 -17.93 -15.51 22.30
N HIS D 478 -18.07 -16.69 22.88
CA HIS D 478 -19.26 -17.51 22.75
C HIS D 478 -20.12 -17.39 24.00
N GLU D 479 -21.44 -17.50 23.82
CA GLU D 479 -22.35 -17.24 24.91
C GLU D 479 -22.18 -18.30 26.01
N THR D 480 -22.14 -17.84 27.25
CA THR D 480 -21.97 -18.72 28.41
C THR D 480 -23.21 -18.61 29.29
N SER D 481 -23.82 -19.73 29.62
CA SER D 481 -24.99 -19.79 30.47
C SER D 481 -24.61 -20.36 31.83
N PHE D 482 -25.21 -19.81 32.89
CA PHE D 482 -24.93 -20.29 34.23
C PHE D 482 -25.25 -21.77 34.33
N GLY D 483 -24.36 -22.52 34.97
CA GLY D 483 -24.57 -23.93 35.20
C GLY D 483 -23.92 -24.83 34.19
N GLU D 484 -23.47 -24.30 33.05
CA GLU D 484 -22.80 -25.13 32.06
C GLU D 484 -21.44 -25.57 32.56
N GLU D 485 -21.06 -26.79 32.20
CA GLU D 485 -19.76 -27.33 32.53
C GLU D 485 -18.76 -26.87 31.47
N VAL D 486 -17.51 -26.70 31.89
CA VAL D 486 -16.40 -26.47 30.98
C VAL D 486 -15.21 -27.24 31.54
N GLU D 487 -14.32 -27.65 30.65
CA GLU D 487 -13.09 -28.31 31.08
C GLU D 487 -11.98 -27.27 31.18
N VAL D 488 -11.16 -27.42 32.22
CA VAL D 488 -9.95 -26.63 32.41
C VAL D 488 -8.77 -27.59 32.42
N HIS D 489 -7.82 -27.38 31.52
CA HIS D 489 -6.71 -28.30 31.34
C HIS D 489 -5.44 -27.73 31.96
N ASN D 490 -4.67 -28.59 32.60
CA ASN D 490 -3.49 -28.18 33.34
C ASN D 490 -2.35 -29.13 33.02
N LEU D 491 -1.13 -28.62 33.12
CA LEU D 491 0.07 -29.45 33.11
C LEU D 491 0.58 -29.60 34.53
N LEU D 492 0.75 -30.84 34.98
CA LEU D 492 1.23 -31.15 36.32
C LEU D 492 2.64 -31.71 36.28
N ILE D 493 3.52 -31.16 37.10
CA ILE D 493 4.85 -31.70 37.31
C ILE D 493 4.80 -32.47 38.62
N ILE D 494 5.12 -33.76 38.59
CA ILE D 494 4.95 -34.64 39.75
C ILE D 494 6.26 -35.35 40.07
N ASP D 495 6.65 -35.35 41.34
CA ASP D 495 7.89 -35.97 41.77
C ASP D 495 7.84 -37.48 41.57
N GLN D 496 8.96 -38.08 41.15
CA GLN D 496 8.95 -39.50 40.78
C GLN D 496 9.01 -40.44 41.98
N HIS D 497 9.26 -39.94 43.19
CA HIS D 497 9.29 -40.78 44.38
C HIS D 497 8.15 -40.51 45.34
N THR D 498 7.85 -39.24 45.61
CA THR D 498 6.78 -38.88 46.51
C THR D 498 5.46 -38.68 45.80
N PHE D 499 5.50 -38.35 44.50
CA PHE D 499 4.32 -38.02 43.70
C PHE D 499 3.61 -36.80 44.26
N GLU D 500 4.39 -35.87 44.81
CA GLU D 500 3.87 -34.57 45.20
C GLU D 500 3.72 -33.73 43.94
N VAL D 501 2.64 -32.96 43.85
CA VAL D 501 2.46 -32.05 42.73
C VAL D 501 3.30 -30.81 42.98
N LEU D 502 4.43 -30.73 42.29
CA LEU D 502 5.37 -29.65 42.53
C LEU D 502 4.89 -28.35 41.89
N HIS D 503 4.26 -28.46 40.72
CA HIS D 503 3.82 -27.29 39.98
C HIS D 503 2.61 -27.66 39.13
N ALA D 504 1.74 -26.68 38.90
CA ALA D 504 0.59 -26.84 38.02
C ALA D 504 0.49 -25.61 37.12
N HIS D 505 0.37 -25.83 35.82
CA HIS D 505 0.21 -24.77 34.83
C HIS D 505 -1.17 -24.89 34.20
N GLN D 506 -1.95 -23.81 34.26
CA GLN D 506 -3.29 -23.78 33.69
C GLN D 506 -3.21 -23.24 32.26
N PHE D 507 -3.81 -23.95 31.32
CA PHE D 507 -3.79 -23.50 29.93
C PHE D 507 -4.93 -22.50 29.70
N LEU D 508 -4.98 -21.94 28.48
CA LEU D 508 -5.91 -20.86 28.20
C LEU D 508 -7.36 -21.34 28.32
N GLN D 509 -8.26 -20.36 28.43
CA GLN D 509 -9.68 -20.68 28.51
C GLN D 509 -10.13 -21.40 27.26
N ASN D 510 -10.75 -22.56 27.45
CA ASN D 510 -11.21 -23.42 26.37
C ASN D 510 -10.08 -24.07 25.59
N GLU D 511 -8.87 -24.12 26.15
CA GLU D 511 -7.74 -24.81 25.54
C GLU D 511 -7.63 -26.21 26.14
N TYR D 512 -7.64 -27.22 25.28
CA TYR D 512 -7.54 -28.62 25.69
C TYR D 512 -6.14 -29.14 25.38
N ALA D 513 -5.51 -29.76 26.40
CA ALA D 513 -4.20 -30.36 26.21
C ALA D 513 -4.37 -31.78 25.67
N LEU D 514 -3.70 -32.08 24.55
CA LEU D 514 -3.88 -33.34 23.87
C LEU D 514 -2.62 -34.20 23.79
N SER D 515 -1.44 -33.60 23.71
CA SER D 515 -0.21 -34.36 23.49
C SER D 515 0.88 -33.82 24.40
N LEU D 516 1.80 -34.70 24.79
CA LEU D 516 2.86 -34.35 25.72
C LEU D 516 4.10 -35.19 25.42
N VAL D 517 5.25 -34.52 25.33
CA VAL D 517 6.53 -35.21 25.18
C VAL D 517 7.57 -34.60 26.12
N SER D 518 8.57 -35.40 26.44
CA SER D 518 9.77 -34.95 27.15
C SER D 518 10.95 -35.33 26.27
N CYS D 519 11.76 -34.33 25.89
CA CYS D 519 12.86 -34.64 24.99
C CYS D 519 13.82 -33.47 24.91
N LYS D 520 15.01 -33.77 24.39
CA LYS D 520 15.99 -32.77 23.97
C LYS D 520 15.80 -32.58 22.47
N LEU D 521 15.98 -31.35 21.99
CA LEU D 521 15.83 -31.08 20.57
C LEU D 521 17.05 -30.36 20.01
N GLY D 522 17.35 -30.64 18.74
CA GLY D 522 18.39 -29.92 18.05
C GLY D 522 19.70 -29.99 18.79
N LYS D 523 20.38 -28.85 18.85
CA LYS D 523 21.63 -28.71 19.58
C LYS D 523 21.44 -28.11 20.97
N ASP D 524 20.20 -28.08 21.45
CA ASP D 524 19.88 -27.56 22.77
C ASP D 524 20.02 -28.67 23.80
N PRO D 525 20.95 -28.58 24.76
CA PRO D 525 21.10 -29.67 25.74
C PRO D 525 19.99 -29.72 26.77
N ASN D 526 19.16 -28.68 26.85
CA ASN D 526 18.08 -28.64 27.83
C ASN D 526 16.99 -29.63 27.47
N THR D 527 16.45 -30.30 28.49
CA THR D 527 15.34 -31.23 28.32
C THR D 527 14.03 -30.53 28.66
N TYR D 528 13.10 -30.54 27.72
CA TYR D 528 11.87 -29.79 27.83
C TYR D 528 10.64 -30.69 27.95
N PHE D 529 9.59 -30.15 28.55
CA PHE D 529 8.23 -30.68 28.44
C PHE D 529 7.55 -29.90 27.32
N ILE D 530 7.02 -30.62 26.33
CA ILE D 530 6.36 -29.99 25.18
C ILE D 530 4.93 -30.50 25.13
N VAL D 531 3.98 -29.59 25.01
CA VAL D 531 2.56 -29.90 25.05
C VAL D 531 1.90 -29.40 23.78
N GLY D 532 1.10 -30.24 23.15
CA GLY D 532 0.29 -29.86 22.00
C GLY D 532 -1.17 -29.70 22.42
N THR D 533 -1.77 -28.62 21.96
CA THR D 533 -3.10 -28.25 22.43
C THR D 533 -4.04 -28.01 21.25
N ALA D 534 -5.31 -27.78 21.59
CA ALA D 534 -6.35 -27.48 20.63
C ALA D 534 -7.35 -26.54 21.29
N MET D 535 -7.75 -25.50 20.56
CA MET D 535 -8.79 -24.60 21.05
C MET D 535 -10.14 -25.23 20.75
N VAL D 536 -10.90 -25.50 21.80
CA VAL D 536 -12.18 -26.19 21.66
C VAL D 536 -13.29 -25.17 21.91
N TYR D 537 -14.07 -24.91 20.88
CA TYR D 537 -15.26 -24.10 20.96
C TYR D 537 -16.43 -24.97 20.54
N PRO D 538 -17.53 -24.94 21.30
CA PRO D 538 -18.64 -25.89 21.04
C PRO D 538 -19.18 -25.89 19.62
N GLU D 539 -19.18 -24.73 18.95
CA GLU D 539 -19.76 -24.65 17.61
C GLU D 539 -18.93 -25.40 16.57
N GLU D 540 -17.61 -25.39 16.72
CA GLU D 540 -16.75 -25.95 15.69
C GLU D 540 -16.73 -27.47 15.87
N ALA D 541 -17.21 -28.20 14.86
CA ALA D 541 -17.09 -29.65 14.90
C ALA D 541 -15.63 -30.06 14.94
N GLU D 542 -14.78 -29.34 14.20
CA GLU D 542 -13.35 -29.56 14.16
C GLU D 542 -12.63 -28.31 14.64
N PRO D 543 -11.71 -28.44 15.60
CA PRO D 543 -10.95 -27.26 16.04
C PRO D 543 -10.13 -26.74 14.88
N LYS D 544 -9.96 -25.42 14.83
CA LYS D 544 -9.15 -24.81 13.78
C LYS D 544 -8.02 -23.97 14.34
N GLN D 545 -7.81 -23.98 15.66
CA GLN D 545 -6.74 -23.24 16.29
C GLN D 545 -6.04 -24.14 17.29
N GLY D 546 -4.76 -23.90 17.52
CA GLY D 546 -4.01 -24.72 18.44
C GLY D 546 -2.65 -24.14 18.70
N ARG D 547 -1.99 -24.67 19.72
CA ARG D 547 -0.71 -24.19 20.18
C ARG D 547 0.18 -25.39 20.49
N ILE D 548 1.46 -25.29 20.17
CA ILE D 548 2.50 -26.16 20.68
C ILE D 548 3.32 -25.33 21.66
N VAL D 549 3.48 -25.82 22.88
CA VAL D 549 4.13 -25.06 23.95
C VAL D 549 5.32 -25.86 24.48
N VAL D 550 6.47 -25.18 24.59
CA VAL D 550 7.70 -25.76 25.10
C VAL D 550 7.96 -25.19 26.49
N PHE D 551 8.04 -26.07 27.49
CA PHE D 551 8.33 -25.71 28.87
C PHE D 551 9.67 -26.29 29.29
N GLN D 552 10.28 -25.68 30.31
CA GLN D 552 11.42 -26.27 31.01
C GLN D 552 11.16 -26.20 32.51
N TYR D 553 11.21 -27.33 33.21
CA TYR D 553 11.14 -27.34 34.66
C TYR D 553 12.57 -27.41 35.20
N SER D 554 13.05 -26.31 35.79
CA SER D 554 14.40 -26.26 36.33
C SER D 554 14.38 -25.43 37.61
N ASP D 555 15.05 -25.94 38.65
CA ASP D 555 15.14 -25.25 39.94
C ASP D 555 13.75 -25.04 40.55
N GLY D 556 12.92 -26.08 40.52
CA GLY D 556 11.65 -26.00 41.19
C GLY D 556 10.65 -25.07 40.55
N LYS D 557 10.99 -24.43 39.44
CA LYS D 557 10.12 -23.50 38.75
C LYS D 557 9.96 -23.89 37.29
N LEU D 558 8.75 -23.76 36.77
CA LEU D 558 8.42 -24.02 35.38
C LEU D 558 8.49 -22.75 34.55
N GLN D 559 9.23 -22.80 33.46
CA GLN D 559 9.39 -21.65 32.56
C GLN D 559 8.88 -21.97 31.17
N THR D 560 8.08 -21.07 30.61
CA THR D 560 7.60 -21.20 29.25
C THR D 560 8.72 -20.79 28.30
N VAL D 561 9.17 -21.71 27.46
CA VAL D 561 10.36 -21.45 26.63
C VAL D 561 9.96 -20.89 25.27
N ALA D 562 8.93 -21.46 24.65
CA ALA D 562 8.49 -21.02 23.34
C ALA D 562 7.09 -21.56 23.07
N GLU D 563 6.35 -20.85 22.22
CA GLU D 563 5.02 -21.25 21.80
C GLU D 563 4.94 -21.12 20.28
N LYS D 564 4.33 -22.11 19.64
CA LYS D 564 4.15 -22.16 18.20
C LYS D 564 2.68 -22.30 17.88
N GLU D 565 2.16 -21.39 17.07
CA GLU D 565 0.76 -21.45 16.67
C GLU D 565 0.56 -22.38 15.50
N VAL D 566 -0.48 -23.21 15.58
CA VAL D 566 -0.90 -24.07 14.48
C VAL D 566 -2.40 -23.89 14.27
N LYS D 567 -2.86 -24.31 13.09
CA LYS D 567 -4.27 -24.12 12.70
C LYS D 567 -5.08 -25.40 12.88
N GLY D 568 -5.06 -25.99 14.08
CA GLY D 568 -5.78 -27.23 14.31
C GLY D 568 -5.40 -27.84 15.65
N ALA D 569 -5.85 -29.07 15.87
CA ALA D 569 -5.61 -29.76 17.12
C ALA D 569 -4.34 -30.59 17.01
N VAL D 570 -3.47 -30.49 18.01
CA VAL D 570 -2.20 -31.22 18.03
C VAL D 570 -2.49 -32.54 18.76
N TYR D 571 -3.01 -33.51 18.01
CA TYR D 571 -3.42 -34.77 18.61
C TYR D 571 -2.23 -35.56 19.15
N SER D 572 -1.11 -35.56 18.44
CA SER D 572 0.02 -36.38 18.87
C SER D 572 1.35 -35.72 18.52
N MET D 573 2.36 -35.98 19.34
CA MET D 573 3.72 -35.55 19.09
C MET D 573 4.68 -36.67 19.50
N VAL D 574 5.87 -36.67 18.89
CA VAL D 574 6.89 -37.63 19.27
C VAL D 574 8.23 -37.08 18.83
N GLU D 575 9.26 -37.31 19.65
CA GLU D 575 10.62 -36.92 19.29
C GLU D 575 11.11 -37.81 18.16
N PHE D 576 11.73 -37.17 17.16
CA PHE D 576 12.11 -37.81 15.91
C PHE D 576 13.50 -37.32 15.53
N ASN D 577 14.52 -38.03 16.02
CA ASN D 577 15.91 -37.74 15.64
C ASN D 577 16.23 -36.27 15.85
N GLY D 578 15.98 -35.82 17.09
CA GLY D 578 16.25 -34.46 17.45
C GLY D 578 15.26 -33.44 16.93
N LYS D 579 14.29 -33.87 16.15
CA LYS D 579 13.24 -33.00 15.64
C LYS D 579 11.93 -33.38 16.28
N LEU D 580 10.96 -32.46 16.24
CA LEU D 580 9.67 -32.66 16.86
C LEU D 580 8.67 -33.05 15.78
N LEU D 581 8.14 -34.26 15.88
CA LEU D 581 7.14 -34.75 14.95
C LEU D 581 5.77 -34.54 15.59
N ALA D 582 4.88 -33.82 14.89
CA ALA D 582 3.59 -33.45 15.44
C ALA D 582 2.54 -33.53 14.36
N SER D 583 1.34 -33.95 14.75
CA SER D 583 0.20 -34.07 13.85
C SER D 583 -0.86 -33.03 14.20
N ILE D 584 -1.21 -32.20 13.23
CA ILE D 584 -2.23 -31.17 13.38
C ILE D 584 -3.37 -31.53 12.45
N ASN D 585 -4.48 -32.04 13.00
CA ASN D 585 -5.65 -32.48 12.23
C ASN D 585 -5.21 -33.43 11.12
N SER D 586 -5.45 -33.05 9.86
CA SER D 586 -5.03 -33.89 8.73
C SER D 586 -3.51 -33.89 8.54
N THR D 587 -2.85 -32.78 8.82
CA THR D 587 -1.44 -32.60 8.50
C THR D 587 -0.53 -33.32 9.50
N VAL D 588 0.57 -33.88 9.00
CA VAL D 588 1.67 -34.42 9.81
C VAL D 588 2.94 -33.64 9.50
N ARG D 589 3.51 -33.00 10.52
CA ARG D 589 4.63 -32.08 10.31
C ARG D 589 5.87 -32.51 11.09
N LEU D 590 7.03 -32.13 10.55
CA LEU D 590 8.32 -32.25 11.23
C LEU D 590 8.82 -30.83 11.49
N TYR D 591 9.17 -30.55 12.74
CA TYR D 591 9.67 -29.25 13.15
C TYR D 591 11.12 -29.37 13.56
N GLU D 592 11.91 -28.34 13.27
CA GLU D 592 13.28 -28.24 13.74
C GLU D 592 13.35 -27.20 14.85
N TRP D 593 14.32 -27.36 15.73
CA TRP D 593 14.52 -26.49 16.89
C TRP D 593 15.70 -25.59 16.59
N THR D 594 15.43 -24.30 16.40
CA THR D 594 16.47 -23.40 15.96
C THR D 594 17.40 -23.04 17.12
N THR D 595 18.54 -22.45 16.79
CA THR D 595 19.42 -21.94 17.83
C THR D 595 18.82 -20.74 18.55
N GLU D 596 17.75 -20.13 18.01
CA GLU D 596 16.99 -19.11 18.71
C GLU D 596 15.87 -19.71 19.56
N LYS D 597 15.90 -21.02 19.79
CA LYS D 597 14.95 -21.71 20.66
C LYS D 597 13.50 -21.48 20.21
N GLU D 598 13.24 -21.72 18.92
CA GLU D 598 11.88 -21.70 18.40
C GLU D 598 11.73 -22.79 17.35
N LEU D 599 10.49 -23.24 17.16
CA LEU D 599 10.17 -24.32 16.24
C LEU D 599 9.98 -23.78 14.82
N ARG D 600 10.57 -24.49 13.85
CA ARG D 600 10.53 -24.11 12.45
C ARG D 600 10.12 -25.32 11.62
N THR D 601 9.13 -25.12 10.74
CA THR D 601 8.62 -26.24 9.96
C THR D 601 9.66 -26.67 8.93
N GLU D 602 9.92 -27.97 8.85
CA GLU D 602 10.80 -28.50 7.81
C GLU D 602 10.00 -29.04 6.63
N CYS D 603 9.05 -29.93 6.89
CA CYS D 603 8.28 -30.56 5.82
C CYS D 603 6.95 -31.01 6.38
N ASN D 604 5.97 -31.22 5.50
CA ASN D 604 4.62 -31.59 5.90
C ASN D 604 4.11 -32.74 5.04
N HIS D 605 3.14 -33.47 5.58
CA HIS D 605 2.41 -34.52 4.87
C HIS D 605 0.92 -34.30 5.11
N TYR D 606 0.12 -34.27 4.04
CA TYR D 606 -1.27 -33.87 4.19
C TYR D 606 -2.31 -34.94 3.85
N ASN D 607 -1.91 -36.12 3.39
CA ASN D 607 -2.88 -37.13 2.97
C ASN D 607 -3.38 -37.97 4.15
N ASN D 608 -4.17 -37.32 5.00
CA ASN D 608 -4.81 -37.99 6.14
C ASN D 608 -6.18 -37.39 6.40
N ILE D 609 -7.05 -38.19 7.00
CA ILE D 609 -8.32 -37.68 7.49
C ILE D 609 -8.14 -37.08 8.89
N MET D 610 -7.60 -37.88 9.82
CA MET D 610 -7.21 -37.39 11.14
C MET D 610 -6.02 -38.17 11.65
N ALA D 611 -4.90 -37.49 11.90
CA ALA D 611 -3.67 -38.13 12.36
C ALA D 611 -3.68 -38.25 13.89
N LEU D 612 -4.46 -39.18 14.39
CA LEU D 612 -4.65 -39.29 15.83
C LEU D 612 -3.42 -39.85 16.53
N TYR D 613 -2.76 -40.86 15.94
CA TYR D 613 -1.70 -41.57 16.63
C TYR D 613 -0.41 -41.61 15.81
N LEU D 614 0.73 -41.41 16.48
CA LEU D 614 2.04 -41.41 15.85
C LEU D 614 3.03 -42.26 16.62
N LYS D 615 3.85 -43.02 15.90
CA LYS D 615 4.98 -43.75 16.47
C LYS D 615 6.14 -43.68 15.48
N THR D 616 7.37 -43.82 15.98
CA THR D 616 8.55 -43.77 15.13
C THR D 616 9.53 -44.90 15.43
N LYS D 617 10.38 -45.18 14.43
CA LYS D 617 11.52 -46.08 14.57
C LYS D 617 12.50 -45.67 13.47
N GLY D 618 13.67 -45.15 13.85
CA GLY D 618 14.60 -44.64 12.86
C GLY D 618 14.02 -43.46 12.12
N ASP D 619 14.08 -43.49 10.79
CA ASP D 619 13.46 -42.46 9.96
C ASP D 619 12.04 -42.84 9.51
N PHE D 620 11.49 -43.92 10.04
CA PHE D 620 10.15 -44.40 9.66
C PHE D 620 9.14 -43.94 10.71
N ILE D 621 7.95 -43.53 10.24
CA ILE D 621 6.88 -43.02 11.10
C ILE D 621 5.61 -43.80 10.81
N LEU D 622 4.93 -44.26 11.85
CA LEU D 622 3.66 -44.95 11.71
C LEU D 622 2.54 -44.00 12.13
N VAL D 623 1.63 -43.71 11.20
CA VAL D 623 0.54 -42.78 11.41
C VAL D 623 -0.75 -43.58 11.57
N GLY D 624 -1.56 -43.22 12.55
CA GLY D 624 -2.87 -43.83 12.78
C GLY D 624 -3.98 -42.83 12.49
N ASP D 625 -5.00 -43.28 11.76
CA ASP D 625 -6.04 -42.39 11.25
C ASP D 625 -7.40 -42.75 11.85
N LEU D 626 -8.33 -41.79 11.76
CA LEU D 626 -9.66 -41.99 12.31
C LEU D 626 -10.37 -43.14 11.61
N MET D 627 -10.24 -43.24 10.29
CA MET D 627 -10.91 -44.27 9.51
C MET D 627 -10.01 -44.97 8.52
N ARG D 628 -8.85 -44.41 8.18
CA ARG D 628 -8.00 -44.93 7.13
C ARG D 628 -6.89 -45.84 7.67
N SER D 629 -7.04 -46.36 8.88
CA SER D 629 -6.12 -47.37 9.39
C SER D 629 -4.72 -46.81 9.58
N VAL D 630 -3.69 -47.46 9.04
CA VAL D 630 -2.31 -47.11 9.33
C VAL D 630 -1.56 -46.83 8.04
N LEU D 631 -0.66 -45.86 8.10
CA LEU D 631 0.19 -45.46 6.97
C LEU D 631 1.62 -45.46 7.49
N LEU D 632 2.53 -45.99 6.69
CA LEU D 632 3.96 -45.94 6.98
C LEU D 632 4.56 -44.76 6.20
N LEU D 633 5.08 -43.78 6.92
CA LEU D 633 5.72 -42.61 6.33
C LEU D 633 7.20 -42.67 6.68
N ALA D 634 8.04 -42.40 5.70
CA ALA D 634 9.48 -42.38 5.91
C ALA D 634 10.01 -40.97 5.64
N TYR D 635 10.92 -40.54 6.49
CA TYR D 635 11.63 -39.28 6.29
C TYR D 635 12.81 -39.54 5.36
N LYS D 636 12.90 -38.76 4.28
CA LYS D 636 14.04 -38.91 3.40
C LYS D 636 14.99 -37.76 3.64
N PRO D 637 16.08 -37.96 4.39
CA PRO D 637 16.91 -36.83 4.77
C PRO D 637 17.64 -36.17 3.61
N MET D 638 17.90 -36.90 2.52
CA MET D 638 18.58 -36.26 1.40
C MET D 638 17.72 -35.17 0.78
N GLU D 639 16.41 -35.31 0.79
CA GLU D 639 15.52 -34.31 0.22
C GLU D 639 14.85 -33.45 1.28
N GLY D 640 14.78 -33.91 2.51
CA GLY D 640 14.15 -33.13 3.56
C GLY D 640 12.64 -33.09 3.45
N ASN D 641 12.01 -34.27 3.33
CA ASN D 641 10.56 -34.35 3.17
C ASN D 641 10.12 -35.78 3.43
N PHE D 642 8.79 -35.97 3.47
CA PHE D 642 8.24 -37.30 3.68
C PHE D 642 7.97 -38.00 2.34
N GLU D 643 7.85 -39.32 2.41
CA GLU D 643 7.47 -40.18 1.29
C GLU D 643 6.64 -41.33 1.85
N GLU D 644 5.54 -41.64 1.16
CA GLU D 644 4.61 -42.66 1.64
C GLU D 644 5.16 -44.02 1.28
N ILE D 645 5.59 -44.80 2.27
CA ILE D 645 6.13 -46.13 1.99
C ILE D 645 4.99 -47.07 1.63
N ALA D 646 3.97 -47.16 2.47
CA ALA D 646 2.90 -48.13 2.25
C ALA D 646 1.74 -47.84 3.18
N ARG D 647 0.52 -48.04 2.69
CA ARG D 647 -0.68 -47.77 3.46
C ARG D 647 -1.54 -49.02 3.53
N ASP D 648 -2.19 -49.22 4.68
CA ASP D 648 -3.19 -50.26 4.81
C ASP D 648 -4.50 -49.72 4.24
N PHE D 649 -5.02 -50.35 3.19
CA PHE D 649 -6.21 -49.84 2.54
C PHE D 649 -7.48 -50.43 3.14
N ASN D 650 -7.36 -51.21 4.19
CA ASN D 650 -8.53 -51.71 4.89
C ASN D 650 -9.05 -50.66 5.85
N PRO D 651 -10.36 -50.37 5.84
CA PRO D 651 -10.88 -49.29 6.68
C PRO D 651 -10.99 -49.76 8.12
N ASN D 652 -10.27 -49.10 9.02
CA ASN D 652 -10.35 -49.38 10.44
C ASN D 652 -10.37 -48.07 11.23
N TRP D 653 -11.19 -48.04 12.26
CA TRP D 653 -11.22 -46.93 13.21
C TRP D 653 -10.20 -47.27 14.30
N MET D 654 -9.09 -46.53 14.33
CA MET D 654 -7.96 -46.90 15.15
C MET D 654 -8.14 -46.37 16.57
N SER D 655 -7.69 -47.15 17.54
CA SER D 655 -7.63 -46.72 18.93
C SER D 655 -6.21 -46.54 19.43
N ALA D 656 -5.23 -47.21 18.82
CA ALA D 656 -3.83 -47.15 19.19
C ALA D 656 -3.03 -47.92 18.16
N VAL D 657 -1.79 -47.48 17.95
CA VAL D 657 -0.89 -48.14 17.02
C VAL D 657 0.45 -48.33 17.73
N GLU D 658 1.28 -49.20 17.15
CA GLU D 658 2.63 -49.43 17.66
C GLU D 658 3.45 -50.10 16.58
N ILE D 659 4.75 -49.83 16.60
CA ILE D 659 5.72 -50.46 15.70
C ILE D 659 6.33 -51.63 16.45
N LEU D 660 6.24 -52.83 15.86
CA LEU D 660 6.83 -54.01 16.47
C LEU D 660 8.29 -54.18 16.02
N ASP D 661 8.54 -54.04 14.73
CA ASP D 661 9.89 -54.09 14.18
C ASP D 661 9.84 -53.40 12.81
N ASP D 662 10.96 -53.43 12.08
CA ASP D 662 11.06 -52.66 10.87
C ASP D 662 9.99 -53.04 9.84
N ASP D 663 9.39 -54.22 9.97
CA ASP D 663 8.44 -54.71 8.99
C ASP D 663 7.05 -54.94 9.54
N ASN D 664 6.88 -55.08 10.86
CA ASN D 664 5.57 -55.34 11.44
C ASN D 664 5.04 -54.12 12.19
N PHE D 665 3.74 -53.87 12.03
CA PHE D 665 3.05 -52.75 12.65
C PHE D 665 1.77 -53.26 13.30
N LEU D 666 1.58 -52.91 14.56
CA LEU D 666 0.47 -53.39 15.37
C LEU D 666 -0.52 -52.27 15.61
N GLY D 667 -1.81 -52.56 15.42
CA GLY D 667 -2.85 -51.59 15.64
C GLY D 667 -4.04 -52.21 16.34
N ALA D 668 -4.80 -51.35 17.02
CA ALA D 668 -6.03 -51.75 17.69
C ALA D 668 -7.17 -50.88 17.19
N GLU D 669 -8.32 -51.51 16.94
CA GLU D 669 -9.49 -50.86 16.36
C GLU D 669 -10.58 -50.74 17.43
N ASN D 670 -11.50 -49.81 17.22
CA ASN D 670 -12.54 -49.52 18.20
C ASN D 670 -13.52 -50.66 18.41
N ALA D 671 -13.38 -51.76 17.66
CA ALA D 671 -14.24 -52.93 17.83
C ALA D 671 -13.63 -53.99 18.73
N PHE D 672 -12.63 -53.62 19.53
CA PHE D 672 -11.96 -54.55 20.45
C PHE D 672 -11.22 -55.65 19.69
N ASN D 673 -10.62 -55.31 18.56
CA ASN D 673 -9.82 -56.23 17.76
C ASN D 673 -8.40 -55.67 17.62
N LEU D 674 -7.44 -56.58 17.49
CA LEU D 674 -6.05 -56.26 17.23
C LEU D 674 -5.70 -56.74 15.82
N PHE D 675 -4.85 -56.00 15.11
CA PHE D 675 -4.44 -56.50 13.80
C PHE D 675 -3.00 -56.09 13.55
N VAL D 676 -2.32 -56.89 12.72
CA VAL D 676 -0.91 -56.68 12.40
C VAL D 676 -0.77 -56.70 10.88
N CYS D 677 -0.32 -55.59 10.31
CA CYS D 677 0.00 -55.51 8.89
C CYS D 677 1.51 -55.38 8.71
N GLN D 678 2.01 -55.94 7.61
CA GLN D 678 3.42 -55.94 7.27
C GLN D 678 3.61 -55.54 5.82
N LYS D 679 4.78 -55.01 5.51
CA LYS D 679 5.13 -54.71 4.12
C LYS D 679 5.19 -56.01 3.34
N ASP D 680 4.63 -56.01 2.13
CA ASP D 680 4.62 -57.24 1.33
C ASP D 680 6.02 -57.57 0.81
N SER D 681 6.69 -56.59 0.19
CA SER D 681 8.04 -56.77 -0.33
C SER D 681 8.10 -57.96 -1.29
N ALA D 682 7.03 -58.15 -2.06
CA ALA D 682 6.97 -59.19 -3.07
C ALA D 682 6.31 -58.66 -4.33
N ALA D 683 6.34 -59.48 -5.38
CA ALA D 683 5.81 -59.21 -6.71
C ALA D 683 6.57 -58.12 -7.48
N THR D 684 7.68 -57.61 -6.94
CA THR D 684 8.53 -56.65 -7.66
C THR D 684 7.72 -55.55 -8.32
N THR D 685 6.59 -55.19 -7.72
CA THR D 685 5.72 -54.14 -8.22
C THR D 685 5.75 -52.97 -7.26
N ASP D 686 5.85 -51.75 -7.81
CA ASP D 686 5.75 -50.57 -6.95
C ASP D 686 4.37 -50.51 -6.32
N GLU D 687 3.34 -50.91 -7.07
CA GLU D 687 1.97 -50.83 -6.57
C GLU D 687 1.77 -51.80 -5.40
N GLU D 688 2.31 -53.02 -5.52
CA GLU D 688 2.19 -54.01 -4.46
C GLU D 688 3.01 -53.61 -3.24
N ARG D 689 4.20 -53.02 -3.45
CA ARG D 689 4.99 -52.52 -2.33
C ARG D 689 4.25 -51.43 -1.57
N GLN D 690 3.57 -50.53 -2.27
CA GLN D 690 2.82 -49.48 -1.60
C GLN D 690 1.63 -50.02 -0.82
N HIS D 691 1.29 -51.30 -0.98
CA HIS D 691 0.19 -51.92 -0.26
C HIS D 691 0.69 -52.59 1.01
N LEU D 692 0.05 -52.28 2.13
CA LEU D 692 0.32 -52.93 3.42
C LEU D 692 -0.73 -53.99 3.68
N GLN D 693 -0.30 -55.24 3.76
CA GLN D 693 -1.23 -56.35 3.89
C GLN D 693 -1.38 -56.76 5.35
N GLU D 694 -2.62 -56.88 5.80
CA GLU D 694 -2.95 -57.36 7.13
C GLU D 694 -2.72 -58.86 7.23
N VAL D 695 -1.78 -59.25 8.07
CA VAL D 695 -1.42 -60.65 8.22
C VAL D 695 -1.89 -61.25 9.55
N GLY D 696 -2.21 -60.43 10.54
CA GLY D 696 -2.71 -60.92 11.81
C GLY D 696 -4.02 -60.28 12.22
N LEU D 697 -4.98 -61.09 12.68
CA LEU D 697 -6.27 -60.62 13.15
C LEU D 697 -6.60 -61.36 14.44
N PHE D 698 -7.10 -60.63 15.44
CA PHE D 698 -7.38 -61.22 16.74
C PHE D 698 -8.38 -60.36 17.49
N HIS D 699 -9.42 -60.99 18.04
CA HIS D 699 -10.44 -60.28 18.81
C HIS D 699 -9.97 -60.22 20.27
N LEU D 700 -9.53 -59.04 20.69
CA LEU D 700 -8.99 -58.91 22.05
C LEU D 700 -10.10 -58.95 23.09
N GLY D 701 -11.19 -58.25 22.84
CA GLY D 701 -12.27 -58.10 23.79
C GLY D 701 -12.16 -56.88 24.69
N GLU D 702 -11.04 -56.16 24.65
CA GLU D 702 -10.84 -54.95 25.43
C GLU D 702 -10.49 -53.85 24.43
N PHE D 703 -10.70 -52.60 24.84
CA PHE D 703 -10.41 -51.42 24.04
C PHE D 703 -9.04 -50.87 24.44
N VAL D 704 -8.09 -50.90 23.52
CA VAL D 704 -6.71 -50.52 23.81
C VAL D 704 -6.56 -49.01 23.60
N ASN D 705 -6.23 -48.29 24.68
CA ASN D 705 -5.94 -46.86 24.58
C ASN D 705 -4.47 -46.58 24.29
N VAL D 706 -3.55 -47.35 24.84
CA VAL D 706 -2.12 -47.01 24.79
C VAL D 706 -1.29 -48.28 24.58
N PHE D 707 -0.38 -48.21 23.59
CA PHE D 707 0.66 -49.22 23.41
C PHE D 707 1.98 -48.64 23.91
N CYS D 708 2.76 -49.46 24.62
CA CYS D 708 3.99 -49.01 25.25
C CYS D 708 4.99 -50.16 25.24
N HIS D 709 6.18 -49.90 24.69
CA HIS D 709 7.26 -50.88 24.72
C HIS D 709 7.80 -51.01 26.14
N GLY D 710 7.98 -52.23 26.62
CA GLY D 710 8.53 -52.45 27.95
C GLY D 710 8.04 -53.74 28.56
N SER D 711 8.62 -54.07 29.73
CA SER D 711 8.23 -55.27 30.45
C SER D 711 8.34 -55.04 31.95
N LEU D 712 7.40 -55.63 32.70
CA LEU D 712 7.39 -55.52 34.15
C LEU D 712 8.31 -56.52 34.85
N VAL D 713 8.66 -57.63 34.20
CA VAL D 713 9.55 -58.62 34.79
C VAL D 713 10.99 -58.12 34.72
N MET D 714 11.79 -58.63 35.66
CA MET D 714 13.19 -58.26 35.76
C MET D 714 13.94 -58.73 34.52
N GLN D 715 14.71 -57.82 33.93
CA GLN D 715 15.51 -58.12 32.74
C GLN D 715 16.96 -58.19 33.18
N ASN D 716 17.59 -59.36 32.98
CA ASN D 716 18.98 -59.56 33.37
C ASN D 716 19.87 -59.37 32.15
N LEU D 717 20.94 -58.58 32.30
CA LEU D 717 21.82 -58.29 31.18
C LEU D 717 22.50 -59.53 30.63
N GLY D 718 22.33 -60.68 31.29
CA GLY D 718 22.92 -61.91 30.78
C GLY D 718 21.95 -62.46 29.74
N GLU D 719 22.50 -62.88 28.60
CA GLU D 719 21.69 -63.30 27.47
C GLU D 719 20.95 -64.60 27.77
N THR D 720 19.63 -64.55 27.71
CA THR D 720 18.74 -65.70 27.84
C THR D 720 18.00 -65.91 26.52
N SER D 721 17.86 -67.16 26.09
CA SER D 721 17.23 -67.47 24.81
C SER D 721 15.73 -67.71 25.00
N THR D 722 15.04 -66.64 25.40
CA THR D 722 13.59 -66.73 25.54
C THR D 722 12.97 -67.09 24.20
N PRO D 723 11.89 -67.88 24.20
CA PRO D 723 11.16 -68.13 22.94
C PRO D 723 10.52 -66.87 22.38
N THR D 724 10.00 -66.03 23.26
CA THR D 724 9.36 -64.80 22.87
C THR D 724 10.40 -63.74 22.52
N GLN D 725 10.12 -62.97 21.49
CA GLN D 725 10.94 -61.86 21.04
C GLN D 725 10.12 -60.57 21.09
N GLY D 726 10.63 -59.58 21.81
CA GLY D 726 9.95 -58.31 21.93
C GLY D 726 8.96 -58.29 23.09
N SER D 727 8.50 -57.09 23.44
CA SER D 727 7.54 -56.95 24.53
C SER D 727 6.82 -55.61 24.41
N VAL D 728 5.51 -55.64 24.16
CA VAL D 728 4.67 -54.44 24.14
C VAL D 728 3.58 -54.61 25.19
N LEU D 729 3.47 -53.62 26.08
CA LEU D 729 2.36 -53.56 27.03
C LEU D 729 1.24 -52.70 26.47
N PHE D 730 0.00 -52.99 26.89
CA PHE D 730 -1.12 -52.15 26.50
C PHE D 730 -2.13 -52.03 27.63
N GLY D 731 -2.69 -50.82 27.78
CA GLY D 731 -3.72 -50.52 28.75
C GLY D 731 -5.08 -50.37 28.10
N THR D 732 -6.13 -50.65 28.86
CA THR D 732 -7.48 -50.69 28.30
C THR D 732 -8.43 -49.92 29.21
N VAL D 733 -9.66 -49.72 28.70
CA VAL D 733 -10.67 -48.98 29.44
C VAL D 733 -11.11 -49.73 30.68
N ASN D 734 -11.09 -51.06 30.62
CA ASN D 734 -11.53 -51.92 31.71
C ASN D 734 -10.44 -52.15 32.74
N GLY D 735 -9.28 -51.51 32.59
CA GLY D 735 -8.18 -51.67 33.52
C GLY D 735 -7.28 -52.84 33.21
N MET D 736 -7.69 -53.70 32.28
CA MET D 736 -6.87 -54.82 31.84
C MET D 736 -5.56 -54.33 31.23
N ILE D 737 -4.46 -54.93 31.67
CA ILE D 737 -3.12 -54.69 31.12
C ILE D 737 -2.65 -55.97 30.46
N GLY D 738 -2.31 -55.89 29.18
CA GLY D 738 -1.90 -57.02 28.39
C GLY D 738 -0.50 -56.83 27.83
N LEU D 739 -0.03 -57.87 27.14
CA LEU D 739 1.33 -57.89 26.60
C LEU D 739 1.35 -58.60 25.26
N VAL D 740 1.99 -57.97 24.29
CA VAL D 740 2.15 -58.50 22.94
C VAL D 740 3.63 -58.79 22.72
N THR D 741 3.92 -59.96 22.16
CA THR D 741 5.28 -60.35 21.82
C THR D 741 5.20 -61.17 20.54
N SER D 742 6.31 -61.23 19.82
CA SER D 742 6.36 -61.94 18.55
C SER D 742 7.02 -63.31 18.73
N LEU D 743 6.73 -64.21 17.80
CA LEU D 743 7.22 -65.58 17.84
C LEU D 743 7.99 -65.91 16.57
N SER D 744 8.81 -66.96 16.66
CA SER D 744 9.39 -67.56 15.47
C SER D 744 8.38 -68.50 14.84
N GLU D 745 8.54 -68.74 13.53
CA GLU D 745 7.60 -69.63 12.85
C GLU D 745 7.53 -70.99 13.53
N SER D 746 8.68 -71.49 14.00
CA SER D 746 8.68 -72.76 14.72
C SER D 746 7.73 -72.71 15.90
N TRP D 747 7.77 -71.61 16.67
CA TRP D 747 7.00 -71.52 17.90
C TRP D 747 5.52 -71.29 17.66
N TYR D 748 5.17 -70.46 16.68
CA TYR D 748 3.76 -70.27 16.37
C TYR D 748 3.08 -71.61 16.09
N ASN D 749 3.66 -72.40 15.18
CA ASN D 749 3.06 -73.67 14.81
C ASN D 749 2.87 -74.60 15.99
N LEU D 750 3.86 -74.69 16.89
CA LEU D 750 3.63 -75.51 18.08
C LEU D 750 2.45 -74.99 18.89
N LEU D 751 2.49 -73.69 19.23
CA LEU D 751 1.48 -73.14 20.12
C LEU D 751 0.10 -73.16 19.48
N LEU D 752 0.01 -72.92 18.18
CA LEU D 752 -1.27 -73.00 17.51
C LEU D 752 -1.85 -74.40 17.60
N ASP D 753 -1.02 -75.41 17.35
CA ASP D 753 -1.48 -76.80 17.44
C ASP D 753 -2.02 -77.13 18.81
N MET D 754 -1.40 -76.59 19.87
CA MET D 754 -1.89 -76.87 21.22
C MET D 754 -3.25 -76.23 21.47
N GLN D 755 -3.46 -75.02 20.92
CA GLN D 755 -4.76 -74.38 21.06
C GLN D 755 -5.86 -75.29 20.52
N ASN D 756 -5.67 -75.80 19.30
CA ASN D 756 -6.65 -76.72 18.73
C ASN D 756 -6.83 -77.95 19.60
N ARG D 757 -5.77 -78.39 20.28
CA ARG D 757 -5.85 -79.52 21.20
C ARG D 757 -6.50 -79.15 22.53
N LEU D 758 -6.12 -77.99 23.07
CA LEU D 758 -6.68 -77.56 24.33
C LEU D 758 -8.17 -77.32 24.22
N ASN D 759 -8.61 -76.79 23.07
CA ASN D 759 -10.02 -76.46 22.89
C ASN D 759 -10.91 -77.70 22.91
N LYS D 760 -10.39 -78.84 22.46
CA LYS D 760 -11.17 -80.08 22.55
C LYS D 760 -11.27 -80.56 24.00
N VAL D 761 -10.32 -80.20 24.84
CA VAL D 761 -10.22 -80.72 26.20
C VAL D 761 -10.96 -79.85 27.21
N ILE D 762 -10.86 -78.54 27.07
CA ILE D 762 -11.32 -77.60 28.09
C ILE D 762 -12.79 -77.30 27.86
N LYS D 763 -13.58 -77.39 28.93
CA LYS D 763 -15.00 -77.10 28.87
C LYS D 763 -15.16 -75.61 29.16
N SER D 764 -15.77 -74.87 28.24
CA SER D 764 -15.94 -73.44 28.41
C SER D 764 -17.29 -73.14 29.03
N VAL D 765 -17.34 -72.08 29.84
CA VAL D 765 -18.60 -71.66 30.43
C VAL D 765 -19.55 -71.23 29.32
N GLY D 766 -20.78 -71.76 29.37
CA GLY D 766 -21.73 -71.49 28.32
C GLY D 766 -21.48 -72.26 27.04
N LYS D 767 -20.43 -73.08 27.01
CA LYS D 767 -20.07 -73.87 25.84
C LYS D 767 -19.91 -72.98 24.61
N ILE D 768 -19.13 -71.91 24.78
CA ILE D 768 -18.81 -70.99 23.69
C ILE D 768 -17.54 -71.46 23.01
N GLU D 769 -17.62 -71.69 21.70
CA GLU D 769 -16.46 -72.09 20.92
C GLU D 769 -15.38 -71.03 20.98
N HIS D 770 -14.16 -71.44 21.35
CA HIS D 770 -13.05 -70.49 21.48
C HIS D 770 -12.74 -69.83 20.14
N SER D 771 -12.71 -70.61 19.06
CA SER D 771 -12.36 -70.03 17.76
C SER D 771 -13.29 -68.89 17.40
N PHE D 772 -14.59 -69.03 17.73
CA PHE D 772 -15.55 -67.95 17.49
C PHE D 772 -15.22 -66.72 18.31
N TRP D 773 -14.95 -66.90 19.60
CA TRP D 773 -14.68 -65.79 20.50
C TRP D 773 -13.52 -64.94 20.01
N ARG D 774 -12.39 -65.56 19.67
CA ARG D 774 -11.22 -64.79 19.26
C ARG D 774 -11.24 -64.41 17.79
N SER D 775 -12.27 -64.81 17.04
CA SER D 775 -12.37 -64.42 15.65
C SER D 775 -12.61 -62.91 15.51
N PHE D 776 -11.87 -62.28 14.59
CA PHE D 776 -12.05 -60.87 14.27
C PHE D 776 -13.49 -60.54 13.95
N HIS D 777 -14.05 -59.55 14.64
CA HIS D 777 -15.47 -59.23 14.52
C HIS D 777 -15.73 -57.73 14.55
N THR D 778 -16.38 -57.25 13.49
CA THR D 778 -16.98 -55.92 13.40
C THR D 778 -18.46 -56.08 13.07
N GLU D 779 -19.24 -55.02 13.28
CA GLU D 779 -20.63 -55.09 12.85
C GLU D 779 -20.71 -55.62 11.42
N ARG D 780 -19.79 -55.18 10.56
CA ARG D 780 -19.83 -55.57 9.14
C ARG D 780 -19.11 -56.89 8.87
N LYS D 781 -17.99 -57.19 9.52
CA LYS D 781 -17.25 -58.40 9.17
C LYS D 781 -16.84 -59.28 10.35
N THR D 782 -16.88 -60.59 10.11
CA THR D 782 -16.34 -61.59 11.03
C THR D 782 -15.38 -62.47 10.25
N GLU D 783 -14.11 -62.49 10.67
CA GLU D 783 -13.05 -63.26 10.07
C GLU D 783 -12.42 -64.16 11.13
N PRO D 784 -11.92 -65.34 10.74
CA PRO D 784 -11.20 -66.18 11.71
C PRO D 784 -9.89 -65.51 12.07
N ALA D 785 -9.51 -65.65 13.35
CA ALA D 785 -8.26 -65.07 13.79
C ALA D 785 -7.08 -65.73 13.08
N THR D 786 -6.02 -64.96 12.88
CA THR D 786 -4.83 -65.43 12.18
C THR D 786 -3.63 -64.68 12.74
N GLY D 787 -2.52 -65.40 12.91
CA GLY D 787 -1.28 -64.78 13.33
C GLY D 787 -1.13 -64.49 14.81
N PHE D 788 -2.06 -64.95 15.65
CA PHE D 788 -2.03 -64.61 17.07
C PHE D 788 -2.26 -65.86 17.90
N ILE D 789 -1.49 -66.00 18.98
CA ILE D 789 -1.63 -67.09 19.92
C ILE D 789 -2.30 -66.55 21.17
N ASP D 790 -3.44 -67.12 21.54
CA ASP D 790 -4.12 -66.73 22.77
C ASP D 790 -3.32 -67.23 23.96
N GLY D 791 -2.40 -66.41 24.46
CA GLY D 791 -1.54 -66.86 25.54
C GLY D 791 -2.28 -67.26 26.79
N ASP D 792 -3.45 -66.64 27.03
CA ASP D 792 -4.22 -67.02 28.21
C ASP D 792 -4.75 -68.44 28.10
N LEU D 793 -4.96 -68.93 26.88
CA LEU D 793 -5.32 -70.34 26.66
C LEU D 793 -4.13 -71.25 26.84
N ILE D 794 -2.97 -70.86 26.29
CA ILE D 794 -1.76 -71.66 26.46
C ILE D 794 -1.44 -71.82 27.93
N GLU D 795 -1.55 -70.74 28.70
CA GLU D 795 -1.21 -70.79 30.12
C GLU D 795 -2.22 -71.55 30.96
N SER D 796 -3.36 -71.93 30.39
CA SER D 796 -4.30 -72.76 31.14
C SER D 796 -3.94 -74.24 31.08
N PHE D 797 -3.06 -74.63 30.15
CA PHE D 797 -2.53 -75.99 30.12
C PHE D 797 -1.98 -76.40 31.47
N LEU D 798 -1.33 -75.46 32.16
CA LEU D 798 -0.75 -75.75 33.47
C LEU D 798 -1.80 -75.99 34.55
N ASP D 799 -3.07 -75.64 34.31
CA ASP D 799 -4.11 -75.77 35.32
C ASP D 799 -5.06 -76.93 35.09
N ILE D 800 -4.95 -77.66 33.97
CA ILE D 800 -5.80 -78.82 33.74
C ILE D 800 -5.16 -80.03 34.39
N SER D 801 -5.99 -81.02 34.74
CA SER D 801 -5.52 -82.18 35.48
C SER D 801 -4.55 -83.01 34.64
N ARG D 802 -3.72 -83.79 35.34
CA ARG D 802 -2.73 -84.60 34.64
C ARG D 802 -3.36 -85.48 33.56
N PRO D 803 -4.49 -86.13 33.78
CA PRO D 803 -5.11 -86.90 32.69
C PRO D 803 -5.35 -86.11 31.42
N LYS D 804 -5.86 -84.88 31.55
CA LYS D 804 -6.14 -84.08 30.36
C LYS D 804 -4.85 -83.64 29.67
N MET D 805 -3.80 -83.36 30.45
CA MET D 805 -2.52 -83.01 29.84
C MET D 805 -2.04 -84.12 28.93
N GLN D 806 -2.16 -85.36 29.39
CA GLN D 806 -1.73 -86.50 28.58
C GLN D 806 -2.61 -86.62 27.34
N GLU D 807 -3.90 -86.31 27.47
CA GLU D 807 -4.78 -86.29 26.31
C GLU D 807 -4.35 -85.23 25.29
N VAL D 808 -3.85 -84.07 25.77
CA VAL D 808 -3.51 -82.99 24.86
C VAL D 808 -2.32 -83.37 23.98
N VAL D 809 -1.35 -84.09 24.56
CA VAL D 809 -0.11 -84.41 23.85
C VAL D 809 -0.18 -85.68 23.00
N ALA D 810 -1.31 -86.38 22.99
CA ALA D 810 -1.44 -87.58 22.18
C ALA D 810 -1.12 -87.29 20.72
N ASN D 811 -0.20 -88.08 20.15
CA ASN D 811 0.20 -87.97 18.75
C ASN D 811 0.84 -86.62 18.43
N LEU D 812 1.37 -85.94 19.44
CA LEU D 812 2.01 -84.65 19.26
C LEU D 812 3.51 -84.90 19.19
N GLN D 813 4.17 -84.34 18.20
CA GLN D 813 5.61 -84.51 18.04
C GLN D 813 6.25 -83.21 18.52
N TYR D 814 7.35 -83.34 19.25
CA TYR D 814 7.98 -82.23 19.92
C TYR D 814 9.23 -81.84 19.16
N ASP D 815 9.62 -80.58 19.29
CA ASP D 815 10.82 -80.08 18.65
C ASP D 815 11.79 -79.79 19.79
N ASP D 816 12.93 -80.46 19.76
CA ASP D 816 13.94 -80.34 20.81
C ASP D 816 14.84 -79.15 20.60
N GLY D 817 14.72 -78.46 19.47
CA GLY D 817 15.65 -77.42 19.11
C GLY D 817 16.97 -77.95 18.62
N SER D 818 17.20 -79.25 18.78
CA SER D 818 18.37 -79.93 18.26
C SER D 818 18.11 -80.59 16.93
N GLY D 819 17.07 -80.14 16.23
CA GLY D 819 16.64 -80.79 15.02
C GLY D 819 15.86 -82.06 15.25
N MET D 820 16.02 -82.68 16.41
CA MET D 820 15.33 -83.91 16.75
C MET D 820 13.85 -83.66 16.97
N LYS D 821 13.01 -84.54 16.41
CA LYS D 821 11.56 -84.53 16.61
C LYS D 821 11.15 -85.82 17.31
N ARG D 822 10.41 -85.71 18.41
CA ARG D 822 10.03 -86.90 19.18
C ARG D 822 8.61 -86.74 19.73
N GLU D 823 7.99 -87.87 20.11
CA GLU D 823 6.66 -87.80 20.72
C GLU D 823 6.75 -86.96 21.98
N ALA D 824 5.72 -86.14 22.20
CA ALA D 824 5.75 -85.16 23.28
C ALA D 824 5.16 -85.75 24.54
N THR D 825 5.76 -85.41 25.66
CA THR D 825 5.24 -85.77 26.97
C THR D 825 4.66 -84.54 27.64
N ALA D 826 3.81 -84.77 28.63
CA ALA D 826 3.25 -83.67 29.39
C ALA D 826 4.34 -82.84 30.04
N ASP D 827 5.45 -83.48 30.39
CA ASP D 827 6.55 -82.76 31.03
C ASP D 827 7.28 -81.85 30.03
N ASP D 828 7.28 -82.19 28.74
CA ASP D 828 7.90 -81.32 27.75
C ASP D 828 7.12 -80.01 27.59
N LEU D 829 5.79 -80.11 27.46
CA LEU D 829 4.99 -78.92 27.28
C LEU D 829 4.91 -78.09 28.56
N ILE D 830 4.92 -78.75 29.72
CA ILE D 830 4.89 -78.01 30.98
C ILE D 830 6.13 -77.13 31.12
N LYS D 831 7.29 -77.63 30.65
CA LYS D 831 8.47 -76.77 30.68
C LYS D 831 8.31 -75.60 29.72
N VAL D 832 7.68 -75.84 28.56
CA VAL D 832 7.51 -74.78 27.58
C VAL D 832 6.54 -73.72 28.11
N VAL D 833 5.37 -74.15 28.60
CA VAL D 833 4.37 -73.18 29.05
C VAL D 833 4.89 -72.39 30.24
N GLU D 834 5.61 -73.05 31.15
CA GLU D 834 6.17 -72.36 32.29
C GLU D 834 7.15 -71.28 31.85
N GLU D 835 7.90 -71.54 30.78
CA GLU D 835 8.77 -70.51 30.21
C GLU D 835 7.94 -69.31 29.74
N LEU D 836 6.79 -69.56 29.13
CA LEU D 836 5.97 -68.46 28.64
C LEU D 836 5.34 -67.67 29.79
N THR D 837 5.17 -68.26 30.97
CA THR D 837 4.62 -67.50 32.08
C THR D 837 5.62 -66.54 32.70
N ARG D 838 6.88 -66.55 32.24
CA ARG D 838 7.91 -65.70 32.82
C ARG D 838 8.11 -64.42 32.03
N ILE D 839 7.32 -64.20 30.97
CA ILE D 839 7.46 -62.98 30.21
C ILE D 839 6.65 -61.84 30.79
N HIS D 840 5.80 -62.13 31.77
CA HIS D 840 4.95 -61.14 32.41
C HIS D 840 4.81 -61.39 33.92
N THR E 7 -6.83 -24.99 -24.57
CA THR E 7 -8.01 -24.75 -23.75
C THR E 7 -8.30 -26.07 -23.01
N GLU E 8 -9.43 -26.13 -22.30
CA GLU E 8 -9.79 -27.35 -21.61
C GLU E 8 -10.03 -28.52 -22.55
N SER E 9 -10.26 -28.26 -23.83
CA SER E 9 -10.60 -29.36 -24.73
C SER E 9 -9.37 -30.10 -25.20
N ASP E 10 -8.18 -29.49 -25.07
CA ASP E 10 -6.95 -30.08 -25.56
C ASP E 10 -6.38 -30.99 -24.47
N TRP E 11 -6.99 -32.17 -24.33
CA TRP E 11 -6.53 -33.17 -23.40
C TRP E 11 -5.30 -33.89 -23.94
N GLY E 12 -4.55 -34.54 -23.05
CA GLY E 12 -3.41 -35.35 -23.44
C GLY E 12 -2.15 -34.57 -23.71
N LYS E 13 -2.18 -33.25 -23.52
CA LYS E 13 -1.05 -32.38 -23.80
C LYS E 13 -0.42 -31.79 -22.55
N ARG E 14 -1.22 -31.49 -21.54
CA ARG E 14 -0.70 -30.97 -20.27
C ARG E 14 0.13 -32.04 -19.55
N CYS E 15 1.11 -31.60 -18.79
CA CYS E 15 1.99 -32.50 -18.07
C CYS E 15 1.46 -32.69 -16.65
N VAL E 16 1.87 -33.78 -16.01
CA VAL E 16 1.51 -34.01 -14.61
C VAL E 16 2.30 -33.12 -13.67
N ASP E 17 3.24 -32.33 -14.20
CA ASP E 17 3.91 -31.34 -13.38
C ASP E 17 2.96 -30.27 -12.86
N LYS E 18 1.82 -30.08 -13.50
CA LYS E 18 0.91 -29.04 -13.06
C LYS E 18 0.14 -29.45 -11.82
N PHE E 19 0.26 -30.71 -11.40
CA PHE E 19 -0.43 -31.23 -10.22
C PHE E 19 0.64 -31.66 -9.23
N ASP E 20 0.58 -31.10 -8.03
CA ASP E 20 1.42 -31.55 -6.91
C ASP E 20 0.77 -32.74 -6.24
N ILE E 21 1.49 -33.85 -6.15
CA ILE E 21 0.97 -35.10 -5.62
C ILE E 21 0.91 -35.04 -4.10
N ILE E 22 -0.23 -35.39 -3.53
CA ILE E 22 -0.44 -35.40 -2.08
C ILE E 22 -0.28 -36.80 -1.49
N GLY E 23 -0.94 -37.80 -2.07
CA GLY E 23 -0.91 -39.14 -1.50
C GLY E 23 -1.49 -40.19 -2.43
N ILE E 24 -1.37 -41.43 -1.99
CA ILE E 24 -1.86 -42.58 -2.73
C ILE E 24 -3.22 -42.92 -2.12
N ILE E 25 -4.30 -42.41 -2.74
CA ILE E 25 -5.65 -42.60 -2.19
C ILE E 25 -6.19 -43.99 -2.52
N GLY E 26 -5.88 -44.54 -3.68
CA GLY E 26 -6.42 -45.86 -3.98
C GLY E 26 -5.65 -46.59 -5.06
N GLU E 27 -5.96 -47.89 -5.16
CA GLU E 27 -5.42 -48.80 -6.17
C GLU E 27 -6.44 -49.06 -7.27
N GLY E 28 -6.01 -48.98 -8.52
CA GLY E 28 -6.87 -49.13 -9.67
C GLY E 28 -6.46 -50.32 -10.54
N THR E 29 -7.24 -50.51 -11.61
CA THR E 29 -7.00 -51.68 -12.45
C THR E 29 -5.71 -51.53 -13.24
N TYR E 30 -5.55 -50.40 -13.92
CA TYR E 30 -4.37 -50.14 -14.75
C TYR E 30 -3.39 -49.17 -14.11
N GLY E 31 -3.61 -48.82 -12.84
CA GLY E 31 -2.66 -47.98 -12.12
C GLY E 31 -3.18 -47.77 -10.71
N GLN E 32 -2.47 -46.94 -9.98
CA GLN E 32 -2.92 -46.52 -8.65
C GLN E 32 -3.51 -45.12 -8.75
N VAL E 33 -4.45 -44.83 -7.86
CA VAL E 33 -5.11 -43.54 -7.82
C VAL E 33 -4.35 -42.66 -6.83
N TYR E 34 -4.05 -41.44 -7.21
CA TYR E 34 -3.29 -40.50 -6.39
C TYR E 34 -4.14 -39.24 -6.20
N LYS E 35 -4.04 -38.65 -5.00
CA LYS E 35 -4.69 -37.37 -4.71
C LYS E 35 -3.71 -36.24 -4.96
N ALA E 36 -4.16 -35.19 -5.64
CA ALA E 36 -3.25 -34.11 -5.97
C ALA E 36 -3.98 -32.76 -5.92
N LYS E 37 -3.16 -31.71 -5.95
CA LYS E 37 -3.63 -30.33 -6.01
C LYS E 37 -3.09 -29.69 -7.28
N ASP E 38 -3.98 -29.08 -8.07
CA ASP E 38 -3.55 -28.33 -9.24
C ASP E 38 -2.85 -27.07 -8.78
N LYS E 39 -1.59 -26.89 -9.20
CA LYS E 39 -0.82 -25.74 -8.77
C LYS E 39 -1.47 -24.45 -9.26
N ASP E 40 -2.08 -24.48 -10.43
CA ASP E 40 -2.61 -23.28 -11.04
C ASP E 40 -3.97 -22.91 -10.46
N THR E 41 -4.79 -23.91 -10.16
CA THR E 41 -6.15 -23.62 -9.72
C THR E 41 -6.31 -23.75 -8.21
N GLY E 42 -5.46 -24.57 -7.58
CA GLY E 42 -5.55 -24.86 -6.17
C GLY E 42 -6.56 -25.93 -5.81
N GLU E 43 -7.45 -26.30 -6.72
CA GLU E 43 -8.46 -27.32 -6.45
C GLU E 43 -7.82 -28.70 -6.36
N LEU E 44 -8.35 -29.53 -5.46
CA LEU E 44 -7.87 -30.89 -5.27
C LEU E 44 -8.51 -31.86 -6.25
N VAL E 45 -7.69 -32.73 -6.84
CA VAL E 45 -8.13 -33.69 -7.84
C VAL E 45 -7.63 -35.08 -7.46
N ALA E 46 -8.09 -36.07 -8.21
CA ALA E 46 -7.63 -37.45 -8.10
C ALA E 46 -7.10 -37.90 -9.46
N LEU E 47 -5.96 -38.57 -9.46
CA LEU E 47 -5.28 -38.94 -10.70
C LEU E 47 -5.23 -40.46 -10.77
N LYS E 48 -5.90 -41.03 -11.78
CA LYS E 48 -5.80 -42.46 -12.05
C LYS E 48 -4.75 -42.65 -13.14
N LYS E 49 -3.74 -43.45 -12.86
CA LYS E 49 -2.62 -43.65 -13.78
C LYS E 49 -2.92 -44.79 -14.73
N VAL E 50 -2.97 -44.49 -16.03
CA VAL E 50 -3.06 -45.49 -17.07
C VAL E 50 -1.65 -45.74 -17.59
N ARG E 51 -1.22 -46.99 -17.51
CA ARG E 51 0.13 -47.42 -17.89
C ARG E 51 0.09 -48.13 -19.24
N LEU E 52 0.82 -47.58 -20.21
CA LEU E 52 1.03 -48.24 -21.49
C LEU E 52 2.38 -48.93 -21.57
N ASP E 53 3.14 -48.95 -20.48
CA ASP E 53 4.46 -49.58 -20.49
C ASP E 53 4.35 -51.09 -20.67
N ASN E 54 3.32 -51.72 -20.11
CA ASN E 54 3.12 -53.17 -20.32
C ASN E 54 3.05 -53.50 -21.81
N GLU E 55 2.31 -52.70 -22.58
CA GLU E 55 2.28 -52.80 -24.04
C GLU E 55 1.90 -54.20 -24.52
N LYS E 56 1.10 -54.93 -23.75
CA LYS E 56 0.60 -56.22 -24.25
C LYS E 56 -0.16 -56.02 -25.56
N GLU E 57 -1.14 -55.11 -25.56
CA GLU E 57 -1.85 -54.72 -26.77
C GLU E 57 -2.05 -53.19 -26.76
N GLY E 58 -1.07 -52.46 -26.23
CA GLY E 58 -1.09 -51.01 -26.27
C GLY E 58 -1.93 -50.38 -25.17
N PHE E 59 -2.52 -49.23 -25.49
CA PHE E 59 -3.34 -48.52 -24.50
C PHE E 59 -4.49 -49.43 -24.06
N PRO E 60 -4.74 -49.58 -22.77
CA PRO E 60 -5.75 -50.55 -22.32
C PRO E 60 -7.14 -50.27 -22.88
N ILE E 61 -7.81 -51.34 -23.31
CA ILE E 61 -9.19 -51.21 -23.76
C ILE E 61 -10.07 -50.79 -22.59
N THR E 62 -9.77 -51.31 -21.40
CA THR E 62 -10.51 -50.93 -20.19
C THR E 62 -10.45 -49.42 -19.97
N ALA E 63 -9.27 -48.84 -20.20
CA ALA E 63 -9.13 -47.39 -20.05
C ALA E 63 -9.87 -46.67 -21.16
N ILE E 64 -9.83 -47.22 -22.37
CA ILE E 64 -10.52 -46.59 -23.50
C ILE E 64 -12.02 -46.51 -23.25
N ARG E 65 -12.59 -47.55 -22.64
CA ARG E 65 -14.01 -47.48 -22.29
C ARG E 65 -14.31 -46.36 -21.30
N GLU E 66 -13.50 -46.26 -20.24
CA GLU E 66 -13.80 -45.25 -19.23
C GLU E 66 -13.60 -43.83 -19.76
N ILE E 67 -12.63 -43.64 -20.65
CA ILE E 67 -12.41 -42.30 -21.19
C ILE E 67 -13.55 -41.95 -22.12
N LYS E 68 -14.10 -42.97 -22.81
CA LYS E 68 -15.18 -42.73 -23.76
C LYS E 68 -16.50 -42.43 -23.07
N ILE E 69 -16.80 -43.15 -21.99
CA ILE E 69 -18.12 -42.99 -21.37
C ILE E 69 -18.18 -41.73 -20.52
N LEU E 70 -17.14 -41.51 -19.70
CA LEU E 70 -17.21 -40.37 -18.80
C LEU E 70 -17.19 -39.06 -19.58
N ARG E 71 -16.70 -39.06 -20.81
CA ARG E 71 -16.85 -37.87 -21.65
C ARG E 71 -18.26 -37.75 -22.23
N GLN E 72 -19.04 -38.83 -22.23
CA GLN E 72 -20.43 -38.77 -22.69
C GLN E 72 -21.41 -38.45 -21.56
N LEU E 73 -21.02 -38.63 -20.30
CA LEU E 73 -21.93 -38.47 -19.17
C LEU E 73 -21.61 -37.20 -18.39
N ILE E 74 -22.60 -36.31 -18.28
CA ILE E 74 -22.48 -35.08 -17.48
C ILE E 74 -23.66 -35.09 -16.51
N HIS E 75 -23.41 -35.44 -15.25
CA HIS E 75 -24.46 -35.42 -14.25
C HIS E 75 -23.83 -35.15 -12.88
N ARG E 76 -24.58 -34.47 -12.02
CA ARG E 76 -24.05 -34.12 -10.70
C ARG E 76 -23.71 -35.37 -9.90
N SER E 77 -24.32 -36.50 -10.24
CA SER E 77 -24.13 -37.76 -9.53
C SER E 77 -23.26 -38.74 -10.32
N VAL E 78 -22.55 -38.28 -11.35
CA VAL E 78 -21.62 -39.10 -12.11
C VAL E 78 -20.27 -38.41 -12.11
N VAL E 79 -19.23 -39.16 -11.74
CA VAL E 79 -17.91 -38.57 -11.62
C VAL E 79 -17.49 -37.95 -12.95
N ASN E 80 -16.94 -36.75 -12.88
CA ASN E 80 -16.53 -36.02 -14.08
C ASN E 80 -15.02 -36.13 -14.24
N MET E 81 -14.58 -36.67 -15.39
CA MET E 81 -13.19 -36.65 -15.79
C MET E 81 -12.86 -35.25 -16.30
N LYS E 82 -11.99 -34.53 -15.61
CA LYS E 82 -11.71 -33.16 -15.99
C LYS E 82 -10.79 -33.08 -17.20
N GLU E 83 -9.71 -33.87 -17.19
CA GLU E 83 -8.71 -33.86 -18.24
C GLU E 83 -7.83 -35.09 -18.11
N ILE E 84 -6.94 -35.27 -19.08
CA ILE E 84 -5.95 -36.33 -19.09
C ILE E 84 -4.58 -35.69 -19.28
N VAL E 85 -3.63 -36.03 -18.42
CA VAL E 85 -2.30 -35.44 -18.44
C VAL E 85 -1.28 -36.57 -18.52
N THR E 86 -0.10 -36.24 -19.06
CA THR E 86 0.94 -37.22 -19.29
C THR E 86 2.25 -36.91 -18.57
N ASP E 87 3.06 -37.96 -18.39
CA ASP E 87 4.41 -37.82 -17.86
C ASP E 87 5.24 -37.04 -18.88
N LYS E 88 6.22 -36.28 -18.41
CA LYS E 88 6.99 -35.46 -19.32
C LYS E 88 7.58 -36.29 -20.45
N GLN E 89 7.39 -35.82 -21.69
CA GLN E 89 7.92 -36.50 -22.88
C GLN E 89 9.32 -35.97 -23.16
N ASP E 90 10.23 -36.28 -22.24
CA ASP E 90 11.57 -35.71 -22.28
C ASP E 90 12.32 -36.10 -23.55
N ALA E 91 12.28 -37.38 -23.93
CA ALA E 91 12.93 -37.82 -25.17
C ALA E 91 12.32 -37.05 -26.34
N LEU E 92 13.18 -36.51 -27.21
CA LEU E 92 12.65 -35.80 -28.38
C LEU E 92 11.98 -36.74 -29.37
N ASP E 93 12.38 -38.00 -29.41
CA ASP E 93 11.77 -38.96 -30.31
C ASP E 93 10.54 -39.55 -29.61
N PHE E 94 9.41 -39.54 -30.31
CA PHE E 94 8.18 -40.04 -29.70
C PHE E 94 8.28 -41.55 -29.47
N LYS E 95 9.04 -42.25 -30.31
CA LYS E 95 9.20 -43.70 -30.15
C LYS E 95 9.89 -44.04 -28.83
N LYS E 96 10.86 -43.22 -28.42
CA LYS E 96 11.53 -43.44 -27.14
C LYS E 96 10.59 -43.28 -25.96
N ASP E 97 9.59 -42.39 -26.08
CA ASP E 97 8.72 -42.10 -24.95
C ASP E 97 7.94 -43.34 -24.54
N LYS E 98 7.99 -43.66 -23.25
CA LYS E 98 7.16 -44.69 -22.64
C LYS E 98 6.32 -44.11 -21.50
N GLY E 99 6.28 -42.79 -21.37
CA GLY E 99 5.56 -42.19 -20.27
C GLY E 99 4.09 -42.56 -20.26
N ALA E 100 3.54 -42.71 -19.06
CA ALA E 100 2.16 -43.09 -18.85
C ALA E 100 1.25 -41.85 -18.85
N PHE E 101 -0.06 -42.10 -18.87
CA PHE E 101 -1.07 -41.05 -18.82
C PHE E 101 -1.87 -41.11 -17.52
N TYR E 102 -2.37 -39.94 -17.08
CA TYR E 102 -3.15 -39.84 -15.86
C TYR E 102 -4.50 -39.23 -16.15
N LEU E 103 -5.56 -39.83 -15.61
CA LEU E 103 -6.91 -39.33 -15.75
C LEU E 103 -7.27 -38.47 -14.54
N VAL E 104 -7.55 -37.20 -14.77
CA VAL E 104 -7.85 -36.26 -13.70
C VAL E 104 -9.35 -36.29 -13.41
N PHE E 105 -9.70 -36.42 -12.13
CA PHE E 105 -11.08 -36.43 -11.67
C PHE E 105 -11.19 -35.46 -10.49
N GLU E 106 -12.41 -35.00 -10.23
CA GLU E 106 -12.67 -34.18 -9.04
C GLU E 106 -12.50 -35.04 -7.79
N TYR E 107 -11.74 -34.55 -6.81
CA TYR E 107 -11.51 -35.34 -5.60
C TYR E 107 -12.78 -35.40 -4.75
N MET E 108 -13.02 -36.57 -4.17
CA MET E 108 -14.16 -36.81 -3.28
C MET E 108 -13.64 -37.15 -1.90
N ASP E 109 -14.25 -36.57 -0.87
CA ASP E 109 -13.70 -36.68 0.47
C ASP E 109 -13.78 -38.11 1.00
N HIS E 110 -14.91 -38.78 0.81
CA HIS E 110 -15.08 -40.10 1.39
C HIS E 110 -15.75 -41.04 0.40
N ASP E 111 -15.64 -42.33 0.68
CA ASP E 111 -16.35 -43.38 -0.05
C ASP E 111 -17.28 -44.08 0.94
N LEU E 112 -18.43 -44.51 0.44
CA LEU E 112 -19.44 -45.06 1.34
C LEU E 112 -18.93 -46.27 2.12
N MET E 113 -18.08 -47.10 1.51
CA MET E 113 -17.61 -48.29 2.23
C MET E 113 -16.89 -47.89 3.51
N GLY E 114 -15.93 -46.97 3.42
CA GLY E 114 -15.16 -46.59 4.58
C GLY E 114 -16.00 -46.02 5.70
N LEU E 115 -16.97 -45.16 5.35
CA LEU E 115 -17.77 -44.53 6.39
C LEU E 115 -18.54 -45.55 7.21
N LEU E 116 -19.12 -46.55 6.54
CA LEU E 116 -19.81 -47.59 7.29
C LEU E 116 -18.81 -48.54 7.96
N GLU E 117 -17.73 -48.90 7.27
CA GLU E 117 -16.78 -49.88 7.79
C GLU E 117 -16.12 -49.34 9.07
N SER E 118 -15.79 -48.05 9.09
CA SER E 118 -15.21 -47.44 10.28
C SER E 118 -16.19 -47.38 11.45
N GLY E 119 -17.49 -47.36 11.16
CA GLY E 119 -18.49 -47.21 12.21
C GLY E 119 -18.66 -45.77 12.67
N LEU E 120 -19.60 -45.61 13.60
CA LEU E 120 -20.01 -44.32 14.16
C LEU E 120 -20.33 -43.28 13.08
N VAL E 121 -20.95 -43.74 11.99
CA VAL E 121 -21.58 -42.88 10.99
C VAL E 121 -23.05 -43.28 11.05
N HIS E 122 -23.92 -42.37 11.46
CA HIS E 122 -25.34 -42.69 11.57
C HIS E 122 -26.13 -41.92 10.52
N PHE E 123 -26.82 -42.64 9.65
CA PHE E 123 -27.62 -42.06 8.59
C PHE E 123 -29.09 -42.08 9.03
N SER E 124 -29.70 -40.90 9.09
CA SER E 124 -31.12 -40.78 9.41
C SER E 124 -31.96 -41.12 8.18
N GLU E 125 -33.26 -41.28 8.39
CA GLU E 125 -34.14 -41.49 7.23
C GLU E 125 -33.93 -40.38 6.21
N ASP E 126 -33.90 -39.13 6.66
CA ASP E 126 -33.72 -38.02 5.74
C ASP E 126 -32.39 -38.10 5.01
N HIS E 127 -31.32 -38.52 5.70
CA HIS E 127 -30.04 -38.66 5.03
C HIS E 127 -30.11 -39.71 3.94
N ILE E 128 -30.72 -40.86 4.25
CA ILE E 128 -30.80 -41.94 3.29
C ILE E 128 -31.56 -41.50 2.04
N LYS E 129 -32.61 -40.70 2.23
CA LYS E 129 -33.39 -40.19 1.12
C LYS E 129 -32.52 -39.38 0.15
N SER E 130 -31.74 -38.43 0.67
CA SER E 130 -30.92 -37.59 -0.21
C SER E 130 -29.89 -38.43 -0.96
N PHE E 131 -29.27 -39.39 -0.28
CA PHE E 131 -28.23 -40.21 -0.90
C PHE E 131 -28.81 -41.12 -1.97
N MET E 132 -29.92 -41.81 -1.67
CA MET E 132 -30.50 -42.72 -2.64
C MET E 132 -31.14 -41.98 -3.81
N LYS E 133 -31.79 -40.85 -3.55
CA LYS E 133 -32.34 -40.07 -4.66
C LYS E 133 -31.25 -39.58 -5.59
N GLN E 134 -30.11 -39.19 -5.03
CA GLN E 134 -28.99 -38.82 -5.90
C GLN E 134 -28.48 -40.02 -6.67
N LEU E 135 -28.30 -41.16 -6.00
CA LEU E 135 -27.74 -42.32 -6.68
C LEU E 135 -28.63 -42.78 -7.83
N MET E 136 -29.93 -42.90 -7.58
CA MET E 136 -30.83 -43.38 -8.62
C MET E 136 -30.94 -42.36 -9.74
N GLU E 137 -30.91 -41.07 -9.41
CA GLU E 137 -30.92 -40.04 -10.44
C GLU E 137 -29.70 -40.19 -11.35
N GLY E 138 -28.55 -40.56 -10.78
CA GLY E 138 -27.38 -40.83 -11.59
C GLY E 138 -27.54 -42.09 -12.42
N LEU E 139 -28.08 -43.15 -11.83
CA LEU E 139 -28.27 -44.39 -12.58
C LEU E 139 -29.28 -44.20 -13.72
N GLU E 140 -30.33 -43.44 -13.47
CA GLU E 140 -31.31 -43.15 -14.52
C GLU E 140 -30.66 -42.36 -15.66
N TYR E 141 -29.77 -41.41 -15.33
CA TYR E 141 -29.10 -40.66 -16.39
C TYR E 141 -28.32 -41.60 -17.29
N CYS E 142 -27.60 -42.55 -16.70
CA CYS E 142 -26.84 -43.52 -17.49
C CYS E 142 -27.75 -44.51 -18.19
N HIS E 143 -28.75 -45.04 -17.50
CA HIS E 143 -29.63 -46.02 -18.12
C HIS E 143 -30.42 -45.42 -19.28
N LYS E 144 -30.76 -44.13 -19.22
CA LYS E 144 -31.40 -43.51 -20.38
C LYS E 144 -30.41 -43.36 -21.54
N LYS E 145 -29.13 -43.08 -21.22
CA LYS E 145 -28.07 -43.08 -22.21
C LYS E 145 -27.65 -44.50 -22.59
N ASN E 146 -28.39 -45.51 -22.14
CA ASN E 146 -28.20 -46.90 -22.54
C ASN E 146 -26.82 -47.40 -22.14
N PHE E 147 -26.39 -47.07 -20.92
CA PHE E 147 -25.15 -47.56 -20.35
C PHE E 147 -25.43 -48.38 -19.10
N LEU E 148 -24.64 -49.43 -18.89
CA LEU E 148 -24.76 -50.29 -17.73
C LEU E 148 -23.47 -50.26 -16.91
N HIS E 149 -23.59 -49.99 -15.61
CA HIS E 149 -22.43 -49.89 -14.74
C HIS E 149 -21.74 -51.24 -14.57
N ARG E 150 -22.49 -52.24 -14.11
CA ARG E 150 -22.08 -53.63 -13.95
C ARG E 150 -21.15 -53.82 -12.76
N ASP E 151 -20.81 -52.77 -12.00
CA ASP E 151 -19.99 -52.93 -10.80
C ASP E 151 -20.40 -51.91 -9.73
N ILE E 152 -21.60 -52.06 -9.19
CA ILE E 152 -22.11 -51.14 -8.19
C ILE E 152 -21.84 -51.76 -6.82
N LYS E 153 -20.90 -51.16 -6.09
CA LYS E 153 -20.59 -51.50 -4.70
C LYS E 153 -20.47 -50.21 -3.91
N CYS E 154 -20.39 -50.34 -2.58
CA CYS E 154 -20.24 -49.16 -1.73
C CYS E 154 -18.94 -48.42 -2.01
N SER E 155 -17.87 -49.16 -2.30
CA SER E 155 -16.58 -48.52 -2.57
C SER E 155 -16.65 -47.57 -3.77
N ASN E 156 -17.60 -47.80 -4.68
CA ASN E 156 -17.71 -46.99 -5.89
C ASN E 156 -18.75 -45.88 -5.78
N ILE E 157 -19.30 -45.65 -4.60
CA ILE E 157 -20.21 -44.55 -4.34
C ILE E 157 -19.39 -43.53 -3.55
N LEU E 158 -18.97 -42.46 -4.20
CA LEU E 158 -18.16 -41.45 -3.54
C LEU E 158 -19.10 -40.42 -2.93
N LEU E 159 -18.74 -39.94 -1.74
CA LEU E 159 -19.57 -39.01 -0.99
C LEU E 159 -18.65 -37.95 -0.43
N ASN E 160 -18.93 -36.69 -0.73
CA ASN E 160 -18.16 -35.59 -0.16
C ASN E 160 -18.88 -34.98 1.03
N ASN E 161 -18.16 -34.13 1.76
CA ASN E 161 -18.69 -33.56 2.99
C ASN E 161 -19.90 -32.68 2.74
N SER E 162 -20.05 -32.17 1.52
CA SER E 162 -21.23 -31.41 1.16
C SER E 162 -22.50 -32.25 1.29
N GLY E 163 -22.40 -33.54 0.96
CA GLY E 163 -23.55 -34.41 0.89
C GLY E 163 -23.85 -34.85 -0.52
N GLN E 164 -23.01 -34.45 -1.46
CA GLN E 164 -23.18 -34.81 -2.86
C GLN E 164 -22.65 -36.23 -3.06
N ILE E 165 -23.38 -37.02 -3.82
CA ILE E 165 -23.03 -38.40 -4.11
C ILE E 165 -22.63 -38.47 -5.57
N LYS E 166 -21.57 -39.22 -5.86
CA LYS E 166 -21.12 -39.47 -7.22
C LYS E 166 -20.79 -40.95 -7.41
N LEU E 167 -21.13 -41.48 -8.59
CA LEU E 167 -20.80 -42.83 -9.00
C LEU E 167 -19.41 -42.86 -9.63
N ALA E 168 -18.70 -43.99 -9.45
CA ALA E 168 -17.27 -43.94 -9.72
C ALA E 168 -16.62 -44.92 -10.68
N ASP E 169 -16.71 -46.22 -10.45
CA ASP E 169 -15.93 -47.16 -11.26
C ASP E 169 -16.74 -47.55 -12.49
N PHE E 170 -16.42 -46.92 -13.62
CA PHE E 170 -17.06 -47.25 -14.89
C PHE E 170 -16.19 -48.14 -15.76
N GLY E 171 -15.20 -48.80 -15.16
CA GLY E 171 -14.29 -49.62 -15.94
C GLY E 171 -14.96 -50.75 -16.70
N LEU E 172 -16.02 -51.31 -16.15
CA LEU E 172 -16.69 -52.44 -16.77
C LEU E 172 -17.93 -52.01 -17.54
N ALA E 173 -18.14 -50.71 -17.72
CA ALA E 173 -19.37 -50.19 -18.29
C ALA E 173 -19.50 -50.51 -19.77
N ARG E 174 -20.72 -50.88 -20.18
CA ARG E 174 -21.00 -51.24 -21.57
C ARG E 174 -22.34 -50.67 -22.02
N LEU E 175 -22.43 -50.37 -23.32
CA LEU E 175 -23.69 -49.95 -23.93
C LEU E 175 -24.65 -51.13 -24.02
N TYR E 176 -25.93 -50.87 -23.77
CA TYR E 176 -26.97 -51.89 -23.78
C TYR E 176 -27.95 -51.64 -24.91
N ASN E 177 -28.16 -52.65 -25.74
CA ASN E 177 -29.17 -52.64 -26.79
C ASN E 177 -30.15 -53.77 -26.52
N SER E 178 -31.44 -53.42 -26.38
CA SER E 178 -32.44 -54.46 -26.18
C SER E 178 -32.57 -55.33 -27.43
N GLU E 179 -32.67 -54.70 -28.59
CA GLU E 179 -32.68 -55.42 -29.85
C GLU E 179 -31.30 -56.01 -30.10
N GLU E 180 -31.23 -57.02 -30.97
CA GLU E 180 -29.96 -57.64 -31.34
C GLU E 180 -29.12 -57.91 -30.09
N SER E 181 -29.73 -58.63 -29.15
CA SER E 181 -29.05 -58.93 -27.89
C SER E 181 -27.94 -59.96 -28.13
N ARG E 182 -26.74 -59.64 -27.68
CA ARG E 182 -25.54 -60.43 -27.88
C ARG E 182 -24.87 -60.72 -26.56
N PRO E 183 -23.89 -61.64 -26.56
CA PRO E 183 -23.32 -62.13 -25.30
C PRO E 183 -22.61 -61.09 -24.43
N TYR E 184 -22.76 -61.28 -23.11
CA TYR E 184 -22.04 -60.51 -22.08
C TYR E 184 -21.42 -61.39 -20.97
N TPO E 185 -20.50 -60.81 -20.19
CA TPO E 185 -19.79 -61.50 -19.10
CB TPO E 185 -18.69 -60.59 -18.59
CG2 TPO E 185 -18.00 -61.26 -17.38
OG1 TPO E 185 -17.59 -60.44 -19.51
P TPO E 185 -17.67 -59.23 -20.58
O1P TPO E 185 -18.32 -59.78 -21.96
O2P TPO E 185 -18.41 -58.05 -20.08
O3P TPO E 185 -16.15 -58.78 -20.94
C TPO E 185 -20.78 -61.84 -17.96
O TPO E 185 -21.56 -60.99 -17.54
H TPO E 185 -20.27 -59.99 -20.27
HA TPO E 185 -19.38 -62.33 -19.41
HB TPO E 185 -19.17 -59.64 -18.39
HG21 TPO E 185 -17.06 -60.73 -17.15
HG22 TPO E 185 -17.76 -62.30 -17.61
HG23 TPO E 185 -18.65 -61.22 -16.51
N ASN E 186 -20.72 -63.07 -17.45
CA ASN E 186 -21.71 -63.56 -16.49
C ASN E 186 -21.48 -63.26 -15.00
N LYS E 187 -20.24 -62.91 -14.64
CA LYS E 187 -19.88 -62.63 -13.25
C LYS E 187 -19.34 -61.21 -13.06
N VAL E 188 -19.98 -60.21 -13.69
CA VAL E 188 -19.43 -58.86 -13.65
C VAL E 188 -19.54 -58.23 -12.25
N ILE E 189 -20.71 -58.33 -11.59
CA ILE E 189 -20.89 -57.59 -10.34
C ILE E 189 -20.22 -58.34 -9.18
N THR E 190 -19.80 -57.58 -8.16
CA THR E 190 -19.18 -58.17 -6.96
C THR E 190 -20.18 -59.02 -6.19
N LEU E 191 -19.69 -60.13 -5.64
CA LEU E 191 -20.59 -61.17 -5.14
C LEU E 191 -21.63 -60.61 -4.18
N TRP E 192 -21.21 -59.77 -3.23
CA TRP E 192 -22.16 -59.30 -2.22
C TRP E 192 -23.31 -58.54 -2.84
N TYR E 193 -23.05 -57.81 -3.93
CA TYR E 193 -24.08 -57.03 -4.60
C TYR E 193 -24.52 -57.65 -5.93
N ARG E 194 -24.24 -58.94 -6.14
CA ARG E 194 -24.59 -59.55 -7.41
C ARG E 194 -26.07 -59.95 -7.43
N PRO E 195 -26.77 -59.69 -8.53
CA PRO E 195 -28.19 -60.07 -8.63
C PRO E 195 -28.35 -61.56 -8.84
N PRO E 196 -29.53 -62.11 -8.54
CA PRO E 196 -29.69 -63.58 -8.67
C PRO E 196 -29.50 -64.08 -10.08
N GLU E 197 -29.88 -63.30 -11.10
CA GLU E 197 -29.74 -63.78 -12.47
C GLU E 197 -28.28 -64.09 -12.80
N LEU E 198 -27.36 -63.24 -12.37
CA LEU E 198 -25.96 -63.50 -12.66
C LEU E 198 -25.40 -64.69 -11.88
N LEU E 199 -26.00 -65.01 -10.74
CA LEU E 199 -25.60 -66.21 -10.01
C LEU E 199 -26.02 -67.47 -10.74
N LEU E 200 -27.22 -67.47 -11.31
CA LEU E 200 -27.70 -68.58 -12.13
C LEU E 200 -27.21 -68.51 -13.58
N GLY E 201 -26.31 -67.59 -13.87
CA GLY E 201 -25.59 -67.60 -15.13
C GLY E 201 -26.35 -67.03 -16.32
N GLU E 202 -27.23 -66.06 -16.09
CA GLU E 202 -27.84 -65.33 -17.19
C GLU E 202 -26.75 -64.54 -17.90
N GLU E 203 -26.60 -64.76 -19.21
CA GLU E 203 -25.54 -64.11 -19.95
C GLU E 203 -25.93 -62.74 -20.50
N ARG E 204 -27.13 -62.64 -21.08
CA ARG E 204 -27.61 -61.37 -21.63
C ARG E 204 -28.52 -60.77 -20.56
N TYR E 205 -27.95 -59.90 -19.72
CA TYR E 205 -28.67 -59.29 -18.60
C TYR E 205 -29.17 -57.89 -18.95
N THR E 206 -30.19 -57.47 -18.22
CA THR E 206 -30.81 -56.16 -18.37
C THR E 206 -30.11 -55.13 -17.49
N PRO E 207 -30.45 -53.84 -17.68
CA PRO E 207 -29.98 -52.84 -16.72
C PRO E 207 -30.42 -53.12 -15.30
N ALA E 208 -31.35 -54.06 -15.10
CA ALA E 208 -31.83 -54.39 -13.77
C ALA E 208 -30.73 -54.98 -12.89
N ILE E 209 -29.55 -55.24 -13.44
CA ILE E 209 -28.43 -55.67 -12.62
C ILE E 209 -28.03 -54.55 -11.66
N ASP E 210 -27.95 -53.32 -12.16
CA ASP E 210 -27.54 -52.22 -11.30
C ASP E 210 -28.61 -51.86 -10.27
N VAL E 211 -29.89 -52.03 -10.62
CA VAL E 211 -30.95 -51.73 -9.66
C VAL E 211 -30.84 -52.67 -8.45
N TRP E 212 -30.64 -53.96 -8.72
CA TRP E 212 -30.50 -54.91 -7.61
C TRP E 212 -29.36 -54.50 -6.69
N SER E 213 -28.22 -54.11 -7.26
CA SER E 213 -27.12 -53.64 -6.43
C SER E 213 -27.55 -52.45 -5.59
N CYS E 214 -28.17 -51.45 -6.22
CA CYS E 214 -28.60 -50.27 -5.48
C CYS E 214 -29.61 -50.62 -4.42
N GLY E 215 -30.37 -51.71 -4.61
CA GLY E 215 -31.27 -52.15 -3.57
C GLY E 215 -30.54 -52.71 -2.37
N CYS E 216 -29.50 -53.51 -2.62
CA CYS E 216 -28.67 -54.01 -1.53
C CYS E 216 -28.04 -52.86 -0.75
N ILE E 217 -27.73 -51.75 -1.41
CA ILE E 217 -27.15 -50.61 -0.72
C ILE E 217 -28.20 -49.96 0.18
N LEU E 218 -29.44 -49.88 -0.31
CA LEU E 218 -30.50 -49.27 0.49
C LEU E 218 -30.72 -50.01 1.80
N GLY E 219 -30.84 -51.33 1.74
CA GLY E 219 -30.94 -52.09 2.98
C GLY E 219 -29.75 -51.86 3.88
N GLU E 220 -28.56 -51.86 3.31
CA GLU E 220 -27.34 -51.68 4.09
C GLU E 220 -27.36 -50.35 4.82
N LEU E 221 -27.93 -49.32 4.19
CA LEU E 221 -28.01 -48.01 4.85
C LEU E 221 -28.95 -48.01 6.05
N PHE E 222 -29.91 -48.94 6.10
CA PHE E 222 -30.79 -49.06 7.26
C PHE E 222 -30.29 -50.04 8.31
N THR E 223 -29.48 -51.03 7.93
CA THR E 223 -28.95 -51.98 8.89
C THR E 223 -27.54 -51.63 9.34
N LYS E 224 -26.78 -50.92 8.50
CA LYS E 224 -25.37 -50.57 8.71
C LYS E 224 -24.47 -51.79 8.46
N LYS E 225 -25.04 -52.89 7.97
CA LYS E 225 -24.34 -54.14 7.66
C LYS E 225 -24.82 -54.60 6.28
N PRO E 226 -23.92 -55.08 5.41
CA PRO E 226 -24.38 -55.57 4.11
C PRO E 226 -25.43 -56.66 4.28
N ILE E 227 -26.37 -56.74 3.34
CA ILE E 227 -27.47 -57.68 3.48
C ILE E 227 -26.98 -59.10 3.19
N PHE E 228 -26.24 -59.28 2.10
CA PHE E 228 -25.79 -60.60 1.64
C PHE E 228 -24.27 -60.69 1.68
N GLN E 229 -23.73 -61.40 2.66
CA GLN E 229 -22.29 -61.60 2.80
C GLN E 229 -21.98 -63.08 2.62
N ALA E 230 -21.24 -63.42 1.56
CA ALA E 230 -20.92 -64.80 1.24
C ALA E 230 -19.57 -64.88 0.53
N ASN E 231 -19.12 -66.11 0.25
CA ASN E 231 -17.84 -66.33 -0.40
C ASN E 231 -17.91 -66.99 -1.77
N LEU E 232 -18.92 -67.81 -2.06
CA LEU E 232 -19.04 -68.51 -3.33
C LEU E 232 -20.45 -68.31 -3.87
N GLU E 233 -20.58 -68.39 -5.20
CA GLU E 233 -21.85 -68.06 -5.83
C GLU E 233 -23.01 -68.87 -5.25
N LEU E 234 -22.77 -70.12 -4.86
CA LEU E 234 -23.87 -70.90 -4.30
C LEU E 234 -24.26 -70.39 -2.93
N ALA E 235 -23.29 -70.05 -2.08
CA ALA E 235 -23.62 -69.52 -0.77
C ALA E 235 -24.40 -68.22 -0.89
N GLN E 236 -24.05 -67.38 -1.86
CA GLN E 236 -24.77 -66.12 -2.05
C GLN E 236 -26.21 -66.37 -2.49
N LEU E 237 -26.42 -67.24 -3.48
CA LEU E 237 -27.76 -67.56 -3.93
C LEU E 237 -28.62 -68.09 -2.79
N GLU E 238 -28.03 -68.80 -1.85
CA GLU E 238 -28.79 -69.30 -0.71
C GLU E 238 -29.23 -68.16 0.21
N LEU E 239 -28.35 -67.19 0.45
CA LEU E 239 -28.73 -66.05 1.27
C LEU E 239 -29.85 -65.24 0.62
N ILE E 240 -29.73 -64.97 -0.68
CA ILE E 240 -30.80 -64.28 -1.40
C ILE E 240 -32.12 -65.04 -1.28
N SER E 241 -32.08 -66.36 -1.42
CA SER E 241 -33.31 -67.16 -1.39
C SER E 241 -33.96 -67.12 -0.02
N ARG E 242 -33.17 -67.11 1.06
CA ARG E 242 -33.75 -67.09 2.40
C ARG E 242 -34.57 -65.83 2.63
N LEU E 243 -34.22 -64.74 1.98
CA LEU E 243 -34.88 -63.45 2.16
C LEU E 243 -35.91 -63.17 1.07
N CYS E 244 -35.52 -63.34 -0.18
CA CYS E 244 -36.35 -62.96 -1.32
C CYS E 244 -37.24 -64.08 -1.81
N GLY E 245 -37.04 -65.30 -1.33
CA GLY E 245 -37.69 -66.46 -1.88
C GLY E 245 -36.81 -67.15 -2.90
N SER E 246 -36.98 -68.46 -3.01
CA SER E 246 -36.12 -69.19 -3.93
C SER E 246 -36.53 -68.88 -5.36
N PRO E 247 -35.57 -68.68 -6.26
CA PRO E 247 -35.92 -68.56 -7.68
C PRO E 247 -36.69 -69.78 -8.12
N CYS E 248 -37.85 -69.54 -8.72
CA CYS E 248 -38.70 -70.61 -9.24
C CYS E 248 -39.63 -69.99 -10.26
N PRO E 249 -40.11 -70.76 -11.24
CA PRO E 249 -40.99 -70.19 -12.26
C PRO E 249 -42.23 -69.53 -11.69
N ALA E 250 -42.64 -69.87 -10.47
CA ALA E 250 -43.84 -69.28 -9.88
C ALA E 250 -43.78 -67.76 -9.81
N VAL E 251 -42.58 -67.22 -9.58
CA VAL E 251 -42.37 -65.79 -9.48
C VAL E 251 -41.41 -65.26 -10.53
N TRP E 252 -40.82 -66.15 -11.33
CA TRP E 252 -39.76 -65.78 -12.28
C TRP E 252 -39.88 -66.72 -13.46
N PRO E 253 -40.89 -66.49 -14.31
CA PRO E 253 -41.25 -67.52 -15.32
C PRO E 253 -40.08 -68.05 -16.13
N ASP E 254 -39.11 -67.21 -16.48
CA ASP E 254 -38.03 -67.62 -17.36
C ASP E 254 -36.80 -68.13 -16.60
N VAL E 255 -36.97 -68.43 -15.30
CA VAL E 255 -35.83 -68.92 -14.52
C VAL E 255 -35.36 -70.26 -15.08
N ILE E 256 -36.26 -71.01 -15.71
CA ILE E 256 -35.90 -72.31 -16.29
C ILE E 256 -34.94 -72.14 -17.45
N ARG E 257 -34.94 -70.97 -18.10
CA ARG E 257 -34.02 -70.76 -19.21
C ARG E 257 -32.61 -70.45 -18.72
N LEU E 258 -32.42 -70.32 -17.39
CA LEU E 258 -31.11 -69.88 -16.93
C LEU E 258 -30.22 -71.11 -16.73
N PRO E 259 -28.97 -71.07 -17.18
CA PRO E 259 -28.19 -72.32 -17.27
C PRO E 259 -28.00 -73.08 -15.97
N TYR E 260 -27.70 -72.42 -14.86
CA TYR E 260 -27.32 -73.11 -13.64
C TYR E 260 -28.49 -73.24 -12.67
N PHE E 261 -29.72 -73.02 -13.13
CA PHE E 261 -30.87 -73.10 -12.25
C PHE E 261 -30.99 -74.47 -11.60
N ASN E 262 -30.85 -75.54 -12.39
CA ASN E 262 -30.92 -76.87 -11.81
C ASN E 262 -29.69 -77.21 -10.99
N THR E 263 -28.51 -76.78 -11.46
CA THR E 263 -27.26 -77.11 -10.78
C THR E 263 -27.19 -76.41 -9.44
N MET E 264 -27.38 -75.09 -9.45
CA MET E 264 -27.32 -74.27 -8.24
C MET E 264 -28.72 -74.14 -7.65
N LYS E 265 -29.27 -75.26 -7.27
CA LYS E 265 -30.58 -75.19 -6.63
C LYS E 265 -30.37 -74.77 -5.18
N PRO E 266 -31.20 -73.89 -4.62
CA PRO E 266 -31.05 -73.56 -3.20
C PRO E 266 -31.47 -74.74 -2.32
N LYS E 267 -31.00 -74.69 -1.07
CA LYS E 267 -31.24 -75.79 -0.13
C LYS E 267 -32.72 -76.14 -0.04
N LYS E 268 -33.58 -75.14 0.01
CA LYS E 268 -35.01 -75.31 0.10
C LYS E 268 -35.66 -74.46 -0.98
N GLN E 269 -36.98 -74.58 -1.10
CA GLN E 269 -37.78 -73.62 -1.86
C GLN E 269 -38.36 -72.65 -0.83
N TYR E 270 -37.57 -71.61 -0.52
CA TYR E 270 -37.93 -70.66 0.51
C TYR E 270 -39.01 -69.70 0.02
N ARG E 271 -39.87 -69.29 0.94
CA ARG E 271 -40.80 -68.20 0.68
C ARG E 271 -40.11 -66.86 0.93
N ARG E 272 -40.66 -65.80 0.32
CA ARG E 272 -40.12 -64.47 0.53
C ARG E 272 -40.44 -64.02 1.95
N ARG E 273 -39.44 -63.52 2.65
CA ARG E 273 -39.61 -63.02 4.02
C ARG E 273 -39.18 -61.57 4.15
N LEU E 274 -38.85 -60.92 3.02
CA LEU E 274 -38.17 -59.63 3.06
C LEU E 274 -38.88 -58.63 3.96
N ARG E 275 -40.20 -58.54 3.87
CA ARG E 275 -40.92 -57.56 4.67
C ARG E 275 -40.88 -57.89 6.15
N GLU E 276 -40.78 -59.17 6.49
CA GLU E 276 -40.69 -59.56 7.89
C GLU E 276 -39.32 -59.21 8.44
N GLU E 277 -38.27 -59.59 7.71
CA GLU E 277 -36.91 -59.40 8.17
C GLU E 277 -36.51 -57.92 8.23
N PHE E 278 -37.20 -57.05 7.49
CA PHE E 278 -36.95 -55.61 7.52
C PHE E 278 -38.10 -54.80 8.12
N SER E 279 -38.78 -55.33 9.14
CA SER E 279 -39.95 -54.65 9.66
C SER E 279 -39.63 -53.28 10.28
N PHE E 280 -38.38 -53.05 10.69
CA PHE E 280 -37.98 -51.79 11.28
C PHE E 280 -37.76 -50.68 10.28
N ILE E 281 -38.01 -50.91 8.99
CA ILE E 281 -37.76 -49.88 7.99
C ILE E 281 -39.05 -49.10 7.79
N PRO E 282 -38.97 -47.78 7.59
CA PRO E 282 -40.18 -47.02 7.26
C PRO E 282 -40.88 -47.62 6.05
N SER E 283 -42.21 -47.61 6.08
CA SER E 283 -42.97 -48.31 5.04
C SER E 283 -42.62 -47.78 3.66
N ALA E 284 -42.55 -46.46 3.50
CA ALA E 284 -42.22 -45.90 2.19
C ALA E 284 -40.90 -46.46 1.68
N ALA E 285 -39.91 -46.60 2.57
CA ALA E 285 -38.63 -47.14 2.16
C ALA E 285 -38.71 -48.64 1.95
N LEU E 286 -39.37 -49.35 2.87
CA LEU E 286 -39.49 -50.79 2.74
C LEU E 286 -40.12 -51.18 1.41
N ASP E 287 -41.14 -50.44 1.00
CA ASP E 287 -41.78 -50.68 -0.28
C ASP E 287 -40.80 -50.54 -1.43
N LEU E 288 -39.92 -49.54 -1.34
CA LEU E 288 -38.89 -49.36 -2.37
C LEU E 288 -37.92 -50.55 -2.36
N LEU E 289 -37.51 -50.98 -1.18
CA LEU E 289 -36.59 -52.11 -1.08
C LEU E 289 -37.21 -53.35 -1.72
N ASP E 290 -38.47 -53.64 -1.39
CA ASP E 290 -39.12 -54.84 -1.87
C ASP E 290 -39.08 -54.90 -3.40
N HIS E 291 -39.31 -53.75 -4.05
CA HIS E 291 -39.33 -53.73 -5.50
C HIS E 291 -37.93 -53.87 -6.08
N MET E 292 -36.96 -53.14 -5.51
CA MET E 292 -35.59 -53.22 -6.00
C MET E 292 -35.04 -54.63 -5.85
N LEU E 293 -35.41 -55.31 -4.77
CA LEU E 293 -34.97 -56.68 -4.50
C LEU E 293 -36.00 -57.70 -4.95
N THR E 294 -36.56 -57.50 -6.14
CA THR E 294 -37.45 -58.46 -6.79
C THR E 294 -36.58 -59.39 -7.61
N LEU E 295 -36.83 -60.70 -7.51
CA LEU E 295 -35.94 -61.68 -8.11
C LEU E 295 -35.88 -61.57 -9.63
N ASP E 296 -37.04 -61.51 -10.27
CA ASP E 296 -37.11 -61.57 -11.74
C ASP E 296 -36.76 -60.21 -12.34
N PRO E 297 -35.66 -60.10 -13.10
CA PRO E 297 -35.26 -58.77 -13.60
C PRO E 297 -36.33 -58.08 -14.45
N SER E 298 -37.28 -58.82 -15.01
CA SER E 298 -38.38 -58.20 -15.75
C SER E 298 -39.51 -57.72 -14.85
N LYS E 299 -39.53 -58.11 -13.58
CA LYS E 299 -40.47 -57.56 -12.60
C LYS E 299 -39.82 -56.57 -11.64
N ARG E 300 -38.50 -56.50 -11.63
CA ARG E 300 -37.81 -55.54 -10.78
C ARG E 300 -37.96 -54.14 -11.34
N CYS E 301 -38.25 -53.19 -10.44
CA CYS E 301 -38.45 -51.81 -10.84
C CYS E 301 -37.19 -51.24 -11.49
N THR E 302 -37.37 -50.18 -12.26
CA THR E 302 -36.29 -49.48 -12.95
C THR E 302 -35.83 -48.27 -12.14
N ALA E 303 -34.75 -47.64 -12.62
CA ALA E 303 -34.26 -46.45 -11.93
C ALA E 303 -35.30 -45.34 -11.92
N GLU E 304 -35.94 -45.10 -13.08
CA GLU E 304 -37.00 -44.09 -13.12
C GLU E 304 -38.12 -44.44 -12.15
N GLN E 305 -38.50 -45.71 -12.09
CA GLN E 305 -39.59 -46.11 -11.22
C GLN E 305 -39.24 -45.84 -9.75
N THR E 306 -37.98 -46.05 -9.37
CA THR E 306 -37.59 -45.79 -7.97
C THR E 306 -37.83 -44.32 -7.63
N LEU E 307 -37.50 -43.42 -8.55
CA LEU E 307 -37.70 -42.00 -8.31
C LEU E 307 -39.18 -41.66 -8.13
N GLN E 308 -40.07 -42.42 -8.77
CA GLN E 308 -41.50 -42.22 -8.60
C GLN E 308 -42.05 -43.09 -7.46
N SER E 309 -41.36 -43.11 -6.32
CA SER E 309 -41.81 -43.87 -5.16
C SER E 309 -42.22 -42.90 -4.07
N ASP E 310 -43.08 -43.37 -3.16
CA ASP E 310 -43.44 -42.52 -2.03
C ASP E 310 -42.21 -42.12 -1.24
N PHE E 311 -41.16 -42.95 -1.27
CA PHE E 311 -39.99 -42.69 -0.46
C PHE E 311 -39.12 -41.58 -1.04
N LEU E 312 -38.93 -41.58 -2.35
CA LEU E 312 -37.99 -40.66 -2.99
C LEU E 312 -38.67 -39.59 -3.84
N LYS E 313 -39.98 -39.70 -4.07
CA LYS E 313 -40.61 -38.84 -5.06
C LYS E 313 -40.51 -37.37 -4.67
N ASP E 314 -40.89 -37.04 -3.44
CA ASP E 314 -40.96 -35.66 -2.99
C ASP E 314 -39.67 -35.19 -2.30
N VAL E 315 -38.62 -36.01 -2.31
CA VAL E 315 -37.36 -35.61 -1.71
C VAL E 315 -36.75 -34.47 -2.52
N GLU E 316 -36.64 -33.30 -1.91
CA GLU E 316 -36.08 -32.11 -2.53
C GLU E 316 -34.58 -32.07 -2.26
N LEU E 317 -33.76 -32.01 -3.31
CA LEU E 317 -32.33 -31.97 -3.10
C LEU E 317 -31.86 -30.57 -2.69
N SER E 318 -32.75 -29.58 -2.71
CA SER E 318 -32.42 -28.26 -2.18
C SER E 318 -32.11 -28.33 -0.70
N LYS E 319 -32.91 -29.08 0.07
CA LYS E 319 -32.66 -29.28 1.49
C LYS E 319 -31.80 -30.54 1.62
N MET E 320 -30.53 -30.40 1.22
CA MET E 320 -29.60 -31.52 1.18
C MET E 320 -29.09 -31.71 2.61
N ALA E 321 -29.23 -32.94 3.12
CA ALA E 321 -28.78 -33.28 4.46
C ALA E 321 -27.33 -33.78 4.43
N PRO E 322 -26.43 -33.18 5.21
CA PRO E 322 -24.98 -33.52 5.07
C PRO E 322 -24.59 -34.79 5.81
N PRO E 323 -23.54 -35.48 5.31
CA PRO E 323 -22.94 -36.59 6.09
C PRO E 323 -22.21 -36.04 7.30
N ASP E 324 -22.20 -36.82 8.37
CA ASP E 324 -21.52 -36.38 9.59
C ASP E 324 -20.24 -37.15 9.84
N LEU E 325 -19.44 -36.63 10.78
CA LEU E 325 -18.22 -37.30 11.17
C LEU E 325 -17.85 -36.86 12.60
N THR F 24 -16.60 -27.57 -23.73
CA THR F 24 -16.21 -28.87 -23.18
C THR F 24 -15.48 -29.70 -24.24
N LYS F 25 -16.22 -30.26 -25.19
CA LYS F 25 -15.62 -31.04 -26.27
C LYS F 25 -14.94 -30.11 -27.28
N PRO F 26 -13.84 -30.54 -27.91
CA PRO F 26 -13.13 -29.67 -28.85
C PRO F 26 -13.86 -29.56 -30.19
N CYS F 27 -13.49 -28.51 -30.94
CA CYS F 27 -14.08 -28.23 -32.24
C CYS F 27 -13.28 -28.94 -33.33
N TRP F 28 -13.94 -29.81 -34.10
CA TRP F 28 -13.27 -30.61 -35.10
C TRP F 28 -13.65 -30.23 -36.53
N TYR F 29 -14.00 -28.96 -36.78
CA TYR F 29 -14.39 -28.55 -38.12
C TYR F 29 -13.67 -27.30 -38.57
N TRP F 30 -13.16 -27.35 -39.80
CA TRP F 30 -12.43 -26.28 -40.47
C TRP F 30 -13.21 -25.84 -41.71
N ASP F 31 -12.87 -24.67 -42.26
CA ASP F 31 -13.39 -24.21 -43.53
C ASP F 31 -12.55 -24.77 -44.67
N LYS F 32 -13.17 -25.05 -45.82
CA LYS F 32 -12.38 -25.54 -46.94
C LYS F 32 -11.16 -24.66 -47.19
N LYS F 33 -11.36 -23.34 -47.16
CA LYS F 33 -10.25 -22.43 -47.41
C LYS F 33 -9.08 -22.69 -46.48
N ASP F 34 -9.35 -23.23 -45.29
CA ASP F 34 -8.28 -23.52 -44.34
C ASP F 34 -7.43 -24.71 -44.76
N LEU F 35 -7.95 -25.61 -45.61
CA LEU F 35 -7.17 -26.77 -45.99
C LEU F 35 -5.97 -26.43 -46.86
N ALA F 36 -5.89 -25.20 -47.36
CA ALA F 36 -4.71 -24.74 -48.08
C ALA F 36 -3.52 -24.53 -47.16
N HIS F 37 -3.72 -24.69 -45.86
CA HIS F 37 -2.71 -24.38 -44.85
C HIS F 37 -2.54 -25.52 -43.86
N THR F 38 -2.72 -26.74 -44.32
CA THR F 38 -2.37 -27.90 -43.52
C THR F 38 -0.86 -27.99 -43.41
N PRO F 39 -0.35 -28.63 -42.35
CA PRO F 39 1.09 -28.89 -42.29
C PRO F 39 1.62 -29.48 -43.59
N SER F 40 0.86 -30.38 -44.21
CA SER F 40 1.29 -31.00 -45.45
C SER F 40 1.48 -29.96 -46.56
N GLN F 41 0.52 -29.04 -46.71
CA GLN F 41 0.64 -28.01 -47.72
C GLN F 41 1.86 -27.13 -47.49
N LEU F 42 2.10 -26.73 -46.24
CA LEU F 42 3.15 -25.78 -45.94
C LEU F 42 4.53 -26.40 -45.99
N GLU F 43 4.64 -27.73 -46.00
CA GLU F 43 5.90 -28.40 -46.27
C GLU F 43 6.09 -28.69 -47.76
N GLY F 44 5.26 -28.09 -48.62
CA GLY F 44 5.46 -28.16 -50.05
C GLY F 44 4.64 -29.18 -50.80
N LEU F 45 3.79 -29.93 -50.12
CA LEU F 45 2.88 -30.84 -50.80
C LEU F 45 1.78 -30.03 -51.48
N ASP F 46 1.47 -30.33 -52.73
CA ASP F 46 0.48 -29.55 -53.45
C ASP F 46 -0.92 -30.07 -53.15
N PRO F 47 -1.95 -29.30 -53.53
CA PRO F 47 -3.32 -29.71 -53.17
C PRO F 47 -3.73 -31.06 -53.73
N ALA F 48 -3.42 -31.34 -55.00
CA ALA F 48 -3.84 -32.61 -55.58
C ALA F 48 -3.23 -33.78 -54.84
N THR F 49 -1.94 -33.69 -54.48
CA THR F 49 -1.26 -34.79 -53.81
C THR F 49 -1.82 -35.04 -52.41
N GLU F 50 -2.07 -33.99 -51.62
CA GLU F 50 -2.63 -34.26 -50.30
C GLU F 50 -3.99 -34.94 -50.44
N ALA F 51 -4.78 -34.53 -51.44
CA ALA F 51 -6.05 -35.20 -51.67
C ALA F 51 -5.83 -36.67 -51.94
N ARG F 52 -4.83 -36.99 -52.75
CA ARG F 52 -4.53 -38.38 -53.08
C ARG F 52 -4.17 -39.18 -51.84
N TYR F 53 -3.26 -38.65 -51.03
CA TYR F 53 -2.84 -39.36 -49.84
C TYR F 53 -4.00 -39.63 -48.89
N ARG F 54 -4.97 -38.72 -48.85
CA ARG F 54 -6.13 -38.93 -48.00
C ARG F 54 -7.00 -40.05 -48.55
N ARG F 55 -7.29 -40.01 -49.85
CA ARG F 55 -8.03 -41.11 -50.48
C ARG F 55 -7.30 -42.43 -50.31
N GLU F 56 -5.99 -42.43 -50.52
CA GLU F 56 -5.24 -43.67 -50.42
C GLU F 56 -5.33 -44.25 -49.01
N GLY F 57 -5.21 -43.38 -48.00
CA GLY F 57 -5.24 -43.87 -46.62
C GLY F 57 -6.63 -44.30 -46.18
N ALA F 58 -7.66 -43.56 -46.59
CA ALA F 58 -9.02 -43.94 -46.24
C ALA F 58 -9.38 -45.30 -46.85
N ARG F 59 -9.08 -45.49 -48.13
CA ARG F 59 -9.37 -46.77 -48.77
C ARG F 59 -8.56 -47.90 -48.15
N PHE F 60 -7.31 -47.60 -47.77
CA PHE F 60 -6.48 -48.57 -47.05
C PHE F 60 -7.12 -48.98 -45.74
N ILE F 61 -7.60 -48.00 -44.95
CA ILE F 61 -8.32 -48.34 -43.74
C ILE F 61 -9.57 -49.14 -44.07
N PHE F 62 -10.30 -48.71 -45.09
CA PHE F 62 -11.53 -49.40 -45.48
C PHE F 62 -11.24 -50.84 -45.87
N ASP F 63 -10.27 -51.01 -46.78
CA ASP F 63 -9.98 -52.34 -47.31
C ASP F 63 -9.38 -53.24 -46.24
N VAL F 64 -8.45 -52.72 -45.44
CA VAL F 64 -7.90 -53.52 -44.35
C VAL F 64 -9.01 -53.94 -43.40
N GLY F 65 -9.81 -52.98 -42.94
CA GLY F 65 -10.86 -53.29 -41.98
C GLY F 65 -11.95 -54.15 -42.57
N THR F 66 -12.27 -53.94 -43.85
CA THR F 66 -13.25 -54.80 -44.51
C THR F 66 -12.73 -56.23 -44.57
N ARG F 67 -11.45 -56.40 -44.93
CA ARG F 67 -10.83 -57.72 -44.97
C ARG F 67 -10.84 -58.37 -43.60
N LEU F 68 -10.72 -57.58 -42.52
CA LEU F 68 -10.75 -58.10 -41.15
C LEU F 68 -12.16 -58.32 -40.63
N GLY F 69 -13.19 -58.02 -41.42
CA GLY F 69 -14.55 -58.25 -40.99
C GLY F 69 -15.12 -57.22 -40.04
N LEU F 70 -14.66 -55.99 -40.14
CA LEU F 70 -15.02 -54.96 -39.18
C LEU F 70 -16.34 -54.26 -39.51
N HIS F 71 -17.08 -53.93 -38.45
CA HIS F 71 -18.31 -53.15 -38.56
C HIS F 71 -18.06 -51.82 -39.27
N TYR F 72 -19.13 -51.31 -39.92
CA TYR F 72 -18.96 -50.10 -40.73
C TYR F 72 -18.58 -48.90 -39.87
N ASP F 73 -19.12 -48.81 -38.65
CA ASP F 73 -18.75 -47.71 -37.77
C ASP F 73 -17.27 -47.74 -37.45
N THR F 74 -16.71 -48.93 -37.27
CA THR F 74 -15.29 -49.04 -36.92
C THR F 74 -14.41 -48.48 -38.02
N LEU F 75 -14.74 -48.78 -39.29
CA LEU F 75 -13.96 -48.25 -40.40
C LEU F 75 -14.01 -46.73 -40.44
N ALA F 76 -15.20 -46.15 -40.28
CA ALA F 76 -15.33 -44.71 -40.34
C ALA F 76 -14.59 -44.04 -39.19
N THR F 77 -14.66 -44.62 -37.98
CA THR F 77 -13.96 -44.03 -36.85
C THR F 77 -12.47 -43.94 -37.14
N GLY F 78 -11.88 -45.03 -37.64
CA GLY F 78 -10.48 -44.99 -38.03
C GLY F 78 -10.20 -43.94 -39.08
N ILE F 79 -11.08 -43.85 -40.08
CA ILE F 79 -10.84 -42.89 -41.15
C ILE F 79 -10.92 -41.46 -40.63
N ILE F 80 -11.85 -41.19 -39.71
CA ILE F 80 -11.98 -39.83 -39.17
C ILE F 80 -10.82 -39.52 -38.23
N TYR F 81 -10.39 -40.49 -37.42
CA TYR F 81 -9.13 -40.28 -36.70
C TYR F 81 -8.03 -39.90 -37.69
N PHE F 82 -7.94 -40.63 -38.81
CA PHE F 82 -6.92 -40.40 -39.83
C PHE F 82 -6.99 -38.98 -40.37
N HIS F 83 -8.17 -38.55 -40.81
CA HIS F 83 -8.29 -37.23 -41.43
C HIS F 83 -7.88 -36.13 -40.45
N ARG F 84 -8.29 -36.27 -39.19
CA ARG F 84 -7.94 -35.27 -38.20
C ARG F 84 -6.43 -35.23 -37.96
N PHE F 85 -5.81 -36.42 -37.86
CA PHE F 85 -4.39 -36.50 -37.63
C PHE F 85 -3.61 -35.61 -38.60
N TYR F 86 -3.97 -35.65 -39.88
CA TYR F 86 -3.21 -34.91 -40.88
C TYR F 86 -3.68 -33.48 -41.05
N MET F 87 -4.50 -32.99 -40.11
CA MET F 87 -4.62 -31.55 -39.88
C MET F 87 -3.57 -31.01 -38.93
N PHE F 88 -2.90 -31.88 -38.17
CA PHE F 88 -1.91 -31.47 -37.21
C PHE F 88 -0.49 -31.92 -37.56
N HIS F 89 -0.36 -32.76 -38.58
CA HIS F 89 0.94 -33.32 -38.96
C HIS F 89 1.02 -33.37 -40.47
N SER F 90 2.24 -33.59 -40.96
CA SER F 90 2.48 -33.59 -42.38
C SER F 90 2.52 -35.03 -42.89
N PHE F 91 1.98 -35.25 -44.08
CA PHE F 91 2.12 -36.55 -44.71
C PHE F 91 3.58 -36.89 -44.94
N LYS F 92 4.44 -35.89 -45.03
CA LYS F 92 5.86 -36.12 -45.24
C LYS F 92 6.56 -36.60 -43.98
N GLN F 93 6.07 -36.22 -42.81
CA GLN F 93 6.72 -36.57 -41.56
C GLN F 93 6.16 -37.85 -40.96
N PHE F 94 4.88 -38.15 -41.19
CA PHE F 94 4.25 -39.37 -40.73
C PHE F 94 3.75 -40.16 -41.94
N PRO F 95 4.33 -41.31 -42.25
CA PRO F 95 3.90 -42.05 -43.45
C PRO F 95 2.44 -42.49 -43.33
N ARG F 96 1.71 -42.39 -44.43
CA ARG F 96 0.24 -42.50 -44.35
C ARG F 96 -0.21 -43.90 -43.93
N TYR F 97 0.35 -44.95 -44.53
CA TYR F 97 -0.19 -46.28 -44.26
C TYR F 97 0.03 -46.72 -42.82
N VAL F 98 1.14 -46.29 -42.20
CA VAL F 98 1.37 -46.63 -40.80
C VAL F 98 0.34 -45.93 -39.92
N THR F 99 0.17 -44.63 -40.13
CA THR F 99 -0.85 -43.86 -39.42
C THR F 99 -2.23 -44.49 -39.63
N GLY F 100 -2.53 -44.86 -40.88
CA GLY F 100 -3.81 -45.50 -41.16
C GLY F 100 -4.02 -46.76 -40.34
N ALA F 101 -3.00 -47.62 -40.31
CA ALA F 101 -3.12 -48.85 -39.52
C ALA F 101 -3.34 -48.55 -38.05
N CYS F 102 -2.61 -47.57 -37.52
CA CYS F 102 -2.77 -47.17 -36.13
C CYS F 102 -4.19 -46.71 -35.85
N CYS F 103 -4.74 -45.86 -36.75
CA CYS F 103 -6.10 -45.39 -36.57
C CYS F 103 -7.08 -46.56 -36.48
N LEU F 104 -6.98 -47.51 -37.42
CA LEU F 104 -7.88 -48.65 -37.38
C LEU F 104 -7.70 -49.44 -36.10
N PHE F 105 -6.46 -49.59 -35.65
CA PHE F 105 -6.20 -50.30 -34.40
C PHE F 105 -6.92 -49.64 -33.23
N LEU F 106 -6.74 -48.33 -33.07
CA LEU F 106 -7.39 -47.64 -31.97
C LEU F 106 -8.89 -47.64 -32.13
N ALA F 107 -9.37 -47.43 -33.36
CA ALA F 107 -10.81 -47.44 -33.61
C ALA F 107 -11.42 -48.74 -33.15
N GLY F 108 -10.76 -49.87 -33.42
CA GLY F 108 -11.26 -51.15 -32.94
C GLY F 108 -11.52 -51.17 -31.45
N LYS F 109 -10.57 -50.65 -30.67
CA LYS F 109 -10.76 -50.62 -29.22
C LYS F 109 -11.85 -49.64 -28.82
N VAL F 110 -11.93 -48.49 -29.50
CA VAL F 110 -12.93 -47.49 -29.15
C VAL F 110 -14.34 -48.02 -29.46
N GLU F 111 -14.53 -48.65 -30.61
CA GLU F 111 -15.85 -49.09 -31.03
C GLU F 111 -16.16 -50.52 -30.58
N GLU F 112 -15.33 -51.08 -29.71
CA GLU F 112 -15.56 -52.40 -29.12
C GLU F 112 -15.62 -53.50 -30.18
N THR F 113 -14.89 -53.30 -31.28
CA THR F 113 -14.63 -54.34 -32.28
C THR F 113 -13.12 -54.53 -32.41
N PRO F 114 -12.46 -54.95 -31.32
CA PRO F 114 -10.99 -54.91 -31.32
C PRO F 114 -10.36 -56.02 -32.15
N LYS F 115 -9.18 -55.72 -32.69
CA LYS F 115 -8.35 -56.67 -33.42
C LYS F 115 -6.91 -56.53 -32.94
N LYS F 116 -6.17 -57.62 -33.02
CA LYS F 116 -4.76 -57.61 -32.58
C LYS F 116 -3.90 -56.90 -33.61
N CYS F 117 -2.92 -56.14 -33.11
CA CYS F 117 -2.09 -55.36 -34.02
C CYS F 117 -1.44 -56.24 -35.08
N LYS F 118 -0.99 -57.44 -34.70
CA LYS F 118 -0.34 -58.32 -35.67
C LYS F 118 -1.27 -58.63 -36.84
N ASP F 119 -2.57 -58.76 -36.57
CA ASP F 119 -3.50 -59.10 -37.64
C ASP F 119 -3.67 -57.93 -38.60
N ILE F 120 -3.67 -56.71 -38.07
CA ILE F 120 -3.75 -55.54 -38.95
C ILE F 120 -2.53 -55.47 -39.85
N ILE F 121 -1.35 -55.75 -39.31
CA ILE F 121 -0.14 -55.73 -40.11
C ILE F 121 -0.20 -56.78 -41.22
N LYS F 122 -0.57 -58.01 -40.86
CA LYS F 122 -0.68 -59.08 -41.85
C LYS F 122 -1.54 -58.65 -43.03
N THR F 123 -2.70 -58.06 -42.73
CA THR F 123 -3.63 -57.64 -43.78
C THR F 123 -3.04 -56.51 -44.60
N ALA F 124 -2.38 -55.55 -43.95
CA ALA F 124 -1.74 -54.46 -44.69
C ALA F 124 -0.68 -54.99 -45.64
N ARG F 125 0.03 -56.04 -45.23
CA ARG F 125 1.01 -56.61 -46.12
C ARG F 125 0.34 -57.23 -47.34
N SER F 126 -0.83 -57.86 -47.13
CA SER F 126 -1.57 -58.40 -48.26
C SER F 126 -1.93 -57.32 -49.27
N LEU F 127 -2.33 -56.14 -48.78
CA LEU F 127 -2.87 -55.10 -49.64
C LEU F 127 -1.83 -54.13 -50.17
N LEU F 128 -0.69 -53.96 -49.52
CA LEU F 128 0.32 -53.03 -49.95
C LEU F 128 1.39 -53.73 -50.77
N ASN F 129 1.91 -53.03 -51.78
CA ASN F 129 3.04 -53.56 -52.52
C ASN F 129 4.32 -53.37 -51.69
N ASP F 130 5.47 -53.71 -52.27
CA ASP F 130 6.69 -53.66 -51.48
C ASP F 130 7.14 -52.23 -51.18
N VAL F 131 7.01 -51.31 -52.14
CA VAL F 131 7.42 -49.93 -51.88
C VAL F 131 6.62 -49.39 -50.70
N GLN F 132 5.29 -49.58 -50.76
CA GLN F 132 4.41 -49.05 -49.74
C GLN F 132 4.71 -49.66 -48.37
N PHE F 133 4.86 -50.99 -48.30
CA PHE F 133 5.09 -51.59 -47.00
C PHE F 133 6.44 -51.20 -46.40
N GLY F 134 7.30 -50.55 -47.17
CA GLY F 134 8.53 -50.07 -46.59
C GLY F 134 8.30 -49.00 -45.55
N GLN F 135 7.16 -48.33 -45.62
CA GLN F 135 6.84 -47.30 -44.64
C GLN F 135 6.84 -47.88 -43.23
N PHE F 136 6.41 -49.13 -43.08
CA PHE F 136 6.39 -49.78 -41.77
C PHE F 136 7.77 -50.18 -41.28
N GLY F 137 8.80 -50.14 -42.13
CA GLY F 137 10.15 -50.39 -41.66
C GLY F 137 10.37 -51.83 -41.20
N ASP F 138 11.42 -51.99 -40.37
CA ASP F 138 11.89 -53.32 -39.98
C ASP F 138 10.98 -53.99 -38.95
N ASP F 139 10.26 -53.20 -38.16
CA ASP F 139 9.34 -53.73 -37.14
C ASP F 139 8.00 -53.04 -37.35
N PRO F 140 7.17 -53.55 -38.25
CA PRO F 140 5.86 -52.91 -38.47
C PRO F 140 5.03 -52.78 -37.21
N LYS F 141 4.87 -53.86 -36.43
CA LYS F 141 4.02 -53.74 -35.24
C LYS F 141 4.54 -52.61 -34.36
N GLU F 142 5.85 -52.46 -34.23
CA GLU F 142 6.40 -51.42 -33.37
C GLU F 142 6.06 -50.03 -33.90
N GLU F 143 6.24 -49.81 -35.20
CA GLU F 143 5.95 -48.48 -35.74
C GLU F 143 4.50 -48.09 -35.48
N VAL F 144 3.58 -49.05 -35.57
CA VAL F 144 2.17 -48.76 -35.32
C VAL F 144 1.93 -48.49 -33.85
N MET F 145 2.40 -49.39 -32.97
CA MET F 145 2.08 -49.24 -31.56
C MET F 145 2.61 -47.93 -31.00
N VAL F 146 3.76 -47.47 -31.49
CA VAL F 146 4.35 -46.23 -31.03
C VAL F 146 3.50 -45.04 -31.43
N LEU F 147 2.86 -45.08 -32.59
CA LEU F 147 2.07 -43.94 -33.05
C LEU F 147 0.79 -43.76 -32.24
N GLU F 148 0.36 -44.79 -31.50
CA GLU F 148 -0.86 -44.67 -30.71
C GLU F 148 -0.79 -43.52 -29.71
N ARG F 149 0.36 -43.33 -29.08
CA ARG F 149 0.50 -42.20 -28.16
C ARG F 149 0.24 -40.88 -28.87
N ILE F 150 0.90 -40.67 -30.01
CA ILE F 150 0.71 -39.41 -30.73
C ILE F 150 -0.72 -39.29 -31.21
N LEU F 151 -1.30 -40.39 -31.70
CA LEU F 151 -2.68 -40.34 -32.17
C LEU F 151 -3.61 -39.87 -31.07
N LEU F 152 -3.52 -40.50 -29.89
CA LEU F 152 -4.37 -40.10 -28.78
C LEU F 152 -4.19 -38.63 -28.42
N GLN F 153 -2.93 -38.16 -28.35
CA GLN F 153 -2.72 -36.75 -28.05
C GLN F 153 -3.29 -35.87 -29.16
N THR F 154 -3.09 -36.27 -30.42
CA THR F 154 -3.55 -35.46 -31.53
C THR F 154 -5.08 -35.37 -31.55
N ILE F 155 -5.77 -36.49 -31.30
CA ILE F 155 -7.23 -36.45 -31.31
C ILE F 155 -7.78 -35.96 -29.96
N LYS F 156 -6.89 -35.53 -29.07
CA LYS F 156 -7.32 -34.93 -27.80
C LYS F 156 -8.21 -35.87 -26.98
N PHE F 157 -7.98 -37.17 -27.13
CA PHE F 157 -8.68 -38.21 -26.39
C PHE F 157 -10.19 -38.12 -26.55
N ASP F 158 -10.64 -37.45 -27.59
CA ASP F 158 -12.06 -37.38 -27.91
C ASP F 158 -12.35 -38.62 -28.73
N LEU F 159 -12.63 -39.72 -28.04
CA LEU F 159 -12.76 -41.00 -28.72
C LEU F 159 -14.14 -41.16 -29.34
N GLN F 160 -15.12 -40.47 -28.77
CA GLN F 160 -16.50 -40.58 -29.24
C GLN F 160 -16.62 -39.87 -30.57
N VAL F 161 -17.02 -40.62 -31.59
CA VAL F 161 -17.24 -40.06 -32.92
C VAL F 161 -18.55 -40.64 -33.46
N GLU F 162 -19.38 -39.78 -34.04
CA GLU F 162 -20.60 -40.21 -34.72
C GLU F 162 -20.48 -40.02 -36.23
N HIS F 163 -21.22 -40.84 -36.96
CA HIS F 163 -21.09 -40.92 -38.40
C HIS F 163 -22.43 -40.72 -39.09
N PRO F 164 -22.40 -40.27 -40.35
CA PRO F 164 -23.65 -39.99 -41.07
C PRO F 164 -24.61 -41.16 -41.11
N TYR F 165 -24.09 -42.40 -40.99
CA TYR F 165 -24.95 -43.56 -41.16
C TYR F 165 -26.14 -43.53 -40.20
N GLN F 166 -25.86 -43.35 -38.91
CA GLN F 166 -26.95 -43.45 -37.94
C GLN F 166 -28.03 -42.41 -38.19
N PHE F 167 -27.63 -41.24 -38.71
CA PHE F 167 -28.60 -40.21 -39.02
C PHE F 167 -29.33 -40.50 -40.31
N LEU F 168 -28.62 -41.04 -41.30
CA LEU F 168 -29.29 -41.49 -42.51
C LEU F 168 -30.43 -42.44 -42.19
N LEU F 169 -30.23 -43.30 -41.20
CA LEU F 169 -31.28 -44.25 -40.82
C LEU F 169 -32.34 -43.58 -39.96
N LYS F 170 -31.91 -42.81 -38.95
CA LYS F 170 -32.87 -42.14 -38.08
C LYS F 170 -33.88 -41.35 -38.90
N TYR F 171 -33.40 -40.66 -39.93
CA TYR F 171 -34.26 -39.83 -40.75
C TYR F 171 -35.11 -40.67 -41.70
N ALA F 172 -34.52 -41.70 -42.28
CA ALA F 172 -35.29 -42.53 -43.21
C ALA F 172 -36.45 -43.22 -42.52
N LYS F 173 -36.31 -43.60 -41.25
CA LYS F 173 -37.43 -44.27 -40.59
C LYS F 173 -38.65 -43.35 -40.50
N GLN F 174 -38.46 -42.04 -40.51
CA GLN F 174 -39.56 -41.09 -40.45
C GLN F 174 -40.19 -40.81 -41.81
N LEU F 175 -39.70 -41.46 -42.86
CA LEU F 175 -40.31 -41.36 -44.18
C LEU F 175 -41.36 -42.46 -44.34
N LYS F 176 -42.50 -42.11 -44.93
CA LYS F 176 -43.56 -43.06 -45.19
C LYS F 176 -43.97 -42.95 -46.65
N GLY F 177 -44.03 -44.08 -47.33
CA GLY F 177 -44.38 -44.09 -48.74
C GLY F 177 -43.96 -45.40 -49.38
N ASP F 178 -43.74 -45.33 -50.70
CA ASP F 178 -43.29 -46.50 -51.45
C ASP F 178 -42.05 -47.08 -50.78
N LYS F 179 -42.17 -48.25 -50.15
CA LYS F 179 -41.04 -48.85 -49.45
C LYS F 179 -39.85 -49.05 -50.38
N ASN F 180 -40.11 -49.41 -51.64
CA ASN F 180 -38.98 -49.68 -52.53
C ASN F 180 -38.30 -48.40 -53.01
N LYS F 181 -39.06 -47.31 -53.22
CA LYS F 181 -38.40 -46.05 -53.58
C LYS F 181 -37.62 -45.49 -52.40
N ILE F 182 -38.15 -45.62 -51.19
CA ILE F 182 -37.42 -45.18 -50.01
C ILE F 182 -36.15 -45.99 -49.86
N GLN F 183 -36.24 -47.30 -50.07
CA GLN F 183 -35.06 -48.16 -49.91
C GLN F 183 -33.99 -47.79 -50.93
N LYS F 184 -34.39 -47.46 -52.16
CA LYS F 184 -33.41 -47.05 -53.15
C LYS F 184 -32.67 -45.79 -52.69
N LEU F 185 -33.40 -44.86 -52.09
CA LEU F 185 -32.79 -43.64 -51.57
C LEU F 185 -31.76 -43.98 -50.51
N VAL F 186 -32.14 -44.81 -49.54
CA VAL F 186 -31.25 -45.12 -48.42
C VAL F 186 -30.00 -45.83 -48.92
N GLN F 187 -30.16 -46.79 -49.85
CA GLN F 187 -29.01 -47.53 -50.33
C GLN F 187 -28.07 -46.64 -51.13
N MET F 188 -28.63 -45.82 -52.03
CA MET F 188 -27.80 -44.87 -52.76
C MET F 188 -27.13 -43.88 -51.82
N ALA F 189 -27.88 -43.36 -50.84
CA ALA F 189 -27.29 -42.44 -49.89
C ALA F 189 -26.17 -43.10 -49.12
N TRP F 190 -26.36 -44.37 -48.75
CA TRP F 190 -25.30 -45.10 -48.05
C TRP F 190 -24.03 -45.17 -48.89
N THR F 191 -24.17 -45.43 -50.18
CA THR F 191 -23.01 -45.47 -51.06
C THR F 191 -22.30 -44.12 -51.06
N PHE F 192 -23.08 -43.03 -51.06
CA PHE F 192 -22.48 -41.70 -51.04
C PHE F 192 -21.71 -41.45 -49.75
N VAL F 193 -22.24 -41.90 -48.62
CA VAL F 193 -21.52 -41.73 -47.36
C VAL F 193 -20.20 -42.47 -47.41
N ASN F 194 -20.23 -43.73 -47.88
CA ASN F 194 -18.98 -44.48 -47.97
C ASN F 194 -17.97 -43.76 -48.86
N ASP F 195 -18.44 -43.19 -49.97
CA ASP F 195 -17.52 -42.46 -50.83
C ASP F 195 -17.08 -41.15 -50.18
N SER F 196 -17.96 -40.52 -49.41
CA SER F 196 -17.60 -39.26 -48.77
C SER F 196 -16.50 -39.42 -47.73
N LEU F 197 -16.21 -40.64 -47.29
CA LEU F 197 -15.12 -40.82 -46.32
C LEU F 197 -13.75 -40.60 -46.95
N CYS F 198 -13.66 -40.62 -48.27
CA CYS F 198 -12.41 -40.32 -48.96
C CYS F 198 -12.14 -38.83 -49.06
N THR F 199 -13.03 -37.99 -48.55
CA THR F 199 -12.94 -36.55 -48.68
C THR F 199 -12.74 -35.90 -47.33
N THR F 200 -12.52 -34.59 -47.37
CA THR F 200 -12.41 -33.76 -46.19
C THR F 200 -13.76 -33.28 -45.69
N LEU F 201 -14.86 -33.81 -46.25
CA LEU F 201 -16.18 -33.44 -45.74
C LEU F 201 -16.33 -33.82 -44.27
N SER F 202 -15.73 -34.94 -43.87
CA SER F 202 -15.75 -35.33 -42.46
C SER F 202 -15.25 -34.20 -41.58
N LEU F 203 -14.38 -33.35 -42.10
CA LEU F 203 -13.78 -32.26 -41.37
C LEU F 203 -14.48 -30.92 -41.59
N GLN F 204 -15.42 -30.85 -42.52
CA GLN F 204 -16.09 -29.59 -42.84
C GLN F 204 -17.48 -29.48 -42.25
N TRP F 205 -18.19 -30.61 -42.16
CA TRP F 205 -19.59 -30.60 -41.76
C TRP F 205 -19.89 -31.71 -40.77
N GLU F 206 -20.83 -31.41 -39.88
CA GLU F 206 -21.31 -32.36 -38.90
C GLU F 206 -21.92 -33.57 -39.59
N PRO F 207 -21.93 -34.74 -38.94
CA PRO F 207 -22.46 -35.94 -39.62
C PRO F 207 -23.90 -35.79 -40.06
N GLU F 208 -24.71 -35.13 -39.23
CA GLU F 208 -26.12 -34.92 -39.57
C GLU F 208 -26.27 -34.17 -40.89
N ILE F 209 -25.43 -33.16 -41.11
CA ILE F 209 -25.53 -32.39 -42.35
C ILE F 209 -25.13 -33.25 -43.54
N ILE F 210 -24.14 -34.13 -43.36
CA ILE F 210 -23.77 -35.03 -44.44
C ILE F 210 -24.91 -35.99 -44.73
N ALA F 211 -25.55 -36.51 -43.68
CA ALA F 211 -26.66 -37.42 -43.87
C ALA F 211 -27.77 -36.77 -44.66
N VAL F 212 -28.08 -35.51 -44.37
CA VAL F 212 -29.09 -34.82 -45.16
C VAL F 212 -28.60 -34.64 -46.60
N ALA F 213 -27.35 -34.22 -46.77
CA ALA F 213 -26.83 -33.97 -48.11
C ALA F 213 -26.93 -35.22 -48.98
N VAL F 214 -26.58 -36.39 -48.44
CA VAL F 214 -26.59 -37.59 -49.28
C VAL F 214 -28.03 -38.01 -49.59
N MET F 215 -28.95 -37.83 -48.64
CA MET F 215 -30.36 -38.02 -48.98
C MET F 215 -30.77 -37.04 -50.06
N TYR F 216 -30.34 -35.78 -49.93
CA TYR F 216 -30.64 -34.76 -50.91
C TYR F 216 -30.12 -35.13 -52.28
N LEU F 217 -28.87 -35.60 -52.34
CA LEU F 217 -28.29 -36.02 -53.62
C LEU F 217 -29.06 -37.20 -54.18
N ALA F 218 -29.24 -38.26 -53.37
CA ALA F 218 -29.93 -39.45 -53.84
C ALA F 218 -31.33 -39.10 -54.35
N GLY F 219 -32.01 -38.18 -53.67
CA GLY F 219 -33.33 -37.78 -54.14
C GLY F 219 -33.29 -37.15 -55.52
N ARG F 220 -32.34 -36.23 -55.74
CA ARG F 220 -32.23 -35.61 -57.06
C ARG F 220 -31.96 -36.64 -58.14
N LEU F 221 -31.01 -37.55 -57.89
CA LEU F 221 -30.63 -38.51 -58.92
C LEU F 221 -31.78 -39.48 -59.21
N CYS F 222 -32.50 -39.91 -58.17
CA CYS F 222 -33.62 -40.80 -58.36
C CYS F 222 -34.90 -40.09 -58.77
N LYS F 223 -34.85 -38.77 -58.96
CA LYS F 223 -36.04 -37.99 -59.30
C LYS F 223 -37.13 -38.17 -58.25
N PHE F 224 -36.74 -38.22 -56.98
CA PHE F 224 -37.69 -38.35 -55.89
C PHE F 224 -38.01 -37.01 -55.24
N GLU F 225 -39.25 -36.88 -54.77
CA GLU F 225 -39.70 -35.68 -54.06
C GLU F 225 -39.78 -36.03 -52.57
N ILE F 226 -38.62 -35.93 -51.89
CA ILE F 226 -38.55 -36.53 -50.55
C ILE F 226 -39.59 -35.93 -49.62
N GLN F 227 -39.95 -34.67 -49.83
CA GLN F 227 -40.92 -34.02 -48.97
C GLN F 227 -42.23 -34.79 -48.86
N GLU F 228 -42.64 -35.45 -49.94
CA GLU F 228 -43.93 -36.14 -49.93
C GLU F 228 -43.96 -37.25 -48.88
N TRP F 229 -42.80 -37.82 -48.57
CA TRP F 229 -42.75 -38.91 -47.60
C TRP F 229 -42.69 -38.42 -46.16
N THR F 230 -42.57 -37.11 -45.94
CA THR F 230 -42.40 -36.57 -44.60
C THR F 230 -43.75 -36.28 -43.96
N SER F 231 -43.69 -35.96 -42.67
CA SER F 231 -44.90 -35.55 -41.95
C SER F 231 -45.43 -34.20 -42.43
N LYS F 232 -44.69 -33.48 -43.28
CA LYS F 232 -45.08 -32.16 -43.77
C LYS F 232 -44.95 -32.12 -45.30
N PRO F 233 -45.88 -32.79 -46.00
CA PRO F 233 -45.68 -33.03 -47.44
C PRO F 233 -45.72 -31.79 -48.32
N MET F 234 -46.05 -30.62 -47.78
CA MET F 234 -46.09 -29.39 -48.54
C MET F 234 -44.98 -28.43 -48.18
N TYR F 235 -44.02 -28.89 -47.40
CA TYR F 235 -42.85 -28.11 -46.99
C TYR F 235 -41.70 -28.49 -47.92
N ARG F 236 -41.38 -27.61 -48.88
CA ARG F 236 -40.39 -27.97 -49.89
C ARG F 236 -39.03 -28.19 -49.25
N ARG F 237 -38.75 -27.51 -48.15
CA ARG F 237 -37.50 -27.70 -47.42
C ARG F 237 -37.65 -28.84 -46.41
N TRP F 238 -37.69 -30.07 -46.95
CA TRP F 238 -37.92 -31.22 -46.08
C TRP F 238 -36.81 -31.38 -45.06
N TRP F 239 -35.58 -31.00 -45.41
CA TRP F 239 -34.48 -31.24 -44.50
C TRP F 239 -34.60 -30.44 -43.22
N GLU F 240 -35.36 -29.34 -43.25
CA GLU F 240 -35.39 -28.49 -42.07
C GLU F 240 -35.95 -29.21 -40.86
N GLN F 241 -36.82 -30.20 -41.07
CA GLN F 241 -37.34 -30.92 -39.91
C GLN F 241 -36.34 -31.92 -39.35
N PHE F 242 -35.34 -32.33 -40.13
CA PHE F 242 -34.31 -33.22 -39.61
C PHE F 242 -33.14 -32.42 -39.04
N VAL F 243 -32.65 -31.43 -39.77
CA VAL F 243 -31.53 -30.61 -39.35
C VAL F 243 -31.85 -29.15 -39.59
N GLN F 244 -31.88 -28.36 -38.52
CA GLN F 244 -32.23 -26.96 -38.60
C GLN F 244 -31.06 -26.11 -39.06
N ASP F 245 -31.39 -25.03 -39.76
CA ASP F 245 -30.45 -23.97 -40.14
C ASP F 245 -29.42 -24.44 -41.18
N VAL F 246 -29.82 -25.29 -42.11
CA VAL F 246 -28.91 -25.71 -43.16
C VAL F 246 -29.42 -25.10 -44.48
N PRO F 247 -28.69 -24.18 -45.09
CA PRO F 247 -29.10 -23.65 -46.39
C PRO F 247 -28.80 -24.64 -47.51
N VAL F 248 -29.54 -24.46 -48.60
CA VAL F 248 -29.27 -25.27 -49.78
C VAL F 248 -27.83 -25.12 -50.21
N ASP F 249 -27.25 -23.93 -49.99
CA ASP F 249 -25.86 -23.69 -50.35
C ASP F 249 -24.97 -24.83 -49.88
N VAL F 250 -25.13 -25.22 -48.60
CA VAL F 250 -24.28 -26.25 -48.02
C VAL F 250 -24.55 -27.59 -48.68
N LEU F 251 -25.82 -27.97 -48.81
CA LEU F 251 -26.13 -29.25 -49.43
C LEU F 251 -25.58 -29.33 -50.85
N GLU F 252 -25.60 -28.22 -51.57
CA GLU F 252 -25.04 -28.24 -52.92
C GLU F 252 -23.52 -28.38 -52.87
N ASP F 253 -22.86 -27.63 -51.99
CA ASP F 253 -21.42 -27.75 -51.85
C ASP F 253 -21.04 -29.18 -51.53
N ILE F 254 -21.76 -29.81 -50.61
CA ILE F 254 -21.47 -31.20 -50.26
C ILE F 254 -21.76 -32.11 -51.45
N CYS F 255 -22.90 -31.92 -52.10
CA CYS F 255 -23.20 -32.74 -53.27
C CYS F 255 -22.12 -32.59 -54.33
N HIS F 256 -21.70 -31.34 -54.61
CA HIS F 256 -20.70 -31.12 -55.64
C HIS F 256 -19.43 -31.89 -55.35
N GLN F 257 -18.95 -31.86 -54.11
CA GLN F 257 -17.73 -32.58 -53.76
C GLN F 257 -17.89 -34.07 -53.99
N ILE F 258 -19.02 -34.65 -53.58
CA ILE F 258 -19.24 -36.08 -53.79
C ILE F 258 -19.27 -36.39 -55.28
N LEU F 259 -19.94 -35.56 -56.06
CA LEU F 259 -20.01 -35.79 -57.50
C LEU F 259 -18.64 -35.67 -58.16
N ASP F 260 -17.77 -34.80 -57.63
CA ASP F 260 -16.44 -34.64 -58.20
C ASP F 260 -15.64 -35.94 -58.13
N LEU F 261 -15.83 -36.73 -57.08
CA LEU F 261 -15.13 -38.00 -56.97
C LEU F 261 -15.49 -38.97 -58.09
N TYR F 262 -16.77 -39.01 -58.48
CA TYR F 262 -17.19 -39.93 -59.53
C TYR F 262 -16.66 -39.51 -60.89
N SER F 263 -16.41 -38.23 -61.09
CA SER F 263 -15.86 -37.75 -62.35
C SER F 263 -14.35 -37.81 -62.40
N GLN F 264 -13.70 -37.87 -61.23
CA GLN F 264 -12.25 -38.02 -61.19
C GLN F 264 -11.88 -39.50 -61.28
N GLY F 265 -12.66 -40.35 -60.63
CA GLY F 265 -12.52 -41.78 -60.78
C GLY F 265 -13.09 -42.31 -62.07
N LYS F 266 -13.53 -41.41 -62.94
CA LYS F 266 -14.07 -41.75 -64.26
C LYS F 266 -15.19 -42.79 -64.13
N GLN F 267 -16.10 -42.55 -63.19
CA GLN F 267 -17.17 -43.49 -62.85
C GLN F 267 -18.50 -42.77 -62.75
N GLN F 268 -19.57 -43.45 -63.17
CA GLN F 268 -20.92 -42.92 -63.17
C GLN F 268 -21.56 -42.98 -61.77
N MET F 269 -22.67 -42.26 -61.62
CA MET F 269 -23.43 -42.28 -60.38
C MET F 269 -23.89 -43.71 -60.07
N PRO F 270 -24.07 -44.05 -58.79
CA PRO F 270 -24.30 -45.47 -58.44
C PRO F 270 -25.49 -46.11 -59.13
N HIS F 271 -26.62 -45.42 -59.25
CA HIS F 271 -27.79 -46.01 -59.92
C HIS F 271 -28.54 -44.92 -60.71
N MET G 5 39.53 19.54 -46.32
CA MET G 5 39.98 19.41 -44.90
C MET G 5 40.28 17.96 -44.52
N SER G 6 39.55 17.00 -45.12
CA SER G 6 39.80 15.58 -44.91
C SER G 6 40.03 14.91 -46.26
N TYR G 7 40.85 13.86 -46.27
CA TYR G 7 41.30 13.23 -47.51
C TYR G 7 41.15 11.72 -47.44
N ASN G 8 40.42 11.13 -48.40
CA ASN G 8 40.14 9.70 -48.37
C ASN G 8 40.13 9.11 -49.77
N TYR G 9 40.32 7.78 -49.82
CA TYR G 9 40.49 7.01 -51.06
C TYR G 9 39.58 5.79 -50.99
N VAL G 10 38.81 5.54 -52.06
CA VAL G 10 37.81 4.48 -52.10
C VAL G 10 38.02 3.63 -53.34
N VAL G 11 38.19 2.31 -53.15
CA VAL G 11 38.39 1.39 -54.25
C VAL G 11 37.41 0.24 -54.16
N THR G 12 37.15 -0.37 -55.31
CA THR G 12 36.36 -1.60 -55.38
C THR G 12 37.33 -2.77 -55.22
N ALA G 13 37.09 -3.59 -54.20
CA ALA G 13 37.84 -4.84 -54.05
C ALA G 13 37.12 -5.99 -54.72
N GLN G 14 35.79 -5.96 -54.69
CA GLN G 14 34.95 -6.93 -55.35
C GLN G 14 33.84 -6.18 -56.08
N LYS G 15 33.68 -6.46 -57.36
CA LYS G 15 32.67 -5.78 -58.13
C LYS G 15 31.28 -6.25 -57.70
N PRO G 16 30.25 -5.47 -58.05
CA PRO G 16 28.87 -5.92 -57.78
C PRO G 16 28.61 -7.29 -58.39
N THR G 17 27.96 -8.15 -57.61
CA THR G 17 27.69 -9.51 -58.05
C THR G 17 26.20 -9.78 -58.28
N ALA G 18 25.32 -8.94 -57.73
CA ALA G 18 23.90 -9.16 -57.88
C ALA G 18 23.46 -8.76 -59.29
N VAL G 19 22.59 -9.57 -59.87
CA VAL G 19 22.05 -9.29 -61.19
C VAL G 19 20.79 -8.44 -61.04
N ASN G 20 20.83 -7.24 -61.60
CA ASN G 20 19.69 -6.33 -61.60
C ASN G 20 18.82 -6.45 -62.84
N GLY G 21 19.40 -6.78 -64.00
CA GLY G 21 18.63 -7.00 -65.20
C GLY G 21 19.44 -7.73 -66.23
N CYS G 22 18.76 -8.46 -67.12
CA CYS G 22 19.42 -9.17 -68.22
C CYS G 22 18.56 -9.14 -69.47
N VAL G 23 19.21 -9.08 -70.64
CA VAL G 23 18.50 -9.09 -71.92
C VAL G 23 19.21 -9.95 -72.96
N THR G 24 18.43 -10.39 -73.94
CA THR G 24 18.88 -11.20 -75.08
C THR G 24 18.56 -10.48 -76.38
N GLY G 25 19.45 -10.62 -77.35
CA GLY G 25 19.26 -10.04 -78.64
C GLY G 25 20.41 -10.35 -79.57
N HIS G 26 20.67 -9.46 -80.52
CA HIS G 26 21.73 -9.59 -81.50
C HIS G 26 22.52 -8.28 -81.52
N PHE G 27 23.34 -8.08 -80.48
CA PHE G 27 24.03 -6.81 -80.24
C PHE G 27 25.45 -6.80 -80.81
N THR G 28 26.23 -7.86 -80.62
CA THR G 28 27.59 -7.86 -81.14
C THR G 28 27.63 -8.15 -82.64
N SER G 29 26.73 -8.99 -83.13
CA SER G 29 26.65 -9.29 -84.56
C SER G 29 25.22 -9.74 -84.86
N ALA G 30 24.78 -9.49 -86.10
CA ALA G 30 23.42 -9.89 -86.47
C ALA G 30 23.22 -11.40 -86.40
N GLU G 31 24.30 -12.17 -86.36
CA GLU G 31 24.22 -13.63 -86.36
C GLU G 31 24.31 -14.23 -84.97
N ASP G 32 25.18 -13.72 -84.11
CA ASP G 32 25.34 -14.28 -82.78
C ASP G 32 24.18 -13.87 -81.89
N LEU G 33 23.74 -14.80 -81.03
CA LEU G 33 22.76 -14.52 -79.99
C LEU G 33 23.51 -14.18 -78.72
N ASN G 34 23.22 -13.01 -78.16
CA ASN G 34 23.99 -12.46 -77.05
C ASN G 34 23.16 -12.40 -75.77
N LEU G 35 23.87 -12.40 -74.65
CA LEU G 35 23.27 -12.17 -73.34
C LEU G 35 23.95 -10.97 -72.70
N LEU G 36 23.20 -9.89 -72.51
CA LEU G 36 23.70 -8.71 -71.82
C LEU G 36 23.17 -8.72 -70.39
N ILE G 37 24.09 -8.81 -69.42
CA ILE G 37 23.73 -8.79 -68.01
C ILE G 37 24.14 -7.45 -67.41
N ALA G 38 23.24 -6.86 -66.64
CA ALA G 38 23.51 -5.63 -65.91
C ALA G 38 23.59 -5.99 -64.43
N LYS G 39 24.76 -5.77 -63.83
CA LYS G 39 24.95 -5.69 -62.40
C LYS G 39 25.20 -4.22 -62.13
N ASN G 40 24.91 -3.77 -60.92
CA ASN G 40 24.92 -2.33 -60.67
C ASN G 40 26.18 -1.68 -61.22
N THR G 41 26.03 -0.86 -62.25
CA THR G 41 27.06 -0.09 -62.94
C THR G 41 27.95 -0.90 -63.87
N ARG G 42 27.75 -2.20 -64.03
CA ARG G 42 28.61 -3.04 -64.83
C ARG G 42 27.75 -3.63 -65.94
N LEU G 43 28.22 -3.55 -67.18
CA LEU G 43 27.52 -4.19 -68.27
C LEU G 43 28.39 -5.35 -68.75
N GLU G 44 27.85 -6.56 -68.68
CA GLU G 44 28.52 -7.77 -69.11
C GLU G 44 27.87 -8.25 -70.40
N ILE G 45 28.70 -8.48 -71.41
CA ILE G 45 28.26 -8.97 -72.72
C ILE G 45 28.79 -10.38 -72.92
N TYR G 46 27.90 -11.30 -73.23
CA TYR G 46 28.25 -12.69 -73.47
C TYR G 46 27.77 -13.08 -74.86
N VAL G 47 28.26 -14.21 -75.36
CA VAL G 47 27.73 -14.82 -76.57
C VAL G 47 27.21 -16.21 -76.20
N VAL G 48 25.97 -16.49 -76.58
CA VAL G 48 25.32 -17.74 -76.25
C VAL G 48 25.88 -18.83 -77.15
N THR G 49 26.32 -19.92 -76.55
CA THR G 49 26.84 -21.07 -77.28
C THR G 49 26.00 -22.30 -76.96
N ALA G 50 26.37 -23.41 -77.56
CA ALA G 50 25.72 -24.68 -77.24
C ALA G 50 26.18 -25.23 -75.90
N GLU G 51 27.24 -24.66 -75.31
CA GLU G 51 27.81 -25.14 -74.07
C GLU G 51 27.43 -24.32 -72.86
N GLY G 52 27.30 -23.01 -73.03
CA GLY G 52 27.06 -22.09 -71.94
C GLY G 52 27.16 -20.68 -72.46
N LEU G 53 27.91 -19.84 -71.75
CA LEU G 53 28.07 -18.44 -72.11
C LEU G 53 29.54 -18.12 -72.36
N ARG G 54 29.81 -17.46 -73.46
CA ARG G 54 31.16 -17.02 -73.80
C ARG G 54 31.31 -15.52 -73.58
N PRO G 55 32.15 -15.07 -72.64
CA PRO G 55 32.29 -13.62 -72.42
C PRO G 55 32.89 -12.91 -73.62
N VAL G 56 32.51 -11.65 -73.79
CA VAL G 56 32.98 -10.87 -74.93
C VAL G 56 33.62 -9.57 -74.50
N LYS G 57 32.96 -8.84 -73.59
CA LYS G 57 33.42 -7.54 -73.16
C LYS G 57 32.65 -7.17 -71.90
N GLU G 58 33.34 -6.49 -71.00
CA GLU G 58 32.70 -5.90 -69.84
C GLU G 58 33.12 -4.44 -69.78
N VAL G 59 32.16 -3.56 -69.59
CA VAL G 59 32.41 -2.13 -69.45
C VAL G 59 31.76 -1.70 -68.15
N GLY G 60 32.31 -0.66 -67.56
CA GLY G 60 31.67 0.04 -66.47
C GLY G 60 31.00 1.28 -67.01
N MET G 61 29.97 1.73 -66.31
CA MET G 61 29.30 2.98 -66.62
C MET G 61 29.34 3.86 -65.39
N TYR G 62 29.36 5.17 -65.63
CA TYR G 62 29.35 6.17 -64.56
C TYR G 62 27.90 6.50 -64.17
N GLY G 63 27.22 5.47 -63.64
CA GLY G 63 25.82 5.56 -63.30
C GLY G 63 25.22 4.21 -62.94
N LYS G 64 24.15 4.18 -62.16
CA LYS G 64 23.49 2.91 -61.86
C LYS G 64 22.55 2.58 -63.02
N ILE G 65 22.69 1.38 -63.59
CA ILE G 65 21.89 1.02 -64.75
C ILE G 65 20.45 0.79 -64.29
N ALA G 66 19.53 1.65 -64.73
CA ALA G 66 18.12 1.55 -64.40
C ALA G 66 17.33 0.86 -65.51
N VAL G 67 17.52 1.28 -66.75
CA VAL G 67 16.87 0.69 -67.91
C VAL G 67 17.94 0.09 -68.81
N MET G 68 17.71 -1.13 -69.27
CA MET G 68 18.60 -1.75 -70.27
C MET G 68 17.70 -2.46 -71.26
N GLU G 69 17.74 -2.01 -72.51
CA GLU G 69 16.85 -2.55 -73.53
C GLU G 69 17.53 -2.57 -74.88
N LEU G 70 17.29 -3.63 -75.64
CA LEU G 70 17.87 -3.82 -76.97
C LEU G 70 16.81 -3.60 -78.03
N PHE G 71 17.13 -2.78 -79.02
CA PHE G 71 16.23 -2.47 -80.12
C PHE G 71 17.02 -2.40 -81.43
N ARG G 72 16.31 -2.62 -82.53
CA ARG G 72 16.89 -2.56 -83.88
C ARG G 72 16.08 -1.66 -84.80
N PRO G 73 16.50 -0.41 -85.00
CA PRO G 73 15.74 0.46 -85.91
C PRO G 73 16.00 0.10 -87.37
N LYS G 74 15.01 0.38 -88.22
CA LYS G 74 15.11 0.08 -89.64
C LYS G 74 16.38 0.66 -90.25
N GLY G 75 17.12 -0.18 -90.95
CA GLY G 75 18.35 0.23 -91.58
C GLY G 75 19.60 -0.22 -90.87
N GLU G 76 19.49 -0.66 -89.63
CA GLU G 76 20.64 -1.13 -88.87
C GLU G 76 20.86 -2.61 -89.16
N SER G 77 22.13 -3.02 -89.20
CA SER G 77 22.44 -4.42 -89.45
C SER G 77 22.22 -5.28 -88.21
N LYS G 78 22.34 -4.69 -87.02
CA LYS G 78 22.28 -5.45 -85.78
C LYS G 78 21.66 -4.58 -84.69
N ASP G 79 21.43 -5.19 -83.52
CA ASP G 79 20.76 -4.49 -82.44
C ASP G 79 21.65 -3.41 -81.83
N LEU G 80 21.00 -2.34 -81.38
CA LEU G 80 21.59 -1.28 -80.59
C LEU G 80 21.11 -1.42 -79.15
N LEU G 81 21.79 -0.73 -78.24
CA LEU G 81 21.53 -0.85 -76.81
C LEU G 81 21.10 0.51 -76.29
N PHE G 82 19.99 0.53 -75.55
CA PHE G 82 19.54 1.70 -74.84
C PHE G 82 19.73 1.50 -73.34
N ILE G 83 20.36 2.47 -72.69
CA ILE G 83 20.56 2.44 -71.25
C ILE G 83 20.19 3.80 -70.67
N LEU G 84 19.46 3.78 -69.56
CA LEU G 84 19.16 4.97 -68.77
C LEU G 84 19.66 4.71 -67.36
N THR G 85 20.43 5.65 -66.82
CA THR G 85 20.96 5.48 -65.48
C THR G 85 19.98 6.06 -64.44
N ALA G 86 20.27 5.76 -63.16
CA ALA G 86 19.41 6.21 -62.08
C ALA G 86 19.45 7.72 -61.90
N LYS G 87 20.49 8.38 -62.39
CA LYS G 87 20.55 9.83 -62.41
C LYS G 87 20.01 10.41 -63.70
N TYR G 88 19.34 9.58 -64.51
CA TYR G 88 18.66 9.98 -65.74
C TYR G 88 19.64 10.28 -66.87
N ASN G 89 20.76 9.58 -66.91
CA ASN G 89 21.67 9.64 -68.05
C ASN G 89 21.21 8.62 -69.09
N ALA G 90 20.83 9.10 -70.27
CA ALA G 90 20.39 8.24 -71.35
C ALA G 90 21.49 8.14 -72.41
N CYS G 91 21.53 7.00 -73.09
CA CYS G 91 22.46 6.83 -74.20
C CYS G 91 21.99 5.66 -75.05
N ILE G 92 22.38 5.70 -76.32
CA ILE G 92 22.20 4.58 -77.24
C ILE G 92 23.58 4.10 -77.64
N LEU G 93 23.83 2.81 -77.45
CA LEU G 93 25.16 2.25 -77.59
C LEU G 93 25.19 1.29 -78.76
N GLU G 94 26.36 1.20 -79.37
CA GLU G 94 26.61 0.29 -80.47
C GLU G 94 27.88 -0.47 -80.11
N TYR G 95 27.84 -1.77 -80.33
CA TYR G 95 29.03 -2.59 -80.21
C TYR G 95 29.81 -2.50 -81.50
N LYS G 96 31.10 -2.18 -81.41
CA LYS G 96 31.93 -2.10 -82.61
C LYS G 96 33.28 -2.75 -82.32
N GLN G 97 33.65 -3.73 -83.14
CA GLN G 97 34.89 -4.47 -82.97
C GLN G 97 35.61 -4.61 -84.31
N SER G 98 36.89 -4.23 -84.32
CA SER G 98 37.77 -4.35 -85.49
C SER G 98 39.01 -5.13 -85.07
N GLY G 99 39.06 -6.41 -85.42
CA GLY G 99 40.14 -7.27 -84.96
C GLY G 99 40.04 -7.54 -83.47
N GLU G 100 41.10 -7.27 -82.72
CA GLU G 100 41.09 -7.53 -81.28
C GLU G 100 40.58 -6.33 -80.47
N SER G 101 40.43 -5.17 -81.09
CA SER G 101 40.06 -3.94 -80.40
C SER G 101 38.55 -3.82 -80.31
N ILE G 102 38.02 -3.85 -79.08
CA ILE G 102 36.58 -3.76 -78.85
C ILE G 102 36.25 -2.38 -78.29
N ASP G 103 35.25 -1.75 -78.89
CA ASP G 103 34.76 -0.47 -78.45
C ASP G 103 33.24 -0.55 -78.33
N ILE G 104 32.68 0.26 -77.44
CA ILE G 104 31.24 0.48 -77.38
C ILE G 104 31.03 1.94 -77.72
N ILE G 105 30.37 2.19 -78.84
CA ILE G 105 30.27 3.53 -79.39
C ILE G 105 28.99 4.16 -78.89
N THR G 106 29.08 5.40 -78.43
CA THR G 106 27.92 6.17 -77.98
C THR G 106 27.37 6.94 -79.18
N ARG G 107 26.25 6.45 -79.73
CA ARG G 107 25.64 7.08 -80.90
C ARG G 107 24.77 8.28 -80.53
N ALA G 108 24.13 8.23 -79.37
CA ALA G 108 23.28 9.32 -78.89
C ALA G 108 23.39 9.34 -77.38
N HIS G 109 23.31 10.55 -76.80
CA HIS G 109 23.40 10.63 -75.35
C HIS G 109 22.78 11.94 -74.89
N GLY G 110 22.32 11.93 -73.65
CA GLY G 110 21.71 13.11 -73.05
C GLY G 110 21.11 12.74 -71.70
N ASN G 111 20.66 13.78 -70.99
CA ASN G 111 20.04 13.62 -69.68
C ASN G 111 18.56 13.99 -69.78
N VAL G 112 17.69 13.12 -69.29
CA VAL G 112 16.24 13.27 -69.51
C VAL G 112 15.52 13.77 -68.25
N GLN G 113 16.25 14.30 -67.26
CA GLN G 113 15.62 14.74 -66.04
C GLN G 113 14.76 15.96 -66.29
N ASP G 114 13.59 15.99 -65.67
CA ASP G 114 12.69 17.15 -65.75
C ASP G 114 12.90 18.03 -64.52
N ARG G 115 12.85 19.35 -64.74
CA ARG G 115 13.03 20.27 -63.63
C ARG G 115 11.99 20.04 -62.55
N ILE G 116 10.76 19.74 -62.94
CA ILE G 116 9.66 19.53 -62.02
C ILE G 116 9.02 18.19 -62.30
N GLY G 117 8.89 17.38 -61.24
CA GLY G 117 8.25 16.08 -61.35
C GLY G 117 8.33 15.29 -60.06
N ARG G 118 7.34 14.43 -59.82
CA ARG G 118 7.34 13.59 -58.63
C ARG G 118 7.82 12.21 -59.02
N PRO G 119 8.96 11.74 -58.51
CA PRO G 119 9.43 10.39 -58.87
C PRO G 119 8.37 9.34 -58.54
N SER G 120 8.14 8.44 -59.50
CA SER G 120 7.04 7.50 -59.38
C SER G 120 7.35 6.44 -58.32
N GLU G 121 6.28 5.88 -57.74
CA GLU G 121 6.42 4.88 -56.70
C GLU G 121 7.07 3.60 -57.23
N THR G 122 6.60 3.09 -58.37
CA THR G 122 7.13 1.84 -58.89
C THR G 122 8.41 2.04 -59.71
N GLY G 123 9.02 3.23 -59.69
CA GLY G 123 10.32 3.43 -60.26
C GLY G 123 10.37 3.70 -61.76
N ILE G 124 11.60 3.91 -62.24
CA ILE G 124 11.81 4.18 -63.64
C ILE G 124 11.35 2.99 -64.46
N ILE G 125 10.58 3.25 -65.51
CA ILE G 125 10.22 2.23 -66.49
C ILE G 125 10.68 2.72 -67.85
N GLY G 126 11.27 1.81 -68.62
CA GLY G 126 11.64 2.13 -69.99
C GLY G 126 11.12 1.07 -70.94
N ILE G 127 10.47 1.50 -72.02
CA ILE G 127 9.92 0.61 -73.01
C ILE G 127 10.22 1.21 -74.39
N ILE G 128 10.29 0.35 -75.39
CA ILE G 128 10.59 0.77 -76.75
C ILE G 128 9.52 0.21 -77.68
N ASP G 129 9.11 1.03 -78.64
CA ASP G 129 8.05 0.66 -79.57
C ASP G 129 8.47 -0.56 -80.40
N PRO G 130 7.54 -1.44 -80.75
CA PRO G 130 7.93 -2.56 -81.63
C PRO G 130 8.53 -2.11 -82.96
N GLU G 131 8.13 -0.96 -83.46
CA GLU G 131 8.65 -0.42 -84.71
C GLU G 131 9.88 0.47 -84.51
N CYS G 132 10.46 0.47 -83.30
CA CYS G 132 11.60 1.35 -82.99
C CYS G 132 11.36 2.76 -83.51
N ARG G 133 10.14 3.25 -83.27
CA ARG G 133 9.73 4.61 -83.58
C ARG G 133 10.01 5.56 -82.42
N MET G 134 10.02 5.06 -81.19
CA MET G 134 10.21 5.92 -80.03
C MET G 134 10.62 5.08 -78.83
N ILE G 135 11.21 5.76 -77.83
CA ILE G 135 11.48 5.20 -76.52
C ILE G 135 10.51 5.84 -75.54
N GLY G 136 9.76 5.01 -74.82
CA GLY G 136 8.87 5.49 -73.76
C GLY G 136 9.50 5.35 -72.38
N LEU G 137 9.41 6.41 -71.60
CA LEU G 137 9.93 6.44 -70.23
C LEU G 137 8.83 6.89 -69.28
N ARG G 138 8.66 6.18 -68.17
CA ARG G 138 7.76 6.59 -67.09
C ARG G 138 8.67 6.98 -65.92
N LEU G 139 8.99 8.26 -65.82
CA LEU G 139 9.88 8.75 -64.78
C LEU G 139 9.12 9.38 -63.62
N TYR G 140 8.02 10.07 -63.88
CA TYR G 140 7.32 10.84 -62.87
C TYR G 140 5.83 10.55 -62.92
N ASP G 141 5.18 10.70 -61.77
CA ASP G 141 3.72 10.55 -61.70
C ASP G 141 3.06 11.56 -62.62
N GLY G 142 2.07 11.10 -63.39
CA GLY G 142 1.29 12.00 -64.21
C GLY G 142 1.97 12.43 -65.50
N LEU G 143 3.13 11.88 -65.80
CA LEU G 143 3.83 12.22 -67.02
C LEU G 143 4.38 11.00 -67.75
N PHE G 144 4.25 11.04 -69.07
CA PHE G 144 4.83 10.06 -69.97
C PHE G 144 5.78 10.80 -70.91
N LYS G 145 7.04 10.39 -70.92
CA LYS G 145 8.08 11.04 -71.72
C LYS G 145 8.32 10.24 -73.00
N VAL G 146 8.47 10.93 -74.12
CA VAL G 146 8.75 10.28 -75.40
C VAL G 146 10.04 10.83 -75.98
N ILE G 147 11.00 9.94 -76.24
CA ILE G 147 12.17 10.24 -77.06
C ILE G 147 11.91 9.68 -78.44
N PRO G 148 11.68 10.50 -79.47
CA PRO G 148 11.48 9.94 -80.82
C PRO G 148 12.79 9.41 -81.39
N LEU G 149 12.71 8.24 -82.02
CA LEU G 149 13.89 7.56 -82.57
C LEU G 149 14.14 8.03 -84.01
N ASP G 150 14.52 9.30 -84.12
CA ASP G 150 14.99 9.88 -85.38
C ASP G 150 16.49 9.64 -85.49
N ARG G 151 16.97 9.47 -86.72
CA ARG G 151 18.40 9.23 -86.91
C ARG G 151 19.24 10.41 -86.44
N ASP G 152 18.70 11.63 -86.53
CA ASP G 152 19.45 12.83 -86.17
C ASP G 152 19.37 13.16 -84.69
N ASN G 153 18.53 12.45 -83.91
CA ASN G 153 18.31 12.77 -82.51
C ASN G 153 19.44 12.22 -81.64
N LYS G 154 20.65 12.76 -81.89
CA LYS G 154 21.85 12.33 -81.17
C LYS G 154 21.93 12.94 -79.77
N GLU G 155 21.14 13.97 -79.47
CA GLU G 155 21.06 14.54 -78.13
C GLU G 155 19.90 13.98 -77.31
N LEU G 156 19.14 13.03 -77.86
CA LEU G 156 18.01 12.40 -77.18
C LEU G 156 17.06 13.44 -76.61
N LYS G 157 16.70 14.43 -77.43
CA LYS G 157 15.70 15.40 -77.02
C LYS G 157 14.34 14.71 -76.92
N ALA G 158 13.52 15.17 -75.97
CA ALA G 158 12.27 14.47 -75.69
C ALA G 158 11.22 15.47 -75.24
N PHE G 159 9.97 15.01 -75.25
CA PHE G 159 8.82 15.80 -74.84
C PHE G 159 7.97 14.98 -73.90
N ASN G 160 7.18 15.66 -73.07
CA ASN G 160 6.30 14.99 -72.12
C ASN G 160 4.86 15.10 -72.56
N ILE G 161 4.13 13.99 -72.42
CA ILE G 161 2.69 13.93 -72.63
C ILE G 161 2.04 13.84 -71.26
N ARG G 162 1.08 14.73 -71.00
CA ARG G 162 0.37 14.67 -69.73
C ARG G 162 -0.32 13.33 -69.60
N LEU G 163 -0.21 12.72 -68.43
CA LEU G 163 -0.79 11.43 -68.15
C LEU G 163 -1.88 11.61 -67.09
N GLU G 164 -3.12 11.34 -67.47
CA GLU G 164 -4.24 11.58 -66.59
C GLU G 164 -4.14 10.73 -65.32
N GLU G 165 -3.76 9.46 -65.48
CA GLU G 165 -3.67 8.51 -64.38
C GLU G 165 -2.36 8.70 -63.63
N LEU G 166 -2.45 9.22 -62.40
CA LEU G 166 -1.23 9.62 -61.71
C LEU G 166 -0.41 8.41 -61.25
N HIS G 167 -1.04 7.43 -60.61
CA HIS G 167 -0.30 6.32 -60.02
C HIS G 167 -0.34 5.12 -60.97
N VAL G 168 0.74 4.96 -61.73
CA VAL G 168 0.85 3.92 -62.75
C VAL G 168 1.72 2.79 -62.22
N ILE G 169 1.24 1.56 -62.41
CA ILE G 169 1.96 0.38 -61.94
C ILE G 169 2.96 -0.14 -62.98
N ASP G 170 2.50 -0.39 -64.21
CA ASP G 170 3.40 -0.93 -65.23
C ASP G 170 2.85 -0.59 -66.61
N VAL G 171 3.76 -0.49 -67.57
CA VAL G 171 3.38 -0.13 -68.93
C VAL G 171 4.29 -0.85 -69.93
N LYS G 172 3.71 -1.17 -71.08
CA LYS G 172 4.41 -1.78 -72.20
C LYS G 172 3.86 -1.18 -73.49
N PHE G 173 4.66 -1.19 -74.55
CA PHE G 173 4.12 -0.96 -75.88
C PHE G 173 3.46 -2.25 -76.35
N LEU G 174 2.37 -2.12 -77.10
CA LEU G 174 1.66 -3.30 -77.56
C LEU G 174 2.12 -3.66 -78.98
N TYR G 175 1.94 -4.93 -79.31
CA TYR G 175 2.20 -5.45 -80.64
C TYR G 175 0.90 -5.47 -81.44
N GLY G 176 1.03 -5.42 -82.75
CA GLY G 176 -0.11 -5.65 -83.62
C GLY G 176 -1.09 -4.51 -83.70
N CYS G 177 -0.62 -3.27 -83.55
CA CYS G 177 -1.49 -2.12 -83.54
C CYS G 177 -1.25 -1.22 -84.75
N GLN G 178 -2.35 -0.59 -85.17
CA GLN G 178 -2.35 0.28 -86.34
C GLN G 178 -1.46 1.50 -86.10
N ALA G 179 -1.34 1.93 -84.85
CA ALA G 179 -0.47 3.02 -84.43
C ALA G 179 0.29 2.61 -83.16
N PRO G 180 1.41 3.28 -82.86
CA PRO G 180 2.11 3.00 -81.58
C PRO G 180 1.17 3.19 -80.39
N THR G 181 1.02 2.12 -79.60
CA THR G 181 0.05 2.06 -78.51
C THR G 181 0.68 1.55 -77.22
N ILE G 182 0.32 2.16 -76.08
CA ILE G 182 0.75 1.71 -74.77
C ILE G 182 -0.42 1.11 -73.99
N CYS G 183 -0.15 0.03 -73.26
CA CYS G 183 -1.08 -0.59 -72.33
C CYS G 183 -0.48 -0.55 -70.93
N PHE G 184 -1.27 -0.11 -69.95
CA PHE G 184 -0.75 0.02 -68.60
C PHE G 184 -1.81 -0.27 -67.55
N VAL G 185 -1.34 -0.68 -66.37
CA VAL G 185 -2.18 -0.88 -65.20
C VAL G 185 -1.91 0.25 -64.23
N TYR G 186 -2.99 0.85 -63.71
CA TYR G 186 -2.88 2.01 -62.85
C TYR G 186 -3.75 1.79 -61.62
N GLN G 187 -3.50 2.58 -60.58
CA GLN G 187 -4.26 2.46 -59.34
C GLN G 187 -4.80 3.80 -58.88
N ASP G 188 -6.09 3.83 -58.62
CA ASP G 188 -6.79 5.02 -58.09
C ASP G 188 -7.59 4.57 -56.88
N PRO G 189 -8.33 5.46 -56.20
CA PRO G 189 -9.05 5.03 -54.99
C PRO G 189 -10.09 3.94 -55.25
N GLN G 190 -10.63 3.82 -56.46
CA GLN G 190 -11.64 2.80 -56.69
C GLN G 190 -11.07 1.40 -56.87
N GLY G 191 -9.79 1.28 -57.13
CA GLY G 191 -9.15 0.00 -57.37
C GLY G 191 -8.06 0.13 -58.41
N ARG G 192 -7.64 -1.00 -58.98
CA ARG G 192 -6.65 -1.01 -60.04
C ARG G 192 -7.30 -1.39 -61.35
N HIS G 193 -6.85 -0.76 -62.44
CA HIS G 193 -7.48 -0.93 -63.74
C HIS G 193 -6.41 -0.98 -64.83
N VAL G 194 -6.80 -1.46 -66.02
CA VAL G 194 -5.96 -1.45 -67.21
C VAL G 194 -6.57 -0.54 -68.27
N LYS G 195 -5.71 0.17 -69.01
CA LYS G 195 -6.14 1.15 -69.99
C LYS G 195 -5.15 1.22 -71.15
N THR G 196 -5.61 1.74 -72.30
CA THR G 196 -4.74 1.92 -73.45
C THR G 196 -4.82 3.35 -74.00
N TYR G 197 -3.70 3.79 -74.57
CA TYR G 197 -3.63 5.03 -75.33
C TYR G 197 -2.83 4.80 -76.60
N GLU G 198 -3.03 5.67 -77.59
CA GLU G 198 -2.16 5.74 -78.76
C GLU G 198 -1.27 6.97 -78.61
N VAL G 199 -0.04 6.87 -79.12
CA VAL G 199 0.96 7.93 -78.99
C VAL G 199 1.19 8.55 -80.35
N SER G 200 0.96 9.87 -80.47
CA SER G 200 1.16 10.59 -81.72
C SER G 200 2.42 11.43 -81.61
N LEU G 201 3.47 10.99 -82.32
CA LEU G 201 4.70 11.79 -82.37
C LEU G 201 4.46 13.13 -83.05
N ARG G 202 3.54 13.17 -84.01
CA ARG G 202 3.27 14.41 -84.74
C ARG G 202 2.53 15.42 -83.87
N GLU G 203 1.48 14.97 -83.18
CA GLU G 203 0.70 15.86 -82.33
C GLU G 203 1.28 16.02 -80.93
N LYS G 204 2.19 15.12 -80.53
CA LYS G 204 2.77 15.14 -79.20
C LYS G 204 1.71 15.05 -78.10
N GLU G 205 0.81 14.09 -78.24
CA GLU G 205 -0.23 13.85 -77.24
C GLU G 205 -0.77 12.45 -77.42
N PHE G 206 -1.51 11.99 -76.41
CA PHE G 206 -2.21 10.72 -76.48
C PHE G 206 -3.54 10.90 -77.20
N ASN G 207 -3.97 9.83 -77.88
CA ASN G 207 -5.29 9.73 -78.47
C ASN G 207 -6.00 8.54 -77.82
N LYS G 208 -7.31 8.45 -77.99
CA LYS G 208 -8.05 7.33 -77.42
C LYS G 208 -7.41 6.02 -77.87
N GLY G 209 -7.28 5.09 -76.96
CA GLY G 209 -6.57 3.85 -77.22
C GLY G 209 -7.45 2.83 -77.89
N PRO G 210 -6.82 1.79 -78.44
CA PRO G 210 -7.58 0.82 -79.24
C PRO G 210 -8.66 0.09 -78.47
N TRP G 211 -8.54 -0.11 -77.16
CA TRP G 211 -9.61 -0.80 -76.47
C TRP G 211 -9.88 -0.25 -75.07
N LYS G 212 -11.11 -0.49 -74.63
CA LYS G 212 -11.69 0.08 -73.42
C LYS G 212 -10.97 -0.45 -72.19
N GLN G 213 -11.23 0.20 -71.07
CA GLN G 213 -10.67 -0.25 -69.80
C GLN G 213 -11.39 -1.49 -69.28
N GLU G 214 -10.66 -2.25 -68.47
CA GLU G 214 -11.17 -3.34 -67.65
C GLU G 214 -10.73 -3.12 -66.21
N ASN G 215 -11.54 -3.57 -65.27
CA ASN G 215 -11.12 -3.64 -63.86
C ASN G 215 -10.26 -4.88 -63.66
N VAL G 216 -9.10 -4.71 -63.01
CA VAL G 216 -8.16 -5.80 -62.80
C VAL G 216 -8.04 -6.11 -61.31
N GLU G 217 -7.31 -7.19 -61.03
CA GLU G 217 -7.05 -7.62 -59.66
C GLU G 217 -6.49 -6.46 -58.84
N ALA G 218 -6.82 -6.45 -57.54
CA ALA G 218 -6.39 -5.36 -56.68
C ALA G 218 -4.86 -5.26 -56.62
N GLU G 219 -4.16 -6.38 -56.81
CA GLU G 219 -2.70 -6.41 -56.79
C GLU G 219 -2.09 -6.69 -58.15
N ALA G 220 -2.76 -6.33 -59.23
CA ALA G 220 -2.19 -6.49 -60.57
C ALA G 220 -0.80 -5.85 -60.61
N SER G 221 0.22 -6.65 -60.91
CA SER G 221 1.60 -6.23 -60.76
C SER G 221 2.35 -6.03 -62.06
N MET G 222 2.15 -6.87 -63.08
CA MET G 222 3.00 -6.81 -64.27
C MET G 222 2.16 -6.86 -65.55
N VAL G 223 2.68 -6.21 -66.58
CA VAL G 223 2.09 -6.18 -67.91
C VAL G 223 3.01 -6.87 -68.89
N ILE G 224 2.46 -7.82 -69.64
CA ILE G 224 3.16 -8.56 -70.68
C ILE G 224 2.53 -8.18 -72.01
N ALA G 225 3.33 -7.64 -72.92
CA ALA G 225 2.86 -7.39 -74.28
C ALA G 225 2.99 -8.69 -75.07
N VAL G 226 1.86 -9.18 -75.59
CA VAL G 226 1.86 -10.47 -76.29
C VAL G 226 2.03 -10.19 -77.79
N PRO G 227 2.98 -10.85 -78.44
CA PRO G 227 3.20 -10.58 -79.86
C PRO G 227 2.14 -11.23 -80.75
N GLU G 228 2.13 -10.80 -82.01
CA GLU G 228 1.30 -11.44 -83.01
C GLU G 228 1.68 -12.93 -83.09
N PRO G 229 0.69 -13.80 -83.37
CA PRO G 229 -0.68 -13.50 -83.79
C PRO G 229 -1.66 -13.18 -82.65
N PHE G 230 -1.30 -13.48 -81.40
CA PHE G 230 -2.27 -13.30 -80.33
C PHE G 230 -2.54 -11.82 -80.13
N GLY G 231 -1.47 -11.04 -80.00
CA GLY G 231 -1.58 -9.63 -79.68
C GLY G 231 -2.13 -9.42 -78.29
N GLY G 232 -2.35 -8.17 -77.97
CA GLY G 232 -2.91 -7.83 -76.67
C GLY G 232 -1.87 -7.96 -75.56
N ALA G 233 -2.37 -8.17 -74.36
CA ALA G 233 -1.49 -8.16 -73.19
C ALA G 233 -2.00 -9.13 -72.13
N ILE G 234 -1.05 -9.63 -71.34
CA ILE G 234 -1.33 -10.47 -70.17
C ILE G 234 -0.94 -9.67 -68.93
N ILE G 235 -1.81 -9.70 -67.91
CA ILE G 235 -1.61 -8.95 -66.67
C ILE G 235 -1.54 -9.93 -65.52
N ILE G 236 -0.39 -9.95 -64.85
CA ILE G 236 -0.08 -10.91 -63.79
C ILE G 236 -0.38 -10.28 -62.44
N GLY G 237 -1.10 -11.00 -61.58
CA GLY G 237 -1.40 -10.53 -60.24
C GLY G 237 -0.88 -11.46 -59.16
N GLN G 238 -1.49 -11.39 -57.97
CA GLN G 238 -1.17 -12.32 -56.88
C GLN G 238 -2.01 -13.59 -56.97
N GLU G 239 -3.27 -13.47 -57.34
CA GLU G 239 -4.19 -14.59 -57.40
C GLU G 239 -4.56 -15.01 -58.80
N SER G 240 -4.50 -14.11 -59.77
CA SER G 240 -5.03 -14.39 -61.09
C SER G 240 -4.08 -13.87 -62.16
N ILE G 241 -4.15 -14.52 -63.32
CA ILE G 241 -3.48 -14.09 -64.55
C ILE G 241 -4.59 -13.80 -65.54
N THR G 242 -4.63 -12.58 -66.06
CA THR G 242 -5.69 -12.16 -66.96
C THR G 242 -5.09 -11.67 -68.27
N TYR G 243 -5.75 -12.03 -69.36
CA TYR G 243 -5.40 -11.62 -70.71
C TYR G 243 -6.52 -10.74 -71.25
N HIS G 244 -6.16 -9.60 -71.82
CA HIS G 244 -7.12 -8.66 -72.38
C HIS G 244 -6.62 -8.36 -73.80
N ASN G 245 -7.52 -8.40 -74.76
CA ASN G 245 -7.20 -7.98 -76.14
C ASN G 245 -8.50 -7.58 -76.82
N GLY G 246 -8.72 -6.28 -76.95
CA GLY G 246 -9.93 -5.76 -77.57
C GLY G 246 -11.15 -6.22 -76.78
N ASP G 247 -12.06 -6.93 -77.45
CA ASP G 247 -13.24 -7.44 -76.74
C ASP G 247 -12.91 -8.72 -75.98
N LYS G 248 -11.91 -9.47 -76.42
CA LYS G 248 -11.58 -10.74 -75.80
C LYS G 248 -10.96 -10.48 -74.44
N TYR G 249 -11.40 -11.26 -73.44
CA TYR G 249 -10.90 -11.18 -72.07
C TYR G 249 -10.89 -12.58 -71.48
N LEU G 250 -9.75 -12.98 -70.93
CA LEU G 250 -9.60 -14.26 -70.28
C LEU G 250 -9.03 -14.08 -68.89
N ALA G 251 -9.40 -14.99 -67.99
CA ALA G 251 -8.93 -14.96 -66.60
C ALA G 251 -8.75 -16.38 -66.10
N ILE G 252 -7.52 -16.70 -65.67
CA ILE G 252 -7.19 -17.96 -65.02
C ILE G 252 -6.67 -17.63 -63.63
N ALA G 253 -7.13 -18.35 -62.62
CA ALA G 253 -6.78 -18.07 -61.22
C ALA G 253 -6.40 -19.35 -60.48
N PRO G 254 -5.27 -19.95 -60.84
CA PRO G 254 -4.88 -21.22 -60.20
C PRO G 254 -4.42 -21.00 -58.77
N PRO G 255 -4.79 -21.89 -57.85
CA PRO G 255 -4.48 -21.65 -56.42
C PRO G 255 -3.00 -21.64 -56.13
N ILE G 256 -2.17 -22.20 -57.01
CA ILE G 256 -0.76 -22.41 -56.71
C ILE G 256 0.01 -21.10 -56.73
N ILE G 257 -0.35 -20.16 -57.62
CA ILE G 257 0.41 -18.93 -57.69
C ILE G 257 0.12 -18.05 -56.48
N LYS G 258 -1.02 -18.28 -55.82
CA LYS G 258 -1.38 -17.51 -54.63
C LYS G 258 -0.41 -17.76 -53.48
N GLN G 259 0.26 -18.92 -53.46
CA GLN G 259 1.11 -19.29 -52.34
C GLN G 259 2.30 -18.35 -52.19
N SER G 260 2.84 -17.87 -53.31
CA SER G 260 4.02 -17.02 -53.31
C SER G 260 3.91 -15.97 -54.42
N THR G 261 4.35 -14.77 -54.11
CA THR G 261 4.27 -13.63 -55.02
C THR G 261 5.11 -13.85 -56.28
N ILE G 262 4.54 -13.51 -57.44
CA ILE G 262 5.24 -13.64 -58.73
C ILE G 262 6.01 -12.35 -59.01
N VAL G 263 7.29 -12.47 -59.36
CA VAL G 263 8.14 -11.29 -59.45
C VAL G 263 8.75 -11.07 -60.85
N CYS G 264 8.86 -12.08 -61.71
CA CYS G 264 9.50 -11.92 -63.02
C CYS G 264 8.79 -12.71 -64.10
N HIS G 265 9.02 -12.32 -65.34
CA HIS G 265 8.48 -13.04 -66.48
C HIS G 265 9.42 -12.88 -67.68
N ASN G 266 9.49 -13.92 -68.52
CA ASN G 266 10.26 -13.90 -69.77
C ASN G 266 9.47 -14.62 -70.84
N ARG G 267 9.75 -14.26 -72.11
CA ARG G 267 9.08 -14.85 -73.26
C ARG G 267 9.94 -15.96 -73.82
N VAL G 268 9.39 -17.17 -73.93
CA VAL G 268 10.12 -18.30 -74.49
C VAL G 268 9.92 -18.41 -75.99
N ASP G 269 8.67 -18.49 -76.45
CA ASP G 269 8.39 -18.69 -77.86
C ASP G 269 8.13 -17.36 -78.52
N PRO G 270 8.93 -16.95 -79.51
CA PRO G 270 8.65 -15.70 -80.21
C PRO G 270 7.20 -15.59 -80.67
N ASN G 271 6.52 -16.69 -80.90
CA ASN G 271 5.12 -16.63 -81.29
C ASN G 271 4.22 -16.31 -80.12
N GLY G 272 4.77 -16.25 -78.91
CA GLY G 272 4.03 -15.86 -77.73
C GLY G 272 3.28 -16.98 -77.05
N SER G 273 3.43 -18.22 -77.51
CA SER G 273 2.69 -19.33 -76.93
C SER G 273 3.14 -19.65 -75.52
N ARG G 274 4.42 -19.49 -75.20
CA ARG G 274 4.95 -19.90 -73.91
C ARG G 274 5.73 -18.76 -73.25
N TYR G 275 5.57 -18.64 -71.93
CA TYR G 275 6.26 -17.63 -71.12
C TYR G 275 6.74 -18.27 -69.83
N LEU G 276 7.84 -17.75 -69.26
CA LEU G 276 8.34 -18.22 -67.97
C LEU G 276 7.95 -17.24 -66.87
N LEU G 277 7.56 -17.75 -65.71
CA LEU G 277 7.16 -16.95 -64.55
C LEU G 277 7.92 -17.41 -63.31
N GLY G 278 8.33 -16.46 -62.47
CA GLY G 278 9.05 -16.79 -61.25
C GLY G 278 8.49 -16.09 -60.03
N ASP G 279 8.63 -16.77 -58.87
CA ASP G 279 8.10 -16.27 -57.60
C ASP G 279 9.19 -16.25 -56.52
N MET G 280 8.84 -15.66 -55.38
CA MET G 280 9.80 -15.35 -54.32
C MET G 280 10.29 -16.58 -53.55
N GLU G 281 9.64 -17.73 -53.70
CA GLU G 281 10.17 -18.97 -53.12
C GLU G 281 11.05 -19.73 -54.10
N GLY G 282 11.37 -19.12 -55.23
CA GLY G 282 12.20 -19.72 -56.25
C GLY G 282 11.45 -20.56 -57.24
N ARG G 283 10.14 -20.71 -57.09
CA ARG G 283 9.39 -21.60 -57.98
C ARG G 283 9.31 -20.98 -59.37
N LEU G 284 9.55 -21.83 -60.37
CA LEU G 284 9.54 -21.43 -61.78
C LEU G 284 8.35 -22.09 -62.47
N PHE G 285 7.54 -21.28 -63.12
CA PHE G 285 6.34 -21.73 -63.79
C PHE G 285 6.46 -21.50 -65.30
N MET G 286 5.66 -22.26 -66.04
CA MET G 286 5.46 -22.05 -67.47
C MET G 286 4.02 -21.57 -67.66
N LEU G 287 3.87 -20.41 -68.29
CA LEU G 287 2.56 -19.89 -68.69
C LEU G 287 2.34 -20.24 -70.15
N LEU G 288 1.27 -20.97 -70.42
CA LEU G 288 1.00 -21.46 -71.76
C LEU G 288 -0.22 -20.75 -72.34
N LEU G 289 -0.10 -20.30 -73.57
CA LEU G 289 -1.20 -19.70 -74.31
C LEU G 289 -1.75 -20.77 -75.25
N GLU G 290 -2.92 -21.32 -74.91
CA GLU G 290 -3.54 -22.38 -75.70
C GLU G 290 -4.20 -21.73 -76.90
N LYS G 291 -3.73 -21.99 -78.11
CA LYS G 291 -4.27 -21.34 -79.28
C LYS G 291 -5.34 -22.20 -79.96
N GLU G 292 -6.35 -21.53 -80.51
CA GLU G 292 -7.33 -22.15 -81.41
C GLU G 292 -6.75 -22.21 -82.81
N GLU G 293 -6.84 -23.39 -83.45
CA GLU G 293 -6.37 -23.56 -84.83
C GLU G 293 -6.95 -22.50 -85.76
N GLN G 294 -6.07 -21.91 -86.56
CA GLN G 294 -6.42 -20.89 -87.53
C GLN G 294 -6.91 -21.57 -88.81
N MET G 295 -8.07 -22.23 -88.70
CA MET G 295 -8.66 -22.80 -89.91
C MET G 295 -8.87 -21.74 -90.96
N ASP G 296 -9.37 -20.61 -90.51
CA ASP G 296 -9.66 -19.42 -91.27
C ASP G 296 -8.45 -18.50 -91.45
N GLY G 297 -7.33 -18.81 -90.80
CA GLY G 297 -6.15 -17.99 -90.83
C GLY G 297 -6.01 -16.96 -89.73
N THR G 298 -7.04 -16.76 -88.92
CA THR G 298 -6.97 -15.90 -87.74
C THR G 298 -6.73 -16.76 -86.51
N VAL G 299 -5.78 -16.36 -85.67
CA VAL G 299 -5.45 -17.15 -84.48
C VAL G 299 -6.06 -16.44 -83.28
N THR G 300 -6.90 -17.16 -82.53
CA THR G 300 -7.51 -16.65 -81.31
C THR G 300 -6.97 -17.42 -80.11
N LEU G 301 -7.17 -16.85 -78.93
CA LEU G 301 -6.65 -17.42 -77.68
C LEU G 301 -7.80 -18.14 -76.98
N LYS G 302 -7.72 -19.48 -76.91
CA LYS G 302 -8.80 -20.24 -76.30
C LYS G 302 -8.65 -20.29 -74.78
N ASP G 303 -7.44 -20.53 -74.25
CA ASP G 303 -7.31 -20.62 -72.80
C ASP G 303 -5.86 -20.41 -72.39
N LEU G 304 -5.66 -20.26 -71.07
CA LEU G 304 -4.37 -20.09 -70.43
C LEU G 304 -4.09 -21.23 -69.45
N ARG G 305 -2.81 -21.57 -69.30
CA ARG G 305 -2.42 -22.66 -68.43
C ARG G 305 -1.15 -22.28 -67.67
N VAL G 306 -1.06 -22.69 -66.41
CA VAL G 306 0.10 -22.43 -65.57
C VAL G 306 0.61 -23.76 -65.03
N GLU G 307 1.89 -24.05 -65.27
CA GLU G 307 2.48 -25.32 -64.88
C GLU G 307 3.77 -25.10 -64.10
N LEU G 308 3.89 -25.78 -62.95
CA LEU G 308 5.09 -25.67 -62.15
C LEU G 308 6.19 -26.55 -62.73
N LEU G 309 7.35 -25.95 -62.96
CA LEU G 309 8.51 -26.68 -63.48
C LEU G 309 9.42 -27.13 -62.34
N GLY G 310 9.68 -26.27 -61.37
CA GLY G 310 10.57 -26.63 -60.26
C GLY G 310 11.00 -25.39 -59.49
N GLU G 311 12.19 -25.47 -58.90
CA GLU G 311 12.74 -24.40 -58.09
C GLU G 311 14.08 -23.95 -58.68
N THR G 312 14.26 -22.65 -58.83
CA THR G 312 15.53 -22.03 -59.17
C THR G 312 15.91 -21.14 -57.99
N SER G 313 16.99 -20.38 -58.13
CA SER G 313 17.27 -19.38 -57.11
C SER G 313 16.23 -18.27 -57.20
N ILE G 314 16.01 -17.57 -56.08
CA ILE G 314 15.08 -16.44 -56.12
C ILE G 314 15.56 -15.43 -57.15
N ALA G 315 14.77 -15.25 -58.21
CA ALA G 315 15.23 -14.57 -59.42
C ALA G 315 14.64 -13.18 -59.56
N GLU G 316 15.50 -12.21 -59.86
CA GLU G 316 15.06 -10.87 -60.27
C GLU G 316 14.58 -10.87 -61.72
N CYS G 317 15.34 -11.52 -62.61
CA CYS G 317 15.05 -11.61 -64.02
C CYS G 317 15.33 -13.01 -64.54
N LEU G 318 14.58 -13.38 -65.56
CA LEU G 318 14.72 -14.64 -66.27
C LEU G 318 15.00 -14.31 -67.73
N THR G 319 15.93 -15.02 -68.35
CA THR G 319 16.12 -14.89 -69.80
C THR G 319 16.35 -16.27 -70.37
N TYR G 320 15.50 -16.68 -71.31
CA TYR G 320 15.60 -17.98 -71.93
C TYR G 320 16.58 -17.94 -73.10
N LEU G 321 17.59 -18.81 -73.06
CA LEU G 321 18.56 -18.97 -74.14
C LEU G 321 18.01 -20.08 -75.05
N ASP G 322 18.74 -20.45 -76.09
CA ASP G 322 18.24 -21.51 -76.96
C ASP G 322 18.70 -22.87 -76.44
N ASN G 323 18.03 -23.94 -76.91
CA ASN G 323 18.29 -25.32 -76.51
C ASN G 323 17.86 -25.62 -75.07
N GLY G 324 16.98 -24.81 -74.50
CA GLY G 324 16.42 -25.11 -73.20
C GLY G 324 17.18 -24.51 -72.03
N VAL G 325 18.21 -23.72 -72.29
CA VAL G 325 19.02 -23.09 -71.25
C VAL G 325 18.33 -21.81 -70.80
N VAL G 326 18.31 -21.56 -69.49
CA VAL G 326 17.73 -20.34 -68.94
C VAL G 326 18.72 -19.72 -67.96
N PHE G 327 18.89 -18.40 -68.04
CA PHE G 327 19.74 -17.69 -67.10
C PHE G 327 18.84 -17.11 -66.01
N VAL G 328 19.06 -17.55 -64.78
CA VAL G 328 18.33 -17.07 -63.62
C VAL G 328 19.18 -15.96 -63.01
N GLY G 329 18.78 -14.72 -63.24
CA GLY G 329 19.48 -13.59 -62.68
C GLY G 329 18.94 -13.31 -61.29
N SER G 330 19.79 -13.43 -60.28
CA SER G 330 19.36 -13.32 -58.90
C SER G 330 20.04 -12.15 -58.21
N ARG G 331 19.25 -11.43 -57.41
CA ARG G 331 19.72 -10.34 -56.56
C ARG G 331 19.89 -10.77 -55.11
N LEU G 332 19.15 -11.79 -54.69
CA LEU G 332 19.18 -12.29 -53.32
C LEU G 332 20.02 -13.53 -53.13
N GLY G 333 20.39 -14.23 -54.20
CA GLY G 333 21.16 -15.46 -54.10
C GLY G 333 22.00 -15.69 -55.33
N ASP G 334 22.64 -16.84 -55.44
CA ASP G 334 23.49 -17.09 -56.59
C ASP G 334 22.68 -17.12 -57.88
N SER G 335 23.20 -16.46 -58.91
CA SER G 335 22.64 -16.55 -60.25
C SER G 335 23.07 -17.87 -60.89
N GLN G 336 22.36 -18.28 -61.92
CA GLN G 336 22.60 -19.61 -62.47
C GLN G 336 22.14 -19.72 -63.91
N LEU G 337 22.69 -20.73 -64.59
CA LEU G 337 22.12 -21.29 -65.81
C LEU G 337 21.45 -22.62 -65.44
N VAL G 338 20.23 -22.82 -65.93
CA VAL G 338 19.49 -24.04 -65.63
C VAL G 338 19.05 -24.69 -66.93
N LYS G 339 18.89 -26.01 -66.89
CA LYS G 339 18.43 -26.80 -68.02
C LYS G 339 16.95 -27.07 -67.79
N LEU G 340 16.12 -26.67 -68.75
CA LEU G 340 14.70 -26.99 -68.72
C LEU G 340 14.53 -28.27 -69.53
N ASN G 341 14.04 -29.32 -68.89
CA ASN G 341 13.91 -30.61 -69.53
C ASN G 341 12.46 -30.93 -69.85
N VAL G 342 12.28 -31.75 -70.88
CA VAL G 342 10.96 -32.30 -71.17
C VAL G 342 10.64 -33.36 -70.12
N ASP G 343 11.67 -34.03 -69.61
CA ASP G 343 11.51 -35.10 -68.63
C ASP G 343 11.67 -34.60 -67.20
N SER G 344 10.76 -35.06 -66.33
CA SER G 344 10.85 -34.78 -64.90
C SER G 344 11.91 -35.68 -64.27
N ASN G 345 12.53 -35.18 -63.20
CA ASN G 345 13.54 -35.97 -62.51
C ASN G 345 12.92 -36.79 -61.38
N GLU G 346 13.77 -37.40 -60.54
CA GLU G 346 13.30 -38.32 -59.53
C GLU G 346 12.42 -37.64 -58.48
N GLN G 347 12.49 -36.31 -58.39
CA GLN G 347 11.68 -35.55 -57.45
C GLN G 347 10.44 -34.92 -58.09
N GLY G 348 10.26 -35.07 -59.40
CA GLY G 348 9.17 -34.42 -60.10
C GLY G 348 9.48 -33.09 -60.73
N SER G 349 10.73 -32.65 -60.69
CA SER G 349 11.14 -31.34 -61.20
C SER G 349 11.64 -31.47 -62.65
N TYR G 350 11.36 -30.42 -63.42
CA TYR G 350 11.85 -30.32 -64.80
C TYR G 350 13.08 -29.41 -64.92
N VAL G 351 13.65 -28.95 -63.81
CA VAL G 351 14.73 -27.96 -63.80
C VAL G 351 16.00 -28.58 -63.22
N VAL G 352 17.11 -28.43 -63.94
CA VAL G 352 18.41 -28.95 -63.50
C VAL G 352 19.48 -27.90 -63.64
N ALA G 353 20.22 -27.66 -62.55
CA ALA G 353 21.26 -26.64 -62.57
C ALA G 353 22.42 -27.08 -63.45
N MET G 354 22.89 -26.18 -64.31
CA MET G 354 24.09 -26.38 -65.09
C MET G 354 25.28 -25.69 -64.42
N GLU G 355 25.19 -24.37 -64.26
CA GLU G 355 26.26 -23.56 -63.70
C GLU G 355 25.69 -22.71 -62.58
N THR G 356 26.57 -22.35 -61.65
CA THR G 356 26.22 -21.49 -60.53
C THR G 356 27.21 -20.33 -60.48
N PHE G 357 26.69 -19.11 -60.54
CA PHE G 357 27.52 -17.92 -60.54
C PHE G 357 27.48 -17.31 -59.15
N THR G 358 28.64 -17.19 -58.52
CA THR G 358 28.68 -16.68 -57.16
C THR G 358 28.05 -15.30 -57.14
N ASN G 359 27.12 -15.11 -56.21
CA ASN G 359 26.55 -13.80 -55.92
C ASN G 359 26.73 -13.62 -54.42
N LEU G 360 27.55 -12.63 -54.04
CA LEU G 360 27.69 -12.31 -52.61
C LEU G 360 26.38 -11.80 -52.02
N GLY G 361 25.36 -11.60 -52.85
CA GLY G 361 24.02 -11.29 -52.40
C GLY G 361 24.03 -10.07 -51.53
N PRO G 362 22.90 -9.75 -50.90
CA PRO G 362 22.92 -8.69 -49.87
C PRO G 362 23.89 -9.07 -48.76
N ILE G 363 24.88 -8.22 -48.52
CA ILE G 363 25.83 -8.41 -47.44
C ILE G 363 25.24 -7.64 -46.26
N VAL G 364 24.49 -8.35 -45.43
CA VAL G 364 23.78 -7.73 -44.32
C VAL G 364 24.73 -7.46 -43.17
N ASP G 365 25.77 -8.27 -43.03
CA ASP G 365 26.79 -8.07 -42.00
C ASP G 365 28.04 -8.79 -42.48
N MET G 366 29.16 -8.53 -41.81
CA MET G 366 30.38 -9.25 -42.11
C MET G 366 31.36 -9.02 -40.96
N CYS G 367 32.34 -9.91 -40.86
CA CYS G 367 33.40 -9.77 -39.88
C CYS G 367 34.72 -10.22 -40.50
N VAL G 368 35.81 -9.63 -40.02
CA VAL G 368 37.16 -9.95 -40.46
C VAL G 368 37.81 -10.79 -39.37
N VAL G 369 38.36 -11.94 -39.75
CA VAL G 369 38.98 -12.85 -38.79
C VAL G 369 40.25 -13.40 -39.42
N ASP G 370 41.31 -13.45 -38.63
CA ASP G 370 42.60 -14.01 -39.06
C ASP G 370 42.63 -15.48 -38.62
N LEU G 371 42.01 -16.33 -39.44
CA LEU G 371 41.91 -17.75 -39.08
C LEU G 371 43.26 -18.45 -39.13
N GLU G 372 44.10 -18.11 -40.12
CA GLU G 372 45.40 -18.75 -40.21
C GLU G 372 46.41 -18.16 -39.25
N ARG G 373 46.04 -17.07 -38.57
CA ARG G 373 46.93 -16.34 -37.67
C ARG G 373 48.19 -15.88 -38.39
N GLN G 374 48.09 -15.75 -39.72
CA GLN G 374 49.22 -15.32 -40.52
C GLN G 374 49.22 -13.81 -40.67
N GLY G 375 48.15 -13.16 -40.25
CA GLY G 375 48.03 -11.76 -40.51
C GLY G 375 47.32 -11.43 -41.80
N GLN G 376 47.02 -12.43 -42.64
CA GLN G 376 46.39 -12.14 -43.91
C GLN G 376 44.97 -11.60 -43.73
N GLY G 377 44.18 -12.26 -42.88
CA GLY G 377 42.80 -11.86 -42.64
C GLY G 377 41.80 -12.24 -43.70
N GLN G 378 40.65 -12.78 -43.27
CA GLN G 378 39.58 -13.24 -44.13
C GLN G 378 38.26 -12.59 -43.76
N LEU G 379 37.38 -12.45 -44.75
CA LEU G 379 36.08 -11.80 -44.56
C LEU G 379 34.97 -12.85 -44.57
N VAL G 380 34.28 -13.01 -43.44
CA VAL G 380 33.14 -13.91 -43.30
C VAL G 380 31.88 -13.05 -43.28
N THR G 381 31.00 -13.25 -44.27
CA THR G 381 29.87 -12.36 -44.50
C THR G 381 28.54 -13.07 -44.28
N CYS G 382 27.55 -12.31 -43.81
CA CYS G 382 26.15 -12.76 -43.84
C CYS G 382 25.55 -12.35 -45.18
N SER G 383 25.30 -13.32 -46.06
CA SER G 383 24.92 -13.01 -47.42
C SER G 383 23.60 -13.70 -47.78
N GLY G 384 22.82 -12.99 -48.59
CA GLY G 384 21.57 -13.51 -49.11
C GLY G 384 20.41 -13.31 -48.16
N ALA G 385 19.24 -13.76 -48.61
CA ALA G 385 18.03 -13.71 -47.82
C ALA G 385 17.18 -14.93 -48.15
N PHE G 386 16.34 -15.32 -47.19
CA PHE G 386 15.39 -16.43 -47.32
C PHE G 386 16.17 -17.69 -47.69
N LYS G 387 15.73 -18.47 -48.68
CA LYS G 387 16.37 -19.76 -48.92
C LYS G 387 17.78 -19.63 -49.47
N GLU G 388 18.13 -18.46 -49.98
CA GLU G 388 19.45 -18.18 -50.53
C GLU G 388 20.43 -17.73 -49.45
N GLY G 389 19.98 -17.67 -48.21
CA GLY G 389 20.88 -17.22 -47.15
C GLY G 389 22.07 -18.13 -47.01
N SER G 390 23.23 -17.51 -46.77
CA SER G 390 24.48 -18.23 -46.71
C SER G 390 25.50 -17.41 -45.95
N LEU G 391 26.49 -18.09 -45.37
CA LEU G 391 27.73 -17.46 -44.93
C LEU G 391 28.76 -17.67 -46.04
N ARG G 392 29.57 -16.66 -46.30
CA ARG G 392 30.58 -16.71 -47.35
C ARG G 392 31.93 -16.30 -46.78
N ILE G 393 32.94 -17.12 -47.03
CA ILE G 393 34.31 -16.86 -46.58
C ILE G 393 35.13 -16.40 -47.77
N ILE G 394 35.65 -15.17 -47.68
CA ILE G 394 36.39 -14.53 -48.76
C ILE G 394 37.82 -14.33 -48.27
N ARG G 395 38.78 -14.86 -49.02
CA ARG G 395 40.20 -14.69 -48.70
C ARG G 395 40.93 -14.18 -49.93
N ASN G 396 41.91 -13.31 -49.70
CA ASN G 396 42.71 -12.83 -50.79
C ASN G 396 43.66 -13.94 -51.20
N GLY G 397 43.77 -14.19 -52.50
CA GLY G 397 44.54 -15.33 -52.96
C GLY G 397 46.02 -15.07 -53.09
N ILE G 398 46.75 -15.22 -51.99
CA ILE G 398 48.19 -15.00 -51.99
C ILE G 398 48.86 -16.12 -52.80
N LYS G 409 42.78 -12.89 -57.98
CA LYS G 409 41.36 -13.02 -57.70
C LYS G 409 41.11 -13.47 -56.25
N LEU G 410 39.88 -13.31 -55.81
CA LEU G 410 39.42 -13.71 -54.48
C LEU G 410 38.77 -15.08 -54.50
N HIS G 411 39.08 -15.88 -53.49
CA HIS G 411 38.47 -17.20 -53.30
C HIS G 411 37.34 -17.13 -52.29
N ILE G 412 36.16 -17.59 -52.70
CA ILE G 412 34.94 -17.47 -51.91
C ILE G 412 34.41 -18.88 -51.69
N ARG G 413 34.22 -19.25 -50.43
CA ARG G 413 33.59 -20.50 -50.04
C ARG G 413 32.20 -20.21 -49.52
N THR G 414 31.21 -20.96 -49.98
CA THR G 414 29.83 -20.70 -49.63
C THR G 414 29.37 -21.74 -48.61
N VAL G 415 28.83 -21.28 -47.49
CA VAL G 415 28.27 -22.15 -46.46
C VAL G 415 26.77 -21.86 -46.47
N PRO G 416 25.97 -22.68 -47.16
CA PRO G 416 24.53 -22.35 -47.30
C PRO G 416 23.81 -22.54 -45.99
N LEU G 417 22.87 -21.63 -45.71
CA LEU G 417 22.09 -21.71 -44.48
C LEU G 417 20.62 -22.01 -44.73
N TYR G 418 20.11 -21.69 -45.92
CA TYR G 418 18.70 -21.93 -46.25
C TYR G 418 17.76 -21.13 -45.34
N GLU G 419 18.29 -20.11 -44.66
CA GLU G 419 17.48 -19.15 -43.92
C GLU G 419 18.28 -17.85 -43.90
N SER G 420 17.63 -16.76 -43.53
CA SER G 420 18.23 -15.45 -43.66
C SER G 420 19.25 -15.21 -42.55
N PRO G 421 20.53 -14.98 -42.86
CA PRO G 421 21.49 -14.55 -41.83
C PRO G 421 21.43 -13.04 -41.68
N ARG G 422 21.53 -12.55 -40.44
CA ARG G 422 21.39 -11.14 -40.14
C ARG G 422 22.60 -10.51 -39.49
N LYS G 423 23.22 -11.16 -38.51
CA LYS G 423 24.41 -10.63 -37.86
C LYS G 423 25.39 -11.76 -37.63
N ILE G 424 26.68 -11.43 -37.61
CA ILE G 424 27.74 -12.41 -37.38
C ILE G 424 28.77 -11.81 -36.42
N CYS G 425 29.32 -12.65 -35.56
CA CYS G 425 30.32 -12.22 -34.59
C CYS G 425 31.20 -13.43 -34.28
N TYR G 426 32.51 -13.20 -34.23
CA TYR G 426 33.50 -14.25 -34.05
C TYR G 426 33.98 -14.29 -32.60
N GLN G 427 34.10 -15.50 -32.06
CA GLN G 427 34.56 -15.73 -30.69
C GLN G 427 35.72 -16.72 -30.72
N GLU G 428 36.96 -16.23 -30.55
CA GLU G 428 38.10 -17.14 -30.64
C GLU G 428 38.09 -18.13 -29.48
N VAL G 429 37.74 -17.66 -28.29
CA VAL G 429 37.70 -18.55 -27.12
C VAL G 429 36.95 -19.83 -27.41
N SER G 430 35.93 -19.77 -28.27
CA SER G 430 35.14 -20.95 -28.60
C SER G 430 35.40 -21.46 -30.01
N GLN G 431 36.36 -20.90 -30.73
CA GLN G 431 36.66 -21.34 -32.09
C GLN G 431 35.38 -21.47 -32.90
N CYS G 432 34.49 -20.52 -32.73
CA CYS G 432 33.19 -20.57 -33.37
C CYS G 432 32.75 -19.17 -33.77
N PHE G 433 31.80 -19.11 -34.68
CA PHE G 433 31.13 -17.89 -35.08
C PHE G 433 29.73 -17.92 -34.48
N GLY G 434 29.26 -16.76 -34.03
CA GLY G 434 27.86 -16.58 -33.67
C GLY G 434 27.13 -15.87 -34.79
N VAL G 435 25.94 -16.37 -35.12
CA VAL G 435 25.16 -15.81 -36.20
C VAL G 435 23.70 -15.70 -35.80
N LEU G 436 23.13 -14.50 -35.97
CA LEU G 436 21.71 -14.28 -35.81
C LEU G 436 21.02 -14.53 -37.15
N SER G 437 19.91 -15.26 -37.12
CA SER G 437 19.21 -15.63 -38.33
C SER G 437 17.70 -15.71 -38.09
N SER G 438 16.94 -15.60 -39.17
CA SER G 438 15.48 -15.76 -39.12
C SER G 438 15.01 -16.60 -40.30
N ARG G 439 14.04 -17.47 -40.03
CA ARG G 439 13.43 -18.34 -41.02
C ARG G 439 11.92 -18.10 -41.01
N ILE G 440 11.30 -18.21 -42.19
CA ILE G 440 9.87 -17.93 -42.34
C ILE G 440 9.07 -19.21 -42.20
N GLU G 441 8.16 -19.23 -41.23
CA GLU G 441 7.13 -20.25 -41.09
C GLU G 441 5.78 -19.61 -41.38
N VAL G 442 4.77 -20.46 -41.60
CA VAL G 442 3.44 -20.00 -41.97
C VAL G 442 2.42 -20.58 -40.98
N GLN G 443 1.46 -19.75 -40.59
CA GLN G 443 0.42 -20.15 -39.68
C GLN G 443 -0.36 -21.31 -40.28
N ASP G 444 -0.45 -22.42 -39.56
CA ASP G 444 -1.08 -23.62 -40.13
C ASP G 444 -2.34 -24.00 -39.35
N THR G 445 -3.01 -25.05 -39.86
CA THR G 445 -4.32 -25.45 -39.37
C THR G 445 -4.28 -26.06 -37.97
N SER G 446 -3.10 -26.33 -37.43
CA SER G 446 -2.98 -26.79 -36.06
C SER G 446 -3.06 -25.67 -35.04
N GLY G 447 -3.05 -24.41 -35.47
CA GLY G 447 -2.86 -23.30 -34.58
C GLY G 447 -1.42 -22.91 -34.40
N GLY G 448 -0.50 -23.84 -34.64
CA GLY G 448 0.91 -23.55 -34.65
C GLY G 448 1.35 -23.10 -36.04
N THR G 449 2.64 -23.25 -36.30
CA THR G 449 3.19 -22.84 -37.57
C THR G 449 4.04 -23.97 -38.15
N THR G 450 4.32 -23.87 -39.45
CA THR G 450 5.05 -24.90 -40.16
C THR G 450 6.11 -24.26 -41.04
N ALA G 451 7.33 -24.79 -40.95
CA ALA G 451 8.43 -24.31 -41.78
C ALA G 451 8.35 -24.93 -43.16
N LEU G 452 8.59 -24.10 -44.18
CA LEU G 452 8.46 -24.49 -45.58
C LEU G 452 9.62 -25.34 -46.07
N ARG G 453 10.72 -25.37 -45.33
CA ARG G 453 11.98 -26.01 -45.71
C ARG G 453 12.77 -26.27 -44.46
N PRO G 454 13.65 -27.26 -44.45
CA PRO G 454 14.59 -27.40 -43.33
C PRO G 454 15.69 -26.37 -43.50
N SER G 455 16.20 -25.86 -42.39
CA SER G 455 17.25 -24.85 -42.50
C SER G 455 18.14 -24.92 -41.26
N ALA G 456 19.15 -24.03 -41.25
CA ALA G 456 20.22 -24.11 -40.26
C ALA G 456 19.68 -24.17 -38.85
N SER G 457 18.69 -23.35 -38.52
CA SER G 457 18.23 -23.25 -37.15
C SER G 457 17.52 -24.53 -36.69
N THR G 458 17.00 -25.32 -37.63
CA THR G 458 16.37 -26.60 -37.31
C THR G 458 17.29 -27.80 -37.47
N GLN G 459 18.41 -27.67 -38.19
CA GLN G 459 19.30 -28.78 -38.47
C GLN G 459 20.59 -28.72 -37.66
N ALA G 460 20.55 -28.00 -36.54
CA ALA G 460 21.69 -27.94 -35.64
C ALA G 460 21.90 -29.29 -34.96
N LEU G 461 23.16 -29.56 -34.58
CA LEU G 461 23.44 -30.79 -33.86
C LEU G 461 22.62 -30.86 -32.58
N SER G 462 22.77 -29.87 -31.71
CA SER G 462 21.93 -29.65 -30.54
C SER G 462 21.20 -28.32 -30.69
N SER G 463 20.05 -28.19 -30.02
CA SER G 463 19.25 -26.98 -30.14
C SER G 463 18.53 -26.69 -28.83
N SER G 464 18.07 -25.45 -28.69
CA SER G 464 17.36 -25.00 -27.50
C SER G 464 16.37 -23.92 -27.88
N VAL G 465 15.44 -23.64 -26.95
CA VAL G 465 14.40 -22.63 -27.13
C VAL G 465 14.32 -21.80 -25.85
N SER G 466 14.24 -20.47 -26.00
CA SER G 466 14.17 -19.61 -24.83
C SER G 466 12.92 -19.94 -24.02
N SER G 467 13.10 -20.02 -22.70
CA SER G 467 12.01 -20.26 -21.78
C SER G 467 11.67 -19.00 -20.98
N SER G 468 12.13 -17.85 -21.44
CA SER G 468 11.96 -16.62 -20.70
C SER G 468 10.49 -16.40 -20.39
N LYS G 469 10.21 -16.07 -19.13
CA LYS G 469 8.87 -15.74 -18.68
C LYS G 469 8.72 -14.24 -18.48
N LEU G 470 9.72 -13.47 -18.93
CA LEU G 470 9.78 -12.04 -18.64
C LEU G 470 8.55 -11.30 -19.10
N PHE G 471 8.07 -11.57 -20.32
CA PHE G 471 6.97 -10.81 -20.85
C PHE G 471 5.59 -11.37 -20.56
N SER G 472 5.49 -12.58 -20.01
CA SER G 472 4.21 -13.15 -19.60
C SER G 472 3.19 -13.06 -20.73
N SER G 473 1.90 -13.10 -20.44
CA SER G 473 0.91 -12.95 -21.50
C SER G 473 0.65 -11.50 -21.85
N SER G 474 1.02 -10.57 -20.98
CA SER G 474 0.86 -9.14 -21.21
C SER G 474 -0.52 -8.81 -21.80
N THR G 475 -1.54 -9.50 -21.29
CA THR G 475 -2.93 -9.35 -21.73
C THR G 475 -3.07 -9.15 -23.22
N ALA G 476 -2.16 -9.70 -24.02
CA ALA G 476 -2.16 -9.51 -25.47
C ALA G 476 -2.15 -10.80 -26.26
N PRO G 477 -3.28 -11.53 -26.31
CA PRO G 477 -3.33 -12.69 -27.20
C PRO G 477 -3.64 -12.21 -28.62
N HIS G 478 -2.60 -12.03 -29.44
CA HIS G 478 -2.79 -11.51 -30.79
C HIS G 478 -3.34 -12.56 -31.74
N GLU G 479 -4.41 -12.20 -32.44
CA GLU G 479 -5.09 -13.14 -33.32
C GLU G 479 -4.17 -13.56 -34.45
N THR G 480 -4.14 -14.86 -34.73
CA THR G 480 -3.30 -15.44 -35.77
C THR G 480 -4.21 -16.06 -36.81
N SER G 481 -4.02 -15.67 -38.05
CA SER G 481 -4.82 -16.15 -39.17
C SER G 481 -4.04 -17.11 -40.04
N PHE G 482 -4.72 -18.15 -40.50
CA PHE G 482 -4.08 -19.15 -41.34
C PHE G 482 -3.51 -18.52 -42.59
N GLY G 483 -2.29 -18.93 -42.94
CA GLY G 483 -1.62 -18.47 -44.14
C GLY G 483 -0.69 -17.31 -43.91
N GLU G 484 -0.79 -16.64 -42.76
CA GLU G 484 0.09 -15.54 -42.45
C GLU G 484 1.51 -16.05 -42.19
N GLU G 485 2.49 -15.27 -42.61
CA GLU G 485 3.90 -15.59 -42.36
C GLU G 485 4.29 -15.06 -40.99
N VAL G 486 5.28 -15.73 -40.37
CA VAL G 486 5.92 -15.22 -39.17
C VAL G 486 7.41 -15.49 -39.30
N GLU G 487 8.21 -14.62 -38.68
CA GLU G 487 9.65 -14.86 -38.60
C GLU G 487 9.96 -15.56 -37.29
N VAL G 488 10.87 -16.52 -37.34
CA VAL G 488 11.39 -17.17 -36.15
C VAL G 488 12.88 -16.93 -36.11
N HIS G 489 13.35 -16.31 -35.03
CA HIS G 489 14.73 -15.86 -34.92
C HIS G 489 15.56 -16.81 -34.07
N ASN G 490 16.79 -17.03 -34.50
CA ASN G 490 17.69 -17.98 -33.87
C ASN G 490 19.08 -17.38 -33.74
N LEU G 491 19.80 -17.82 -32.71
CA LEU G 491 21.24 -17.60 -32.60
C LEU G 491 21.92 -18.92 -32.96
N LEU G 492 22.81 -18.88 -33.93
CA LEU G 492 23.48 -20.08 -34.43
C LEU G 492 24.94 -20.04 -34.01
N ILE G 493 25.42 -21.16 -33.47
CA ILE G 493 26.82 -21.37 -33.17
C ILE G 493 27.41 -22.20 -34.29
N ILE G 494 28.44 -21.68 -34.95
CA ILE G 494 29.01 -22.27 -36.17
C ILE G 494 30.51 -22.48 -35.99
N ASP G 495 30.97 -23.70 -36.27
CA ASP G 495 32.39 -24.03 -36.15
C ASP G 495 33.24 -23.28 -37.17
N GLN G 496 34.42 -22.85 -36.73
CA GLN G 496 35.24 -21.98 -37.57
C GLN G 496 36.00 -22.76 -38.64
N HIS G 497 35.97 -24.09 -38.62
CA HIS G 497 36.66 -24.91 -39.62
C HIS G 497 35.70 -25.66 -40.54
N THR G 498 34.71 -26.33 -39.97
CA THR G 498 33.74 -27.06 -40.75
C THR G 498 32.53 -26.20 -41.11
N PHE G 499 32.28 -25.13 -40.34
CA PHE G 499 31.10 -24.29 -40.54
C PHE G 499 29.82 -25.10 -40.42
N GLU G 500 29.88 -26.12 -39.57
CA GLU G 500 28.73 -26.89 -39.17
C GLU G 500 27.96 -26.16 -38.06
N VAL G 501 26.64 -26.26 -38.08
CA VAL G 501 25.82 -25.62 -37.05
C VAL G 501 25.91 -26.50 -35.81
N LEU G 502 26.69 -26.07 -34.83
CA LEU G 502 26.88 -26.87 -33.63
C LEU G 502 25.68 -26.78 -32.69
N HIS G 503 25.09 -25.59 -32.59
CA HIS G 503 23.97 -25.36 -31.71
C HIS G 503 23.12 -24.26 -32.31
N ALA G 504 21.82 -24.33 -32.05
CA ALA G 504 20.87 -23.32 -32.47
C ALA G 504 19.96 -22.98 -31.29
N HIS G 505 19.85 -21.69 -31.00
CA HIS G 505 18.96 -21.23 -29.94
C HIS G 505 17.84 -20.40 -30.57
N GLN G 506 16.61 -20.80 -30.32
CA GLN G 506 15.44 -20.13 -30.85
C GLN G 506 14.90 -19.14 -29.82
N PHE G 507 14.66 -17.91 -30.27
CA PHE G 507 14.18 -16.86 -29.41
C PHE G 507 12.66 -16.95 -29.26
N LEU G 508 12.11 -16.03 -28.47
CA LEU G 508 10.70 -16.08 -28.11
C LEU G 508 9.80 -15.92 -29.32
N GLN G 509 8.54 -16.34 -29.15
CA GLN G 509 7.52 -16.10 -30.16
C GLN G 509 7.35 -14.61 -30.39
N ASN G 510 7.48 -14.19 -31.65
CA ASN G 510 7.41 -12.80 -32.07
C ASN G 510 8.60 -11.97 -31.58
N GLU G 511 9.71 -12.61 -31.19
CA GLU G 511 10.92 -11.89 -30.83
C GLU G 511 11.91 -11.90 -31.99
N TYR G 512 12.34 -10.72 -32.41
CA TYR G 512 13.29 -10.54 -33.50
C TYR G 512 14.64 -10.15 -32.90
N ALA G 513 15.71 -10.85 -33.29
CA ALA G 513 17.06 -10.53 -32.86
C ALA G 513 17.67 -9.46 -33.75
N LEU G 514 18.23 -8.42 -33.14
CA LEU G 514 18.73 -7.28 -33.89
C LEU G 514 20.24 -7.03 -33.75
N SER G 515 20.84 -7.35 -32.61
CA SER G 515 22.23 -7.02 -32.36
C SER G 515 22.94 -8.20 -31.72
N LEU G 516 24.24 -8.31 -31.99
CA LEU G 516 25.04 -9.43 -31.51
C LEU G 516 26.48 -8.99 -31.27
N VAL G 517 27.00 -9.33 -30.08
CA VAL G 517 28.40 -9.11 -29.75
C VAL G 517 28.98 -10.33 -29.06
N SER G 518 30.30 -10.45 -29.14
CA SER G 518 31.09 -11.43 -28.39
C SER G 518 32.12 -10.64 -27.61
N CYS G 519 32.10 -10.78 -26.28
CA CYS G 519 33.03 -10.00 -25.47
C CYS G 519 33.04 -10.49 -24.03
N LYS G 520 34.09 -10.08 -23.31
CA LYS G 520 34.18 -10.21 -21.86
C LYS G 520 33.73 -8.90 -21.23
N LEU G 521 33.06 -8.99 -20.07
CA LEU G 521 32.55 -7.80 -19.39
C LEU G 521 33.02 -7.78 -17.94
N GLY G 522 33.19 -6.57 -17.42
CA GLY G 522 33.58 -6.40 -16.03
C GLY G 522 34.88 -7.13 -15.74
N LYS G 523 34.93 -7.80 -14.59
CA LYS G 523 36.05 -8.68 -14.27
C LYS G 523 35.71 -10.16 -14.49
N ASP G 524 34.67 -10.44 -15.25
CA ASP G 524 34.24 -11.82 -15.49
C ASP G 524 35.08 -12.40 -16.62
N PRO G 525 35.88 -13.46 -16.37
CA PRO G 525 36.79 -13.95 -17.41
C PRO G 525 36.09 -14.68 -18.54
N ASN G 526 34.84 -15.07 -18.38
CA ASN G 526 34.17 -15.83 -19.41
C ASN G 526 33.85 -14.93 -20.60
N THR G 527 33.96 -15.48 -21.79
CA THR G 527 33.61 -14.76 -23.01
C THR G 527 32.17 -15.12 -23.37
N TYR G 528 31.32 -14.12 -23.50
CA TYR G 528 29.89 -14.33 -23.67
C TYR G 528 29.44 -13.90 -25.06
N PHE G 529 28.36 -14.53 -25.53
CA PHE G 529 27.56 -14.03 -26.64
C PHE G 529 26.41 -13.21 -26.07
N ILE G 530 26.25 -11.97 -26.52
CA ILE G 530 25.19 -11.10 -26.03
C ILE G 530 24.32 -10.68 -27.22
N VAL G 531 23.01 -10.85 -27.06
CA VAL G 531 22.05 -10.61 -28.13
C VAL G 531 21.04 -9.57 -27.69
N GLY G 532 20.75 -8.62 -28.58
CA GLY G 532 19.72 -7.63 -28.37
C GLY G 532 18.52 -7.95 -29.25
N THR G 533 17.33 -7.90 -28.64
CA THR G 533 16.11 -8.33 -29.29
C THR G 533 15.04 -7.26 -29.18
N ALA G 534 13.93 -7.50 -29.88
CA ALA G 534 12.76 -6.62 -29.87
C ALA G 534 11.52 -7.46 -30.07
N MET G 535 10.48 -7.17 -29.28
CA MET G 535 9.19 -7.85 -29.45
C MET G 535 8.40 -7.15 -30.56
N VAL G 536 8.10 -7.89 -31.63
CA VAL G 536 7.51 -7.31 -32.83
C VAL G 536 6.08 -7.80 -33.01
N TYR G 537 5.12 -6.88 -32.92
CA TYR G 537 3.73 -7.13 -33.26
C TYR G 537 3.31 -6.10 -34.31
N PRO G 538 2.60 -6.49 -35.36
CA PRO G 538 2.25 -5.49 -36.40
C PRO G 538 1.56 -4.25 -35.85
N GLU G 539 0.86 -4.36 -34.72
CA GLU G 539 0.10 -3.23 -34.19
C GLU G 539 1.02 -2.06 -33.78
N GLU G 540 2.22 -2.35 -33.32
CA GLU G 540 3.15 -1.32 -32.86
C GLU G 540 4.00 -0.81 -34.02
N ALA G 541 3.90 0.48 -34.33
CA ALA G 541 4.82 1.04 -35.32
C ALA G 541 6.26 0.90 -34.84
N GLU G 542 6.49 1.14 -33.54
CA GLU G 542 7.79 0.96 -32.95
C GLU G 542 7.64 0.00 -31.76
N PRO G 543 8.47 -1.03 -31.66
CA PRO G 543 8.34 -1.98 -30.53
C PRO G 543 8.52 -1.27 -29.20
N LYS G 544 7.83 -1.78 -28.19
CA LYS G 544 7.89 -1.22 -26.84
C LYS G 544 8.42 -2.22 -25.82
N GLN G 545 8.89 -3.38 -26.28
CA GLN G 545 9.43 -4.43 -25.43
C GLN G 545 10.66 -5.03 -26.07
N GLY G 546 11.59 -5.47 -25.24
CA GLY G 546 12.83 -6.04 -25.77
C GLY G 546 13.70 -6.61 -24.66
N ARG G 547 14.74 -7.32 -25.09
CA ARG G 547 15.65 -7.98 -24.18
C ARG G 547 17.10 -7.81 -24.61
N ILE G 548 17.99 -7.74 -23.62
CA ILE G 548 19.41 -8.06 -23.79
C ILE G 548 19.64 -9.38 -23.08
N VAL G 549 20.20 -10.35 -23.80
CA VAL G 549 20.41 -11.68 -23.26
C VAL G 549 21.89 -12.01 -23.34
N VAL G 550 22.44 -12.52 -22.24
CA VAL G 550 23.84 -12.91 -22.16
C VAL G 550 23.88 -14.43 -22.20
N PHE G 551 24.56 -14.99 -23.19
CA PHE G 551 24.74 -16.43 -23.32
C PHE G 551 26.21 -16.77 -23.07
N GLN G 552 26.46 -18.00 -22.65
CA GLN G 552 27.80 -18.57 -22.62
C GLN G 552 27.78 -19.90 -23.35
N TYR G 553 28.68 -20.05 -24.31
CA TYR G 553 28.85 -21.32 -25.02
C TYR G 553 29.94 -22.13 -24.31
N SER G 554 29.54 -23.24 -23.69
CA SER G 554 30.46 -24.10 -22.96
C SER G 554 30.09 -25.55 -23.24
N ASP G 555 31.08 -26.33 -23.66
CA ASP G 555 30.92 -27.76 -23.86
C ASP G 555 29.76 -28.08 -24.82
N GLY G 556 29.78 -27.41 -25.97
CA GLY G 556 28.88 -27.70 -27.06
C GLY G 556 27.43 -27.29 -26.88
N LYS G 557 27.05 -26.70 -25.75
CA LYS G 557 25.71 -26.20 -25.53
C LYS G 557 25.75 -24.77 -25.01
N LEU G 558 24.76 -23.98 -25.42
CA LEU G 558 24.66 -22.57 -25.07
C LEU G 558 23.84 -22.42 -23.80
N GLN G 559 24.36 -21.65 -22.84
CA GLN G 559 23.73 -21.45 -21.54
C GLN G 559 23.30 -20.00 -21.36
N THR G 560 22.05 -19.80 -20.92
CA THR G 560 21.56 -18.46 -20.62
C THR G 560 22.09 -18.01 -19.25
N VAL G 561 22.88 -16.93 -19.26
CA VAL G 561 23.56 -16.47 -18.07
C VAL G 561 22.80 -15.36 -17.36
N ALA G 562 22.25 -14.42 -18.12
CA ALA G 562 21.58 -13.26 -17.55
C ALA G 562 20.65 -12.68 -18.61
N GLU G 563 19.59 -12.04 -18.13
CA GLU G 563 18.57 -11.45 -18.99
C GLU G 563 18.20 -10.07 -18.48
N LYS G 564 18.10 -9.10 -19.38
CA LYS G 564 17.75 -7.73 -19.03
C LYS G 564 16.58 -7.29 -19.88
N GLU G 565 15.52 -6.79 -19.23
CA GLU G 565 14.36 -6.29 -19.93
C GLU G 565 14.56 -4.82 -20.30
N VAL G 566 14.20 -4.47 -21.54
CA VAL G 566 14.22 -3.09 -21.99
C VAL G 566 12.87 -2.76 -22.64
N LYS G 567 12.58 -1.47 -22.71
CA LYS G 567 11.28 -1.01 -23.23
C LYS G 567 11.40 -0.54 -24.68
N GLY G 568 11.95 -1.38 -25.54
CA GLY G 568 12.17 -1.00 -26.92
C GLY G 568 13.04 -2.02 -27.64
N ALA G 569 13.49 -1.63 -28.83
CA ALA G 569 14.31 -2.49 -29.66
C ALA G 569 15.79 -2.24 -29.39
N VAL G 570 16.56 -3.31 -29.22
CA VAL G 570 18.02 -3.19 -29.01
C VAL G 570 18.64 -3.28 -30.39
N TYR G 571 18.68 -2.14 -31.07
CA TYR G 571 19.15 -2.13 -32.46
C TYR G 571 20.66 -2.39 -32.56
N SER G 572 21.45 -1.84 -31.63
CA SER G 572 22.90 -1.97 -31.73
C SER G 572 23.53 -2.10 -30.34
N MET G 573 24.61 -2.89 -30.28
CA MET G 573 25.41 -3.08 -29.06
C MET G 573 26.88 -3.11 -29.46
N VAL G 574 27.75 -2.76 -28.51
CA VAL G 574 29.19 -2.77 -28.73
C VAL G 574 29.90 -2.87 -27.38
N GLU G 575 31.03 -3.59 -27.34
CA GLU G 575 31.83 -3.66 -26.13
C GLU G 575 32.45 -2.29 -25.89
N PHE G 576 32.39 -1.80 -24.66
CA PHE G 576 32.85 -0.44 -24.36
C PHE G 576 33.60 -0.47 -23.02
N ASN G 577 34.90 -0.73 -23.09
CA ASN G 577 35.76 -0.65 -21.92
C ASN G 577 35.19 -1.46 -20.77
N GLY G 578 34.91 -2.73 -21.04
CA GLY G 578 34.37 -3.63 -20.06
C GLY G 578 32.91 -3.42 -19.74
N LYS G 579 32.29 -2.42 -20.34
CA LYS G 579 30.88 -2.13 -20.17
C LYS G 579 30.14 -2.38 -21.48
N LEU G 580 28.83 -2.58 -21.38
CA LEU G 580 28.02 -2.90 -22.54
C LEU G 580 27.26 -1.65 -22.98
N LEU G 581 27.57 -1.17 -24.17
CA LEU G 581 26.90 -0.01 -24.74
C LEU G 581 25.81 -0.50 -25.68
N ALA G 582 24.57 -0.08 -25.43
CA ALA G 582 23.43 -0.59 -26.18
C ALA G 582 22.46 0.54 -26.46
N SER G 583 21.88 0.52 -27.65
CA SER G 583 20.94 1.55 -28.09
C SER G 583 19.57 0.90 -28.09
N ILE G 584 18.67 1.46 -27.28
CA ILE G 584 17.30 0.97 -27.13
C ILE G 584 16.38 2.09 -27.65
N ASN G 585 15.80 1.89 -28.84
CA ASN G 585 14.95 2.88 -29.48
C ASN G 585 15.65 4.25 -29.57
N SER G 586 15.05 5.28 -28.95
CA SER G 586 15.72 6.59 -28.90
C SER G 586 16.93 6.59 -27.97
N THR G 587 16.85 5.82 -26.89
CA THR G 587 17.85 5.87 -25.84
C THR G 587 19.15 5.17 -26.26
N VAL G 588 20.27 5.75 -25.84
CA VAL G 588 21.58 5.11 -25.90
C VAL G 588 22.03 4.93 -24.47
N ARG G 589 22.25 3.69 -24.06
CA ARG G 589 22.49 3.34 -22.67
C ARG G 589 23.83 2.62 -22.52
N LEU G 590 24.45 2.81 -21.35
CA LEU G 590 25.67 2.10 -20.96
C LEU G 590 25.36 1.20 -19.78
N TYR G 591 25.72 -0.08 -19.89
CA TYR G 591 25.48 -1.07 -18.85
C TYR G 591 26.80 -1.51 -18.24
N GLU G 592 26.78 -1.78 -16.94
CA GLU G 592 27.91 -2.38 -16.22
C GLU G 592 27.57 -3.84 -15.93
N TRP G 593 28.60 -4.69 -15.84
CA TRP G 593 28.44 -6.13 -15.59
C TRP G 593 28.83 -6.39 -14.15
N THR G 594 27.85 -6.71 -13.31
CA THR G 594 28.12 -6.81 -11.88
C THR G 594 28.76 -8.14 -11.50
N THR G 595 29.24 -8.18 -10.26
CA THR G 595 29.76 -9.40 -9.67
C THR G 595 28.68 -10.45 -9.50
N GLU G 596 27.42 -10.06 -9.62
CA GLU G 596 26.27 -10.96 -9.59
C GLU G 596 25.87 -11.47 -10.97
N LYS G 597 26.72 -11.27 -11.98
CA LYS G 597 26.45 -11.70 -13.34
C LYS G 597 25.11 -11.14 -13.84
N GLU G 598 24.90 -9.85 -13.66
CA GLU G 598 23.73 -9.15 -14.21
C GLU G 598 24.09 -7.73 -14.62
N LEU G 599 23.33 -7.21 -15.59
CA LEU G 599 23.55 -5.88 -16.15
C LEU G 599 22.82 -4.80 -15.36
N ARG G 600 23.52 -3.70 -15.08
CA ARG G 600 22.97 -2.56 -14.36
C ARG G 600 23.33 -1.28 -15.10
N THR G 601 22.34 -0.40 -15.29
CA THR G 601 22.53 0.83 -16.05
C THR G 601 23.38 1.87 -15.33
N GLU G 602 24.29 2.50 -16.07
CA GLU G 602 25.06 3.64 -15.55
C GLU G 602 24.53 4.99 -16.04
N CYS G 603 24.35 5.18 -17.35
CA CYS G 603 23.95 6.47 -17.91
C CYS G 603 23.23 6.29 -19.25
N ASN G 604 22.43 7.31 -19.61
CA ASN G 604 21.57 7.24 -20.79
C ASN G 604 21.64 8.56 -21.57
N HIS G 605 21.36 8.48 -22.87
CA HIS G 605 21.23 9.65 -23.74
C HIS G 605 20.00 9.51 -24.61
N TYR G 606 19.18 10.58 -24.67
CA TYR G 606 17.87 10.49 -25.28
C TYR G 606 17.65 11.36 -26.51
N ASN G 607 18.62 12.20 -26.91
CA ASN G 607 18.40 13.10 -28.04
C ASN G 607 18.65 12.36 -29.35
N ASN G 608 17.74 11.43 -29.65
CA ASN G 608 17.82 10.64 -30.88
C ASN G 608 16.40 10.35 -31.36
N ILE G 609 16.25 10.18 -32.67
CA ILE G 609 15.03 9.65 -33.26
C ILE G 609 15.08 8.13 -33.27
N MET G 610 16.11 7.56 -33.87
CA MET G 610 16.33 6.11 -33.79
C MET G 610 17.84 5.88 -33.83
N ALA G 611 18.37 5.28 -32.77
CA ALA G 611 19.81 5.06 -32.61
C ALA G 611 20.20 3.76 -33.28
N LEU G 612 20.29 3.80 -34.62
CA LEU G 612 20.46 2.57 -35.37
C LEU G 612 21.86 2.00 -35.25
N TYR G 613 22.90 2.83 -35.29
CA TYR G 613 24.27 2.32 -35.37
C TYR G 613 25.17 2.90 -34.29
N LEU G 614 26.03 2.06 -33.74
CA LEU G 614 26.98 2.44 -32.70
C LEU G 614 28.37 1.97 -33.09
N LYS G 615 29.36 2.83 -32.87
CA LYS G 615 30.78 2.49 -32.96
C LYS G 615 31.51 3.24 -31.85
N THR G 616 32.63 2.69 -31.37
CA THR G 616 33.37 3.34 -30.30
C THR G 616 34.88 3.38 -30.58
N LYS G 617 35.55 4.30 -29.90
CA LYS G 617 37.01 4.39 -29.92
C LYS G 617 37.43 5.10 -28.64
N GLY G 618 38.10 4.39 -27.74
CA GLY G 618 38.41 4.97 -26.44
C GLY G 618 37.12 5.22 -25.67
N ASP G 619 36.98 6.42 -25.12
CA ASP G 619 35.75 6.83 -24.46
C ASP G 619 34.81 7.58 -25.40
N PHE G 620 35.08 7.54 -26.71
CA PHE G 620 34.28 8.24 -27.71
C PHE G 620 33.28 7.27 -28.33
N ILE G 621 32.06 7.75 -28.59
CA ILE G 621 30.98 6.94 -29.17
C ILE G 621 30.43 7.69 -30.37
N LEU G 622 30.31 6.99 -31.51
CA LEU G 622 29.71 7.55 -32.71
C LEU G 622 28.34 6.93 -32.90
N VAL G 623 27.28 7.74 -32.90
CA VAL G 623 25.91 7.25 -33.03
C VAL G 623 25.38 7.62 -34.40
N GLY G 624 24.71 6.67 -35.04
CA GLY G 624 24.05 6.92 -36.32
C GLY G 624 22.54 6.83 -36.15
N ASP G 625 21.84 7.79 -36.74
CA ASP G 625 20.41 7.97 -36.54
C ASP G 625 19.67 7.72 -37.85
N LEU G 626 18.38 7.46 -37.73
CA LEU G 626 17.57 7.18 -38.92
C LEU G 626 17.53 8.37 -39.86
N MET G 627 17.38 9.58 -39.34
CA MET G 627 17.26 10.77 -40.16
C MET G 627 18.14 11.93 -39.73
N ARG G 628 18.71 11.88 -38.53
CA ARG G 628 19.47 12.99 -37.95
C ARG G 628 20.98 12.87 -38.16
N SER G 629 21.42 12.07 -39.12
CA SER G 629 22.83 11.97 -39.47
C SER G 629 23.60 11.38 -38.29
N VAL G 630 24.73 11.98 -37.90
CA VAL G 630 25.66 11.35 -36.97
C VAL G 630 26.00 12.30 -35.82
N LEU G 631 26.16 11.71 -34.62
CA LEU G 631 26.46 12.42 -33.40
C LEU G 631 27.67 11.80 -32.71
N LEU G 632 28.58 12.65 -32.20
CA LEU G 632 29.69 12.19 -31.39
C LEU G 632 29.35 12.35 -29.91
N LEU G 633 29.22 11.22 -29.22
CA LEU G 633 28.93 11.18 -27.80
C LEU G 633 30.14 10.65 -27.04
N ALA G 634 30.51 11.31 -25.96
CA ALA G 634 31.63 10.87 -25.13
C ALA G 634 31.15 10.58 -23.72
N TYR G 635 31.71 9.52 -23.13
CA TYR G 635 31.47 9.16 -21.74
C TYR G 635 32.38 9.98 -20.84
N LYS G 636 31.80 10.60 -19.82
CA LYS G 636 32.58 11.40 -18.88
C LYS G 636 32.83 10.57 -17.64
N PRO G 637 34.04 10.06 -17.44
CA PRO G 637 34.25 9.09 -16.36
C PRO G 637 34.09 9.70 -14.99
N MET G 638 34.41 10.99 -14.85
CA MET G 638 34.32 11.64 -13.55
C MET G 638 32.87 11.81 -13.09
N GLU G 639 31.96 12.03 -14.01
CA GLU G 639 30.58 12.36 -13.71
C GLU G 639 29.68 11.16 -13.87
N GLY G 640 30.13 10.15 -14.61
CA GLY G 640 29.37 8.94 -14.86
C GLY G 640 28.19 9.14 -15.79
N ASN G 641 28.39 9.87 -16.89
CA ASN G 641 27.32 10.18 -17.84
C ASN G 641 27.97 10.72 -19.11
N PHE G 642 27.16 10.78 -20.17
CA PHE G 642 27.64 11.18 -21.50
C PHE G 642 27.56 12.70 -21.66
N GLU G 643 28.28 13.23 -22.65
CA GLU G 643 28.13 14.63 -23.05
C GLU G 643 28.38 14.73 -24.56
N GLU G 644 27.54 15.50 -25.24
CA GLU G 644 27.52 15.55 -26.70
C GLU G 644 28.66 16.42 -27.20
N ILE G 645 29.66 15.82 -27.85
CA ILE G 645 30.79 16.59 -28.36
C ILE G 645 30.36 17.40 -29.57
N ALA G 646 29.74 16.75 -30.56
CA ALA G 646 29.41 17.44 -31.80
C ALA G 646 28.41 16.61 -32.59
N ARG G 647 27.47 17.31 -33.23
CA ARG G 647 26.41 16.69 -34.02
C ARG G 647 26.45 17.29 -35.42
N ASP G 648 26.23 16.44 -36.42
CA ASP G 648 26.06 16.90 -37.79
C ASP G 648 24.61 17.32 -37.97
N PHE G 649 24.40 18.58 -38.35
CA PHE G 649 23.04 19.10 -38.46
C PHE G 649 22.47 18.98 -39.87
N ASN G 650 23.17 18.31 -40.80
CA ASN G 650 22.59 18.06 -42.11
C ASN G 650 21.72 16.81 -42.04
N PRO G 651 20.50 16.83 -42.59
CA PRO G 651 19.63 15.66 -42.45
C PRO G 651 20.12 14.59 -43.42
N ASN G 652 20.49 13.43 -42.90
CA ASN G 652 20.88 12.31 -43.76
C ASN G 652 20.25 11.04 -43.22
N TRP G 653 19.75 10.20 -44.12
CA TRP G 653 19.17 8.90 -43.76
C TRP G 653 20.30 7.88 -43.73
N MET G 654 20.64 7.40 -42.53
CA MET G 654 21.86 6.61 -42.35
C MET G 654 21.60 5.14 -42.64
N SER G 655 22.61 4.49 -43.24
CA SER G 655 22.64 3.05 -43.44
C SER G 655 23.73 2.35 -42.65
N ALA G 656 24.81 3.05 -42.31
CA ALA G 656 25.93 2.49 -41.57
C ALA G 656 26.94 3.60 -41.26
N VAL G 657 27.67 3.49 -40.15
CA VAL G 657 28.67 4.47 -39.76
C VAL G 657 29.98 3.75 -39.40
N GLU G 658 31.04 4.55 -39.30
CA GLU G 658 32.34 4.05 -38.88
C GLU G 658 33.22 5.21 -38.44
N ILE G 659 34.12 4.91 -37.50
CA ILE G 659 35.11 5.86 -37.00
C ILE G 659 36.41 5.62 -37.76
N LEU G 660 36.94 6.67 -38.39
CA LEU G 660 38.23 6.54 -39.09
C LEU G 660 39.41 6.82 -38.15
N ASP G 661 39.31 7.89 -37.38
CA ASP G 661 40.32 8.27 -36.39
C ASP G 661 39.65 9.23 -35.41
N ASP G 662 40.43 9.74 -34.48
CA ASP G 662 39.84 10.53 -33.40
C ASP G 662 39.09 11.76 -33.89
N ASP G 663 39.35 12.21 -35.13
CA ASP G 663 38.73 13.43 -35.65
C ASP G 663 37.85 13.22 -36.87
N ASN G 664 38.02 12.14 -37.63
CA ASN G 664 37.25 11.91 -38.85
C ASN G 664 36.23 10.78 -38.66
N PHE G 665 35.03 10.97 -39.21
CA PHE G 665 33.92 10.03 -39.09
C PHE G 665 33.27 9.78 -40.44
N LEU G 666 33.07 8.51 -40.77
CA LEU G 666 32.59 8.10 -42.09
C LEU G 666 31.15 7.61 -42.03
N GLY G 667 30.34 8.01 -42.99
CA GLY G 667 28.94 7.60 -43.01
C GLY G 667 28.46 7.23 -44.40
N ALA G 668 27.45 6.34 -44.44
CA ALA G 668 26.81 5.88 -45.67
C ALA G 668 25.31 6.13 -45.55
N GLU G 669 24.70 6.70 -46.58
CA GLU G 669 23.30 7.09 -46.54
C GLU G 669 22.45 6.35 -47.57
N ASN G 670 21.13 6.34 -47.34
CA ASN G 670 20.21 5.59 -48.16
C ASN G 670 20.10 6.11 -49.58
N ALA G 671 20.75 7.23 -49.89
CA ALA G 671 20.80 7.78 -51.24
C ALA G 671 22.07 7.36 -51.97
N PHE G 672 22.74 6.33 -51.47
CA PHE G 672 23.96 5.77 -52.05
C PHE G 672 25.11 6.77 -52.00
N ASN G 673 25.23 7.51 -50.89
CA ASN G 673 26.32 8.45 -50.75
C ASN G 673 27.17 8.12 -49.53
N LEU G 674 28.46 8.46 -49.63
CA LEU G 674 29.39 8.40 -48.51
C LEU G 674 29.75 9.83 -48.13
N PHE G 675 29.95 10.07 -46.85
CA PHE G 675 30.38 11.38 -46.38
C PHE G 675 31.23 11.23 -45.13
N VAL G 676 32.07 12.25 -44.88
CA VAL G 676 32.99 12.25 -43.76
C VAL G 676 32.79 13.55 -42.97
N CYS G 677 32.54 13.42 -41.69
CA CYS G 677 32.40 14.56 -40.78
C CYS G 677 33.68 14.71 -39.97
N GLN G 678 34.01 15.95 -39.61
CA GLN G 678 35.22 16.24 -38.84
C GLN G 678 34.86 17.15 -37.69
N LYS G 679 35.52 16.95 -36.54
CA LYS G 679 35.39 17.90 -35.45
C LYS G 679 36.04 19.21 -35.86
N ASP G 680 35.42 20.34 -35.51
CA ASP G 680 36.02 21.61 -35.88
C ASP G 680 37.30 21.87 -35.09
N SER G 681 38.24 20.93 -35.14
CA SER G 681 39.54 21.04 -34.48
C SER G 681 39.31 21.29 -32.99
N ALA G 682 39.95 22.29 -32.40
CA ALA G 682 39.79 22.64 -30.99
C ALA G 682 39.53 24.15 -30.95
N ALA G 683 38.39 24.55 -31.47
CA ALA G 683 38.06 25.96 -31.57
C ALA G 683 37.81 26.54 -30.18
N THR G 684 37.79 27.86 -30.12
CA THR G 684 37.45 28.61 -28.91
C THR G 684 35.95 28.94 -28.82
N THR G 685 35.17 28.54 -29.81
CA THR G 685 33.73 28.80 -29.84
C THR G 685 33.04 27.49 -29.50
N ASP G 686 32.13 27.51 -28.51
CA ASP G 686 31.42 26.29 -28.15
C ASP G 686 30.55 25.81 -29.30
N GLU G 687 29.96 26.74 -30.05
CA GLU G 687 29.13 26.36 -31.20
C GLU G 687 29.98 25.71 -32.29
N GLU G 688 31.18 26.23 -32.53
CA GLU G 688 32.03 25.62 -33.55
C GLU G 688 32.47 24.22 -33.14
N ARG G 689 32.80 24.04 -31.86
CA ARG G 689 33.23 22.73 -31.40
C ARG G 689 32.10 21.72 -31.58
N GLN G 690 30.88 22.11 -31.19
CA GLN G 690 29.70 21.26 -31.29
C GLN G 690 29.20 21.01 -32.71
N HIS G 691 29.73 21.70 -33.71
CA HIS G 691 29.34 21.46 -35.08
C HIS G 691 30.26 20.44 -35.71
N LEU G 692 29.66 19.41 -36.33
CA LEU G 692 30.39 18.43 -37.12
C LEU G 692 30.29 18.87 -38.57
N GLN G 693 31.44 19.13 -39.18
CA GLN G 693 31.49 19.64 -40.54
C GLN G 693 31.55 18.49 -41.51
N GLU G 694 30.62 18.46 -42.46
CA GLU G 694 30.74 17.49 -43.55
C GLU G 694 31.87 17.96 -44.45
N VAL G 695 32.98 17.23 -44.41
CA VAL G 695 34.19 17.61 -45.12
C VAL G 695 34.45 16.74 -46.33
N GLY G 696 33.87 15.55 -46.40
CA GLY G 696 34.03 14.69 -47.56
C GLY G 696 32.69 14.25 -48.09
N LEU G 697 32.50 14.33 -49.41
CA LEU G 697 31.27 13.92 -50.06
C LEU G 697 31.60 13.11 -51.30
N PHE G 698 30.90 11.99 -51.48
CA PHE G 698 31.18 11.10 -52.60
C PHE G 698 29.95 10.24 -52.86
N HIS G 699 29.54 10.17 -54.13
CA HIS G 699 28.42 9.33 -54.52
C HIS G 699 28.98 7.94 -54.83
N LEU G 700 28.74 6.99 -53.93
CA LEU G 700 29.26 5.64 -54.11
C LEU G 700 28.49 4.89 -55.19
N GLY G 701 27.17 4.95 -55.17
CA GLY G 701 26.35 4.16 -56.06
C GLY G 701 25.88 2.85 -55.48
N GLU G 702 26.36 2.49 -54.30
CA GLU G 702 25.98 1.26 -53.61
C GLU G 702 25.42 1.57 -52.22
N PHE G 703 24.62 0.63 -51.73
CA PHE G 703 23.96 0.75 -50.43
C PHE G 703 24.82 0.01 -49.42
N VAL G 704 25.42 0.75 -48.49
CA VAL G 704 26.37 0.18 -47.55
C VAL G 704 25.63 -0.31 -46.31
N ASN G 705 25.67 -1.62 -46.06
CA ASN G 705 25.07 -2.14 -44.84
C ASN G 705 26.05 -2.16 -43.66
N VAL G 706 27.34 -2.43 -43.91
CA VAL G 706 28.27 -2.67 -42.81
C VAL G 706 29.63 -2.05 -43.11
N PHE G 707 30.17 -1.32 -42.13
CA PHE G 707 31.55 -0.85 -42.16
C PHE G 707 32.39 -1.69 -41.18
N CYS G 708 33.59 -2.08 -41.61
CA CYS G 708 34.43 -2.98 -40.81
C CYS G 708 35.90 -2.68 -41.01
N HIS G 709 36.61 -2.43 -39.90
CA HIS G 709 38.05 -2.21 -39.95
C HIS G 709 38.79 -3.52 -40.24
N GLY G 710 39.76 -3.47 -41.14
CA GLY G 710 40.58 -4.63 -41.48
C GLY G 710 41.05 -4.57 -42.92
N SER G 711 41.88 -5.55 -43.28
CA SER G 711 42.36 -5.64 -44.66
C SER G 711 42.48 -7.10 -45.06
N LEU G 712 42.14 -7.41 -46.33
CA LEU G 712 42.28 -8.76 -46.84
C LEU G 712 43.70 -9.09 -47.29
N VAL G 713 44.52 -8.08 -47.57
CA VAL G 713 45.91 -8.27 -47.96
C VAL G 713 46.76 -8.51 -46.72
N MET G 714 47.89 -9.19 -46.91
CA MET G 714 48.80 -9.49 -45.81
C MET G 714 49.42 -8.21 -45.25
N GLN G 715 49.43 -8.11 -43.92
CA GLN G 715 49.96 -6.97 -43.17
C GLN G 715 51.27 -7.38 -42.50
N ASN G 716 52.35 -6.67 -42.84
CA ASN G 716 53.69 -6.97 -42.32
C ASN G 716 54.02 -6.10 -41.12
N LEU G 717 54.64 -6.71 -40.10
CA LEU G 717 54.99 -5.99 -38.88
C LEU G 717 55.87 -4.78 -39.15
N GLY G 718 56.91 -4.94 -39.97
CA GLY G 718 57.77 -3.84 -40.36
C GLY G 718 57.06 -2.58 -40.81
N GLU G 719 57.54 -1.42 -40.36
CA GLU G 719 56.89 -0.15 -40.66
C GLU G 719 57.39 0.41 -41.99
N THR G 720 56.46 0.53 -42.95
CA THR G 720 56.69 1.13 -44.26
C THR G 720 55.76 2.33 -44.44
N SER G 721 56.32 3.45 -44.90
CA SER G 721 55.53 4.67 -45.04
C SER G 721 54.60 4.62 -46.25
N THR G 722 53.63 3.71 -46.22
CA THR G 722 52.65 3.60 -47.29
C THR G 722 51.88 4.90 -47.48
N PRO G 723 51.48 5.22 -48.72
CA PRO G 723 50.66 6.42 -48.93
C PRO G 723 49.33 6.37 -48.19
N THR G 724 48.69 5.22 -48.18
CA THR G 724 47.42 5.01 -47.49
C THR G 724 47.62 4.71 -46.02
N GLN G 725 46.77 5.30 -45.18
CA GLN G 725 46.75 5.05 -43.75
C GLN G 725 45.37 4.56 -43.33
N GLY G 726 45.31 3.41 -42.66
CA GLY G 726 44.06 2.83 -42.24
C GLY G 726 43.45 1.91 -43.30
N SER G 727 42.45 1.16 -42.88
CA SER G 727 41.76 0.24 -43.80
C SER G 727 40.37 -0.08 -43.27
N VAL G 728 39.35 0.38 -44.00
CA VAL G 728 37.95 0.04 -43.69
C VAL G 728 37.34 -0.67 -44.90
N LEU G 729 36.85 -1.88 -44.67
CA LEU G 729 36.07 -2.62 -45.63
C LEU G 729 34.59 -2.36 -45.41
N PHE G 730 33.80 -2.44 -46.48
CA PHE G 730 32.36 -2.30 -46.35
C PHE G 730 31.65 -3.21 -47.34
N GLY G 731 30.53 -3.79 -46.90
CA GLY G 731 29.71 -4.62 -47.74
C GLY G 731 28.44 -3.89 -48.16
N THR G 732 27.90 -4.28 -49.31
CA THR G 732 26.77 -3.58 -49.90
C THR G 732 25.67 -4.55 -50.32
N VAL G 733 24.52 -3.96 -50.68
CA VAL G 733 23.36 -4.76 -51.03
C VAL G 733 23.57 -5.51 -52.34
N ASN G 734 24.33 -4.95 -53.28
CA ASN G 734 24.57 -5.62 -54.55
C ASN G 734 25.73 -6.61 -54.50
N GLY G 735 26.35 -6.82 -53.33
CA GLY G 735 27.47 -7.71 -53.21
C GLY G 735 28.83 -7.09 -53.43
N MET G 736 28.87 -5.84 -53.90
CA MET G 736 30.12 -5.11 -54.04
C MET G 736 30.78 -4.99 -52.68
N ILE G 737 32.09 -5.30 -52.61
CA ILE G 737 32.88 -5.06 -51.40
C ILE G 737 33.91 -3.98 -51.72
N GLY G 738 33.93 -2.93 -50.90
CA GLY G 738 34.81 -1.80 -51.11
C GLY G 738 35.76 -1.55 -49.95
N LEU G 739 36.62 -0.54 -50.15
CA LEU G 739 37.68 -0.20 -49.22
C LEU G 739 37.85 1.31 -49.13
N VAL G 740 37.86 1.83 -47.90
CA VAL G 740 38.06 3.25 -47.63
C VAL G 740 39.36 3.41 -46.86
N THR G 741 40.19 4.37 -47.27
CA THR G 741 41.46 4.64 -46.58
C THR G 741 41.74 6.13 -46.62
N SER G 742 42.64 6.57 -45.74
CA SER G 742 43.00 7.98 -45.63
C SER G 742 44.28 8.27 -46.41
N LEU G 743 44.43 9.54 -46.80
CA LEU G 743 45.61 9.99 -47.54
C LEU G 743 46.21 11.19 -46.83
N SER G 744 47.48 11.46 -47.14
CA SER G 744 48.09 12.74 -46.78
C SER G 744 47.69 13.80 -47.81
N GLU G 745 47.74 15.07 -47.37
CA GLU G 745 47.31 16.15 -48.27
C GLU G 745 48.08 16.11 -49.59
N SER G 746 49.38 15.87 -49.54
CA SER G 746 50.16 15.77 -50.76
C SER G 746 49.62 14.67 -51.66
N TRP G 747 49.28 13.52 -51.07
CA TRP G 747 48.85 12.38 -51.87
C TRP G 747 47.50 12.63 -52.49
N TYR G 748 46.59 13.24 -51.74
CA TYR G 748 45.31 13.66 -52.29
C TYR G 748 45.50 14.58 -53.48
N ASN G 749 46.26 15.65 -53.30
CA ASN G 749 46.41 16.64 -54.37
C ASN G 749 46.99 16.00 -55.62
N LEU G 750 47.99 15.13 -55.47
CA LEU G 750 48.55 14.44 -56.62
C LEU G 750 47.46 13.64 -57.32
N LEU G 751 46.74 12.82 -56.55
CA LEU G 751 45.76 11.91 -57.13
C LEU G 751 44.58 12.68 -57.71
N LEU G 752 44.14 13.76 -57.05
CA LEU G 752 43.04 14.55 -57.58
C LEU G 752 43.44 15.18 -58.92
N ASP G 753 44.63 15.75 -58.98
CA ASP G 753 45.12 16.31 -60.24
C ASP G 753 45.16 15.24 -61.32
N MET G 754 45.51 14.01 -60.94
CA MET G 754 45.53 12.93 -61.93
C MET G 754 44.11 12.58 -62.39
N GLN G 755 43.15 12.59 -61.47
CA GLN G 755 41.77 12.30 -61.86
C GLN G 755 41.29 13.29 -62.91
N ASN G 756 41.37 14.58 -62.59
CA ASN G 756 40.93 15.61 -63.53
C ASN G 756 41.68 15.49 -64.85
N ARG G 757 42.91 15.00 -64.82
CA ARG G 757 43.64 14.71 -66.04
C ARG G 757 43.16 13.43 -66.69
N LEU G 758 42.90 12.40 -65.89
CA LEU G 758 42.44 11.13 -66.44
C LEU G 758 41.09 11.29 -67.10
N ASN G 759 40.21 12.11 -66.52
CA ASN G 759 38.86 12.25 -67.05
C ASN G 759 38.87 12.89 -68.44
N LYS G 760 39.82 13.78 -68.71
CA LYS G 760 39.93 14.35 -70.04
C LYS G 760 40.40 13.30 -71.04
N VAL G 761 41.06 12.25 -70.57
CA VAL G 761 41.63 11.24 -71.45
C VAL G 761 40.67 10.08 -71.71
N ILE G 762 39.96 9.63 -70.68
CA ILE G 762 39.22 8.36 -70.71
C ILE G 762 37.82 8.57 -71.27
N LYS G 763 37.40 7.70 -72.20
CA LYS G 763 36.05 7.73 -72.75
C LYS G 763 35.12 6.79 -71.98
N SER G 764 34.02 7.33 -71.46
CA SER G 764 33.02 6.58 -70.70
C SER G 764 31.89 6.12 -71.61
N VAL G 765 31.33 4.96 -71.28
CA VAL G 765 30.15 4.48 -72.00
C VAL G 765 29.00 5.45 -71.75
N GLY G 766 28.33 5.86 -72.82
CA GLY G 766 27.26 6.84 -72.73
C GLY G 766 27.72 8.29 -72.61
N LYS G 767 29.02 8.55 -72.65
CA LYS G 767 29.55 9.91 -72.55
C LYS G 767 29.06 10.60 -71.29
N ILE G 768 29.16 9.90 -70.15
CA ILE G 768 28.76 10.44 -68.86
C ILE G 768 29.96 11.08 -68.16
N GLU G 769 29.82 12.35 -67.79
CA GLU G 769 30.88 13.05 -67.06
C GLU G 769 31.13 12.39 -65.72
N HIS G 770 32.40 12.07 -65.44
CA HIS G 770 32.74 11.41 -64.17
C HIS G 770 32.37 12.27 -62.97
N SER G 771 32.66 13.58 -63.06
CA SER G 771 32.33 14.47 -61.94
C SER G 771 30.85 14.42 -61.61
N PHE G 772 30.00 14.33 -62.64
CA PHE G 772 28.55 14.21 -62.42
C PHE G 772 28.22 12.92 -61.68
N TRP G 773 28.76 11.79 -62.15
CA TRP G 773 28.46 10.50 -61.55
C TRP G 773 28.82 10.49 -60.06
N ARG G 774 30.01 10.95 -59.72
CA ARG G 774 30.44 10.88 -58.33
C ARG G 774 29.93 12.04 -57.48
N SER G 775 29.16 12.96 -58.04
CA SER G 775 28.58 14.03 -57.23
C SER G 775 27.53 13.50 -56.27
N PHE G 776 27.61 13.99 -55.03
CA PHE G 776 26.64 13.67 -53.99
C PHE G 776 25.23 13.95 -54.48
N HIS G 777 24.34 12.97 -54.38
CA HIS G 777 23.04 13.13 -55.02
C HIS G 777 21.91 12.60 -54.15
N THR G 778 20.98 13.48 -53.81
CA THR G 778 19.69 13.13 -53.25
C THR G 778 18.67 13.80 -54.18
N GLU G 779 17.41 13.38 -54.10
CA GLU G 779 16.38 14.07 -54.89
C GLU G 779 16.47 15.58 -54.67
N ARG G 780 16.73 16.00 -53.43
CA ARG G 780 16.66 17.40 -53.07
C ARG G 780 17.98 18.13 -53.33
N LYS G 781 19.13 17.47 -53.10
CA LYS G 781 20.44 18.14 -53.15
C LYS G 781 21.38 17.39 -54.07
N THR G 782 22.09 18.13 -54.92
CA THR G 782 23.19 17.58 -55.72
C THR G 782 24.38 18.52 -55.59
N GLU G 783 25.47 18.01 -55.02
CA GLU G 783 26.70 18.76 -54.80
C GLU G 783 27.88 17.99 -55.39
N PRO G 784 28.93 18.68 -55.84
CA PRO G 784 30.13 17.98 -56.34
C PRO G 784 30.90 17.28 -55.23
N ALA G 785 31.49 16.13 -55.59
CA ALA G 785 32.23 15.34 -54.62
C ALA G 785 33.43 16.11 -54.09
N THR G 786 33.80 15.82 -52.83
CA THR G 786 34.92 16.49 -52.20
C THR G 786 35.53 15.57 -51.15
N GLY G 787 36.86 15.60 -51.06
CA GLY G 787 37.57 14.84 -50.04
C GLY G 787 37.76 13.37 -50.35
N PHE G 788 37.39 12.93 -51.55
CA PHE G 788 37.40 11.52 -51.91
C PHE G 788 38.04 11.32 -53.26
N ILE G 789 38.90 10.31 -53.35
CA ILE G 789 39.57 9.92 -54.60
C ILE G 789 38.95 8.63 -55.10
N ASP G 790 38.39 8.66 -56.31
CA ASP G 790 37.80 7.47 -56.92
C ASP G 790 38.90 6.48 -57.26
N GLY G 791 39.23 5.59 -56.33
CA GLY G 791 40.35 4.70 -56.52
C GLY G 791 40.25 3.84 -57.77
N ASP G 792 39.02 3.51 -58.20
CA ASP G 792 38.85 2.76 -59.43
C ASP G 792 39.22 3.58 -60.67
N LEU G 793 39.13 4.92 -60.58
CA LEU G 793 39.62 5.75 -61.67
C LEU G 793 41.15 5.81 -61.67
N ILE G 794 41.74 6.00 -60.49
CA ILE G 794 43.20 6.02 -60.39
C ILE G 794 43.80 4.70 -60.86
N GLU G 795 43.20 3.58 -60.47
CA GLU G 795 43.77 2.29 -60.85
C GLU G 795 43.61 1.99 -62.34
N SER G 796 42.84 2.77 -63.08
CA SER G 796 42.72 2.57 -64.51
C SER G 796 43.87 3.19 -65.31
N PHE G 797 44.68 4.06 -64.68
CA PHE G 797 45.88 4.60 -65.32
C PHE G 797 46.77 3.50 -65.86
N LEU G 798 46.86 2.37 -65.15
CA LEU G 798 47.72 1.28 -65.58
C LEU G 798 47.23 0.59 -66.84
N ASP G 799 46.00 0.83 -67.26
CA ASP G 799 45.44 0.15 -68.41
C ASP G 799 45.37 1.03 -69.65
N ILE G 800 45.70 2.31 -69.56
CA ILE G 800 45.62 3.21 -70.69
C ILE G 800 46.92 3.12 -71.49
N SER G 801 46.83 3.43 -72.78
CA SER G 801 48.01 3.32 -73.65
C SER G 801 49.05 4.37 -73.26
N ARG G 802 50.31 4.08 -73.60
CA ARG G 802 51.38 5.01 -73.26
C ARG G 802 51.15 6.41 -73.84
N PRO G 803 50.70 6.57 -75.09
CA PRO G 803 50.37 7.94 -75.56
C PRO G 803 49.43 8.68 -74.62
N LYS G 804 48.43 7.98 -74.09
CA LYS G 804 47.50 8.59 -73.14
C LYS G 804 48.19 8.86 -71.80
N MET G 805 49.11 7.99 -71.40
CA MET G 805 49.88 8.23 -70.17
C MET G 805 50.64 9.54 -70.25
N GLN G 806 51.23 9.83 -71.41
CA GLN G 806 51.98 11.06 -71.57
C GLN G 806 51.09 12.29 -71.45
N GLU G 807 49.87 12.23 -72.00
CA GLU G 807 48.95 13.35 -71.84
C GLU G 807 48.72 13.63 -70.37
N VAL G 808 48.70 12.58 -69.55
CA VAL G 808 48.44 12.74 -68.12
C VAL G 808 49.61 13.39 -67.40
N VAL G 809 50.85 12.99 -67.73
CA VAL G 809 52.00 13.49 -66.97
C VAL G 809 52.54 14.81 -67.49
N ALA G 810 52.05 15.30 -68.63
CA ALA G 810 52.50 16.59 -69.13
C ALA G 810 52.22 17.66 -68.10
N ASN G 811 53.23 18.45 -67.77
CA ASN G 811 53.09 19.59 -66.88
C ASN G 811 52.73 19.18 -65.46
N LEU G 812 53.06 17.96 -65.06
CA LEU G 812 52.65 17.42 -63.77
C LEU G 812 53.79 17.47 -62.77
N GLN G 813 53.47 17.94 -61.56
CA GLN G 813 54.44 18.07 -60.48
C GLN G 813 54.21 16.95 -59.47
N TYR G 814 55.31 16.37 -58.99
CA TYR G 814 55.25 15.29 -58.02
C TYR G 814 56.14 15.60 -56.82
N ASP G 815 55.63 15.26 -55.64
CA ASP G 815 56.33 15.49 -54.38
C ASP G 815 57.12 14.22 -54.11
N ASP G 816 58.41 14.24 -54.43
CA ASP G 816 59.28 13.08 -54.31
C ASP G 816 60.16 13.25 -53.07
N GLY G 817 59.75 12.59 -51.99
CA GLY G 817 60.39 12.65 -50.69
C GLY G 817 59.67 13.54 -49.70
N SER G 818 60.24 14.72 -49.41
CA SER G 818 59.57 15.70 -48.56
C SER G 818 60.00 17.08 -49.05
N GLY G 819 59.13 17.73 -49.82
CA GLY G 819 59.38 19.05 -50.35
C GLY G 819 60.04 19.08 -51.72
N MET G 820 60.85 18.09 -52.05
CA MET G 820 61.56 18.08 -53.34
C MET G 820 60.52 17.83 -54.43
N LYS G 821 60.10 18.91 -55.10
CA LYS G 821 59.07 18.86 -56.13
C LYS G 821 59.72 18.79 -57.51
N ARG G 822 59.29 17.83 -58.32
CA ARG G 822 59.85 17.59 -59.64
C ARG G 822 58.79 17.11 -60.61
N GLU G 823 58.95 17.45 -61.88
CA GLU G 823 58.00 17.00 -62.88
C GLU G 823 57.99 15.47 -62.95
N ALA G 824 56.80 14.92 -63.14
CA ALA G 824 56.57 13.49 -63.11
C ALA G 824 56.64 12.91 -64.51
N THR G 825 57.16 11.71 -64.58
CA THR G 825 57.19 10.91 -65.80
C THR G 825 56.14 9.80 -65.69
N ALA G 826 55.79 9.20 -66.83
CA ALA G 826 54.85 8.09 -66.82
C ALA G 826 55.37 6.97 -65.91
N ASP G 827 56.69 6.84 -65.81
CA ASP G 827 57.25 5.83 -64.91
C ASP G 827 57.07 6.22 -63.45
N ASP G 828 57.00 7.52 -63.14
CA ASP G 828 56.74 7.94 -61.76
C ASP G 828 55.32 7.56 -61.33
N LEU G 829 54.34 7.86 -62.18
CA LEU G 829 52.94 7.61 -61.81
C LEU G 829 52.62 6.13 -61.80
N ILE G 830 53.23 5.34 -62.69
CA ILE G 830 53.00 3.90 -62.66
C ILE G 830 53.49 3.32 -61.34
N LYS G 831 54.59 3.87 -60.80
CA LYS G 831 55.04 3.45 -59.48
C LYS G 831 54.01 3.83 -58.41
N VAL G 832 53.41 5.01 -58.55
CA VAL G 832 52.42 5.48 -57.59
C VAL G 832 51.15 4.61 -57.66
N VAL G 833 50.62 4.41 -58.86
CA VAL G 833 49.37 3.66 -58.98
C VAL G 833 49.54 2.21 -58.55
N GLU G 834 50.65 1.57 -58.95
CA GLU G 834 50.85 0.17 -58.60
C GLU G 834 50.97 -0.01 -57.09
N GLU G 835 51.62 0.91 -56.39
CA GLU G 835 51.67 0.79 -54.94
C GLU G 835 50.26 0.86 -54.34
N LEU G 836 49.41 1.72 -54.90
CA LEU G 836 48.04 1.86 -54.41
C LEU G 836 47.19 0.61 -54.68
N THR G 837 47.54 -0.18 -55.69
CA THR G 837 46.81 -1.40 -55.96
C THR G 837 47.14 -2.53 -54.97
N ARG G 838 47.97 -2.27 -53.95
CA ARG G 838 48.37 -3.33 -53.04
C ARG G 838 47.52 -3.43 -51.78
N ILE G 839 46.54 -2.53 -51.61
CA ILE G 839 45.65 -2.55 -50.45
C ILE G 839 44.36 -3.30 -50.71
N HIS G 840 44.13 -3.80 -51.92
CA HIS G 840 42.85 -4.43 -52.24
C HIS G 840 43.12 -5.73 -52.99
N THR H 7 5.33 35.29 -10.05
CA THR H 7 4.11 35.12 -10.82
C THR H 7 4.38 34.53 -12.21
N GLU H 8 3.32 34.37 -13.00
CA GLU H 8 3.45 33.82 -14.34
C GLU H 8 4.15 34.78 -15.30
N SER H 9 4.16 36.07 -15.00
CA SER H 9 4.67 37.09 -15.90
C SER H 9 6.14 37.45 -15.70
N ASP H 10 6.72 37.13 -14.54
CA ASP H 10 8.06 37.61 -14.21
C ASP H 10 9.10 36.73 -14.90
N TRP H 11 9.28 37.02 -16.20
CA TRP H 11 10.27 36.35 -17.02
C TRP H 11 11.67 36.87 -16.72
N GLY H 12 12.66 36.08 -17.10
CA GLY H 12 14.03 36.48 -16.96
C GLY H 12 14.61 36.31 -15.58
N LYS H 13 13.84 35.78 -14.63
CA LYS H 13 14.31 35.62 -13.26
C LYS H 13 14.54 34.16 -12.89
N ARG H 14 13.70 33.26 -13.39
CA ARG H 14 13.90 31.82 -13.20
C ARG H 14 15.14 31.33 -13.92
N CYS H 15 15.75 30.28 -13.38
CA CYS H 15 17.01 29.76 -13.88
C CYS H 15 16.83 28.55 -14.79
N VAL H 16 17.87 28.28 -15.60
CA VAL H 16 17.86 27.12 -16.49
C VAL H 16 18.14 25.82 -15.74
N ASP H 17 18.49 25.91 -14.45
CA ASP H 17 18.67 24.71 -13.62
C ASP H 17 17.37 23.92 -13.43
N LYS H 18 16.23 24.53 -13.73
CA LYS H 18 14.93 23.87 -13.67
C LYS H 18 14.69 22.92 -14.84
N PHE H 19 15.57 22.89 -15.82
CA PHE H 19 15.42 22.06 -17.02
C PHE H 19 16.60 21.10 -17.12
N ASP H 20 16.32 19.80 -17.29
CA ASP H 20 17.37 18.85 -17.63
C ASP H 20 17.65 18.94 -19.13
N ILE H 21 18.88 19.28 -19.52
CA ILE H 21 19.19 19.41 -20.94
C ILE H 21 19.36 18.02 -21.53
N ILE H 22 18.64 17.73 -22.60
CA ILE H 22 18.68 16.41 -23.22
C ILE H 22 19.70 16.37 -24.34
N GLY H 23 19.70 17.37 -25.21
CA GLY H 23 20.61 17.38 -26.35
C GLY H 23 20.59 18.73 -27.03
N ILE H 24 21.46 18.86 -28.02
CA ILE H 24 21.57 20.06 -28.83
C ILE H 24 20.73 19.80 -30.08
N ILE H 25 19.49 20.34 -30.11
CA ILE H 25 18.58 20.05 -31.23
C ILE H 25 19.01 20.81 -32.48
N GLY H 26 19.53 22.02 -32.33
CA GLY H 26 19.95 22.70 -33.55
C GLY H 26 20.93 23.83 -33.30
N GLU H 27 21.51 24.29 -34.40
CA GLU H 27 22.37 25.46 -34.41
C GLU H 27 21.49 26.66 -34.69
N GLY H 28 21.70 27.73 -33.93
CA GLY H 28 20.86 28.90 -34.00
C GLY H 28 21.60 30.12 -34.48
N THR H 29 20.85 31.20 -34.62
CA THR H 29 21.39 32.45 -35.13
C THR H 29 22.21 33.18 -34.08
N TYR H 30 21.64 33.37 -32.88
CA TYR H 30 22.28 34.08 -31.79
C TYR H 30 22.86 33.13 -30.75
N GLY H 31 22.63 31.83 -30.90
CA GLY H 31 23.11 30.83 -29.98
C GLY H 31 22.68 29.48 -30.51
N GLN H 32 22.91 28.44 -29.73
CA GLN H 32 22.46 27.11 -30.13
C GLN H 32 21.18 26.73 -29.40
N VAL H 33 20.34 25.96 -30.07
CA VAL H 33 19.03 25.56 -29.54
C VAL H 33 19.20 24.19 -28.91
N TYR H 34 18.68 24.02 -27.69
CA TYR H 34 18.81 22.77 -26.93
C TYR H 34 17.41 22.24 -26.58
N LYS H 35 17.29 20.92 -26.53
CA LYS H 35 16.07 20.27 -26.05
C LYS H 35 16.22 19.94 -24.57
N ALA H 36 15.17 20.20 -23.79
CA ALA H 36 15.21 19.99 -22.36
C ALA H 36 13.86 19.53 -21.84
N LYS H 37 13.85 19.09 -20.59
CA LYS H 37 12.64 18.67 -19.87
C LYS H 37 12.51 19.46 -18.58
N ASP H 38 11.30 19.98 -18.34
CA ASP H 38 11.02 20.72 -17.11
C ASP H 38 11.04 19.78 -15.91
N LYS H 39 11.87 20.10 -14.90
CA LYS H 39 11.96 19.23 -13.74
C LYS H 39 10.64 19.18 -12.97
N ASP H 40 9.91 20.31 -12.89
CA ASP H 40 8.69 20.33 -12.09
C ASP H 40 7.50 19.74 -12.85
N THR H 41 7.41 19.98 -14.16
CA THR H 41 6.26 19.53 -14.94
C THR H 41 6.52 18.33 -15.84
N GLY H 42 7.78 18.08 -16.24
CA GLY H 42 8.06 17.00 -17.16
C GLY H 42 7.92 17.35 -18.62
N GLU H 43 7.37 18.51 -18.93
CA GLU H 43 7.16 18.90 -20.32
C GLU H 43 8.49 19.03 -21.05
N LEU H 44 8.50 18.59 -22.32
CA LEU H 44 9.67 18.77 -23.15
C LEU H 44 9.62 20.17 -23.74
N VAL H 45 10.75 20.88 -23.68
CA VAL H 45 10.84 22.26 -24.13
C VAL H 45 12.02 22.38 -25.09
N ALA H 46 12.13 23.55 -25.68
CA ALA H 46 13.26 23.94 -26.52
C ALA H 46 13.84 25.23 -25.96
N LEU H 47 15.16 25.29 -25.86
CA LEU H 47 15.84 26.43 -25.25
C LEU H 47 16.75 27.05 -26.30
N LYS H 48 16.48 28.31 -26.65
CA LYS H 48 17.34 29.10 -27.53
C LYS H 48 18.25 29.92 -26.64
N LYS H 49 19.57 29.72 -26.76
CA LYS H 49 20.52 30.36 -25.87
C LYS H 49 20.90 31.71 -26.46
N VAL H 50 20.57 32.78 -25.76
CA VAL H 50 20.98 34.12 -26.18
C VAL H 50 22.18 34.47 -25.33
N ARG H 51 23.35 34.61 -25.93
CA ARG H 51 24.56 34.97 -25.20
C ARG H 51 24.90 36.41 -25.57
N LEU H 52 24.91 37.27 -24.56
CA LEU H 52 25.31 38.67 -24.67
C LEU H 52 26.75 38.88 -24.23
N ASP H 53 27.49 37.79 -24.01
CA ASP H 53 28.85 37.91 -23.49
C ASP H 53 29.76 38.69 -24.44
N ASN H 54 29.57 38.54 -25.75
CA ASN H 54 30.37 39.33 -26.67
C ASN H 54 30.24 40.83 -26.38
N GLU H 55 29.01 41.27 -26.08
CA GLU H 55 28.76 42.67 -25.73
C GLU H 55 29.20 43.62 -26.83
N LYS H 56 29.23 43.16 -28.07
CA LYS H 56 29.45 44.09 -29.18
C LYS H 56 28.34 45.14 -29.23
N GLU H 57 27.09 44.68 -29.24
CA GLU H 57 25.96 45.59 -29.13
C GLU H 57 24.91 45.06 -28.16
N GLY H 58 25.32 44.30 -27.15
CA GLY H 58 24.38 43.86 -26.16
C GLY H 58 23.48 42.75 -26.63
N PHE H 59 22.24 42.78 -26.16
CA PHE H 59 21.27 41.76 -26.52
C PHE H 59 21.00 41.75 -28.02
N PRO H 60 21.05 40.59 -28.68
CA PRO H 60 20.84 40.58 -30.13
C PRO H 60 19.45 41.07 -30.51
N ILE H 61 19.38 41.85 -31.59
CA ILE H 61 18.08 42.30 -32.08
C ILE H 61 17.28 41.10 -32.59
N THR H 62 17.96 40.12 -33.19
CA THR H 62 17.26 38.94 -33.69
C THR H 62 16.42 38.31 -32.59
N ALA H 63 16.99 38.27 -31.36
CA ALA H 63 16.24 37.78 -30.20
C ALA H 63 15.22 38.80 -29.71
N ILE H 64 15.56 40.09 -29.73
CA ILE H 64 14.62 41.13 -29.29
C ILE H 64 13.36 41.09 -30.15
N ARG H 65 13.53 40.93 -31.45
CA ARG H 65 12.37 40.83 -32.33
C ARG H 65 11.53 39.62 -31.97
N GLU H 66 12.19 38.47 -31.75
CA GLU H 66 11.45 37.25 -31.48
C GLU H 66 10.72 37.35 -30.15
N ILE H 67 11.30 38.06 -29.19
CA ILE H 67 10.66 38.26 -27.90
C ILE H 67 9.55 39.29 -27.99
N LYS H 68 9.79 40.35 -28.76
CA LYS H 68 8.82 41.43 -28.88
C LYS H 68 7.57 40.95 -29.60
N ILE H 69 7.78 40.17 -30.66
CA ILE H 69 6.68 39.79 -31.53
C ILE H 69 5.92 38.58 -30.98
N LEU H 70 6.64 37.55 -30.53
CA LEU H 70 5.96 36.32 -30.12
C LEU H 70 5.17 36.48 -28.83
N ARG H 71 5.49 37.43 -27.97
CA ARG H 71 4.61 37.68 -26.83
C ARG H 71 3.33 38.36 -27.29
N GLN H 72 3.31 38.92 -28.50
CA GLN H 72 2.13 39.52 -29.07
C GLN H 72 1.27 38.53 -29.85
N LEU H 73 1.84 37.44 -30.31
CA LEU H 73 1.16 36.52 -31.21
C LEU H 73 0.74 35.24 -30.49
N ILE H 74 -0.56 34.96 -30.49
CA ILE H 74 -1.11 33.75 -29.90
C ILE H 74 -1.91 33.05 -30.98
N HIS H 75 -1.36 31.97 -31.55
CA HIS H 75 -2.09 31.19 -32.54
C HIS H 75 -1.58 29.76 -32.54
N ARG H 76 -2.47 28.83 -32.90
CA ARG H 76 -2.12 27.41 -32.86
C ARG H 76 -0.97 27.09 -33.82
N SER H 77 -0.80 27.89 -34.86
CA SER H 77 0.18 27.65 -35.90
C SER H 77 1.37 28.59 -35.78
N VAL H 78 1.50 29.25 -34.64
CA VAL H 78 2.63 30.14 -34.36
C VAL H 78 3.31 29.62 -33.09
N VAL H 79 4.64 29.45 -33.16
CA VAL H 79 5.37 28.86 -32.05
C VAL H 79 5.19 29.72 -30.81
N ASN H 80 4.97 29.07 -29.66
CA ASN H 80 4.68 29.76 -28.42
C ASN H 80 5.94 29.87 -27.57
N MET H 81 6.33 31.11 -27.25
CA MET H 81 7.38 31.36 -26.27
C MET H 81 6.81 31.30 -24.86
N LYS H 82 7.25 30.31 -24.09
CA LYS H 82 6.68 30.05 -22.77
C LYS H 82 7.25 31.00 -21.71
N GLU H 83 8.58 31.15 -21.66
CA GLU H 83 9.19 32.03 -20.67
C GLU H 83 10.64 32.27 -21.11
N ILE H 84 11.34 33.08 -20.32
CA ILE H 84 12.76 33.34 -20.51
C ILE H 84 13.47 33.05 -19.19
N VAL H 85 14.56 32.28 -19.25
CA VAL H 85 15.32 31.87 -18.08
C VAL H 85 16.78 32.25 -18.29
N THR H 86 17.49 32.41 -17.17
CA THR H 86 18.86 32.88 -17.19
C THR H 86 19.82 31.85 -16.60
N ASP H 87 21.10 32.00 -16.97
CA ASP H 87 22.15 31.20 -16.32
C ASP H 87 22.30 31.66 -14.88
N LYS H 88 22.75 30.75 -14.02
CA LYS H 88 22.87 31.07 -12.60
C LYS H 88 23.66 32.38 -12.45
N GLN H 89 23.09 33.31 -11.72
CA GLN H 89 23.70 34.63 -11.49
C GLN H 89 24.59 34.61 -10.26
N ASP H 90 25.53 33.67 -10.26
CA ASP H 90 26.38 33.43 -9.10
C ASP H 90 27.16 34.69 -8.72
N ALA H 91 27.59 35.47 -9.71
CA ALA H 91 28.39 36.66 -9.44
C ALA H 91 27.72 37.54 -8.39
N LEU H 92 28.52 38.00 -7.43
CA LEU H 92 27.97 38.86 -6.40
C LEU H 92 27.57 40.23 -6.93
N ASP H 93 28.28 40.72 -7.95
CA ASP H 93 27.98 42.00 -8.58
C ASP H 93 27.43 41.74 -9.98
N PHE H 94 26.36 42.46 -10.35
CA PHE H 94 25.77 42.23 -11.66
C PHE H 94 26.77 42.57 -12.77
N LYS H 95 27.71 43.48 -12.49
CA LYS H 95 28.72 43.84 -13.48
C LYS H 95 29.62 42.64 -13.81
N LYS H 96 29.95 41.81 -12.82
CA LYS H 96 30.79 40.64 -13.08
C LYS H 96 30.08 39.58 -13.93
N ASP H 97 28.76 39.47 -13.80
CA ASP H 97 27.98 38.43 -14.46
C ASP H 97 28.02 38.55 -15.98
N LYS H 98 28.34 37.43 -16.64
CA LYS H 98 28.28 37.30 -18.09
C LYS H 98 27.39 36.17 -18.58
N GLY H 99 26.62 35.56 -17.67
CA GLY H 99 25.76 34.46 -18.06
C GLY H 99 24.77 34.83 -19.14
N ALA H 100 24.42 33.84 -19.97
CA ALA H 100 23.48 34.01 -21.06
C ALA H 100 22.03 33.83 -20.59
N PHE H 101 21.09 34.17 -21.49
CA PHE H 101 19.66 34.02 -21.30
C PHE H 101 19.12 32.94 -22.24
N TYR H 102 18.02 32.30 -21.86
CA TYR H 102 17.41 31.26 -22.66
C TYR H 102 15.93 31.56 -22.93
N LEU H 103 15.51 31.42 -24.18
CA LEU H 103 14.11 31.55 -24.57
C LEU H 103 13.47 30.17 -24.61
N VAL H 104 12.44 29.95 -23.79
CA VAL H 104 11.80 28.65 -23.68
C VAL H 104 10.63 28.57 -24.67
N PHE H 105 10.58 27.47 -25.42
CA PHE H 105 9.49 27.20 -26.34
C PHE H 105 8.99 25.77 -26.14
N GLU H 106 7.75 25.51 -26.55
CA GLU H 106 7.25 24.13 -26.61
C GLU H 106 7.98 23.36 -27.69
N TYR H 107 8.46 22.15 -27.36
CA TYR H 107 9.24 21.35 -28.31
C TYR H 107 8.37 20.78 -29.42
N MET H 108 8.91 20.74 -30.63
CA MET H 108 8.26 20.17 -31.80
C MET H 108 9.12 19.03 -32.31
N ASP H 109 8.48 17.91 -32.65
CA ASP H 109 9.23 16.69 -32.93
C ASP H 109 10.05 16.79 -34.22
N HIS H 110 9.49 17.41 -35.27
CA HIS H 110 10.16 17.40 -36.57
C HIS H 110 10.06 18.78 -37.22
N ASP H 111 10.90 18.99 -38.24
CA ASP H 111 10.81 20.14 -39.14
C ASP H 111 10.57 19.62 -40.55
N LEU H 112 9.88 20.40 -41.37
CA LEU H 112 9.43 19.87 -42.66
C LEU H 112 10.62 19.42 -43.50
N MET H 113 11.74 20.15 -43.44
CA MET H 113 12.90 19.76 -44.24
C MET H 113 13.37 18.37 -43.84
N GLY H 114 13.51 18.13 -42.55
CA GLY H 114 13.98 16.83 -42.11
C GLY H 114 13.12 15.69 -42.63
N LEU H 115 11.81 15.87 -42.59
CA LEU H 115 10.91 14.83 -43.06
C LEU H 115 11.02 14.64 -44.57
N LEU H 116 11.06 15.75 -45.32
CA LEU H 116 11.14 15.66 -46.77
C LEU H 116 12.51 15.19 -47.23
N GLU H 117 13.57 15.75 -46.65
CA GLU H 117 14.91 15.43 -47.12
C GLU H 117 15.23 13.95 -46.88
N SER H 118 14.86 13.43 -45.71
CA SER H 118 15.11 12.02 -45.43
C SER H 118 14.24 11.11 -46.29
N GLY H 119 13.11 11.60 -46.80
CA GLY H 119 12.25 10.74 -47.58
C GLY H 119 11.53 9.79 -46.64
N LEU H 120 11.03 8.68 -47.18
CA LEU H 120 10.33 7.66 -46.42
C LEU H 120 9.02 8.18 -45.83
N VAL H 121 8.71 9.45 -45.99
CA VAL H 121 7.43 10.02 -45.56
C VAL H 121 6.70 10.50 -46.81
N HIS H 122 5.49 10.00 -47.01
CA HIS H 122 4.66 10.35 -48.15
C HIS H 122 3.51 11.21 -47.69
N PHE H 123 3.37 12.39 -48.27
CA PHE H 123 2.30 13.31 -47.93
C PHE H 123 1.17 13.13 -48.94
N SER H 124 0.02 12.72 -48.46
CA SER H 124 -1.15 12.56 -49.28
C SER H 124 -1.77 13.92 -49.54
N GLU H 125 -2.69 13.98 -50.51
CA GLU H 125 -3.37 15.24 -50.75
C GLU H 125 -3.99 15.73 -49.45
N ASP H 126 -4.67 14.83 -48.73
CA ASP H 126 -5.33 15.21 -47.48
C ASP H 126 -4.32 15.72 -46.45
N HIS H 127 -3.15 15.10 -46.38
CA HIS H 127 -2.11 15.61 -45.50
C HIS H 127 -1.69 17.01 -45.92
N ILE H 128 -1.48 17.23 -47.22
CA ILE H 128 -1.05 18.54 -47.68
C ILE H 128 -2.11 19.59 -47.34
N LYS H 129 -3.39 19.25 -47.49
CA LYS H 129 -4.44 20.20 -47.12
C LYS H 129 -4.35 20.57 -45.64
N SER H 130 -4.20 19.56 -44.77
CA SER H 130 -4.19 19.84 -43.34
C SER H 130 -3.03 20.76 -42.97
N PHE H 131 -1.86 20.52 -43.51
CA PHE H 131 -0.69 21.33 -43.16
C PHE H 131 -0.80 22.71 -43.77
N MET H 132 -1.19 22.79 -45.05
CA MET H 132 -1.25 24.09 -45.71
C MET H 132 -2.33 24.97 -45.11
N LYS H 133 -3.45 24.39 -44.64
CA LYS H 133 -4.45 25.22 -43.98
C LYS H 133 -3.91 25.80 -42.67
N GLN H 134 -3.14 25.00 -41.93
CA GLN H 134 -2.57 25.50 -40.67
C GLN H 134 -1.56 26.59 -40.93
N LEU H 135 -0.65 26.36 -41.89
CA LEU H 135 0.38 27.34 -42.18
C LEU H 135 -0.24 28.66 -42.64
N MET H 136 -1.22 28.58 -43.53
CA MET H 136 -1.87 29.79 -44.00
C MET H 136 -2.68 30.46 -42.89
N GLU H 137 -3.33 29.67 -42.05
CA GLU H 137 -4.03 30.26 -40.91
C GLU H 137 -3.07 31.00 -40.00
N GLY H 138 -1.87 30.45 -39.79
CA GLY H 138 -0.88 31.14 -38.99
C GLY H 138 -0.38 32.40 -39.66
N LEU H 139 -0.08 32.31 -40.96
CA LEU H 139 0.40 33.49 -41.67
C LEU H 139 -0.67 34.58 -41.71
N GLU H 140 -1.94 34.20 -41.89
CA GLU H 140 -3.02 35.18 -41.89
C GLU H 140 -3.10 35.89 -40.54
N TYR H 141 -2.90 35.15 -39.45
CA TYR H 141 -2.88 35.77 -38.13
C TYR H 141 -1.78 36.80 -37.99
N CYS H 142 -0.58 36.48 -38.48
CA CYS H 142 0.54 37.39 -38.39
C CYS H 142 0.38 38.57 -39.32
N HIS H 143 0.00 38.31 -40.58
CA HIS H 143 -0.19 39.39 -41.54
C HIS H 143 -1.30 40.32 -41.08
N LYS H 144 -2.29 39.78 -40.37
CA LYS H 144 -3.34 40.64 -39.82
C LYS H 144 -2.81 41.51 -38.69
N LYS H 145 -1.92 40.98 -37.86
CA LYS H 145 -1.24 41.78 -36.84
C LYS H 145 -0.10 42.60 -37.44
N ASN H 146 -0.01 42.66 -38.78
CA ASN H 146 0.90 43.54 -39.51
C ASN H 146 2.38 43.20 -39.28
N PHE H 147 2.72 41.92 -39.33
CA PHE H 147 4.09 41.44 -39.21
C PHE H 147 4.51 40.68 -40.46
N LEU H 148 5.78 40.76 -40.80
CA LEU H 148 6.32 40.07 -41.97
C LEU H 148 7.32 39.02 -41.48
N HIS H 149 7.17 37.77 -41.93
CA HIS H 149 8.11 36.75 -41.47
C HIS H 149 9.50 37.00 -42.03
N ARG H 150 9.62 37.03 -43.35
CA ARG H 150 10.83 37.33 -44.09
C ARG H 150 11.84 36.21 -44.05
N ASP H 151 11.53 35.08 -43.40
CA ASP H 151 12.42 33.93 -43.40
C ASP H 151 11.61 32.64 -43.38
N ILE H 152 10.84 32.41 -44.45
CA ILE H 152 10.00 31.23 -44.54
C ILE H 152 10.76 30.19 -45.35
N LYS H 153 11.19 29.12 -44.68
CA LYS H 153 11.79 27.96 -45.32
C LYS H 153 11.14 26.72 -44.72
N CYS H 154 11.40 25.57 -45.34
CA CYS H 154 10.88 24.33 -44.77
C CYS H 154 11.43 24.13 -43.37
N SER H 155 12.68 24.56 -43.17
CA SER H 155 13.34 24.42 -41.87
C SER H 155 12.62 25.17 -40.76
N ASN H 156 11.91 26.24 -41.07
CA ASN H 156 11.23 27.03 -40.05
C ASN H 156 9.76 26.69 -39.89
N ILE H 157 9.31 25.58 -40.48
CA ILE H 157 7.96 25.06 -40.29
C ILE H 157 8.09 23.81 -39.44
N LEU H 158 7.68 23.90 -38.18
CA LEU H 158 7.79 22.81 -37.23
C LEU H 158 6.53 21.96 -37.20
N LEU H 159 6.71 20.66 -36.98
CA LEU H 159 5.62 19.71 -37.00
C LEU H 159 5.77 18.71 -35.86
N ASN H 160 4.71 18.55 -35.07
CA ASN H 160 4.68 17.55 -34.01
C ASN H 160 4.03 16.27 -34.53
N ASN H 161 4.15 15.19 -33.75
CA ASN H 161 3.63 13.91 -34.21
C ASN H 161 2.11 13.85 -34.34
N SER H 162 1.38 14.72 -33.64
CA SER H 162 -0.07 14.75 -33.83
C SER H 162 -0.44 15.19 -35.25
N GLY H 163 0.32 16.09 -35.83
CA GLY H 163 -0.05 16.69 -37.10
C GLY H 163 -0.26 18.19 -37.01
N GLN H 164 0.03 18.76 -35.83
CA GLN H 164 -0.02 20.21 -35.66
C GLN H 164 1.24 20.85 -36.24
N ILE H 165 1.05 21.94 -36.98
CA ILE H 165 2.11 22.67 -37.66
C ILE H 165 2.28 24.03 -36.99
N LYS H 166 3.53 24.44 -36.77
CA LYS H 166 3.82 25.76 -36.21
C LYS H 166 4.94 26.45 -36.96
N LEU H 167 4.80 27.77 -37.13
CA LEU H 167 5.84 28.62 -37.73
C LEU H 167 6.83 29.06 -36.66
N ALA H 168 8.11 29.19 -37.05
CA ALA H 168 9.08 29.24 -35.96
C ALA H 168 10.08 30.40 -35.86
N ASP H 169 10.88 30.69 -36.87
CA ASP H 169 11.95 31.66 -36.67
C ASP H 169 11.38 33.04 -36.99
N PHE H 170 11.05 33.81 -35.95
CA PHE H 170 10.58 35.18 -36.09
C PHE H 170 11.71 36.18 -35.86
N GLY H 171 12.96 35.73 -35.99
CA GLY H 171 14.11 36.60 -35.80
C GLY H 171 14.17 37.77 -36.75
N LEU H 172 13.66 37.60 -37.97
CA LEU H 172 13.68 38.66 -38.97
C LEU H 172 12.35 39.41 -39.11
N ALA H 173 11.39 39.19 -38.21
CA ALA H 173 10.08 39.78 -38.36
C ALA H 173 10.11 41.29 -38.14
N ARG H 174 9.36 42.01 -38.98
CA ARG H 174 9.27 43.46 -38.95
C ARG H 174 7.80 43.85 -39.11
N LEU H 175 7.41 44.94 -38.46
CA LEU H 175 6.07 45.47 -38.66
C LEU H 175 6.00 46.09 -40.04
N TYR H 176 4.85 45.93 -40.69
CA TYR H 176 4.62 46.47 -42.03
C TYR H 176 3.56 47.55 -41.93
N ASN H 177 3.84 48.72 -42.48
CA ASN H 177 2.85 49.78 -42.59
C ASN H 177 2.68 50.13 -44.07
N SER H 178 1.44 49.98 -44.56
CA SER H 178 1.16 50.35 -45.94
C SER H 178 1.17 51.86 -46.14
N GLU H 179 0.58 52.60 -45.21
CA GLU H 179 0.48 54.07 -45.35
C GLU H 179 1.84 54.74 -45.29
N GLU H 180 2.73 54.26 -44.43
CA GLU H 180 4.08 54.81 -44.29
C GLU H 180 5.09 53.77 -44.76
N SER H 181 5.55 53.91 -45.99
CA SER H 181 6.58 53.03 -46.52
C SER H 181 7.98 53.45 -46.05
N ARG H 182 8.71 52.48 -45.48
CA ARG H 182 10.07 52.64 -44.98
C ARG H 182 10.94 51.56 -45.61
N PRO H 183 12.15 51.90 -46.08
CA PRO H 183 12.98 50.88 -46.74
C PRO H 183 13.48 49.85 -45.73
N TYR H 184 13.55 48.60 -46.18
CA TYR H 184 13.98 47.50 -45.32
C TYR H 184 15.18 46.91 -46.08
N TPO H 185 15.38 45.61 -45.95
CA TPO H 185 16.53 44.92 -46.55
CB TPO H 185 17.16 44.01 -45.45
CG2 TPO H 185 18.46 43.46 -46.04
OG1 TPO H 185 17.45 44.79 -44.27
P TPO H 185 16.77 44.41 -42.81
O1P TPO H 185 15.22 44.86 -42.72
O2P TPO H 185 16.87 42.85 -42.40
O3P TPO H 185 17.52 45.18 -41.81
C TPO H 185 16.19 44.13 -47.81
O TPO H 185 15.27 43.32 -47.81
HA TPO H 185 17.17 45.60 -46.86
HB TPO H 185 16.49 43.21 -45.15
HG21 TPO H 185 18.97 42.84 -45.29
HG22 TPO H 185 19.12 44.28 -46.31
HG23 TPO H 185 18.23 42.85 -46.91
N ASN H 186 16.93 44.36 -48.90
CA ASN H 186 16.61 43.73 -50.18
C ASN H 186 16.76 42.22 -50.27
N LYS H 187 17.60 41.68 -49.40
CA LYS H 187 17.95 40.27 -49.40
C LYS H 187 17.59 39.67 -48.04
N VAL H 188 16.36 39.13 -47.93
CA VAL H 188 15.93 38.52 -46.67
C VAL H 188 15.66 37.01 -46.71
N ILE H 189 14.83 36.56 -47.65
CA ILE H 189 14.44 35.15 -47.61
C ILE H 189 15.51 34.30 -48.29
N THR H 190 15.57 33.02 -47.92
CA THR H 190 16.55 32.13 -48.54
C THR H 190 16.26 32.06 -50.03
N LEU H 191 17.33 32.03 -50.83
CA LEU H 191 17.16 32.22 -52.27
C LEU H 191 16.12 31.29 -52.86
N TRP H 192 16.09 30.04 -52.41
CA TRP H 192 15.15 29.08 -52.96
C TRP H 192 13.72 29.51 -52.79
N TYR H 193 13.40 30.11 -51.63
CA TYR H 193 12.05 30.55 -51.33
C TYR H 193 11.91 32.07 -51.43
N ARG H 194 12.90 32.77 -52.07
CA ARG H 194 12.85 34.24 -52.16
C ARG H 194 11.93 34.65 -53.30
N PRO H 195 11.10 35.67 -53.10
CA PRO H 195 10.17 36.11 -54.17
C PRO H 195 10.88 36.89 -55.25
N PRO H 196 10.27 37.00 -56.45
CA PRO H 196 10.95 37.70 -57.55
C PRO H 196 11.18 39.18 -57.30
N GLU H 197 10.24 39.85 -56.63
CA GLU H 197 10.43 41.29 -56.42
C GLU H 197 11.69 41.57 -55.62
N LEU H 198 11.96 40.79 -54.59
CA LEU H 198 13.16 41.01 -53.79
C LEU H 198 14.41 40.67 -54.59
N LEU H 199 14.29 39.79 -55.58
CA LEU H 199 15.42 39.55 -56.49
C LEU H 199 15.68 40.77 -57.37
N LEU H 200 14.62 41.41 -57.83
CA LEU H 200 14.68 42.61 -58.66
C LEU H 200 14.91 43.89 -57.84
N GLY H 201 15.22 43.74 -56.55
CA GLY H 201 15.69 44.82 -55.71
C GLY H 201 14.63 45.72 -55.09
N GLU H 202 13.43 45.21 -54.88
CA GLU H 202 12.41 45.94 -54.13
C GLU H 202 12.83 46.03 -52.66
N GLU H 203 12.90 47.25 -52.14
CA GLU H 203 13.28 47.48 -50.75
C GLU H 203 12.09 47.79 -49.85
N ARG H 204 11.00 48.30 -50.41
CA ARG H 204 9.72 48.52 -49.70
C ARG H 204 8.73 47.45 -50.16
N TYR H 205 8.65 46.31 -49.48
CA TYR H 205 7.84 45.20 -49.95
C TYR H 205 6.58 44.91 -49.14
N THR H 206 5.65 44.19 -49.79
CA THR H 206 4.38 43.82 -49.23
C THR H 206 4.51 42.57 -48.38
N PRO H 207 3.51 42.25 -47.55
CA PRO H 207 3.50 40.94 -46.90
C PRO H 207 3.44 39.81 -47.90
N ALA H 208 3.13 40.09 -49.16
CA ALA H 208 3.05 39.02 -50.15
C ALA H 208 4.38 38.35 -50.38
N ILE H 209 5.47 38.87 -49.79
CA ILE H 209 6.74 38.15 -49.89
C ILE H 209 6.60 36.79 -49.22
N ASP H 210 5.95 36.75 -48.05
CA ASP H 210 5.79 35.50 -47.33
C ASP H 210 4.87 34.55 -48.07
N VAL H 211 3.89 35.08 -48.80
CA VAL H 211 3.01 34.21 -49.57
C VAL H 211 3.79 33.46 -50.65
N TRP H 212 4.69 34.14 -51.34
CA TRP H 212 5.50 33.45 -52.34
C TRP H 212 6.29 32.30 -51.73
N SER H 213 6.91 32.54 -50.58
CA SER H 213 7.65 31.48 -49.91
C SER H 213 6.75 30.28 -49.65
N CYS H 214 5.59 30.52 -49.04
CA CYS H 214 4.68 29.42 -48.73
C CYS H 214 4.15 28.77 -50.00
N GLY H 215 4.08 29.52 -51.10
CA GLY H 215 3.68 28.91 -52.36
C GLY H 215 4.71 27.92 -52.86
N CYS H 216 5.99 28.28 -52.73
CA CYS H 216 7.06 27.34 -53.05
C CYS H 216 6.96 26.08 -52.18
N ILE H 217 6.50 26.22 -50.94
CA ILE H 217 6.34 25.07 -50.07
C ILE H 217 5.21 24.18 -50.56
N LEU H 218 4.12 24.79 -51.03
CA LEU H 218 3.00 23.98 -51.55
C LEU H 218 3.45 23.09 -52.70
N GLY H 219 4.15 23.67 -53.67
CA GLY H 219 4.68 22.87 -54.76
C GLY H 219 5.60 21.78 -54.26
N GLU H 220 6.46 22.09 -53.31
CA GLU H 220 7.44 21.13 -52.81
C GLU H 220 6.77 19.89 -52.23
N LEU H 221 5.64 20.06 -51.54
CA LEU H 221 4.95 18.94 -50.93
C LEU H 221 4.38 17.98 -51.98
N PHE H 222 4.16 18.45 -53.19
CA PHE H 222 3.66 17.56 -54.24
C PHE H 222 4.79 16.90 -55.00
N THR H 223 5.97 17.52 -55.04
CA THR H 223 7.13 16.93 -55.71
C THR H 223 8.14 16.31 -54.75
N LYS H 224 8.20 16.76 -53.49
CA LYS H 224 9.18 16.35 -52.47
C LYS H 224 10.55 16.96 -52.73
N LYS H 225 10.67 17.87 -53.69
CA LYS H 225 11.88 18.59 -54.05
C LYS H 225 11.55 20.07 -54.17
N PRO H 226 12.39 20.97 -53.64
CA PRO H 226 12.11 22.40 -53.83
C PRO H 226 11.96 22.74 -55.30
N ILE H 227 11.11 23.73 -55.58
CA ILE H 227 10.76 24.03 -56.96
C ILE H 227 11.91 24.76 -57.66
N PHE H 228 12.48 25.77 -57.00
CA PHE H 228 13.51 26.63 -57.59
C PHE H 228 14.81 26.50 -56.79
N GLN H 229 15.81 25.79 -57.31
CA GLN H 229 17.08 25.65 -56.63
C GLN H 229 18.23 26.18 -57.46
N ALA H 230 18.89 27.22 -56.95
CA ALA H 230 20.06 27.81 -57.58
C ALA H 230 20.91 28.41 -56.47
N ASN H 231 22.10 28.85 -56.83
CA ASN H 231 23.02 29.45 -55.87
C ASN H 231 23.14 30.95 -56.02
N LEU H 232 22.72 31.50 -57.14
CA LEU H 232 22.87 32.92 -57.38
C LEU H 232 21.54 33.56 -57.75
N GLU H 233 21.41 34.83 -57.36
CA GLU H 233 20.15 35.54 -57.49
C GLU H 233 19.69 35.63 -58.94
N LEU H 234 20.62 35.77 -59.88
CA LEU H 234 20.23 35.79 -61.28
C LEU H 234 19.81 34.39 -61.75
N ALA H 235 20.56 33.36 -61.34
CA ALA H 235 20.17 32.00 -61.71
C ALA H 235 18.79 31.67 -61.18
N GLN H 236 18.46 32.17 -59.98
CA GLN H 236 17.15 31.96 -59.42
C GLN H 236 16.07 32.63 -60.26
N LEU H 237 16.28 33.91 -60.58
CA LEU H 237 15.31 34.64 -61.40
C LEU H 237 15.09 33.97 -62.75
N GLU H 238 16.12 33.35 -63.30
CA GLU H 238 15.95 32.61 -64.54
C GLU H 238 15.08 31.39 -64.32
N LEU H 239 15.30 30.69 -63.20
CA LEU H 239 14.50 29.50 -62.92
C LEU H 239 13.03 29.89 -62.69
N ILE H 240 12.80 30.91 -61.87
CA ILE H 240 11.44 31.39 -61.66
C ILE H 240 10.81 31.76 -63.00
N SER H 241 11.60 32.41 -63.87
CA SER H 241 11.06 32.88 -65.14
C SER H 241 10.65 31.74 -66.06
N ARG H 242 11.41 30.64 -66.06
CA ARG H 242 11.09 29.52 -66.95
C ARG H 242 9.73 28.91 -66.63
N LEU H 243 9.31 28.99 -65.37
CA LEU H 243 8.06 28.39 -64.92
C LEU H 243 6.93 29.40 -64.89
N CYS H 244 7.17 30.57 -64.30
CA CYS H 244 6.15 31.58 -64.08
C CYS H 244 6.02 32.57 -65.21
N GLY H 245 6.96 32.58 -66.14
CA GLY H 245 7.02 33.64 -67.13
C GLY H 245 8.01 34.71 -66.71
N SER H 246 8.57 35.38 -67.70
CA SER H 246 9.56 36.41 -67.36
C SER H 246 8.86 37.64 -66.80
N PRO H 247 9.43 38.28 -65.79
CA PRO H 247 8.91 39.60 -65.37
C PRO H 247 8.92 40.56 -66.55
N CYS H 248 7.78 41.18 -66.82
CA CYS H 248 7.68 42.17 -67.87
C CYS H 248 6.45 43.03 -67.60
N PRO H 249 6.43 44.28 -68.09
CA PRO H 249 5.29 45.16 -67.80
C PRO H 249 3.93 44.60 -68.23
N ALA H 250 3.90 43.69 -69.21
CA ALA H 250 2.62 43.14 -69.68
C ALA H 250 1.86 42.43 -68.57
N VAL H 251 2.57 41.80 -67.63
CA VAL H 251 1.95 41.04 -66.56
C VAL H 251 2.22 41.63 -65.19
N TRP H 252 3.08 42.64 -65.12
CA TRP H 252 3.54 43.20 -63.85
C TRP H 252 3.82 44.67 -64.12
N PRO H 253 2.77 45.48 -64.31
CA PRO H 253 2.94 46.83 -64.87
C PRO H 253 3.99 47.67 -64.16
N ASP H 254 4.16 47.50 -62.86
CA ASP H 254 5.09 48.33 -62.09
C ASP H 254 6.48 47.74 -61.98
N VAL H 255 6.80 46.70 -62.75
CA VAL H 255 8.13 46.13 -62.67
C VAL H 255 9.18 47.11 -63.15
N ILE H 256 8.81 48.04 -64.03
CA ILE H 256 9.75 49.00 -64.60
C ILE H 256 10.32 49.92 -63.53
N ARG H 257 9.66 50.04 -62.39
CA ARG H 257 10.19 50.84 -61.28
C ARG H 257 11.25 50.11 -60.46
N LEU H 258 11.54 48.86 -60.76
CA LEU H 258 12.43 48.12 -59.87
C LEU H 258 13.89 48.32 -60.27
N PRO H 259 14.78 48.49 -59.28
CA PRO H 259 16.16 48.88 -59.61
C PRO H 259 16.82 47.95 -60.61
N TYR H 260 16.60 46.64 -60.50
CA TYR H 260 17.31 45.67 -61.32
C TYR H 260 16.49 45.14 -62.49
N PHE H 261 15.39 45.81 -62.85
CA PHE H 261 14.55 45.30 -63.92
C PHE H 261 15.33 45.20 -65.22
N ASN H 262 16.05 46.27 -65.59
CA ASN H 262 16.88 46.22 -66.80
C ASN H 262 18.11 45.36 -66.60
N THR H 263 18.67 45.38 -65.39
CA THR H 263 19.92 44.68 -65.09
C THR H 263 19.75 43.16 -65.13
N MET H 264 18.80 42.63 -64.37
CA MET H 264 18.67 41.18 -64.22
C MET H 264 17.66 40.64 -65.22
N LYS H 265 18.03 40.70 -66.46
CA LYS H 265 17.12 40.13 -67.45
C LYS H 265 17.29 38.62 -67.56
N PRO H 266 16.18 37.88 -67.68
CA PRO H 266 16.30 36.44 -67.95
C PRO H 266 16.80 36.17 -69.37
N LYS H 267 17.27 34.93 -69.58
CA LYS H 267 17.84 34.54 -70.86
C LYS H 267 16.91 34.91 -72.01
N LYS H 268 15.60 34.71 -71.82
CA LYS H 268 14.58 35.01 -72.80
C LYS H 268 13.44 35.78 -72.14
N GLN H 269 12.42 36.08 -72.93
CA GLN H 269 11.11 36.49 -72.44
C GLN H 269 10.21 35.24 -72.46
N TYR H 270 10.25 34.48 -71.37
CA TYR H 270 9.57 33.19 -71.29
C TYR H 270 8.07 33.36 -71.08
N ARG H 271 7.30 32.43 -71.64
CA ARG H 271 5.88 32.34 -71.34
C ARG H 271 5.68 31.54 -70.05
N ARG H 272 4.54 31.77 -69.39
CA ARG H 272 4.20 31.03 -68.19
C ARG H 272 3.84 29.59 -68.53
N ARG H 273 4.44 28.64 -67.80
CA ARG H 273 4.21 27.21 -68.02
C ARG H 273 3.75 26.51 -66.76
N LEU H 274 3.45 27.26 -65.70
CA LEU H 274 3.24 26.65 -64.38
C LEU H 274 2.17 25.58 -64.41
N ARG H 275 1.02 25.86 -65.01
CA ARG H 275 -0.03 24.84 -65.02
C ARG H 275 0.38 23.64 -65.86
N GLU H 276 1.24 23.87 -66.85
CA GLU H 276 1.70 22.77 -67.68
C GLU H 276 2.68 21.89 -66.92
N GLU H 277 3.71 22.50 -66.32
CA GLU H 277 4.73 21.73 -65.63
C GLU H 277 4.24 21.13 -64.31
N PHE H 278 3.14 21.65 -63.74
CA PHE H 278 2.53 21.04 -62.56
C PHE H 278 1.18 20.40 -62.91
N SER H 279 1.03 19.87 -64.12
CA SER H 279 -0.26 19.34 -64.54
C SER H 279 -0.68 18.14 -63.70
N PHE H 280 0.26 17.47 -63.03
CA PHE H 280 -0.04 16.31 -62.19
C PHE H 280 -0.60 16.68 -60.82
N ILE H 281 -0.83 17.95 -60.54
CA ILE H 281 -1.36 18.39 -59.25
C ILE H 281 -2.88 18.48 -59.34
N PRO H 282 -3.61 18.16 -58.26
CA PRO H 282 -5.07 18.34 -58.27
C PRO H 282 -5.49 19.75 -58.66
N SER H 283 -6.65 19.86 -59.32
CA SER H 283 -7.08 21.14 -59.86
C SER H 283 -7.19 22.21 -58.78
N ALA H 284 -7.87 21.88 -57.67
CA ALA H 284 -8.04 22.88 -56.62
C ALA H 284 -6.69 23.38 -56.12
N ALA H 285 -5.71 22.48 -56.02
CA ALA H 285 -4.40 22.87 -55.54
C ALA H 285 -3.64 23.64 -56.60
N LEU H 286 -3.66 23.16 -57.85
CA LEU H 286 -2.95 23.85 -58.92
C LEU H 286 -3.41 25.29 -59.02
N ASP H 287 -4.71 25.52 -58.90
CA ASP H 287 -5.24 26.87 -58.91
C ASP H 287 -4.66 27.69 -57.76
N LEU H 288 -4.51 27.07 -56.58
CA LEU H 288 -3.89 27.77 -55.46
C LEU H 288 -2.44 28.09 -55.77
N LEU H 289 -1.71 27.11 -56.29
CA LEU H 289 -0.30 27.31 -56.63
C LEU H 289 -0.15 28.42 -57.66
N ASP H 290 -0.97 28.38 -58.71
CA ASP H 290 -0.85 29.37 -59.78
C ASP H 290 -0.96 30.78 -59.23
N HIS H 291 -1.87 31.00 -58.30
CA HIS H 291 -2.08 32.33 -57.73
C HIS H 291 -0.96 32.71 -56.75
N MET H 292 -0.55 31.77 -55.88
CA MET H 292 0.51 32.06 -54.92
C MET H 292 1.83 32.37 -55.62
N LEU H 293 2.10 31.71 -56.74
CA LEU H 293 3.31 31.95 -57.52
C LEU H 293 3.07 32.93 -58.67
N THR H 294 2.35 34.01 -58.39
CA THR H 294 2.11 35.10 -59.32
C THR H 294 3.23 36.12 -59.19
N LEU H 295 3.75 36.58 -60.33
CA LEU H 295 4.94 37.43 -60.29
C LEU H 295 4.65 38.75 -59.58
N ASP H 296 3.58 39.43 -59.96
CA ASP H 296 3.31 40.77 -59.45
C ASP H 296 2.75 40.72 -58.04
N PRO H 297 3.49 41.18 -57.02
CA PRO H 297 3.00 41.02 -55.65
C PRO H 297 1.66 41.70 -55.39
N SER H 298 1.30 42.70 -56.18
CA SER H 298 -0.01 43.31 -56.01
C SER H 298 -1.11 42.50 -56.66
N LYS H 299 -0.74 41.51 -57.47
CA LYS H 299 -1.69 40.57 -58.03
C LYS H 299 -1.62 39.22 -57.35
N ARG H 300 -0.60 38.98 -56.52
CA ARG H 300 -0.48 37.73 -55.78
C ARG H 300 -1.53 37.68 -54.67
N CYS H 301 -2.21 36.54 -54.55
CA CYS H 301 -3.27 36.41 -53.57
C CYS H 301 -2.72 36.58 -52.16
N THR H 302 -3.62 36.90 -51.23
CA THR H 302 -3.29 37.07 -49.83
C THR H 302 -3.52 35.77 -49.06
N ALA H 303 -3.03 35.75 -47.82
CA ALA H 303 -3.20 34.55 -46.99
C ALA H 303 -4.68 34.27 -46.74
N GLU H 304 -5.45 35.32 -46.43
CA GLU H 304 -6.88 35.13 -46.26
C GLU H 304 -7.49 34.53 -47.53
N GLN H 305 -7.06 35.02 -48.69
CA GLN H 305 -7.60 34.51 -49.94
C GLN H 305 -7.25 33.04 -50.14
N THR H 306 -6.06 32.61 -49.72
CA THR H 306 -5.72 31.21 -49.83
C THR H 306 -6.67 30.35 -49.00
N LEU H 307 -7.00 30.83 -47.79
CA LEU H 307 -7.96 30.13 -46.95
C LEU H 307 -9.34 30.10 -47.58
N GLN H 308 -9.69 31.11 -48.36
CA GLN H 308 -10.95 31.12 -49.11
C GLN H 308 -10.76 30.54 -50.51
N SER H 309 -10.04 29.43 -50.59
CA SER H 309 -9.81 28.75 -51.86
C SER H 309 -10.54 27.42 -51.86
N ASP H 310 -10.87 26.93 -53.05
CA ASP H 310 -11.50 25.62 -53.13
C ASP H 310 -10.63 24.56 -52.48
N PHE H 311 -9.32 24.78 -52.43
CA PHE H 311 -8.43 23.76 -51.91
C PHE H 311 -8.50 23.68 -50.39
N LEU H 312 -8.59 24.84 -49.74
CA LEU H 312 -8.51 24.91 -48.29
C LEU H 312 -9.80 25.38 -47.62
N LYS H 313 -10.78 25.87 -48.37
CA LYS H 313 -11.89 26.56 -47.73
C LYS H 313 -12.64 25.63 -46.80
N ASP H 314 -13.00 24.46 -47.29
CA ASP H 314 -13.83 23.53 -46.57
C ASP H 314 -13.04 22.48 -45.79
N VAL H 315 -11.72 22.58 -45.79
CA VAL H 315 -10.89 21.62 -45.05
C VAL H 315 -11.18 21.79 -43.56
N GLU H 316 -11.71 20.73 -42.93
CA GLU H 316 -12.03 20.77 -41.52
C GLU H 316 -10.74 20.45 -40.76
N LEU H 317 -10.25 21.42 -40.00
CA LEU H 317 -9.02 21.21 -39.23
C LEU H 317 -9.28 20.53 -37.91
N SER H 318 -10.55 20.35 -37.55
CA SER H 318 -10.90 19.62 -36.33
C SER H 318 -10.44 18.16 -36.40
N LYS H 319 -10.68 17.50 -37.53
CA LYS H 319 -10.23 16.12 -37.77
C LYS H 319 -8.88 16.13 -38.47
N MET H 320 -7.80 16.10 -37.68
CA MET H 320 -6.45 16.17 -38.24
C MET H 320 -5.91 14.80 -38.64
N ALA H 321 -5.44 14.70 -39.88
CA ALA H 321 -4.78 13.48 -40.36
C ALA H 321 -3.31 13.53 -39.93
N PRO H 322 -2.80 12.52 -39.22
CA PRO H 322 -1.44 12.61 -38.66
C PRO H 322 -0.36 12.41 -39.71
N PRO H 323 0.86 12.89 -39.44
CA PRO H 323 1.97 12.65 -40.38
C PRO H 323 2.30 11.17 -40.54
N ASP H 324 2.35 10.43 -39.45
CA ASP H 324 2.60 8.99 -39.46
C ASP H 324 3.91 8.65 -40.17
N LEU H 325 5.00 9.21 -39.63
CA LEU H 325 6.35 8.84 -40.06
C LEU H 325 6.65 7.40 -39.67
N PRO H 326 6.89 6.50 -40.65
CA PRO H 326 7.06 5.08 -40.30
C PRO H 326 8.19 4.79 -39.31
N THR I 24 -0.41 35.58 -17.80
CA THR I 24 0.15 35.66 -19.14
C THR I 24 1.19 36.79 -19.22
N LYS I 25 0.72 38.06 -19.38
CA LYS I 25 1.56 39.27 -19.40
C LYS I 25 1.35 40.13 -18.15
N PRO I 26 2.40 40.80 -17.68
CA PRO I 26 2.35 41.47 -16.37
C PRO I 26 1.55 42.76 -16.35
N CYS I 27 1.19 43.14 -15.11
CA CYS I 27 0.47 44.37 -14.82
C CYS I 27 1.45 45.49 -14.52
N TRP I 28 1.38 46.57 -15.30
CA TRP I 28 2.34 47.67 -15.18
C TRP I 28 1.72 48.96 -14.65
N TYR I 29 0.67 48.88 -13.82
CA TYR I 29 0.05 50.09 -13.31
C TYR I 29 -0.18 50.03 -11.81
N TRP I 30 0.17 51.12 -11.13
CA TRP I 30 0.05 51.28 -9.69
C TRP I 30 -0.92 52.41 -9.37
N ASP I 31 -1.36 52.46 -8.11
CA ASP I 31 -2.13 53.59 -7.62
C ASP I 31 -1.18 54.68 -7.13
N LYS I 32 -1.61 55.93 -7.27
CA LYS I 32 -0.80 57.05 -6.79
C LYS I 32 -0.31 56.79 -5.38
N LYS I 33 -1.18 56.26 -4.51
CA LYS I 33 -0.81 56.03 -3.13
C LYS I 33 0.41 55.13 -3.03
N ASP I 34 0.62 54.25 -4.00
CA ASP I 34 1.70 53.28 -3.93
C ASP I 34 3.07 53.89 -4.14
N LEU I 35 3.15 55.06 -4.75
CA LEU I 35 4.45 55.68 -5.00
C LEU I 35 5.13 56.12 -3.72
N ALA I 36 4.40 56.15 -2.61
CA ALA I 36 4.99 56.42 -1.30
C ALA I 36 5.86 55.28 -0.82
N HIS I 37 5.90 54.19 -1.56
CA HIS I 37 6.57 52.96 -1.13
C HIS I 37 7.47 52.41 -2.22
N THR I 38 8.04 53.27 -3.04
CA THR I 38 9.07 52.83 -3.97
C THR I 38 10.35 52.54 -3.20
N PRO I 39 11.22 51.69 -3.76
CA PRO I 39 12.53 51.48 -3.11
C PRO I 39 13.23 52.78 -2.74
N SER I 40 13.15 53.79 -3.61
CA SER I 40 13.80 55.07 -3.33
C SER I 40 13.23 55.71 -2.06
N GLN I 41 11.91 55.73 -1.92
CA GLN I 41 11.32 56.33 -0.73
C GLN I 41 11.77 55.59 0.52
N LEU I 42 11.79 54.25 0.46
CA LEU I 42 12.10 53.44 1.62
C LEU I 42 13.58 53.44 1.97
N GLU I 43 14.45 53.88 1.06
CA GLU I 43 15.84 54.12 1.38
C GLU I 43 16.10 55.55 1.84
N GLY I 44 15.05 56.31 2.17
CA GLY I 44 15.20 57.62 2.75
C GLY I 44 15.11 58.79 1.80
N LEU I 45 14.92 58.53 0.51
CA LEU I 45 14.67 59.61 -0.44
C LEU I 45 13.26 60.14 -0.23
N ASP I 46 13.11 61.45 -0.18
CA ASP I 46 11.81 62.06 0.06
C ASP I 46 11.03 62.20 -1.24
N PRO I 47 9.72 62.44 -1.15
CA PRO I 47 8.91 62.48 -2.38
C PRO I 47 9.35 63.53 -3.38
N ALA I 48 9.70 64.74 -2.91
CA ALA I 48 10.11 65.76 -3.87
C ALA I 48 11.35 65.33 -4.64
N THR I 49 12.32 64.73 -3.95
CA THR I 49 13.57 64.36 -4.61
C THR I 49 13.35 63.29 -5.66
N GLU I 50 12.58 62.25 -5.32
CA GLU I 50 12.36 61.20 -6.32
C GLU I 50 11.65 61.78 -7.53
N ALA I 51 10.71 62.70 -7.31
CA ALA I 51 10.07 63.37 -8.43
C ALA I 51 11.08 64.14 -9.25
N ARG I 52 11.99 64.87 -8.58
CA ARG I 52 13.02 65.60 -9.29
C ARG I 52 13.89 64.64 -10.08
N TYR I 53 14.33 63.56 -9.45
CA TYR I 53 15.18 62.59 -10.13
C TYR I 53 14.48 61.97 -11.33
N ARG I 54 13.16 61.81 -11.26
CA ARG I 54 12.44 61.25 -12.42
C ARG I 54 12.39 62.26 -13.55
N ARG I 55 12.07 63.52 -13.25
CA ARG I 55 12.06 64.52 -14.30
C ARG I 55 13.44 64.64 -14.94
N GLU I 56 14.49 64.66 -14.12
CA GLU I 56 15.84 64.80 -14.65
C GLU I 56 16.20 63.64 -15.55
N GLY I 57 15.84 62.43 -15.15
CA GLY I 57 16.16 61.27 -15.97
C GLY I 57 15.32 61.22 -17.23
N ALA I 58 14.03 61.54 -17.11
CA ALA I 58 13.17 61.57 -18.29
C ALA I 58 13.61 62.63 -19.29
N ARG I 59 13.86 63.86 -18.82
CA ARG I 59 14.32 64.90 -19.74
C ARG I 59 15.70 64.58 -20.29
N PHE I 60 16.56 63.94 -19.50
CA PHE I 60 17.85 63.49 -20.03
C PHE I 60 17.64 62.54 -21.20
N ILE I 61 16.75 61.57 -21.04
CA ILE I 61 16.46 60.63 -22.14
C ILE I 61 15.91 61.39 -23.35
N PHE I 62 14.99 62.31 -23.13
CA PHE I 62 14.41 63.07 -24.23
C PHE I 62 15.49 63.86 -24.96
N ASP I 63 16.33 64.58 -24.21
CA ASP I 63 17.32 65.45 -24.83
C ASP I 63 18.35 64.66 -25.62
N VAL I 64 18.86 63.58 -25.03
CA VAL I 64 19.86 62.77 -25.71
C VAL I 64 19.29 62.24 -27.01
N GLY I 65 18.11 61.62 -26.94
CA GLY I 65 17.53 61.00 -28.11
C GLY I 65 17.13 62.00 -29.17
N THR I 66 16.72 63.19 -28.75
CA THR I 66 16.39 64.21 -29.74
C THR I 66 17.62 64.63 -30.54
N ARG I 67 18.77 64.80 -29.87
CA ARG I 67 19.99 65.12 -30.60
C ARG I 67 20.35 64.03 -31.59
N LEU I 68 20.05 62.77 -31.26
CA LEU I 68 20.36 61.66 -32.15
C LEU I 68 19.33 61.50 -33.26
N GLY I 69 18.27 62.30 -33.27
CA GLY I 69 17.30 62.22 -34.35
C GLY I 69 16.35 61.06 -34.19
N LEU I 70 16.05 60.64 -32.97
CA LEU I 70 15.24 59.45 -32.76
C LEU I 70 13.76 59.76 -32.84
N HIS I 71 13.01 58.80 -33.38
CA HIS I 71 11.56 58.88 -33.44
C HIS I 71 10.98 59.11 -32.04
N TYR I 72 9.81 59.75 -32.00
CA TYR I 72 9.22 60.10 -30.71
C TYR I 72 8.85 58.85 -29.91
N ASP I 73 8.41 57.80 -30.59
CA ASP I 73 8.08 56.55 -29.89
C ASP I 73 9.30 55.97 -29.18
N THR I 74 10.45 56.03 -29.84
CA THR I 74 11.66 55.50 -29.24
C THR I 74 11.97 56.22 -27.94
N LEU I 75 11.82 57.55 -27.92
CA LEU I 75 12.07 58.30 -26.70
C LEU I 75 11.12 57.88 -25.60
N ALA I 76 9.83 57.77 -25.92
CA ALA I 76 8.84 57.41 -24.90
C ALA I 76 9.07 56.00 -24.39
N THR I 77 9.42 55.07 -25.29
CA THR I 77 9.68 53.70 -24.85
C THR I 77 10.79 53.67 -23.80
N GLY I 78 11.89 54.35 -24.08
CA GLY I 78 12.96 54.43 -23.08
C GLY I 78 12.49 55.02 -21.77
N ILE I 79 11.72 56.09 -21.83
CA ILE I 79 11.30 56.78 -20.61
C ILE I 79 10.41 55.87 -19.76
N ILE I 80 9.55 55.08 -20.41
CA ILE I 80 8.71 54.18 -19.63
C ILE I 80 9.54 53.05 -19.04
N TYR I 81 10.50 52.52 -19.82
CA TYR I 81 11.45 51.59 -19.22
C TYR I 81 12.08 52.23 -17.98
N PHE I 82 12.50 53.49 -18.12
CA PHE I 82 13.11 54.21 -17.01
C PHE I 82 12.18 54.33 -15.81
N HIS I 83 10.94 54.80 -16.03
CA HIS I 83 10.03 54.98 -14.91
C HIS I 83 9.76 53.66 -14.21
N ARG I 84 9.54 52.60 -14.99
CA ARG I 84 9.28 51.28 -14.41
C ARG I 84 10.49 50.78 -13.64
N PHE I 85 11.68 50.97 -14.20
CA PHE I 85 12.89 50.51 -13.53
C PHE I 85 12.93 50.96 -12.08
N TYR I 86 12.59 52.23 -11.80
CA TYR I 86 12.69 52.77 -10.46
C TYR I 86 11.46 52.53 -9.62
N MET I 87 10.54 51.69 -10.10
CA MET I 87 9.57 51.05 -9.23
C MET I 87 10.15 49.79 -8.62
N PHE I 88 11.25 49.29 -9.16
CA PHE I 88 11.91 48.06 -8.72
C PHE I 88 13.29 48.29 -8.12
N HIS I 89 13.83 49.49 -8.23
CA HIS I 89 15.16 49.78 -7.72
C HIS I 89 15.17 51.18 -7.13
N SER I 90 16.21 51.47 -6.37
CA SER I 90 16.35 52.75 -5.70
C SER I 90 17.27 53.66 -6.52
N PHE I 91 16.94 54.95 -6.52
CA PHE I 91 17.83 55.93 -7.15
C PHE I 91 19.17 55.98 -6.46
N LYS I 92 19.24 55.58 -5.18
CA LYS I 92 20.51 55.63 -4.46
C LYS I 92 21.45 54.52 -4.90
N GLN I 93 20.93 53.40 -5.37
CA GLN I 93 21.76 52.29 -5.77
C GLN I 93 22.09 52.29 -7.26
N PHE I 94 21.23 52.86 -8.10
CA PHE I 94 21.47 52.96 -9.53
C PHE I 94 21.43 54.41 -9.99
N PRO I 95 22.53 54.99 -10.48
CA PRO I 95 22.48 56.39 -10.92
C PRO I 95 21.52 56.58 -12.08
N ARG I 96 20.76 57.67 -12.04
CA ARG I 96 19.67 57.84 -12.99
C ARG I 96 20.19 58.00 -14.42
N TYR I 97 21.23 58.83 -14.61
CA TYR I 97 21.66 59.13 -15.97
C TYR I 97 22.23 57.90 -16.67
N VAL I 98 22.90 57.01 -15.92
CA VAL I 98 23.33 55.75 -16.53
C VAL I 98 22.11 54.91 -16.87
N THR I 99 21.20 54.74 -15.92
CA THR I 99 19.95 54.04 -16.20
C THR I 99 19.23 54.63 -17.40
N GLY I 100 19.12 55.96 -17.44
CA GLY I 100 18.50 56.59 -18.60
C GLY I 100 19.16 56.20 -19.90
N ALA I 101 20.50 56.24 -19.93
CA ALA I 101 21.22 55.89 -21.15
C ALA I 101 20.96 54.44 -21.54
N CYS I 102 21.00 53.53 -20.57
CA CYS I 102 20.74 52.13 -20.87
C CYS I 102 19.34 51.94 -21.44
N CYS I 103 18.36 52.61 -20.86
CA CYS I 103 16.99 52.48 -21.36
C CYS I 103 16.90 52.88 -22.83
N LEU I 104 17.47 54.03 -23.19
CA LEU I 104 17.38 54.47 -24.57
C LEU I 104 18.09 53.49 -25.50
N PHE I 105 19.24 52.98 -25.08
CA PHE I 105 19.93 51.99 -25.88
C PHE I 105 19.03 50.81 -26.17
N LEU I 106 18.39 50.27 -25.13
CA LEU I 106 17.51 49.13 -25.33
C LEU I 106 16.29 49.54 -26.16
N ALA I 107 15.74 50.71 -25.87
CA ALA I 107 14.58 51.20 -26.61
C ALA I 107 14.86 51.24 -28.11
N GLY I 108 16.03 51.74 -28.49
CA GLY I 108 16.38 51.79 -29.90
C GLY I 108 16.26 50.44 -30.59
N LYS I 109 16.82 49.41 -29.98
CA LYS I 109 16.71 48.08 -30.56
C LYS I 109 15.27 47.60 -30.54
N VAL I 110 14.53 47.92 -29.48
CA VAL I 110 13.16 47.46 -29.39
C VAL I 110 12.32 48.09 -30.48
N GLU I 111 12.49 49.40 -30.71
CA GLU I 111 11.67 50.15 -31.66
C GLU I 111 12.26 50.20 -33.06
N GLU I 112 13.31 49.42 -33.33
CA GLU I 112 13.92 49.36 -34.67
C GLU I 112 14.50 50.71 -35.09
N THR I 113 14.93 51.52 -34.14
CA THR I 113 15.69 52.75 -34.41
C THR I 113 17.02 52.69 -33.67
N PRO I 114 17.86 51.71 -33.96
CA PRO I 114 19.02 51.47 -33.09
C PRO I 114 20.12 52.51 -33.22
N LYS I 115 20.83 52.71 -32.11
CA LYS I 115 22.00 53.58 -32.04
C LYS I 115 23.10 52.85 -31.27
N LYS I 116 24.34 53.20 -31.59
CA LYS I 116 25.48 52.56 -30.95
C LYS I 116 25.65 53.09 -29.54
N CYS I 117 25.96 52.19 -28.60
CA CYS I 117 26.17 52.64 -27.23
C CYS I 117 27.22 53.74 -27.20
N LYS I 118 28.21 53.62 -28.07
CA LYS I 118 29.25 54.64 -28.20
C LYS I 118 28.66 56.00 -28.47
N ASP I 119 27.62 56.06 -29.31
CA ASP I 119 27.03 57.33 -29.71
C ASP I 119 26.21 57.94 -28.59
N ILE I 120 25.50 57.10 -27.83
CA ILE I 120 24.70 57.62 -26.72
C ILE I 120 25.60 58.23 -25.66
N ILE I 121 26.72 57.58 -25.37
CA ILE I 121 27.64 58.12 -24.37
C ILE I 121 28.16 59.48 -24.83
N LYS I 122 28.61 59.55 -26.08
CA LYS I 122 29.12 60.80 -26.62
C LYS I 122 28.09 61.92 -26.47
N THR I 123 26.82 61.64 -26.84
CA THR I 123 25.77 62.65 -26.71
C THR I 123 25.51 62.99 -25.24
N ALA I 124 25.49 61.97 -24.37
CA ALA I 124 25.30 62.23 -22.95
C ALA I 124 26.41 63.12 -22.42
N ARG I 125 27.62 63.01 -22.96
CA ARG I 125 28.71 63.86 -22.52
C ARG I 125 28.45 65.31 -22.89
N SER I 126 27.87 65.56 -24.08
CA SER I 126 27.56 66.93 -24.48
C SER I 126 26.58 67.60 -23.52
N LEU I 127 25.57 66.84 -23.06
CA LEU I 127 24.46 67.40 -22.31
C LEU I 127 24.68 67.40 -20.81
N LEU I 128 25.54 66.53 -20.31
CA LEU I 128 25.82 66.45 -18.88
C LEU I 128 27.08 67.25 -18.57
N ASN I 129 27.07 67.90 -17.42
CA ASN I 129 28.27 68.59 -16.94
C ASN I 129 29.21 67.54 -16.35
N ASP I 130 30.32 68.01 -15.75
CA ASP I 130 31.31 67.08 -15.24
C ASP I 130 30.83 66.34 -14.00
N VAL I 131 30.15 67.03 -13.09
CA VAL I 131 29.61 66.36 -11.92
C VAL I 131 28.62 65.28 -12.33
N GLN I 132 27.68 65.62 -13.21
CA GLN I 132 26.67 64.66 -13.64
C GLN I 132 27.31 63.47 -14.34
N PHE I 133 28.22 63.75 -15.28
CA PHE I 133 28.84 62.66 -16.00
C PHE I 133 29.73 61.79 -15.12
N GLY I 134 29.96 62.20 -13.86
CA GLY I 134 30.72 61.37 -12.96
C GLY I 134 30.06 60.05 -12.65
N GLN I 135 28.74 59.97 -12.84
CA GLN I 135 28.02 58.72 -12.62
C GLN I 135 28.50 57.61 -13.54
N PHE I 136 28.87 57.95 -14.78
CA PHE I 136 29.32 56.92 -15.70
C PHE I 136 30.67 56.33 -15.35
N GLY I 137 31.39 56.92 -14.40
CA GLY I 137 32.58 56.26 -13.93
C GLY I 137 33.67 56.17 -14.99
N ASP I 138 34.55 55.21 -14.77
CA ASP I 138 35.77 55.13 -15.57
C ASP I 138 35.51 54.60 -16.98
N ASP I 139 34.48 53.80 -17.17
CA ASP I 139 34.16 53.21 -18.46
C ASP I 139 32.68 53.44 -18.70
N PRO I 140 32.31 54.59 -19.30
CA PRO I 140 30.88 54.84 -19.56
C PRO I 140 30.21 53.72 -20.36
N LYS I 141 30.82 53.29 -21.46
CA LYS I 141 30.16 52.31 -22.31
C LYS I 141 29.83 51.04 -21.56
N GLU I 142 30.76 50.52 -20.74
CA GLU I 142 30.50 49.25 -20.08
C GLU I 142 29.43 49.40 -19.00
N GLU I 143 29.48 50.49 -18.22
CA GLU I 143 28.48 50.69 -17.17
C GLU I 143 27.08 50.63 -17.74
N VAL I 144 26.90 51.16 -18.95
CA VAL I 144 25.60 51.10 -19.60
C VAL I 144 25.29 49.66 -20.03
N MET I 145 26.23 49.04 -20.77
CA MET I 145 25.99 47.71 -21.30
C MET I 145 25.75 46.68 -20.20
N VAL I 146 26.39 46.86 -19.05
CA VAL I 146 26.20 45.94 -17.94
C VAL I 146 24.78 46.00 -17.40
N LEU I 147 24.18 47.20 -17.39
CA LEU I 147 22.85 47.33 -16.80
C LEU I 147 21.77 46.72 -17.69
N GLU I 148 22.09 46.45 -18.97
CA GLU I 148 21.07 45.95 -19.88
C GLU I 148 20.45 44.67 -19.35
N ARG I 149 21.30 43.79 -18.81
CA ARG I 149 20.78 42.57 -18.20
C ARG I 149 19.78 42.89 -17.11
N ILE I 150 20.15 43.80 -16.20
CA ILE I 150 19.26 44.16 -15.11
C ILE I 150 18.02 44.86 -15.65
N LEU I 151 18.17 45.71 -16.66
CA LEU I 151 17.00 46.36 -17.24
C LEU I 151 16.04 45.33 -17.82
N LEU I 152 16.55 44.44 -18.68
CA LEU I 152 15.70 43.43 -19.31
C LEU I 152 15.00 42.58 -18.26
N GLN I 153 15.74 42.13 -17.24
CA GLN I 153 15.11 41.38 -16.17
C GLN I 153 14.10 42.23 -15.40
N THR I 154 14.43 43.50 -15.17
CA THR I 154 13.55 44.35 -14.39
C THR I 154 12.22 44.56 -15.10
N ILE I 155 12.25 44.85 -16.39
CA ILE I 155 11.04 45.06 -17.18
C ILE I 155 10.44 43.72 -17.60
N LYS I 156 10.95 42.62 -17.05
CA LYS I 156 10.36 41.30 -17.24
C LYS I 156 10.29 40.92 -18.72
N PHE I 157 11.22 41.45 -19.51
CA PHE I 157 11.31 41.15 -20.93
C PHE I 157 10.01 41.48 -21.65
N ASP I 158 9.15 42.27 -21.02
CA ASP I 158 7.92 42.74 -21.66
C ASP I 158 8.28 44.01 -22.43
N LEU I 159 8.78 43.79 -23.65
CA LEU I 159 9.38 44.90 -24.39
C LEU I 159 8.36 45.74 -25.15
N GLN I 160 7.23 45.17 -25.53
CA GLN I 160 6.24 45.91 -26.31
C GLN I 160 5.55 46.95 -25.45
N VAL I 161 5.56 48.21 -25.90
CA VAL I 161 4.92 49.31 -25.18
C VAL I 161 4.15 50.18 -26.15
N GLU I 162 2.96 50.62 -25.73
CA GLU I 162 2.11 51.55 -26.47
C GLU I 162 2.21 52.92 -25.81
N HIS I 163 2.01 53.99 -26.59
CA HIS I 163 2.16 55.33 -26.06
C HIS I 163 0.95 56.21 -26.40
N PRO I 164 0.70 57.26 -25.62
CA PRO I 164 -0.47 58.11 -25.90
C PRO I 164 -0.52 58.70 -27.30
N TYR I 165 0.64 58.88 -27.96
CA TYR I 165 0.65 59.58 -29.24
C TYR I 165 -0.27 58.90 -30.24
N GLN I 166 -0.12 57.59 -30.40
CA GLN I 166 -0.87 56.89 -31.43
C GLN I 166 -2.36 56.99 -31.21
N PHE I 167 -2.80 57.03 -29.94
CA PHE I 167 -4.22 57.14 -29.65
C PHE I 167 -4.70 58.57 -29.83
N LEU I 168 -3.87 59.54 -29.44
CA LEU I 168 -4.17 60.94 -29.73
C LEU I 168 -4.47 61.11 -31.21
N LEU I 169 -3.73 60.41 -32.06
CA LEU I 169 -3.95 60.51 -33.50
C LEU I 169 -5.16 59.69 -33.93
N LYS I 170 -5.26 58.45 -33.44
CA LYS I 170 -6.38 57.59 -33.81
C LYS I 170 -7.71 58.25 -33.46
N TYR I 171 -7.79 58.89 -32.30
CA TYR I 171 -9.06 59.49 -31.88
C TYR I 171 -9.34 60.81 -32.60
N ALA I 172 -8.33 61.66 -32.76
CA ALA I 172 -8.54 62.92 -33.47
C ALA I 172 -8.93 62.69 -34.93
N LYS I 173 -8.44 61.60 -35.53
CA LYS I 173 -8.76 61.31 -36.92
C LYS I 173 -10.26 61.11 -37.12
N GLN I 174 -10.97 60.67 -36.08
CA GLN I 174 -12.40 60.48 -36.14
C GLN I 174 -13.17 61.76 -35.82
N LEU I 175 -12.47 62.86 -35.57
CA LEU I 175 -13.11 64.15 -35.38
C LEU I 175 -13.24 64.85 -36.73
N LYS I 176 -14.40 65.50 -36.94
CA LYS I 176 -14.67 66.23 -38.17
C LYS I 176 -15.21 67.61 -37.83
N GLY I 177 -14.64 68.64 -38.44
CA GLY I 177 -15.03 70.01 -38.16
C GLY I 177 -13.97 70.97 -38.66
N ASP I 178 -13.93 72.15 -38.05
CA ASP I 178 -12.90 73.13 -38.42
C ASP I 178 -11.53 72.49 -38.31
N LYS I 179 -10.87 72.27 -39.45
CA LYS I 179 -9.58 71.60 -39.41
C LYS I 179 -8.58 72.33 -38.53
N ASN I 180 -8.61 73.66 -38.53
CA ASN I 180 -7.59 74.41 -37.81
C ASN I 180 -7.80 74.34 -36.30
N LYS I 181 -9.05 74.26 -35.85
CA LYS I 181 -9.29 74.08 -34.42
C LYS I 181 -8.90 72.67 -33.99
N ILE I 182 -9.19 71.66 -34.82
CA ILE I 182 -8.81 70.29 -34.49
C ILE I 182 -7.29 70.16 -34.43
N GLN I 183 -6.57 70.80 -35.37
CA GLN I 183 -5.12 70.76 -35.35
C GLN I 183 -4.54 71.40 -34.09
N LYS I 184 -5.11 72.52 -33.67
CA LYS I 184 -4.63 73.16 -32.44
C LYS I 184 -4.81 72.24 -31.25
N LEU I 185 -5.95 71.54 -31.19
CA LEU I 185 -6.17 70.57 -30.13
C LEU I 185 -5.08 69.51 -30.12
N VAL I 186 -4.80 68.93 -31.28
CA VAL I 186 -3.82 67.85 -31.38
C VAL I 186 -2.43 68.33 -30.95
N GLN I 187 -2.06 69.52 -31.40
CA GLN I 187 -0.73 70.04 -31.08
C GLN I 187 -0.60 70.32 -29.59
N MET I 188 -1.64 70.92 -29.01
CA MET I 188 -1.62 71.17 -27.59
C MET I 188 -1.61 69.86 -26.81
N ALA I 189 -2.41 68.89 -27.24
CA ALA I 189 -2.39 67.59 -26.60
C ALA I 189 -1.02 66.94 -26.74
N TRP I 190 -0.43 67.03 -27.93
CA TRP I 190 0.89 66.46 -28.15
C TRP I 190 1.90 67.07 -27.19
N THR I 191 1.84 68.38 -27.00
CA THR I 191 2.72 69.03 -26.04
C THR I 191 2.46 68.52 -24.63
N PHE I 192 1.19 68.32 -24.27
CA PHE I 192 0.89 67.78 -22.94
C PHE I 192 1.43 66.37 -22.76
N VAL I 193 1.35 65.56 -23.82
CA VAL I 193 1.90 64.20 -23.73
C VAL I 193 3.39 64.25 -23.46
N ASN I 194 4.12 65.09 -24.21
CA ASN I 194 5.55 65.21 -23.98
C ASN I 194 5.83 65.58 -22.53
N ASP I 195 5.02 66.46 -21.96
CA ASP I 195 5.22 66.88 -20.58
C ASP I 195 4.89 65.77 -19.60
N SER I 196 3.85 64.99 -19.88
CA SER I 196 3.46 63.93 -18.96
C SER I 196 4.52 62.85 -18.83
N LEU I 197 5.48 62.80 -19.76
CA LEU I 197 6.54 61.81 -19.67
C LEU I 197 7.49 62.09 -18.51
N CYS I 198 7.50 63.33 -18.01
CA CYS I 198 8.30 63.66 -16.83
C CYS I 198 7.65 63.20 -15.54
N THR I 199 6.45 62.64 -15.63
CA THR I 199 5.66 62.27 -14.46
C THR I 199 5.46 60.77 -14.43
N THR I 200 4.91 60.30 -13.32
CA THR I 200 4.58 58.91 -13.13
C THR I 200 3.22 58.54 -13.69
N LEU I 201 2.58 59.43 -14.46
CA LEU I 201 1.33 59.06 -15.09
C LEU I 201 1.52 57.84 -15.98
N SER I 202 2.70 57.74 -16.62
CA SER I 202 3.00 56.56 -17.43
C SER I 202 2.75 55.29 -16.65
N LEU I 203 2.88 55.36 -15.32
CA LEU I 203 2.75 54.22 -14.44
C LEU I 203 1.37 54.10 -13.81
N GLN I 204 0.50 55.08 -14.01
CA GLN I 204 -0.80 55.06 -13.33
C GLN I 204 -1.96 54.67 -14.24
N TRP I 205 -1.96 55.10 -15.49
CA TRP I 205 -3.12 54.91 -16.35
C TRP I 205 -2.66 54.42 -17.73
N GLU I 206 -3.51 53.61 -18.36
CA GLU I 206 -3.23 53.10 -19.69
C GLU I 206 -3.03 54.25 -20.69
N PRO I 207 -2.28 53.99 -21.76
CA PRO I 207 -1.98 55.08 -22.72
C PRO I 207 -3.21 55.71 -23.35
N GLU I 208 -4.23 54.91 -23.67
CA GLU I 208 -5.44 55.45 -24.28
C GLU I 208 -6.09 56.47 -23.33
N ILE I 209 -6.09 56.17 -22.03
CA ILE I 209 -6.71 57.05 -21.05
C ILE I 209 -5.95 58.37 -20.96
N ILE I 210 -4.62 58.34 -21.10
CA ILE I 210 -3.84 59.57 -21.11
C ILE I 210 -4.14 60.40 -22.36
N ALA I 211 -4.24 59.73 -23.51
CA ALA I 211 -4.54 60.43 -24.75
C ALA I 211 -5.85 61.20 -24.65
N VAL I 212 -6.87 60.58 -24.05
CA VAL I 212 -8.13 61.27 -23.85
C VAL I 212 -7.95 62.45 -22.90
N ALA I 213 -7.22 62.25 -21.80
CA ALA I 213 -7.05 63.31 -20.83
C ALA I 213 -6.47 64.56 -21.48
N VAL I 214 -5.46 64.39 -22.34
CA VAL I 214 -4.83 65.55 -22.95
C VAL I 214 -5.74 66.19 -23.98
N MET I 215 -6.53 65.39 -24.71
CA MET I 215 -7.57 65.97 -25.55
C MET I 215 -8.57 66.74 -24.69
N TYR I 216 -8.95 66.16 -23.57
CA TYR I 216 -9.86 66.81 -22.63
C TYR I 216 -9.27 68.12 -22.12
N LEU I 217 -8.00 68.10 -21.71
CA LEU I 217 -7.38 69.32 -21.22
C LEU I 217 -7.29 70.37 -22.33
N ALA I 218 -6.73 70.00 -23.48
CA ALA I 218 -6.61 70.95 -24.58
C ALA I 218 -7.97 71.52 -24.94
N GLY I 219 -9.01 70.67 -24.92
CA GLY I 219 -10.35 71.16 -25.19
C GLY I 219 -10.77 72.23 -24.20
N ARG I 220 -10.53 72.00 -22.91
CA ARG I 220 -10.89 72.99 -21.90
C ARG I 220 -10.15 74.30 -22.13
N LEU I 221 -8.85 74.23 -22.36
CA LEU I 221 -8.05 75.44 -22.50
C LEU I 221 -8.47 76.22 -23.75
N CYS I 222 -8.74 75.52 -24.85
CA CYS I 222 -9.15 76.17 -26.09
C CYS I 222 -10.64 76.47 -26.15
N LYS I 223 -11.41 76.13 -25.11
CA LYS I 223 -12.85 76.38 -25.09
C LYS I 223 -13.56 75.71 -26.27
N PHE I 224 -13.15 74.48 -26.59
CA PHE I 224 -13.76 73.68 -27.64
C PHE I 224 -14.77 72.70 -27.05
N GLU I 225 -15.84 72.42 -27.80
CA GLU I 225 -16.86 71.45 -27.41
C GLU I 225 -16.65 70.20 -28.26
N ILE I 226 -15.75 69.33 -27.78
CA ILE I 226 -15.24 68.25 -28.63
C ILE I 226 -16.37 67.36 -29.13
N GLN I 227 -17.42 67.18 -28.33
CA GLN I 227 -18.48 66.26 -28.75
C GLN I 227 -19.00 66.64 -30.12
N GLU I 228 -19.00 67.94 -30.45
CA GLU I 228 -19.59 68.40 -31.71
C GLU I 228 -18.87 67.81 -32.92
N TRP I 229 -17.58 67.53 -32.82
CA TRP I 229 -16.83 67.00 -33.94
C TRP I 229 -16.96 65.49 -34.07
N THR I 230 -17.60 64.83 -33.10
CA THR I 230 -17.70 63.38 -33.10
C THR I 230 -18.91 62.92 -33.90
N SER I 231 -19.00 61.62 -34.12
CA SER I 231 -20.15 61.05 -34.79
C SER I 231 -21.42 61.13 -33.96
N LYS I 232 -21.31 61.52 -32.69
CA LYS I 232 -22.42 61.57 -31.75
C LYS I 232 -22.46 62.94 -31.10
N PRO I 233 -22.85 63.97 -31.86
CA PRO I 233 -22.67 65.35 -31.37
C PRO I 233 -23.49 65.72 -30.14
N MET I 234 -24.40 64.87 -29.68
CA MET I 234 -25.21 65.17 -28.51
C MET I 234 -24.86 64.32 -27.30
N TYR I 235 -23.78 63.56 -27.37
CA TYR I 235 -23.26 62.73 -26.29
C TYR I 235 -22.14 63.51 -25.64
N ARG I 236 -22.47 64.21 -24.55
CA ARG I 236 -21.53 65.18 -23.98
C ARG I 236 -20.28 64.52 -23.42
N ARG I 237 -20.38 63.27 -22.98
CA ARG I 237 -19.20 62.50 -22.58
C ARG I 237 -18.61 61.84 -23.82
N TRP I 238 -17.98 62.68 -24.64
CA TRP I 238 -17.53 62.28 -25.96
C TRP I 238 -16.50 61.16 -25.92
N TRP I 239 -15.68 61.11 -24.88
CA TRP I 239 -14.58 60.15 -24.85
C TRP I 239 -15.06 58.70 -24.77
N GLU I 240 -16.26 58.46 -24.26
CA GLU I 240 -16.70 57.10 -24.00
C GLU I 240 -16.73 56.27 -25.28
N GLN I 241 -16.87 56.91 -26.43
CA GLN I 241 -16.79 56.16 -27.69
C GLN I 241 -15.34 55.82 -28.06
N PHE I 242 -14.36 56.53 -27.49
CA PHE I 242 -12.96 56.17 -27.71
C PHE I 242 -12.39 55.25 -26.63
N VAL I 243 -12.60 55.59 -25.36
CA VAL I 243 -12.13 54.78 -24.24
C VAL I 243 -13.31 54.58 -23.33
N GLN I 244 -13.76 53.34 -23.20
CA GLN I 244 -14.94 53.01 -22.41
C GLN I 244 -14.62 52.96 -20.93
N ASP I 245 -15.61 53.29 -20.11
CA ASP I 245 -15.53 53.13 -18.66
C ASP I 245 -14.50 54.06 -18.02
N VAL I 246 -14.39 55.30 -18.50
CA VAL I 246 -13.44 56.24 -17.90
C VAL I 246 -14.24 57.29 -17.14
N PRO I 247 -14.08 57.39 -15.83
CA PRO I 247 -14.79 58.43 -15.08
C PRO I 247 -14.15 59.79 -15.31
N VAL I 248 -14.97 60.83 -15.16
CA VAL I 248 -14.44 62.18 -15.28
C VAL I 248 -13.41 62.45 -14.19
N ASP I 249 -13.62 61.88 -12.99
CA ASP I 249 -12.65 62.04 -11.92
C ASP I 249 -11.23 61.77 -12.42
N VAL I 250 -11.08 60.69 -13.19
CA VAL I 250 -9.75 60.32 -13.66
C VAL I 250 -9.19 61.38 -14.58
N LEU I 251 -9.98 61.81 -15.56
CA LEU I 251 -9.51 62.86 -16.48
C LEU I 251 -9.13 64.12 -15.73
N GLU I 252 -9.85 64.44 -14.65
CA GLU I 252 -9.46 65.59 -13.84
C GLU I 252 -8.17 65.34 -13.10
N ASP I 253 -8.01 64.13 -12.51
CA ASP I 253 -6.77 63.80 -11.81
C ASP I 253 -5.57 63.95 -12.74
N ILE I 254 -5.66 63.41 -13.95
CA ILE I 254 -4.55 63.48 -14.89
C ILE I 254 -4.28 64.93 -15.29
N CYS I 255 -5.33 65.66 -15.65
CA CYS I 255 -5.16 67.04 -16.06
C CYS I 255 -4.50 67.84 -14.95
N HIS I 256 -4.97 67.65 -13.72
CA HIS I 256 -4.41 68.35 -12.59
C HIS I 256 -2.91 68.12 -12.48
N GLN I 257 -2.47 66.87 -12.62
CA GLN I 257 -1.04 66.58 -12.52
C GLN I 257 -0.25 67.28 -13.63
N ILE I 258 -0.75 67.23 -14.87
CA ILE I 258 -0.05 67.91 -15.97
C ILE I 258 0.03 69.41 -15.70
N LEU I 259 -1.07 70.00 -15.23
CA LEU I 259 -1.08 71.43 -14.92
C LEU I 259 -0.15 71.76 -13.76
N ASP I 260 0.00 70.85 -12.79
CA ASP I 260 0.88 71.13 -11.66
C ASP I 260 2.31 71.39 -12.11
N LEU I 261 2.76 70.69 -13.16
CA LEU I 261 4.08 70.97 -13.68
C LEU I 261 4.17 72.40 -14.20
N TYR I 262 3.12 72.85 -14.89
CA TYR I 262 3.15 74.18 -15.46
C TYR I 262 3.02 75.28 -14.41
N SER I 263 2.31 75.02 -13.31
CA SER I 263 2.13 76.03 -12.27
C SER I 263 3.14 75.93 -11.13
N GLN I 264 3.85 74.80 -10.98
CA GLN I 264 4.91 74.69 -9.98
C GLN I 264 6.28 75.15 -10.50
N GLY I 265 6.63 74.82 -11.72
CA GLY I 265 7.77 75.43 -12.34
C GLY I 265 7.47 76.78 -12.94
N LYS I 266 6.19 77.18 -12.87
CA LYS I 266 5.64 78.42 -13.44
C LYS I 266 5.87 78.49 -14.95
N GLN I 267 6.27 77.38 -15.59
CA GLN I 267 6.48 77.38 -17.03
C GLN I 267 5.16 77.69 -17.74
N GLN I 268 5.25 78.33 -18.90
CA GLN I 268 4.08 78.82 -19.60
C GLN I 268 3.26 77.70 -20.25
N MET I 269 1.94 77.80 -20.07
CA MET I 269 1.01 76.87 -20.70
C MET I 269 1.07 77.00 -22.23
N PRO I 270 0.82 75.91 -22.95
CA PRO I 270 1.06 75.91 -24.41
C PRO I 270 0.32 76.98 -25.18
N HIS I 271 -0.88 77.37 -24.75
CA HIS I 271 -1.70 78.33 -25.50
C HIS I 271 -0.87 79.51 -25.98
C1 CIT J . 8.29 69.69 29.64
O1 CIT J . 7.90 70.55 30.44
O2 CIT J . 9.19 68.89 29.99
C2 CIT J . 7.68 69.72 28.26
C3 CIT J . 6.54 68.72 28.04
O7 CIT J . 5.60 68.93 29.14
C4 CIT J . 5.81 69.02 26.72
C5 CIT J . 4.39 69.47 26.97
O3 CIT J . 3.54 68.65 27.37
O4 CIT J . 4.03 70.64 26.74
C6 CIT J . 6.99 67.29 28.11
O5 CIT J . 6.30 66.42 28.69
O6 CIT J . 8.07 66.93 27.58
H21 CIT J . 7.29 70.73 28.09
H22 CIT J . 8.46 69.53 27.53
HO7 CIT J . 5.49 68.10 29.65
H41 CIT J . 5.80 68.12 26.10
H42 CIT J . 6.35 69.80 26.18
C1 RVH K . -8.28 15.93 37.50
C2 RVH K . -7.14 16.69 37.61
C3 RVH K . -6.74 17.39 36.49
C4 RVH K . -7.44 17.34 35.29
C5 RVH K . -8.59 16.56 35.18
C6 RVH K . -8.99 15.87 36.30
C9 RVH K . -3.01 20.95 33.95
C13 RVH K . -0.58 20.72 33.77
C14 RVH K . 1.06 22.58 36.44
C10 RVH K . -1.33 22.14 35.51
C11 RVH K . 0.16 22.01 35.56
C12 RVH K . 0.59 21.18 34.56
C15 RVH K . 2.40 22.28 36.26
C16 RVH K . 2.83 21.45 35.24
C17 RVH K . 1.93 20.88 34.37
C18 RVH K . -3.85 22.22 33.89
C7 RVH K . -5.76 18.62 34.95
C8 RVH K . -3.71 19.90 34.82
N1 RVH K . -6.82 18.13 34.33
N2 RVH K . -5.67 18.24 36.25
N3 RVH K . -4.91 19.49 34.33
N4 RVH K . -1.65 21.23 34.40
O1 RVH K . -0.61 20.02 32.76
O2 RVH K . -3.21 19.54 35.89
H1 RVH K . -8.59 15.44 38.24
H2 RVH K . -6.67 16.73 38.42
H3 RVH K . -9.07 16.52 34.38
H4 RVH K . -9.77 15.34 36.26
H7 RVH K . -2.93 20.58 33.04
H10 RVH K . 0.78 23.15 37.13
H8 RVH K . -1.60 23.06 35.31
H9 RVH K . -1.75 21.84 36.35
H11 RVH K . 3.04 22.67 36.84
H12 RVH K . 3.74 21.27 35.15
H13 RVH K . 2.22 20.31 33.68
H16 RVH K . -3.38 22.90 33.36
H15 RVH K . -4.71 22.03 33.48
H14 RVH K . -4.00 22.56 34.80
H5 RVH K . -5.05 18.50 36.80
H6 RVH K . -5.17 19.81 33.55
C1 CIT L . -17.79 -22.14 59.75
O1 CIT L . -18.06 -22.80 58.73
O2 CIT L . -17.15 -21.08 59.66
C2 CIT L . -18.19 -22.64 61.11
C3 CIT L . -19.52 -21.96 61.50
O7 CIT L . -20.14 -21.43 60.27
C4 CIT L . -20.50 -22.96 62.07
C5 CIT L . -20.92 -23.93 61.00
O3 CIT L . -21.88 -23.65 60.26
O4 CIT L . -20.33 -25.00 60.88
C6 CIT L . -19.26 -20.84 62.49
O5 CIT L . -20.19 -20.36 63.17
O6 CIT L . -18.10 -20.40 62.68
H21 CIT L . -17.42 -22.41 61.84
H22 CIT L . -18.33 -23.73 61.09
HO7 CIT L . -21.03 -21.07 60.49
H41 CIT L . -21.38 -22.43 62.46
H42 CIT L . -20.04 -23.49 62.90
C1 CIT M . -34.16 -52.77 40.69
O1 CIT M . -34.35 -52.47 39.50
O2 CIT M . -34.16 -51.85 41.54
C2 CIT M . -34.00 -54.20 41.15
C3 CIT M . -32.56 -54.50 41.58
O7 CIT M . -32.25 -53.70 42.77
C4 CIT M . -32.32 -56.00 41.80
C5 CIT M . -31.91 -56.40 43.19
O3 CIT M . -32.74 -56.72 44.07
O4 CIT M . -30.68 -56.47 43.45
C6 CIT M . -31.74 -54.08 40.40
O5 CIT M . -31.70 -54.81 39.38
O6 CIT M . -31.13 -52.99 40.42
H21 CIT M . -34.68 -54.40 41.99
H22 CIT M . -34.27 -54.88 40.34
HO7 CIT M . -31.53 -53.07 42.56
H41 CIT M . -31.55 -56.32 41.10
H42 CIT M . -33.24 -56.53 41.54
C1 RVH N . -11.66 -41.22 -8.86
C2 RVH N . -11.25 -41.83 -7.70
C3 RVH N . -11.46 -41.14 -6.52
C4 RVH N . -12.06 -39.88 -6.50
C5 RVH N . -12.47 -39.28 -7.68
C6 RVH N . -12.26 -39.96 -8.85
C9 RVH N . -10.94 -40.88 -0.81
C13 RVH N . -8.90 -40.97 0.56
C14 RVH N . -8.22 -44.42 1.53
C10 RVH N . -10.04 -43.03 0.28
C11 RVH N . -8.76 -43.24 1.03
C12 RVH N . -8.10 -42.05 1.19
C15 RVH N . -7.02 -44.34 2.18
C16 RVH N . -6.35 -43.13 2.34
C17 RVH N . -6.89 -41.96 1.84
C18 RVH N . -12.36 -41.31 -0.42
C7 RVH N . -11.57 -40.36 -4.47
C8 RVH N . -10.73 -41.07 -2.31
N1 RVH N . -12.16 -39.42 -5.19
N2 RVH N . -11.18 -41.43 -5.20
N3 RVH N . -11.52 -40.28 -3.10
N4 RVH N . -9.95 -41.60 -0.03
O1 RVH N . -8.69 -39.75 0.53
O2 RVH N . -9.96 -41.93 -2.73
H1 RVH N . -11.52 -41.66 -9.68
H2 RVH N . -10.85 -42.68 -7.71
H3 RVH N . -12.88 -38.43 -7.67
H4 RVH N . -12.53 -39.57 -9.67
H7 RVH N . -10.82 -39.92 -0.62
H10 RVH N . -8.67 -45.25 1.42
H8 RVH N . -10.08 -43.57 -0.54
H9 RVH N . -10.82 -43.23 0.84
H11 RVH N . -6.62 -45.12 2.53
H12 RVH N . -5.53 -43.11 2.79
H13 RVH N . -6.44 -41.14 1.95
H16 RVH N . -12.47 -41.21 0.54
H15 RVH N . -12.50 -42.23 -0.68
H14 RVH N . -13.00 -40.73 -0.87
H5 RVH N . -10.84 -42.16 -4.87
H6 RVH N . -12.02 -39.67 -2.71
C1 CIT O . 3.90 -41.26 -54.34
O1 CIT O . 3.96 -41.58 -55.55
O2 CIT O . 3.80 -40.06 -54.02
C2 CIT O . 4.00 -42.29 -53.25
C3 CIT O . 5.42 -42.44 -52.68
O7 CIT O . 6.40 -41.92 -53.64
C4 CIT O . 5.75 -43.92 -52.42
C5 CIT O . 4.96 -44.55 -51.31
O3 CIT O . 3.86 -45.08 -51.54
O4 CIT O . 5.38 -44.53 -50.13
C6 CIT O . 5.47 -41.67 -51.37
O5 CIT O . 4.45 -41.06 -50.93
O6 CIT O . 6.50 -41.60 -50.66
H21 CIT O . 3.32 -42.02 -52.45
H22 CIT O . 3.68 -43.25 -53.65
HO7 CIT O . 6.90 -41.19 -53.22
H41 CIT O . 6.81 -44.01 -52.20
H42 CIT O . 5.56 -44.48 -53.34
C1 CIT P . -28.43 -50.61 -46.67
O1 CIT P . -29.01 -51.13 -47.63
O2 CIT P . -29.13 -50.06 -45.79
C2 CIT P . -26.94 -50.57 -46.60
C3 CIT P . -26.29 -51.85 -46.04
O7 CIT P . -26.25 -52.83 -47.13
C4 CIT P . -24.84 -51.57 -45.60
C5 CIT P . -24.19 -52.74 -44.88
O3 CIT P . -23.62 -53.64 -45.54
O4 CIT P . -24.16 -52.77 -43.64
C6 CIT P . -27.08 -52.37 -44.87
O5 CIT P . -27.78 -53.42 -44.96
O6 CIT P . -27.10 -51.74 -43.77
H21 CIT P . -26.64 -49.73 -45.99
H22 CIT P . -26.56 -50.41 -47.61
HO7 CIT P . -26.86 -53.57 -46.92
H41 CIT P . -24.84 -50.71 -44.92
H42 CIT P . -24.24 -51.32 -46.47
C1 CIT Q . -2.25 5.78 -54.36
O1 CIT Q . -1.93 4.63 -54.01
O2 CIT Q . -2.14 6.11 -55.57
C2 CIT Q . -2.78 6.82 -53.41
C3 CIT Q . -4.19 6.51 -52.90
O7 CIT Q . -4.13 5.48 -51.87
C4 CIT Q . -4.85 7.76 -52.31
C5 CIT Q . -4.07 8.43 -51.20
O3 CIT Q . -4.31 8.14 -50.01
O4 CIT Q . -3.25 9.32 -51.45
C6 CIT Q . -5.03 6.06 -54.05
O5 CIT Q . -5.35 4.85 -54.16
O6 CIT Q . -5.41 6.86 -54.94
H21 CIT Q . -2.78 7.79 -53.91
H22 CIT Q . -2.09 6.90 -52.56
HO7 CIT Q . -4.77 4.77 -52.08
H41 CIT Q . -4.99 8.49 -53.11
H42 CIT Q . -5.83 7.49 -51.93
C1 RVH R . 11.95 26.50 -31.16
C2 RVH R . 12.85 25.67 -31.78
C3 RVH R . 12.49 24.34 -31.93
C4 RVH R . 11.26 23.86 -31.49
C5 RVH R . 10.35 24.72 -30.88
C6 RVH R . 10.72 26.03 -30.72
C9 RVH R . 13.70 19.02 -33.73
C13 RVH R . 15.60 17.66 -33.06
C14 RVH R . 18.14 17.62 -35.66
C10 RVH R . 15.77 18.60 -35.22
C11 RVH R . 17.01 17.83 -34.89
C12 RVH R . 16.90 17.28 -33.63
C15 RVH R . 19.15 16.86 -35.11
C16 RVH R . 19.05 16.32 -33.84
C17 RVH R . 17.92 16.52 -33.07
C18 RVH R . 12.84 18.99 -35.01
C7 RVH R . 12.29 22.20 -32.32
C8 RVH R . 13.75 20.44 -33.20
N1 RVH R . 11.14 22.50 -31.76
N2 RVH R . 13.13 23.25 -32.48
N3 RVH R . 12.54 20.92 -32.77
N4 RVH R . 14.99 18.43 -33.98
O1 RVH R . 15.09 17.34 -31.98
O2 RVH R . 14.81 21.08 -33.20
H1 RVH R . 12.17 27.41 -31.04
H2 RVH R . 13.69 25.98 -32.08
H3 RVH R . 9.52 24.41 -30.58
H4 RVH R . 10.12 26.63 -30.30
H7 RVH R . 13.28 18.47 -33.04
H10 RVH R . 18.22 17.98 -36.52
H8 RVH R . 15.31 18.22 -36.00
H9 RVH R . 15.96 19.54 -35.40
H11 RVH R . 19.94 16.70 -35.61
H12 RVH R . 19.75 15.80 -33.49
H13 RVH R . 17.84 16.15 -32.22
H16 RVH R . 12.83 18.08 -35.37
H15 RVH R . 11.93 19.26 -34.80
H14 RVH R . 13.21 19.60 -35.67
H5 RVH R . 13.92 23.22 -32.85
H6 RVH R . 11.85 20.37 -32.80
C1 CIT S . 15.44 24.62 -46.24
O1 CIT S . 14.64 24.43 -45.31
O2 CIT S . 15.58 23.74 -47.13
C2 CIT S . 16.19 25.96 -46.38
C3 CIT S . 17.65 25.93 -45.97
O7 CIT S . 18.40 25.13 -46.97
C4 CIT S . 18.30 27.31 -45.95
C5 CIT S . 19.65 27.27 -45.24
O3 CIT S . 20.58 26.55 -45.66
O4 CIT S . 19.83 27.97 -44.21
C6 CIT S . 17.75 25.43 -44.56
O5 CIT S . 18.29 24.35 -44.23
O6 CIT S . 17.25 26.14 -43.65
H21 CIT S . 15.67 26.70 -45.78
H22 CIT S . 16.13 26.28 -47.43
HO7 CIT S . 18.76 24.32 -46.54
H41 CIT S . 17.65 28.01 -45.45
H42 CIT S . 18.44 27.66 -46.98
C1 CIT T . 23.41 62.05 -6.38
O1 CIT T . 22.75 61.74 -5.38
O2 CIT T . 23.86 61.12 -7.10
C2 CIT T . 23.83 63.47 -6.66
C3 CIT T . 23.07 64.14 -7.82
O7 CIT T . 21.77 63.55 -8.06
C4 CIT T . 22.82 65.64 -7.59
C5 CIT T . 22.04 65.87 -6.34
O3 CIT T . 20.80 65.84 -6.34
O4 CIT T . 22.64 66.10 -5.28
C6 CIT T . 23.95 63.99 -9.05
O5 CIT T . 24.49 62.90 -9.35
O6 CIT T . 24.12 64.98 -9.83
H21 CIT T . 24.89 63.49 -6.88
H22 CIT T . 23.65 64.05 -5.75
HO7 CIT T . 21.74 62.66 -7.64
H41 CIT T . 23.76 66.17 -7.52
H42 CIT T . 22.26 66.04 -8.44
C1 CIT U . -10.96 51.24 -17.31
O1 CIT U . -11.66 50.70 -16.42
O2 CIT U . -11.46 52.08 -18.06
C2 CIT U . -9.51 50.89 -17.47
C3 CIT U . -9.32 49.56 -18.21
O7 CIT U . -7.88 49.45 -18.52
C4 CIT U . -10.11 49.48 -19.53
C5 CIT U . -9.77 50.58 -20.50
O3 CIT U . -10.71 51.26 -20.97
O4 CIT U . -8.60 50.79 -20.85
C6 CIT U . -9.74 48.44 -17.31
O5 CIT U . -10.66 47.65 -17.65
O6 CIT U . -9.18 48.27 -16.21
H21 CIT U . -9.02 51.68 -18.03
H22 CIT U . -9.05 50.81 -16.49
HO7 CIT U . -7.53 48.62 -18.12
H41 CIT U . -11.17 49.51 -19.32
H42 CIT U . -9.90 48.52 -20.01
#